data_9IKF
#
_entry.id   9IKF
#
_cell.length_a   182.500
_cell.length_b   204.400
_cell.length_c   177.800
_cell.angle_alpha   90.00
_cell.angle_beta   90.00
_cell.angle_gamma   90.00
#
_symmetry.space_group_name_H-M   'P 21 21 21'
#
loop_
_entity.id
_entity.type
_entity.pdbx_description
1 polymer 'Cytochrome c oxidase subunit 1'
2 polymer 'Cytochrome c oxidase subunit 2'
3 polymer 'Cytochrome c oxidase subunit 3'
4 polymer 'Cytochrome c oxidase subunit 4 isoform 1, mitochondrial'
5 polymer 'Cytochrome c oxidase subunit 5A'
6 polymer 'Cytochrome c oxidase subunit 5B, mitochondrial'
7 polymer 'Cytochrome c oxidase subunit 6A2, mitochondrial'
8 polymer 'Cytochrome c oxidase subunit 6B1'
9 polymer 'Cytochrome c oxidase subunit 6C'
10 polymer 'Cytochrome c oxidase subunit 7A1'
11 polymer 'Cytochrome c oxidase subunit 7B, mitochondrial'
12 polymer 'Cytochrome c oxidase subunit 7C, mitochondrial'
13 polymer 'Cytochrome c oxidase subunit 8B, mitochondrial'
14 non-polymer HEME-A
15 non-polymer 'COPPER (II) ION'
16 non-polymer 'MAGNESIUM ION'
17 non-polymer 'SODIUM ION'
18 non-polymer 'PEROXIDE ION'
19 non-polymer CARDIOLIPIN
20 non-polymer 'CARBON DIOXIDE'
21 non-polymer EICOSANE
22 non-polymer DECYL-BETA-D-MALTOPYRANOSIDE
23 non-polymer 1,2-ETHANEDIOL
24 non-polymer '(1R)-2-{[{[(2S)-2,3-DIHYDROXYPROPYL]OXY}(HYDROXY)PHOSPHORYL]OXY}-1-[(PALMITOYLOXY)METHYL]ETHYL (11E)-OCTADEC-11-ENOATE'
25 non-polymer 'DINUCLEAR COPPER ION'
26 non-polymer 'CHOLIC ACID'
27 non-polymer 'UNKNOWN ATOM OR ION'
28 non-polymer 'ZINC ION'
29 non-polymer '(1S)-2-{[(2-AMINOETHOXY)(HYDROXY)PHOSPHORYL]OXY}-1-[(STEAROYLOXY)METHYL]ETHYL (5E,8E,11E,14E)-ICOSA-5,8,11,14-TETRAENOATE'
30 water water
#
loop_
_entity_poly.entity_id
_entity_poly.type
_entity_poly.pdbx_seq_one_letter_code
_entity_poly.pdbx_strand_id
1 'polypeptide(L)'
;(FME)FINRWLFSTNHKDIGTLYLLFGAWAGMVGTALSLLIRAELGQPGTLLGDDQIYNVVVTAHAFVMIFFMVMPIMIG
GFGNWLVPLMIGAPDMAFPRMNNMSFWLLPPSFLLLLASSMVEAGAGTGWTVYPPLAGNLAHAGASVDLTIFSLHLAGVS
SILGAINFITTIINMKPPAMSQYQTPLFVWSVMITAVLLLLSLPVLAAGITMLLTDRNLNTTFFDPAGGGDPILYQHLFW
FFGHPEVYILILPGFGMISHIVTYYSGKKEPFGYMGMVWAMMSIGFLGFIVWAHHMFTVGMDVDTRAYFTSATMIIAIPT
GVKVFSWLATLHGGNIKWSPAMMWALGFIFLFTVGGLTGIVLANSSLDIVLHDTYYVVAHFHYVLSMGAVFAIMGGFVHW
FPLFSGYTLNDTWAKIHFAIMFVGVNMTFFPQHFLGLSGMPRRYSDYPDAYTMWNTISSMGSFISLTAVMLMVFIIWEAF
ASKREVLTVDLTTTNLEWLNGCPPPYHTFEEPTYVNLK
;
A,N
2 'polypeptide(L)'
;(FME)AYPMQLGFQDATSPIMEELLHFHDHTLMIVFLISSLVLYIISLMLTTKLTHTSTMDAQEVETIWTILPAIILILI
ALPSLRILYMMDEINNPSLTVKTMGHQWYWSYEYTDYEDLSFDSYMIPTSELKPGELRLLEVDNRVVLPMEMTIRMLVSS
EDVLHSWAVPSLGLKTDAIPGRLNQTTLMSSRPGLYYGQCSEICGSNHSFMPIVLELVPLKYFEKWSASML
;
B,O
3 'polypeptide(L)'
;MTHQTHAYHMVNPSPWPLTGALSALLMTSGLTMWFHFNSMTLLMIGLTTNMLTMYQWWRDVIRESTFQGHHTPAVQKGLR
YGMILFIISEVLFFTGFFWAFYHSSLAPTPELGGCWPPTGIHPLNPLEVPLLNTSVLLASGVSITWAHHSLMEGDRKHML
QALFITITLGVYFTLLQASEYYEAPFTISDGVYGSTFFVATGFHGLHVIIGSTFLIVCFFRQLKFHFTSNHHFGFEAAAW
YWHFVDVVWLFLYVSIYWWGS
;
C,P
4 'polypeptide(L)'
;AHGSVVKSEDYALPSYVDRRDYPLPDVAHVKNLSASQKALKEKEKASWSSLSIDEKVELYRLKFKESFAEMNRSTNEWKT
VVGAAMFFIGFTALLLIWEKHYVYGPIPHTFEEEWVAKQTKRMLDMKVAPIQGFSAKWDYDKNEWKK
;
D,Q
5 'polypeptide(L)'
;SHGSHETDEEFDARWVTYFNKPDIDAWELRKGMNTLVGYDLVPEPKIIDAALRACRRLNDFASAVRILEVVKDKAGPHKE
IYPYVIQELRPTLNELGISTPEELGLDKV
;
E,R
6 'polypeptide(L)'
;ASGGGVPTDEEQATGLEREVMLAARKGQDPYNILAPKATSGTKEDPNLVPSITNKRIVGCICEEDNSTVIWFWLHKGEAQ
RCPSCGTHYKLVPHQLAH
;
F,S
7 'polypeptide(L)'
;ASAAKGDHGGTGARTWRFLTFGLALPSVALCTLNSWLHSGHRERPAFIPYHHLRIRTKPFSWGDGNHTFFHNPRVNPLPT
GYEKP
;
G,T
8 'polypeptide(L)'
;AEDIQAKIKNYQTAPFDSRFPNQNQTRNCWQNYLDFHRCEKAMTAKGGDVSVCEWYRRVYKSLCPISWVSTWDDRRAEGT
FPGKI
;
H,U
9 'polypeptide(L)' STALAKPQMRGLLARRLRFHIVGAFMVSLGFATFYKFAVAEKRKKAYADFYRNYDSMKDFEEMRKAGIFQSAK I,V
10 'polypeptide(L)' FENRVAEKQKLFQEDNGLPVHLKGGATDNILYRVTMTLCLGGTLYSLYCLGWASFPHKK J,W
11 'polypeptide(L)' IHQKRAPDFHDKYGNAVLASGATFCVAVWVYMATQIGIEWNPSPVGRVTPKEWREQ K,X
12 'polypeptide(L)' SHYEEGPGKNIPFSVENKWRLLAMMTLFFGSGFAAPFFIVRHQLLKK L,Y
13 'polypeptide(L)' ITAKPAKTPTSPKEQAIGLSVTFLSFLLPAGWVLYHLDNYKKSSAA M,Z
#
# COMPACT_ATOMS: atom_id res chain seq x y z
N PHE A 2 38.38 22.73 -28.73
CA PHE A 2 37.73 21.60 -29.36
C PHE A 2 37.32 20.57 -28.32
N ILE A 3 38.21 20.22 -27.39
CA ILE A 3 37.92 19.24 -26.31
C ILE A 3 36.78 19.79 -25.45
N ASN A 4 36.87 21.08 -25.06
CA ASN A 4 35.86 21.65 -24.14
C ASN A 4 34.51 21.53 -24.82
N ARG A 5 34.46 21.79 -26.11
CA ARG A 5 33.19 21.87 -26.85
C ARG A 5 32.63 20.47 -27.08
N TRP A 6 33.46 19.51 -27.53
CA TRP A 6 32.95 18.25 -28.11
C TRP A 6 33.10 17.05 -27.18
N LEU A 7 33.99 17.12 -26.18
CA LEU A 7 34.15 16.04 -25.17
C LEU A 7 33.52 16.43 -23.84
N PHE A 8 33.43 17.73 -23.53
CA PHE A 8 32.94 18.28 -22.23
C PHE A 8 31.60 19.03 -22.41
N SER A 9 30.85 18.73 -23.47
CA SER A 9 29.64 19.52 -23.81
C SER A 9 28.64 19.52 -22.64
N THR A 10 27.99 20.67 -22.47
CA THR A 10 26.73 20.82 -21.69
C THR A 10 25.67 21.51 -22.55
N ASN A 11 25.72 21.29 -23.86
CA ASN A 11 24.86 22.01 -24.84
C ASN A 11 23.98 20.99 -25.55
N HIS A 12 22.65 21.19 -25.50
CA HIS A 12 21.70 20.21 -26.09
C HIS A 12 21.92 20.03 -27.61
N LYS A 13 22.27 21.07 -28.35
CA LYS A 13 22.44 20.99 -29.82
C LYS A 13 23.70 20.17 -30.15
N ASP A 14 24.82 20.50 -29.52
CA ASP A 14 26.09 19.80 -29.82
C ASP A 14 25.95 18.33 -29.41
N ILE A 15 25.30 18.06 -28.29
CA ILE A 15 25.07 16.65 -27.86
C ILE A 15 24.16 15.94 -28.88
N GLY A 16 23.10 16.61 -29.32
CA GLY A 16 22.28 16.10 -30.43
C GLY A 16 23.13 15.75 -31.65
N THR A 17 24.05 16.65 -32.03
CA THR A 17 24.94 16.45 -33.19
C THR A 17 25.81 15.21 -32.95
N LEU A 18 26.34 15.04 -31.75
CA LEU A 18 27.17 13.85 -31.43
C LEU A 18 26.32 12.59 -31.61
N TYR A 19 25.10 12.58 -31.11
CA TYR A 19 24.20 11.43 -31.29
C TYR A 19 23.91 11.13 -32.78
N LEU A 20 23.65 12.14 -33.59
CA LEU A 20 23.37 11.93 -35.04
C LEU A 20 24.63 11.34 -35.72
N LEU A 21 25.82 11.83 -35.38
CA LEU A 21 27.08 11.28 -35.97
C LEU A 21 27.25 9.81 -35.55
N PHE A 22 27.04 9.52 -34.28
CA PHE A 22 27.16 8.16 -33.71
C PHE A 22 26.15 7.23 -34.40
N GLY A 23 24.90 7.67 -34.47
CA GLY A 23 23.85 6.87 -35.13
C GLY A 23 24.15 6.60 -36.59
N ALA A 24 24.68 7.59 -37.32
CA ALA A 24 24.96 7.43 -38.76
C ALA A 24 26.06 6.35 -38.90
N TRP A 25 27.10 6.42 -38.09
CA TRP A 25 28.21 5.44 -38.13
C TRP A 25 27.63 4.05 -37.82
N ALA A 26 26.83 3.95 -36.75
CA ALA A 26 26.14 2.70 -36.37
C ALA A 26 25.30 2.17 -37.56
N GLY A 27 24.60 3.07 -38.28
CA GLY A 27 23.77 2.61 -39.41
C GLY A 27 24.65 1.97 -40.48
N MET A 28 25.89 2.45 -40.65
CA MET A 28 26.75 1.81 -41.68
C MET A 28 27.13 0.39 -41.19
N VAL A 29 27.45 0.24 -39.90
CA VAL A 29 27.75 -1.10 -39.34
C VAL A 29 26.53 -2.02 -39.52
N GLY A 30 25.35 -1.51 -39.18
CA GLY A 30 24.13 -2.33 -39.25
C GLY A 30 23.81 -2.75 -40.68
N THR A 31 24.05 -1.87 -41.64
CA THR A 31 23.84 -2.11 -43.07
C THR A 31 24.79 -3.24 -43.56
N ALA A 32 26.09 -3.16 -43.20
CA ALA A 32 27.10 -4.15 -43.57
C ALA A 32 26.65 -5.53 -43.04
N LEU A 33 26.19 -5.57 -41.77
CA LEU A 33 25.72 -6.81 -41.15
C LEU A 33 24.53 -7.35 -41.96
N SER A 34 23.59 -6.48 -42.34
CA SER A 34 22.37 -6.85 -43.11
C SER A 34 22.81 -7.44 -44.46
N LEU A 35 23.84 -6.90 -45.10
CA LEU A 35 24.30 -7.41 -46.40
C LEU A 35 24.99 -8.77 -46.22
N LEU A 36 25.71 -9.01 -45.12
CA LEU A 36 26.31 -10.35 -44.85
C LEU A 36 25.18 -11.38 -44.69
N ILE A 37 24.14 -11.03 -43.96
CA ILE A 37 22.94 -11.90 -43.82
C ILE A 37 22.45 -12.27 -45.23
N ARG A 38 22.20 -11.27 -46.04
CA ARG A 38 21.53 -11.54 -47.35
C ARG A 38 22.52 -12.16 -48.35
N ALA A 39 23.83 -11.93 -48.22
CA ALA A 39 24.85 -12.62 -49.03
C ALA A 39 24.80 -14.12 -48.71
N GLU A 40 24.75 -14.48 -47.43
CA GLU A 40 24.64 -15.90 -46.99
C GLU A 40 23.40 -16.55 -47.61
N LEU A 41 22.27 -15.81 -47.64
CA LEU A 41 20.96 -16.41 -48.03
C LEU A 41 20.69 -16.21 -49.54
N GLY A 42 21.56 -15.53 -50.26
CA GLY A 42 21.27 -15.10 -51.64
C GLY A 42 21.39 -16.21 -52.66
N GLN A 43 22.03 -17.31 -52.28
CA GLN A 43 21.95 -18.58 -53.05
C GLN A 43 21.96 -19.73 -52.05
N PRO A 44 21.35 -20.88 -52.41
CA PRO A 44 21.31 -22.05 -51.55
C PRO A 44 22.75 -22.53 -51.32
N GLY A 45 23.01 -23.09 -50.16
CA GLY A 45 24.35 -23.55 -49.76
C GLY A 45 24.89 -22.69 -48.66
N THR A 46 26.17 -22.87 -48.36
CA THR A 46 26.85 -22.19 -47.26
C THR A 46 27.87 -21.22 -47.87
N LEU A 47 27.83 -19.95 -47.49
CA LEU A 47 28.80 -18.93 -47.95
C LEU A 47 29.88 -18.73 -46.88
N LEU A 48 29.48 -18.43 -45.64
CA LEU A 48 30.43 -17.97 -44.58
C LEU A 48 30.89 -19.15 -43.72
N GLY A 49 29.97 -19.89 -43.15
CA GLY A 49 30.29 -21.01 -42.25
C GLY A 49 28.95 -21.49 -41.77
N ASP A 50 28.94 -22.12 -40.61
CA ASP A 50 27.73 -22.76 -40.06
C ASP A 50 26.91 -21.68 -39.36
N ASP A 51 25.91 -22.08 -38.59
CA ASP A 51 24.94 -21.12 -38.01
C ASP A 51 25.63 -20.22 -36.97
N GLN A 52 26.82 -20.60 -36.43
CA GLN A 52 27.43 -19.77 -35.36
C GLN A 52 27.86 -18.42 -35.96
N ILE A 53 28.75 -18.41 -36.96
CA ILE A 53 29.19 -17.13 -37.55
C ILE A 53 27.94 -16.40 -38.10
N TYR A 54 27.04 -17.14 -38.74
CA TYR A 54 25.81 -16.54 -39.30
C TYR A 54 25.03 -15.86 -38.17
N ASN A 55 24.79 -16.53 -37.03
CA ASN A 55 23.91 -15.93 -36.00
C ASN A 55 24.67 -14.87 -35.20
N VAL A 56 26.01 -14.90 -35.20
CA VAL A 56 26.77 -13.75 -34.64
C VAL A 56 26.42 -12.50 -35.46
N VAL A 57 26.42 -12.63 -36.79
CA VAL A 57 26.09 -11.51 -37.71
C VAL A 57 24.63 -11.06 -37.48
N VAL A 58 23.69 -12.00 -37.40
CA VAL A 58 22.26 -11.66 -37.22
C VAL A 58 22.10 -10.94 -35.87
N THR A 59 22.71 -11.47 -34.82
CA THR A 59 22.55 -10.93 -33.46
C THR A 59 23.09 -9.46 -33.47
N ALA A 60 24.29 -9.27 -34.01
CA ALA A 60 24.95 -7.95 -34.01
C ALA A 60 24.14 -6.99 -34.89
N HIS A 61 23.64 -7.45 -36.02
CA HIS A 61 22.76 -6.63 -36.88
C HIS A 61 21.66 -5.98 -36.05
N ALA A 62 20.95 -6.79 -35.27
CA ALA A 62 19.78 -6.33 -34.50
C ALA A 62 20.24 -5.35 -33.42
N PHE A 63 21.25 -5.72 -32.64
CA PHE A 63 21.68 -4.84 -31.54
C PHE A 63 22.14 -3.48 -32.10
N VAL A 64 22.90 -3.50 -33.20
CA VAL A 64 23.43 -2.24 -33.81
C VAL A 64 22.25 -1.41 -34.32
N MET A 65 21.34 -2.02 -35.07
CA MET A 65 20.21 -1.25 -35.66
C MET A 65 19.33 -0.62 -34.57
N ILE A 66 19.07 -1.37 -33.50
CA ILE A 66 18.12 -0.94 -32.44
C ILE A 66 18.84 0.00 -31.47
N PHE A 67 19.93 -0.44 -30.85
CA PHE A 67 20.53 0.30 -29.71
C PHE A 67 21.50 1.40 -30.19
N PHE A 68 22.14 1.25 -31.35
CA PHE A 68 23.17 2.22 -31.76
C PHE A 68 22.71 3.09 -32.95
N MET A 69 21.70 2.66 -33.71
CA MET A 69 21.20 3.48 -34.83
C MET A 69 19.87 4.14 -34.46
N VAL A 70 18.80 3.38 -34.26
CA VAL A 70 17.46 4.03 -34.12
C VAL A 70 17.38 4.86 -32.81
N MET A 71 17.69 4.26 -31.66
CA MET A 71 17.47 4.98 -30.38
C MET A 71 18.37 6.23 -30.31
N PRO A 72 19.67 6.15 -30.62
CA PRO A 72 20.49 7.37 -30.57
C PRO A 72 20.02 8.46 -31.53
N ILE A 73 19.64 8.11 -32.76
CA ILE A 73 19.19 9.12 -33.74
C ILE A 73 17.86 9.72 -33.28
N MET A 74 16.86 8.90 -32.91
CA MET A 74 15.51 9.45 -32.63
C MET A 74 15.56 10.24 -31.31
N ILE A 75 16.09 9.62 -30.27
CA ILE A 75 15.96 10.16 -28.90
C ILE A 75 17.16 11.08 -28.65
N GLY A 76 18.36 10.54 -28.77
CA GLY A 76 19.55 11.35 -28.50
C GLY A 76 19.72 12.49 -29.50
N GLY A 77 19.43 12.25 -30.77
CA GLY A 77 19.73 13.24 -31.82
C GLY A 77 18.57 14.20 -32.03
N PHE A 78 17.47 13.75 -32.63
CA PHE A 78 16.29 14.61 -32.80
C PHE A 78 15.78 15.08 -31.43
N GLY A 79 15.72 14.22 -30.41
CA GLY A 79 15.18 14.64 -29.11
C GLY A 79 16.01 15.78 -28.52
N ASN A 80 17.33 15.64 -28.45
CA ASN A 80 18.17 16.71 -27.85
C ASN A 80 18.10 17.99 -28.69
N TRP A 81 18.13 17.87 -30.01
CA TRP A 81 18.13 19.05 -30.88
C TRP A 81 16.79 19.77 -30.72
N LEU A 82 15.68 19.03 -30.81
CA LEU A 82 14.37 19.68 -31.06
C LEU A 82 13.60 19.97 -29.78
N VAL A 83 13.69 19.13 -28.75
CA VAL A 83 12.76 19.24 -27.61
C VAL A 83 12.94 20.59 -26.92
N PRO A 84 14.19 20.99 -26.55
CA PRO A 84 14.36 22.29 -25.91
C PRO A 84 13.85 23.42 -26.82
N LEU A 85 14.15 23.35 -28.11
CA LEU A 85 13.74 24.43 -29.04
C LEU A 85 12.21 24.48 -29.12
N MET A 86 11.53 23.34 -29.11
CA MET A 86 10.06 23.30 -29.31
C MET A 86 9.32 23.82 -28.08
N ILE A 87 9.97 23.87 -26.92
CA ILE A 87 9.33 24.40 -25.68
C ILE A 87 10.00 25.70 -25.24
N GLY A 88 10.89 26.27 -26.04
CA GLY A 88 11.52 27.56 -25.69
C GLY A 88 12.43 27.45 -24.50
N ALA A 89 12.99 26.28 -24.23
CA ALA A 89 13.87 26.05 -23.05
C ALA A 89 15.31 26.33 -23.43
N PRO A 90 16.14 26.78 -22.48
CA PRO A 90 17.51 27.17 -22.76
C PRO A 90 18.50 26.01 -22.93
N ASP A 91 18.11 24.84 -22.42
CA ASP A 91 18.82 23.57 -22.58
C ASP A 91 17.96 22.49 -21.92
N MET A 92 18.55 21.30 -21.72
CA MET A 92 17.95 20.17 -20.95
C MET A 92 18.06 20.48 -19.43
N ALA A 93 17.24 19.82 -18.60
CA ALA A 93 17.27 19.98 -17.13
C ALA A 93 18.69 19.65 -16.61
N PHE A 94 19.33 18.60 -17.13
CA PHE A 94 20.58 18.03 -16.56
C PHE A 94 21.60 17.96 -17.69
N PRO A 95 22.14 19.14 -18.09
CA PRO A 95 22.90 19.24 -19.31
C PRO A 95 24.22 18.49 -19.26
N ARG A 96 24.75 18.29 -18.04
CA ARG A 96 26.01 17.53 -17.85
C ARG A 96 25.67 16.02 -17.83
N MET A 97 24.63 15.60 -17.12
CA MET A 97 24.20 14.18 -17.20
C MET A 97 23.85 13.81 -18.67
N ASN A 98 23.31 14.73 -19.43
CA ASN A 98 22.99 14.53 -20.87
C ASN A 98 24.25 14.05 -21.61
N ASN A 99 25.39 14.68 -21.32
CA ASN A 99 26.67 14.38 -21.99
C ASN A 99 27.08 12.95 -21.63
N MET A 100 26.79 12.47 -20.43
CA MET A 100 27.18 11.11 -20.03
C MET A 100 26.28 10.08 -20.75
N SER A 101 25.01 10.40 -20.96
CA SER A 101 24.15 9.53 -21.80
C SER A 101 24.83 9.31 -23.15
N PHE A 102 25.35 10.37 -23.76
CA PHE A 102 26.02 10.23 -25.06
C PHE A 102 27.31 9.39 -24.87
N TRP A 103 28.20 9.77 -23.95
CA TRP A 103 29.54 9.14 -23.90
C TRP A 103 29.51 7.67 -23.43
N LEU A 104 28.41 7.21 -22.85
CA LEU A 104 28.25 5.77 -22.56
C LEU A 104 28.12 4.96 -23.86
N LEU A 105 27.71 5.56 -24.99
CA LEU A 105 27.38 4.72 -26.16
C LEU A 105 28.65 4.24 -26.88
N PRO A 106 29.73 5.04 -27.09
CA PRO A 106 30.93 4.46 -27.72
C PRO A 106 31.45 3.25 -26.95
N PRO A 107 31.58 3.31 -25.62
CA PRO A 107 31.99 2.13 -24.87
C PRO A 107 31.00 0.95 -24.99
N SER A 108 29.69 1.20 -24.92
CA SER A 108 28.68 0.15 -25.18
C SER A 108 28.98 -0.51 -26.53
N PHE A 109 29.26 0.28 -27.56
CA PHE A 109 29.47 -0.24 -28.94
C PHE A 109 30.78 -1.05 -28.95
N LEU A 110 31.80 -0.51 -28.28
CA LEU A 110 33.09 -1.22 -28.16
C LEU A 110 32.91 -2.61 -27.53
N LEU A 111 32.09 -2.72 -26.47
CA LEU A 111 31.85 -4.03 -25.82
C LEU A 111 31.14 -4.95 -26.82
N LEU A 112 30.20 -4.44 -27.62
CA LEU A 112 29.52 -5.33 -28.60
C LEU A 112 30.52 -5.80 -29.66
N LEU A 113 31.34 -4.91 -30.20
N LEU A 113 31.34 -4.88 -30.21
CA LEU A 113 32.32 -5.33 -31.24
CA LEU A 113 32.48 -5.22 -31.13
C LEU A 113 33.37 -6.28 -30.58
C LEU A 113 33.25 -6.37 -30.50
N ALA A 114 33.70 -6.13 -29.28
CA ALA A 114 34.61 -7.06 -28.58
C ALA A 114 33.96 -8.45 -28.48
N SER A 115 32.66 -8.52 -28.18
N SER A 115 32.68 -8.51 -28.15
CA SER A 115 31.89 -9.79 -28.11
CA SER A 115 31.89 -9.76 -28.10
C SER A 115 32.13 -10.61 -29.38
C SER A 115 32.16 -10.59 -29.37
N SER A 116 32.17 -9.91 -30.54
CA SER A 116 32.19 -10.57 -31.88
C SER A 116 33.63 -11.01 -32.23
N MET A 117 34.61 -10.43 -31.56
N MET A 117 34.62 -10.43 -31.57
CA MET A 117 36.05 -10.61 -31.87
CA MET A 117 36.04 -10.65 -31.90
C MET A 117 36.63 -11.72 -30.99
C MET A 117 36.61 -11.77 -31.01
N VAL A 118 36.09 -11.92 -29.79
CA VAL A 118 36.63 -12.90 -28.83
C VAL A 118 35.90 -14.22 -29.07
N GLU A 119 36.59 -15.31 -28.80
CA GLU A 119 36.02 -16.68 -28.90
C GLU A 119 35.29 -16.78 -30.25
N ALA A 120 34.05 -17.26 -30.26
CA ALA A 120 33.28 -17.52 -31.49
C ALA A 120 32.10 -16.54 -31.58
N GLY A 121 32.14 -15.43 -30.84
CA GLY A 121 31.04 -14.47 -30.81
C GLY A 121 29.84 -14.93 -30.01
N ALA A 122 28.82 -14.05 -29.92
CA ALA A 122 27.54 -14.37 -29.27
C ALA A 122 26.51 -14.63 -30.38
N GLY A 123 26.37 -15.90 -30.74
CA GLY A 123 25.42 -16.31 -31.78
C GLY A 123 24.12 -16.71 -31.13
N THR A 124 23.44 -15.76 -30.45
CA THR A 124 22.34 -16.09 -29.53
C THR A 124 20.99 -15.63 -30.04
N GLY A 125 20.97 -14.77 -31.05
CA GLY A 125 19.82 -13.89 -31.30
C GLY A 125 19.85 -12.69 -30.38
N TRP A 126 19.19 -11.58 -30.73
CA TRP A 126 19.25 -10.34 -29.90
C TRP A 126 18.47 -10.51 -28.59
N THR A 127 17.70 -11.58 -28.47
CA THR A 127 16.92 -11.98 -27.29
C THR A 127 17.83 -12.65 -26.21
N VAL A 128 18.96 -13.21 -26.63
CA VAL A 128 19.99 -13.81 -25.73
C VAL A 128 19.37 -14.89 -24.84
N TYR A 129 18.49 -15.73 -25.37
CA TYR A 129 17.84 -16.80 -24.55
C TYR A 129 18.86 -17.80 -24.00
N PRO A 130 18.76 -18.16 -22.71
CA PRO A 130 19.42 -19.36 -22.21
C PRO A 130 18.58 -20.58 -22.58
N PRO A 131 19.12 -21.81 -22.52
CA PRO A 131 20.53 -22.08 -22.20
C PRO A 131 21.56 -21.86 -23.31
N LEU A 132 21.15 -21.56 -24.55
CA LEU A 132 22.15 -21.34 -25.63
C LEU A 132 23.11 -20.21 -25.21
N ALA A 133 22.61 -19.15 -24.55
CA ALA A 133 23.43 -18.01 -24.08
C ALA A 133 24.14 -18.30 -22.75
N GLY A 134 23.96 -19.50 -22.17
CA GLY A 134 24.58 -19.89 -20.90
C GLY A 134 26.04 -20.29 -21.05
N ASN A 135 26.67 -20.63 -19.93
CA ASN A 135 28.14 -20.80 -19.87
C ASN A 135 28.61 -22.16 -20.40
N LEU A 136 27.67 -23.06 -20.75
N LEU A 136 27.69 -23.04 -20.82
CA LEU A 136 27.98 -24.39 -21.36
CA LEU A 136 28.09 -24.35 -21.40
C LEU A 136 27.93 -24.25 -22.89
C LEU A 136 27.90 -24.33 -22.92
N ALA A 137 26.80 -23.80 -23.44
CA ALA A 137 26.56 -23.71 -24.88
C ALA A 137 27.19 -22.42 -25.46
N HIS A 138 27.51 -21.42 -24.64
CA HIS A 138 28.29 -20.23 -25.06
C HIS A 138 29.37 -19.92 -24.01
N ALA A 139 30.27 -20.87 -23.80
CA ALA A 139 31.41 -20.74 -22.87
C ALA A 139 32.27 -19.54 -23.32
N GLY A 140 32.81 -18.80 -22.37
CA GLY A 140 33.76 -17.72 -22.66
C GLY A 140 33.11 -16.33 -22.64
N ALA A 141 33.88 -15.32 -23.03
CA ALA A 141 33.55 -13.92 -22.72
C ALA A 141 32.44 -13.33 -23.62
N SER A 142 32.12 -13.89 -24.79
CA SER A 142 31.29 -13.20 -25.79
C SER A 142 29.95 -12.76 -25.20
N VAL A 143 29.23 -13.66 -24.53
CA VAL A 143 27.87 -13.28 -24.05
C VAL A 143 28.02 -12.26 -22.90
N ASP A 144 29.06 -12.38 -22.08
CA ASP A 144 29.22 -11.42 -20.97
C ASP A 144 29.46 -10.01 -21.54
N LEU A 145 30.23 -9.92 -22.63
CA LEU A 145 30.52 -8.62 -23.28
C LEU A 145 29.22 -8.08 -23.86
N THR A 146 28.36 -8.94 -24.37
CA THR A 146 27.05 -8.50 -24.89
C THR A 146 26.21 -7.98 -23.72
N ILE A 147 26.18 -8.69 -22.61
CA ILE A 147 25.40 -8.26 -21.43
C ILE A 147 25.90 -6.88 -20.98
N PHE A 148 27.22 -6.70 -20.85
CA PHE A 148 27.76 -5.42 -20.39
C PHE A 148 27.45 -4.31 -21.40
N SER A 149 27.49 -4.60 -22.70
CA SER A 149 27.09 -3.62 -23.74
C SER A 149 25.67 -3.13 -23.44
N LEU A 150 24.77 -4.07 -23.18
CA LEU A 150 23.36 -3.74 -22.89
C LEU A 150 23.26 -2.95 -21.58
N HIS A 151 24.07 -3.28 -20.57
CA HIS A 151 24.06 -2.54 -19.30
C HIS A 151 24.41 -1.07 -19.58
N LEU A 152 25.47 -0.81 -20.34
CA LEU A 152 25.87 0.61 -20.59
C LEU A 152 24.79 1.30 -21.46
N ALA A 153 24.32 0.66 -22.51
CA ALA A 153 23.23 1.28 -23.30
C ALA A 153 22.00 1.53 -22.41
N GLY A 154 21.70 0.62 -21.49
CA GLY A 154 20.54 0.76 -20.58
C GLY A 154 20.71 1.96 -19.65
N VAL A 155 21.89 2.12 -19.05
CA VAL A 155 22.12 3.27 -18.16
C VAL A 155 22.00 4.56 -18.98
N SER A 156 22.61 4.59 -20.18
CA SER A 156 22.55 5.74 -21.09
C SER A 156 21.09 6.16 -21.23
N SER A 157 20.24 5.22 -21.62
CA SER A 157 18.81 5.54 -21.92
C SER A 157 18.01 5.84 -20.65
N ILE A 158 18.28 5.20 -19.52
CA ILE A 158 17.56 5.51 -18.25
C ILE A 158 17.87 6.96 -17.86
N LEU A 159 19.14 7.33 -17.84
CA LEU A 159 19.50 8.72 -17.46
C LEU A 159 18.92 9.68 -18.50
N GLY A 160 18.94 9.31 -19.78
CA GLY A 160 18.34 10.15 -20.84
C GLY A 160 16.83 10.32 -20.62
N ALA A 161 16.12 9.27 -20.24
CA ALA A 161 14.66 9.30 -19.95
C ALA A 161 14.41 10.26 -18.78
N ILE A 162 15.20 10.16 -17.70
CA ILE A 162 15.03 11.06 -16.52
C ILE A 162 15.17 12.53 -16.99
N ASN A 163 16.14 12.76 -17.87
CA ASN A 163 16.46 14.11 -18.41
C ASN A 163 15.26 14.60 -19.25
N PHE A 164 14.76 13.81 -20.17
CA PHE A 164 13.66 14.27 -21.06
C PHE A 164 12.41 14.50 -20.24
N ILE A 165 12.04 13.58 -19.33
CA ILE A 165 10.77 13.72 -18.58
C ILE A 165 10.87 15.04 -17.78
N THR A 166 11.99 15.25 -17.08
CA THR A 166 12.17 16.41 -16.22
C THR A 166 12.09 17.68 -17.09
N THR A 167 12.80 17.68 -18.22
CA THR A 167 12.87 18.86 -19.09
C THR A 167 11.44 19.20 -19.58
N ILE A 168 10.72 18.18 -20.04
CA ILE A 168 9.40 18.41 -20.69
C ILE A 168 8.37 18.83 -19.63
N ILE A 169 8.44 18.26 -18.43
CA ILE A 169 7.48 18.65 -17.35
C ILE A 169 7.82 20.04 -16.77
N ASN A 170 9.10 20.32 -16.57
CA ASN A 170 9.55 21.41 -15.67
C ASN A 170 9.95 22.66 -16.46
N MET A 171 10.25 22.59 -17.75
CA MET A 171 10.98 23.72 -18.41
C MET A 171 10.19 24.30 -19.57
N LYS A 172 8.87 24.19 -19.55
CA LYS A 172 8.05 24.86 -20.56
C LYS A 172 7.79 26.29 -20.08
N PRO A 173 7.38 27.20 -20.98
CA PRO A 173 6.92 28.52 -20.52
C PRO A 173 5.82 28.32 -19.50
N PRO A 174 5.75 29.18 -18.47
CA PRO A 174 4.80 29.00 -17.39
C PRO A 174 3.35 29.03 -17.88
N ALA A 175 3.00 29.72 -18.96
CA ALA A 175 1.62 29.72 -19.49
C ALA A 175 1.33 28.45 -20.29
N MET A 176 2.35 27.72 -20.74
CA MET A 176 2.16 26.55 -21.65
C MET A 176 1.76 25.33 -20.83
N SER A 177 0.56 24.80 -21.02
CA SER A 177 0.20 23.51 -20.39
C SER A 177 0.79 22.35 -21.21
N GLN A 178 0.69 21.15 -20.68
CA GLN A 178 1.13 19.97 -21.43
C GLN A 178 0.31 19.87 -22.72
N TYR A 179 -0.92 20.38 -22.73
CA TYR A 179 -1.80 20.30 -23.93
C TYR A 179 -1.51 21.45 -24.89
N GLN A 180 -0.41 22.19 -24.72
CA GLN A 180 0.07 23.18 -25.71
C GLN A 180 1.51 22.85 -26.14
N THR A 181 1.97 21.62 -25.94
CA THR A 181 3.30 21.22 -26.42
C THR A 181 3.11 20.46 -27.72
N PRO A 182 4.07 20.58 -28.64
CA PRO A 182 3.99 19.86 -29.91
C PRO A 182 4.00 18.32 -29.74
N LEU A 183 3.37 17.63 -30.69
CA LEU A 183 3.28 16.17 -30.68
C LEU A 183 4.67 15.52 -30.58
N PHE A 184 5.70 16.06 -31.22
CA PHE A 184 7.03 15.41 -31.13
C PHE A 184 7.47 15.39 -29.66
N VAL A 185 7.20 16.47 -28.94
CA VAL A 185 7.57 16.60 -27.50
C VAL A 185 6.79 15.55 -26.70
N TRP A 186 5.49 15.41 -26.94
CA TRP A 186 4.69 14.32 -26.33
C TRP A 186 5.32 12.96 -26.65
N SER A 187 5.68 12.72 -27.92
CA SER A 187 6.20 11.41 -28.35
C SER A 187 7.49 11.07 -27.58
N VAL A 188 8.32 12.06 -27.30
CA VAL A 188 9.59 11.85 -26.55
C VAL A 188 9.29 11.65 -25.06
N MET A 189 8.35 12.37 -24.47
CA MET A 189 8.00 12.19 -23.03
C MET A 189 7.47 10.77 -22.81
N ILE A 190 6.59 10.30 -23.69
CA ILE A 190 5.97 8.96 -23.53
C ILE A 190 7.07 7.89 -23.73
N THR A 191 7.90 8.06 -24.75
CA THR A 191 9.02 7.12 -25.02
C THR A 191 9.91 7.06 -23.77
N ALA A 192 10.16 8.21 -23.16
CA ALA A 192 11.05 8.28 -21.96
C ALA A 192 10.42 7.54 -20.79
N VAL A 193 9.10 7.67 -20.61
CA VAL A 193 8.40 6.90 -19.54
C VAL A 193 8.55 5.38 -19.82
N LEU A 194 8.35 4.96 -21.07
CA LEU A 194 8.53 3.53 -21.43
C LEU A 194 9.97 3.05 -21.10
N LEU A 195 10.98 3.86 -21.44
CA LEU A 195 12.39 3.50 -21.16
C LEU A 195 12.59 3.35 -19.65
N LEU A 196 12.08 4.32 -18.88
CA LEU A 196 12.30 4.40 -17.41
C LEU A 196 11.77 3.11 -16.74
N LEU A 197 10.65 2.59 -17.21
CA LEU A 197 9.99 1.44 -16.58
C LEU A 197 10.50 0.10 -17.13
N SER A 198 10.84 0.03 -18.42
CA SER A 198 11.16 -1.24 -19.13
C SER A 198 12.65 -1.59 -18.95
N LEU A 199 13.54 -0.64 -19.13
CA LEU A 199 14.99 -1.00 -19.12
C LEU A 199 15.45 -1.60 -17.78
N PRO A 200 14.95 -1.16 -16.62
CA PRO A 200 15.39 -1.77 -15.37
C PRO A 200 15.03 -3.27 -15.30
N VAL A 201 13.94 -3.67 -15.95
CA VAL A 201 13.52 -5.08 -15.92
C VAL A 201 14.48 -5.87 -16.82
N LEU A 202 14.82 -5.32 -17.99
CA LEU A 202 15.87 -5.95 -18.82
C LEU A 202 17.15 -6.05 -17.99
N ALA A 203 17.53 -4.98 -17.29
CA ALA A 203 18.77 -4.97 -16.49
C ALA A 203 18.74 -6.10 -15.47
N ALA A 204 17.59 -6.31 -14.83
CA ALA A 204 17.47 -7.38 -13.83
C ALA A 204 17.66 -8.73 -14.55
N GLY A 205 16.98 -8.94 -15.67
CA GLY A 205 17.05 -10.24 -16.37
C GLY A 205 18.47 -10.55 -16.85
N ILE A 206 19.15 -9.59 -17.47
CA ILE A 206 20.48 -9.89 -18.07
C ILE A 206 21.50 -9.99 -16.94
N THR A 207 21.23 -9.34 -15.80
CA THR A 207 22.09 -9.49 -14.60
C THR A 207 21.97 -10.94 -14.06
N MET A 208 20.74 -11.46 -14.01
N MET A 208 20.75 -11.48 -14.06
CA MET A 208 20.50 -12.87 -13.64
CA MET A 208 20.51 -12.87 -13.61
C MET A 208 21.24 -13.78 -14.62
C MET A 208 21.14 -13.83 -14.63
N LEU A 209 21.18 -13.47 -15.92
CA LEU A 209 21.95 -14.30 -16.91
C LEU A 209 23.45 -14.24 -16.61
N LEU A 210 23.94 -13.05 -16.28
CA LEU A 210 25.37 -12.85 -15.93
C LEU A 210 25.75 -13.71 -14.72
N THR A 211 24.93 -13.71 -13.67
CA THR A 211 25.22 -14.47 -12.43
C THR A 211 25.06 -15.97 -12.76
N ASP A 212 24.09 -16.39 -13.58
CA ASP A 212 24.02 -17.83 -13.95
C ASP A 212 25.33 -18.24 -14.65
N ARG A 213 25.89 -17.32 -15.47
CA ARG A 213 27.11 -17.60 -16.28
C ARG A 213 28.38 -17.59 -15.40
N ASN A 214 28.43 -16.83 -14.31
CA ASN A 214 29.70 -16.50 -13.61
C ASN A 214 29.67 -16.71 -12.09
N LEU A 215 28.50 -16.78 -11.45
CA LEU A 215 28.44 -16.90 -9.95
C LEU A 215 27.66 -18.14 -9.52
N ASN A 216 27.36 -19.06 -10.43
CA ASN A 216 26.74 -20.38 -10.10
C ASN A 216 25.31 -20.18 -9.58
N THR A 217 24.63 -19.09 -9.95
CA THR A 217 23.19 -18.99 -9.76
C THR A 217 22.50 -19.90 -10.76
N THR A 218 21.21 -20.10 -10.55
CA THR A 218 20.43 -21.01 -11.39
C THR A 218 19.03 -20.42 -11.64
N PHE A 219 18.93 -19.12 -11.83
CA PHE A 219 17.65 -18.48 -12.18
C PHE A 219 17.00 -19.20 -13.36
N PHE A 220 17.80 -19.57 -14.38
CA PHE A 220 17.27 -20.06 -15.67
C PHE A 220 17.66 -21.52 -15.90
N ASP A 221 18.22 -22.19 -14.89
CA ASP A 221 18.82 -23.54 -14.99
C ASP A 221 17.94 -24.52 -14.22
N PRO A 222 17.21 -25.40 -14.91
CA PRO A 222 16.35 -26.38 -14.25
C PRO A 222 17.07 -27.24 -13.20
N ALA A 223 18.35 -27.51 -13.39
CA ALA A 223 19.13 -28.31 -12.41
C ALA A 223 19.05 -27.67 -11.01
N GLY A 224 19.00 -26.33 -10.88
CA GLY A 224 18.88 -25.65 -9.59
C GLY A 224 17.45 -25.26 -9.25
N GLY A 225 16.46 -25.69 -10.06
CA GLY A 225 15.06 -25.28 -9.90
C GLY A 225 14.70 -24.01 -10.67
N GLY A 226 15.62 -23.52 -11.53
CA GLY A 226 15.37 -22.36 -12.41
C GLY A 226 14.51 -22.74 -13.60
N ASP A 227 14.28 -21.79 -14.48
CA ASP A 227 13.33 -21.93 -15.63
C ASP A 227 13.81 -21.02 -16.76
N PRO A 228 14.21 -21.58 -17.90
CA PRO A 228 14.57 -20.77 -19.07
C PRO A 228 13.42 -19.82 -19.45
N ILE A 229 12.18 -20.21 -19.18
CA ILE A 229 11.03 -19.38 -19.62
C ILE A 229 10.93 -18.10 -18.76
N LEU A 230 11.43 -18.12 -17.52
CA LEU A 230 11.45 -16.88 -16.72
C LEU A 230 12.27 -15.80 -17.45
N TYR A 231 13.43 -16.16 -18.00
CA TYR A 231 14.25 -15.19 -18.78
C TYR A 231 13.39 -14.56 -19.87
N GLN A 232 12.63 -15.38 -20.58
CA GLN A 232 11.80 -14.90 -21.70
C GLN A 232 10.80 -13.85 -21.20
N HIS A 233 10.11 -14.12 -20.09
CA HIS A 233 9.17 -13.13 -19.49
C HIS A 233 9.90 -11.83 -19.16
N LEU A 234 11.08 -11.90 -18.53
CA LEU A 234 11.77 -10.67 -18.12
C LEU A 234 12.21 -9.91 -19.37
N PHE A 235 12.78 -10.62 -20.35
CA PHE A 235 13.26 -10.00 -21.60
C PHE A 235 12.06 -9.31 -22.29
N TRP A 236 10.98 -10.04 -22.52
CA TRP A 236 9.87 -9.48 -23.33
C TRP A 236 9.09 -8.43 -22.55
N PHE A 237 9.10 -8.47 -21.22
CA PHE A 237 8.48 -7.39 -20.42
C PHE A 237 9.12 -6.06 -20.84
N PHE A 238 10.42 -6.09 -21.14
CA PHE A 238 11.16 -4.96 -21.75
C PHE A 238 10.91 -4.88 -23.27
N GLY A 239 11.01 -6.02 -23.96
CA GLY A 239 11.14 -6.07 -25.42
C GLY A 239 9.89 -5.53 -26.15
N HIS A 240 8.67 -5.78 -25.65
CA HIS A 240 7.48 -5.19 -26.33
C HIS A 240 7.52 -3.67 -26.13
N PRO A 241 7.61 -3.12 -24.92
CA PRO A 241 7.76 -1.66 -24.78
C PRO A 241 8.88 -1.11 -25.68
N GLU A 242 10.00 -1.83 -25.79
CA GLU A 242 11.12 -1.40 -26.63
C GLU A 242 10.64 -1.11 -28.06
N VAL A 243 9.75 -1.92 -28.64
CA VAL A 243 9.36 -1.63 -30.04
C VAL A 243 8.50 -0.37 -30.10
N TYR A 244 7.72 -0.07 -29.07
CA TYR A 244 6.96 1.20 -29.01
C TYR A 244 7.92 2.38 -28.77
N ILE A 245 8.99 2.16 -28.02
CA ILE A 245 10.10 3.14 -27.87
C ILE A 245 10.72 3.44 -29.25
N LEU A 246 10.87 2.42 -30.10
CA LEU A 246 11.50 2.59 -31.42
C LEU A 246 10.57 3.35 -32.36
N ILE A 247 9.25 3.21 -32.21
CA ILE A 247 8.33 3.86 -33.19
C ILE A 247 7.77 5.20 -32.69
N LEU A 248 7.59 5.40 -31.38
CA LEU A 248 6.86 6.59 -30.87
C LEU A 248 7.48 7.90 -31.36
N PRO A 249 8.80 8.11 -31.22
CA PRO A 249 9.39 9.35 -31.72
C PRO A 249 9.23 9.49 -33.24
N GLY A 250 9.18 8.36 -33.95
CA GLY A 250 8.89 8.37 -35.39
C GLY A 250 7.47 8.85 -35.63
N PHE A 251 6.51 8.38 -34.85
CA PHE A 251 5.11 8.93 -34.92
C PHE A 251 5.14 10.45 -34.71
N GLY A 252 5.90 10.93 -33.72
CA GLY A 252 5.96 12.38 -33.46
C GLY A 252 6.54 13.13 -34.64
N MET A 253 7.64 12.66 -35.21
CA MET A 253 8.25 13.32 -36.41
C MET A 253 7.27 13.28 -37.59
N ILE A 254 6.59 12.17 -37.82
CA ILE A 254 5.61 12.05 -38.93
C ILE A 254 4.52 13.11 -38.72
N SER A 255 4.00 13.27 -37.50
CA SER A 255 2.96 14.31 -37.26
C SER A 255 3.48 15.67 -37.73
N HIS A 256 4.71 16.04 -37.39
CA HIS A 256 5.31 17.37 -37.73
C HIS A 256 5.50 17.49 -39.25
N ILE A 257 6.03 16.44 -39.88
CA ILE A 257 6.36 16.47 -41.32
C ILE A 257 5.05 16.56 -42.12
N VAL A 258 4.06 15.73 -41.79
CA VAL A 258 2.78 15.74 -42.55
C VAL A 258 2.12 17.11 -42.39
N THR A 259 2.12 17.65 -41.18
CA THR A 259 1.50 18.96 -40.92
C THR A 259 2.20 20.01 -41.78
N TYR A 260 3.53 20.06 -41.69
CA TYR A 260 4.36 21.09 -42.34
C TYR A 260 4.14 21.04 -43.86
N TYR A 261 4.29 19.86 -44.51
CA TYR A 261 4.27 19.78 -45.97
C TYR A 261 2.83 19.72 -46.46
N SER A 262 1.84 19.69 -45.58
CA SER A 262 0.43 19.90 -45.99
C SER A 262 0.09 21.39 -45.95
N GLY A 263 1.01 22.23 -45.48
CA GLY A 263 0.73 23.67 -45.33
C GLY A 263 -0.26 23.96 -44.22
N LYS A 264 -0.33 23.11 -43.22
CA LYS A 264 -1.26 23.27 -42.08
C LYS A 264 -0.52 23.90 -40.89
N LYS A 265 -1.29 24.59 -40.07
CA LYS A 265 -0.78 25.21 -38.83
C LYS A 265 -0.74 24.15 -37.72
N GLU A 266 -1.47 23.04 -37.87
CA GLU A 266 -1.68 22.07 -36.80
C GLU A 266 -2.08 20.71 -37.37
N PRO A 267 -1.71 19.63 -36.64
CA PRO A 267 -2.14 18.29 -37.01
C PRO A 267 -3.65 18.18 -36.76
N PHE A 268 -4.31 17.33 -37.51
CA PHE A 268 -5.73 16.98 -37.23
C PHE A 268 -5.83 16.24 -35.87
N GLY A 269 -6.77 16.65 -35.03
CA GLY A 269 -7.18 15.92 -33.82
C GLY A 269 -6.02 15.80 -32.82
N TYR A 270 -5.43 16.92 -32.42
CA TYR A 270 -4.27 16.96 -31.48
C TYR A 270 -4.53 16.08 -30.24
N MET A 271 -5.66 16.27 -29.55
CA MET A 271 -5.91 15.56 -28.28
C MET A 271 -6.05 14.06 -28.57
N GLY A 272 -6.65 13.67 -29.70
CA GLY A 272 -6.73 12.26 -30.14
C GLY A 272 -5.33 11.68 -30.33
N MET A 273 -4.42 12.48 -30.86
CA MET A 273 -3.01 12.02 -31.13
C MET A 273 -2.30 11.81 -29.80
N VAL A 274 -2.52 12.71 -28.83
CA VAL A 274 -1.94 12.56 -27.46
C VAL A 274 -2.55 11.30 -26.84
N TRP A 275 -3.88 11.17 -26.88
CA TRP A 275 -4.58 10.00 -26.36
C TRP A 275 -4.02 8.72 -26.96
N ALA A 276 -3.81 8.71 -28.27
CA ALA A 276 -3.37 7.50 -29.00
C ALA A 276 -1.97 7.12 -28.51
N MET A 277 -1.08 8.07 -28.41
CA MET A 277 0.31 7.76 -27.97
C MET A 277 0.30 7.27 -26.52
N MET A 278 -0.50 7.86 -25.63
N MET A 278 -0.50 7.89 -25.65
CA MET A 278 -0.53 7.40 -24.21
CA MET A 278 -0.61 7.47 -24.23
C MET A 278 -1.16 6.01 -24.15
C MET A 278 -1.13 6.03 -24.18
N SER A 279 -2.18 5.74 -24.95
CA SER A 279 -2.86 4.42 -25.00
C SER A 279 -1.87 3.35 -25.48
N ILE A 280 -1.13 3.65 -26.54
CA ILE A 280 -0.16 2.70 -27.09
C ILE A 280 0.89 2.44 -26.02
N GLY A 281 1.35 3.48 -25.35
CA GLY A 281 2.40 3.30 -24.32
C GLY A 281 1.93 2.38 -23.20
N PHE A 282 0.70 2.57 -22.75
CA PHE A 282 0.10 1.78 -21.64
C PHE A 282 -0.11 0.33 -22.10
N LEU A 283 -0.81 0.14 -23.22
CA LEU A 283 -1.12 -1.20 -23.74
C LEU A 283 0.18 -1.96 -24.02
N GLY A 284 1.22 -1.25 -24.43
CA GLY A 284 2.53 -1.86 -24.72
C GLY A 284 3.18 -2.56 -23.53
N PHE A 285 2.67 -2.35 -22.30
CA PHE A 285 3.21 -3.03 -21.08
C PHE A 285 2.42 -4.30 -20.74
N ILE A 286 1.30 -4.59 -21.41
CA ILE A 286 0.42 -5.68 -20.93
C ILE A 286 0.22 -6.77 -22.01
N VAL A 287 1.16 -6.88 -22.96
CA VAL A 287 1.02 -7.75 -24.17
C VAL A 287 2.25 -8.63 -24.40
N TRP A 288 3.27 -8.61 -23.52
CA TRP A 288 4.62 -9.14 -23.85
C TRP A 288 4.58 -10.61 -24.28
N ALA A 289 3.66 -11.40 -23.73
CA ALA A 289 3.72 -12.85 -23.93
C ALA A 289 3.20 -13.25 -25.32
N HIS A 290 2.83 -12.30 -26.19
CA HIS A 290 2.65 -12.61 -27.63
C HIS A 290 3.99 -12.99 -28.29
N HIS A 291 5.11 -12.87 -27.59
CA HIS A 291 6.42 -13.39 -28.05
C HIS A 291 6.62 -14.83 -27.58
N MET A 292 5.64 -15.43 -26.90
CA MET A 292 5.84 -16.71 -26.20
C MET A 292 4.67 -17.67 -26.48
N PHE A 293 3.98 -17.51 -27.60
CA PHE A 293 2.76 -18.32 -27.84
C PHE A 293 3.09 -19.80 -28.05
N THR A 294 4.33 -20.20 -28.31
CA THR A 294 4.69 -21.62 -28.54
C THR A 294 5.44 -22.22 -27.34
N VAL A 295 5.59 -21.52 -26.21
CA VAL A 295 6.45 -22.01 -25.10
C VAL A 295 5.67 -23.00 -24.22
N GLY A 296 4.36 -23.12 -24.40
CA GLY A 296 3.51 -24.00 -23.57
C GLY A 296 2.72 -23.26 -22.49
N MET A 297 2.28 -22.01 -22.65
N MET A 297 2.04 -22.26 -22.99
CA MET A 297 1.44 -21.34 -21.61
CA MET A 297 1.17 -21.27 -22.30
C MET A 297 -0.01 -21.87 -21.70
C MET A 297 -0.23 -21.88 -22.12
N ASP A 298 -0.82 -21.67 -20.65
N ASP A 298 -0.80 -21.82 -20.93
CA ASP A 298 -2.25 -22.09 -20.56
CA ASP A 298 -2.21 -22.22 -20.72
C ASP A 298 -3.09 -21.39 -21.65
C ASP A 298 -3.05 -21.44 -21.74
N VAL A 299 -4.16 -22.05 -22.12
CA VAL A 299 -5.03 -21.50 -23.20
C VAL A 299 -5.62 -20.12 -22.79
N ASP A 300 -6.04 -19.93 -21.55
CA ASP A 300 -6.70 -18.66 -21.14
C ASP A 300 -5.68 -17.51 -21.21
N THR A 301 -4.43 -17.78 -20.84
CA THR A 301 -3.34 -16.83 -20.97
C THR A 301 -3.18 -16.47 -22.46
N ARG A 302 -3.12 -17.45 -23.35
CA ARG A 302 -2.99 -17.18 -24.81
C ARG A 302 -4.20 -16.35 -25.29
N ALA A 303 -5.39 -16.62 -24.76
CA ALA A 303 -6.59 -15.87 -25.20
C ALA A 303 -6.45 -14.40 -24.78
N TYR A 304 -6.01 -14.16 -23.54
CA TYR A 304 -5.83 -12.80 -22.99
C TYR A 304 -4.79 -12.08 -23.87
N PHE A 305 -3.62 -12.70 -24.12
CA PHE A 305 -2.53 -12.00 -24.84
C PHE A 305 -2.96 -11.74 -26.28
N THR A 306 -3.71 -12.64 -26.89
CA THR A 306 -4.26 -12.37 -28.25
C THR A 306 -5.10 -11.08 -28.23
N SER A 307 -6.06 -11.03 -27.31
CA SER A 307 -7.08 -9.96 -27.25
C SER A 307 -6.42 -8.62 -26.90
N ALA A 308 -5.58 -8.59 -25.87
CA ALA A 308 -4.91 -7.36 -25.41
C ALA A 308 -4.02 -6.81 -26.55
N THR A 309 -3.33 -7.68 -27.25
CA THR A 309 -2.45 -7.25 -28.35
C THR A 309 -3.32 -6.59 -29.45
N MET A 310 -4.46 -7.19 -29.80
CA MET A 310 -5.25 -6.62 -30.93
C MET A 310 -5.75 -5.20 -30.62
N ILE A 311 -6.00 -4.89 -29.34
N ILE A 311 -6.10 -4.87 -29.38
CA ILE A 311 -6.56 -3.60 -28.88
CA ILE A 311 -6.82 -3.59 -29.13
C ILE A 311 -5.65 -2.45 -29.36
C ILE A 311 -5.88 -2.41 -29.42
N ILE A 312 -4.34 -2.65 -29.41
N ILE A 312 -4.56 -2.62 -29.46
CA ILE A 312 -3.39 -1.60 -29.88
CA ILE A 312 -3.62 -1.50 -29.80
C ILE A 312 -3.78 -1.04 -31.27
C ILE A 312 -3.86 -1.00 -31.24
N ALA A 313 -4.49 -1.80 -32.11
CA ALA A 313 -4.87 -1.34 -33.46
C ALA A 313 -5.79 -0.12 -33.35
N ILE A 314 -6.57 0.01 -32.27
CA ILE A 314 -7.57 1.12 -32.19
C ILE A 314 -6.85 2.45 -32.05
N PRO A 315 -6.02 2.71 -31.01
CA PRO A 315 -5.33 3.99 -30.95
C PRO A 315 -4.41 4.20 -32.16
N THR A 316 -3.77 3.15 -32.64
CA THR A 316 -2.84 3.27 -33.79
C THR A 316 -3.64 3.72 -35.01
N GLY A 317 -4.81 3.14 -35.22
CA GLY A 317 -5.68 3.57 -36.33
C GLY A 317 -6.06 5.04 -36.26
N VAL A 318 -6.36 5.54 -35.05
CA VAL A 318 -6.69 6.97 -34.87
C VAL A 318 -5.52 7.81 -35.39
N LYS A 319 -4.27 7.39 -35.13
CA LYS A 319 -3.13 8.20 -35.62
C LYS A 319 -3.07 8.14 -37.15
N VAL A 320 -3.23 6.96 -37.76
CA VAL A 320 -3.12 6.82 -39.24
C VAL A 320 -4.18 7.69 -39.89
N PHE A 321 -5.39 7.58 -39.40
CA PHE A 321 -6.52 8.34 -39.98
C PHE A 321 -6.32 9.84 -39.72
N SER A 322 -5.75 10.21 -38.58
CA SER A 322 -5.47 11.64 -38.27
C SER A 322 -4.41 12.19 -39.22
N TRP A 323 -3.37 11.41 -39.55
CA TRP A 323 -2.39 11.83 -40.58
C TRP A 323 -3.11 12.02 -41.93
N LEU A 324 -3.99 11.11 -42.31
CA LEU A 324 -4.71 11.27 -43.60
C LEU A 324 -5.55 12.53 -43.54
N ALA A 325 -6.20 12.77 -42.40
CA ALA A 325 -7.05 13.98 -42.22
C ALA A 325 -6.18 15.25 -42.16
N THR A 326 -4.88 15.18 -41.83
CA THR A 326 -3.98 16.35 -41.88
C THR A 326 -3.69 16.69 -43.35
N LEU A 327 -3.47 15.67 -44.19
CA LEU A 327 -3.22 15.84 -45.64
C LEU A 327 -4.45 16.47 -46.30
N HIS A 328 -5.65 16.07 -45.86
CA HIS A 328 -6.94 16.46 -46.45
C HIS A 328 -7.00 17.99 -46.55
N GLY A 329 -7.14 18.50 -47.76
CA GLY A 329 -7.26 19.96 -47.93
C GLY A 329 -5.93 20.68 -47.89
N GLY A 330 -4.82 19.97 -47.79
CA GLY A 330 -3.53 20.65 -47.72
C GLY A 330 -3.13 21.28 -49.04
N ASN A 331 -2.29 22.29 -48.95
CA ASN A 331 -1.44 22.75 -50.07
C ASN A 331 -0.20 21.84 -50.03
N ILE A 332 -0.24 20.72 -50.75
CA ILE A 332 0.76 19.64 -50.56
C ILE A 332 2.06 20.11 -51.19
N LYS A 333 3.15 20.09 -50.44
CA LYS A 333 4.49 20.29 -51.01
C LYS A 333 5.16 18.92 -51.09
N TRP A 334 5.49 18.49 -52.31
CA TRP A 334 6.07 17.16 -52.60
C TRP A 334 7.57 17.21 -52.36
N SER A 335 7.95 17.57 -51.15
CA SER A 335 9.36 17.57 -50.70
C SER A 335 9.81 16.13 -50.50
N PRO A 336 11.14 15.92 -50.50
CA PRO A 336 11.65 14.60 -50.12
C PRO A 336 11.13 14.14 -48.73
N ALA A 337 11.09 15.03 -47.74
CA ALA A 337 10.62 14.67 -46.39
C ALA A 337 9.15 14.18 -46.47
N MET A 338 8.33 14.85 -47.29
CA MET A 338 6.91 14.42 -47.44
C MET A 338 6.86 13.01 -48.03
N MET A 339 7.72 12.69 -49.01
CA MET A 339 7.73 11.36 -49.64
C MET A 339 8.05 10.31 -48.58
N TRP A 340 9.06 10.55 -47.74
CA TRP A 340 9.39 9.62 -46.63
C TRP A 340 8.13 9.42 -45.76
N ALA A 341 7.43 10.49 -45.42
CA ALA A 341 6.32 10.43 -44.47
C ALA A 341 5.17 9.67 -45.12
N LEU A 342 4.94 9.88 -46.41
CA LEU A 342 3.80 9.18 -47.08
C LEU A 342 4.12 7.69 -47.20
N GLY A 343 5.36 7.37 -47.52
CA GLY A 343 5.80 5.95 -47.52
C GLY A 343 5.62 5.36 -46.14
N PHE A 344 5.96 6.12 -45.09
CA PHE A 344 5.77 5.68 -43.69
C PHE A 344 4.30 5.29 -43.46
N ILE A 345 3.37 6.20 -43.79
CA ILE A 345 1.95 5.96 -43.40
C ILE A 345 1.53 4.61 -43.99
N PHE A 346 1.85 4.37 -45.25
CA PHE A 346 1.38 3.16 -45.97
C PHE A 346 2.11 1.91 -45.45
N LEU A 347 3.44 1.94 -45.43
CA LEU A 347 4.26 0.75 -45.14
C LEU A 347 4.13 0.39 -43.65
N PHE A 348 4.08 1.39 -42.77
CA PHE A 348 3.83 1.11 -41.33
C PHE A 348 2.47 0.42 -41.19
N THR A 349 1.46 0.91 -41.92
CA THR A 349 0.12 0.30 -41.86
C THR A 349 0.23 -1.19 -42.24
N VAL A 350 0.90 -1.51 -43.36
CA VAL A 350 1.02 -2.95 -43.77
C VAL A 350 1.70 -3.74 -42.65
N GLY A 351 2.81 -3.26 -42.10
CA GLY A 351 3.51 -4.01 -41.04
C GLY A 351 2.66 -4.10 -39.76
N GLY A 352 1.89 -3.07 -39.44
CA GLY A 352 0.96 -3.12 -38.29
C GLY A 352 -0.05 -4.21 -38.50
N LEU A 353 -0.54 -4.33 -39.73
CA LEU A 353 -1.61 -5.30 -40.02
C LEU A 353 -1.03 -6.72 -39.95
N THR A 354 0.22 -6.96 -40.40
CA THR A 354 0.79 -8.32 -40.26
C THR A 354 1.05 -8.59 -38.78
N GLY A 355 1.28 -7.57 -37.97
CA GLY A 355 1.34 -7.73 -36.51
C GLY A 355 0.03 -8.25 -35.94
N ILE A 356 -1.07 -7.70 -36.44
CA ILE A 356 -2.43 -8.16 -36.01
C ILE A 356 -2.64 -9.62 -36.43
N VAL A 357 -2.13 -10.04 -37.58
CA VAL A 357 -2.20 -11.49 -37.94
C VAL A 357 -1.46 -12.31 -36.85
N LEU A 358 -0.24 -11.89 -36.53
CA LEU A 358 0.61 -12.59 -35.53
C LEU A 358 0.00 -12.56 -34.13
N ALA A 359 -0.81 -11.57 -33.79
CA ALA A 359 -1.43 -11.47 -32.46
C ALA A 359 -2.34 -12.67 -32.20
N ASN A 360 -2.84 -13.33 -33.25
CA ASN A 360 -3.72 -14.50 -33.12
C ASN A 360 -2.89 -15.72 -32.74
N SER A 361 -2.88 -16.14 -31.46
N SER A 361 -2.93 -16.09 -31.45
CA SER A 361 -2.02 -17.24 -30.98
CA SER A 361 -2.12 -17.19 -30.85
C SER A 361 -2.21 -18.48 -31.88
C SER A 361 -2.34 -18.48 -31.64
N SER A 362 -3.44 -18.87 -32.20
N SER A 362 -3.49 -18.70 -32.24
CA SER A 362 -3.67 -20.09 -33.02
CA SER A 362 -3.75 -19.96 -32.98
C SER A 362 -2.86 -20.00 -34.31
C SER A 362 -2.90 -19.97 -34.25
N LEU A 363 -2.99 -18.90 -35.06
CA LEU A 363 -2.22 -18.76 -36.31
C LEU A 363 -0.71 -18.56 -36.03
N ASP A 364 -0.37 -17.93 -34.93
CA ASP A 364 1.05 -17.70 -34.56
C ASP A 364 1.77 -19.04 -34.32
N ILE A 365 1.04 -20.11 -33.98
CA ILE A 365 1.69 -21.45 -33.85
C ILE A 365 2.49 -21.71 -35.13
N VAL A 366 1.89 -21.45 -36.29
CA VAL A 366 2.49 -21.77 -37.60
C VAL A 366 3.41 -20.63 -38.04
N LEU A 367 3.21 -19.39 -37.60
CA LEU A 367 4.01 -18.24 -38.12
C LEU A 367 5.22 -17.94 -37.23
N HIS A 368 5.18 -18.34 -35.97
CA HIS A 368 6.23 -18.06 -34.98
C HIS A 368 7.57 -18.63 -35.44
N ASP A 369 8.65 -17.87 -35.27
CA ASP A 369 10.01 -18.37 -35.59
C ASP A 369 10.06 -18.68 -37.09
N THR A 370 9.26 -17.94 -37.90
CA THR A 370 9.34 -17.97 -39.37
C THR A 370 9.59 -16.57 -39.91
N TYR A 371 9.94 -16.53 -41.20
CA TYR A 371 10.17 -15.26 -41.91
C TYR A 371 8.89 -14.41 -41.92
N TYR A 372 7.71 -14.91 -41.57
CA TYR A 372 6.53 -14.01 -41.54
C TYR A 372 6.75 -12.93 -40.46
N VAL A 373 7.36 -13.33 -39.35
CA VAL A 373 7.68 -12.39 -38.25
C VAL A 373 8.73 -11.39 -38.76
N VAL A 374 9.70 -11.89 -39.50
CA VAL A 374 10.79 -11.05 -40.05
C VAL A 374 10.16 -10.01 -41.00
N ALA A 375 9.17 -10.43 -41.82
CA ALA A 375 8.48 -9.48 -42.72
C ALA A 375 7.73 -8.42 -41.89
N HIS A 376 6.95 -8.83 -40.92
CA HIS A 376 6.23 -7.88 -40.04
C HIS A 376 7.21 -6.83 -39.52
N PHE A 377 8.28 -7.24 -38.83
CA PHE A 377 9.05 -6.25 -38.07
C PHE A 377 9.92 -5.39 -38.99
N HIS A 378 10.31 -5.85 -40.18
CA HIS A 378 11.07 -4.98 -41.12
C HIS A 378 10.12 -3.99 -41.81
N TYR A 379 8.84 -4.31 -42.03
CA TYR A 379 7.90 -3.28 -42.50
C TYR A 379 7.85 -2.15 -41.44
N VAL A 380 7.73 -2.45 -40.15
CA VAL A 380 7.57 -1.38 -39.12
C VAL A 380 8.94 -0.76 -38.77
N LEU A 381 10.07 -1.48 -38.93
CA LEU A 381 11.40 -0.91 -38.53
C LEU A 381 12.17 -0.35 -39.73
N SER A 382 12.41 -1.18 -40.76
CA SER A 382 13.19 -0.75 -41.93
C SER A 382 12.33 0.11 -42.88
N MET A 383 11.00 0.12 -42.79
CA MET A 383 10.13 1.06 -43.58
C MET A 383 9.29 2.04 -42.73
N GLY A 384 9.21 1.79 -41.48
CA GLY A 384 8.55 2.70 -40.50
C GLY A 384 9.59 3.54 -39.77
N ALA A 385 10.25 2.98 -38.76
CA ALA A 385 11.25 3.75 -37.99
C ALA A 385 12.24 4.44 -38.96
N VAL A 386 12.75 3.72 -39.95
CA VAL A 386 13.82 4.26 -40.84
C VAL A 386 13.23 5.37 -41.71
N PHE A 387 12.00 5.21 -42.21
CA PHE A 387 11.40 6.26 -43.08
C PHE A 387 11.17 7.52 -42.25
N ALA A 388 10.75 7.38 -40.99
CA ALA A 388 10.57 8.55 -40.10
C ALA A 388 11.95 9.23 -39.87
N ILE A 389 13.00 8.42 -39.62
CA ILE A 389 14.36 8.98 -39.46
C ILE A 389 14.76 9.72 -40.73
N MET A 390 14.58 9.13 -41.89
CA MET A 390 15.05 9.79 -43.14
C MET A 390 14.22 11.05 -43.38
N GLY A 391 12.91 10.99 -43.15
CA GLY A 391 12.02 12.17 -43.27
C GLY A 391 12.47 13.28 -42.33
N GLY A 392 12.71 12.93 -41.07
CA GLY A 392 13.15 13.92 -40.08
C GLY A 392 14.51 14.46 -40.47
N PHE A 393 15.38 13.62 -40.97
CA PHE A 393 16.75 14.07 -41.31
C PHE A 393 16.71 15.08 -42.46
N VAL A 394 15.98 14.77 -43.53
N VAL A 394 15.99 14.71 -43.53
CA VAL A 394 15.97 15.70 -44.70
CA VAL A 394 15.83 15.60 -44.71
C VAL A 394 15.16 16.96 -44.34
C VAL A 394 15.20 16.93 -44.28
N HIS A 395 14.13 16.86 -43.50
CA HIS A 395 13.34 18.04 -43.09
C HIS A 395 14.21 18.97 -42.21
N TRP A 396 14.90 18.43 -41.22
CA TRP A 396 15.61 19.29 -40.22
C TRP A 396 17.10 19.47 -40.52
N PHE A 397 17.68 18.78 -41.48
CA PHE A 397 19.11 19.01 -41.85
C PHE A 397 19.41 20.51 -42.01
N PRO A 398 18.58 21.31 -42.71
CA PRO A 398 18.93 22.71 -42.87
C PRO A 398 18.87 23.51 -41.56
N LEU A 399 18.00 23.10 -40.63
CA LEU A 399 17.98 23.72 -39.28
C LEU A 399 19.32 23.41 -38.61
N PHE A 400 19.72 22.15 -38.60
CA PHE A 400 20.91 21.71 -37.85
C PHE A 400 22.17 22.29 -38.46
N SER A 401 22.25 22.33 -39.79
CA SER A 401 23.50 22.63 -40.51
C SER A 401 23.56 24.10 -40.98
N GLY A 402 22.41 24.73 -41.30
CA GLY A 402 22.41 26.02 -42.01
C GLY A 402 22.54 25.86 -43.53
N TYR A 403 22.59 24.62 -44.03
CA TYR A 403 22.75 24.33 -45.49
C TYR A 403 21.57 23.51 -46.01
N THR A 404 21.30 23.64 -47.30
CA THR A 404 20.26 22.83 -47.96
C THR A 404 20.85 21.59 -48.64
N LEU A 405 20.07 20.51 -48.64
CA LEU A 405 20.30 19.34 -49.50
C LEU A 405 19.87 19.66 -50.93
N ASN A 406 20.37 18.87 -51.85
CA ASN A 406 19.86 18.86 -53.24
C ASN A 406 18.57 18.02 -53.23
N ASP A 407 17.42 18.66 -53.43
CA ASP A 407 16.10 17.98 -53.31
C ASP A 407 16.00 16.92 -54.39
N THR A 408 16.53 17.15 -55.56
CA THR A 408 16.43 16.15 -56.66
C THR A 408 17.18 14.87 -56.24
N TRP A 409 18.40 15.03 -55.75
CA TRP A 409 19.16 13.87 -55.23
C TRP A 409 18.36 13.19 -54.11
N ALA A 410 17.77 13.95 -53.20
CA ALA A 410 17.06 13.37 -52.04
C ALA A 410 15.84 12.58 -52.57
N LYS A 411 15.19 13.06 -53.64
CA LYS A 411 14.05 12.30 -54.22
C LYS A 411 14.58 11.02 -54.88
N ILE A 412 15.73 11.08 -55.51
CA ILE A 412 16.35 9.86 -56.13
C ILE A 412 16.62 8.84 -55.02
N HIS A 413 17.21 9.32 -53.91
CA HIS A 413 17.53 8.48 -52.74
C HIS A 413 16.27 7.79 -52.24
N PHE A 414 15.20 8.54 -52.04
CA PHE A 414 13.90 7.98 -51.61
C PHE A 414 13.47 6.86 -52.58
N ALA A 415 13.48 7.12 -53.88
CA ALA A 415 12.97 6.17 -54.89
C ALA A 415 13.78 4.87 -54.83
N ILE A 416 15.11 4.96 -54.75
CA ILE A 416 15.94 3.73 -54.71
C ILE A 416 15.64 2.94 -53.42
N MET A 417 15.60 3.61 -52.27
N MET A 417 15.62 3.61 -52.27
CA MET A 417 15.39 2.94 -50.97
CA MET A 417 15.36 2.94 -50.98
C MET A 417 13.98 2.31 -50.94
C MET A 417 13.99 2.26 -51.03
N PHE A 418 12.98 2.99 -51.51
CA PHE A 418 11.60 2.46 -51.54
C PHE A 418 11.59 1.11 -52.30
N VAL A 419 12.24 1.08 -53.48
CA VAL A 419 12.29 -0.16 -54.29
C VAL A 419 13.05 -1.22 -53.48
N GLY A 420 14.21 -0.87 -52.94
CA GLY A 420 15.07 -1.86 -52.27
C GLY A 420 14.40 -2.50 -51.07
N VAL A 421 13.79 -1.73 -50.19
CA VAL A 421 13.21 -2.32 -48.95
C VAL A 421 11.99 -3.20 -49.31
N ASN A 422 11.16 -2.80 -50.27
CA ASN A 422 9.98 -3.61 -50.63
C ASN A 422 10.45 -4.91 -51.31
N MET A 423 11.47 -4.82 -52.19
N MET A 423 11.46 -4.82 -52.18
CA MET A 423 12.01 -6.02 -52.87
CA MET A 423 12.00 -6.03 -52.85
C MET A 423 12.61 -6.95 -51.81
C MET A 423 12.58 -6.96 -51.79
N THR A 424 13.22 -6.39 -50.76
CA THR A 424 13.84 -7.21 -49.70
C THR A 424 12.75 -7.94 -48.92
N PHE A 425 11.77 -7.23 -48.42
CA PHE A 425 10.91 -7.78 -47.35
C PHE A 425 9.58 -8.33 -47.88
N PHE A 426 9.03 -7.82 -48.98
CA PHE A 426 7.67 -8.31 -49.37
C PHE A 426 7.70 -9.83 -49.56
N PRO A 427 8.70 -10.40 -50.27
CA PRO A 427 8.72 -11.86 -50.49
C PRO A 427 8.91 -12.69 -49.21
N GLN A 428 9.39 -12.07 -48.12
CA GLN A 428 9.61 -12.81 -46.87
C GLN A 428 8.26 -13.24 -46.29
N HIS A 429 7.14 -12.57 -46.63
CA HIS A 429 5.81 -13.08 -46.24
C HIS A 429 5.63 -14.50 -46.78
N PHE A 430 5.99 -14.71 -48.06
CA PHE A 430 5.78 -16.01 -48.74
C PHE A 430 6.66 -17.06 -48.07
N LEU A 431 7.91 -16.70 -47.83
CA LEU A 431 8.84 -17.59 -47.10
C LEU A 431 8.27 -17.95 -45.72
N GLY A 432 7.66 -17.00 -45.00
CA GLY A 432 7.08 -17.32 -43.68
C GLY A 432 5.86 -18.22 -43.77
N LEU A 433 4.88 -17.88 -44.61
CA LEU A 433 3.67 -18.73 -44.74
C LEU A 433 4.08 -20.14 -45.13
N SER A 434 5.06 -20.30 -46.00
CA SER A 434 5.45 -21.63 -46.52
C SER A 434 6.45 -22.31 -45.56
N GLY A 435 6.83 -21.67 -44.46
CA GLY A 435 7.48 -22.35 -43.32
C GLY A 435 9.00 -22.16 -43.19
N MET A 436 9.62 -21.19 -43.85
CA MET A 436 11.07 -20.96 -43.65
C MET A 436 11.34 -20.42 -42.25
N PRO A 437 12.15 -21.15 -41.44
CA PRO A 437 12.48 -20.68 -40.10
C PRO A 437 13.43 -19.48 -40.07
N ARG A 438 13.37 -18.80 -38.95
CA ARG A 438 14.30 -17.72 -38.58
C ARG A 438 15.66 -18.32 -38.17
N ARG A 439 16.69 -17.52 -38.36
CA ARG A 439 18.07 -17.72 -37.83
C ARG A 439 18.71 -18.94 -38.51
N TYR A 440 18.34 -19.18 -39.77
CA TYR A 440 18.92 -20.22 -40.64
C TYR A 440 19.95 -19.63 -41.62
N SER A 441 21.13 -20.25 -41.70
CA SER A 441 22.19 -19.93 -42.68
C SER A 441 21.89 -20.55 -44.06
N ASP A 442 20.95 -21.49 -44.13
CA ASP A 442 20.62 -22.18 -45.40
C ASP A 442 19.22 -22.79 -45.29
N TYR A 443 18.61 -23.03 -46.43
CA TYR A 443 17.16 -23.32 -46.55
C TYR A 443 17.00 -24.46 -47.54
N PRO A 444 15.95 -25.28 -47.34
CA PRO A 444 15.56 -26.24 -48.36
C PRO A 444 15.34 -25.53 -49.70
N ASP A 445 15.62 -26.26 -50.77
CA ASP A 445 15.73 -25.77 -52.16
C ASP A 445 14.45 -25.02 -52.57
N ALA A 446 13.29 -25.45 -52.10
CA ALA A 446 11.99 -24.85 -52.50
C ALA A 446 11.98 -23.32 -52.24
N TYR A 447 12.71 -22.84 -51.26
CA TYR A 447 12.69 -21.43 -50.80
C TYR A 447 13.67 -20.57 -51.60
N THR A 448 14.27 -21.09 -52.67
CA THR A 448 15.38 -20.40 -53.36
C THR A 448 14.88 -19.11 -54.03
N MET A 449 13.77 -19.15 -54.79
CA MET A 449 13.40 -17.95 -55.60
C MET A 449 13.21 -16.74 -54.67
N TRP A 450 12.40 -16.85 -53.61
CA TRP A 450 12.11 -15.65 -52.78
C TRP A 450 13.38 -15.20 -52.03
N ASN A 451 14.24 -16.11 -51.61
CA ASN A 451 15.50 -15.69 -50.94
C ASN A 451 16.39 -14.97 -51.95
N THR A 452 16.41 -15.43 -53.20
CA THR A 452 17.24 -14.79 -54.25
C THR A 452 16.77 -13.33 -54.44
N ILE A 453 15.45 -13.15 -54.62
CA ILE A 453 14.85 -11.82 -54.86
C ILE A 453 15.10 -10.95 -53.63
N SER A 454 14.91 -11.48 -52.41
CA SER A 454 15.10 -10.71 -51.16
C SER A 454 16.55 -10.19 -51.10
N SER A 455 17.53 -11.04 -51.44
CA SER A 455 18.95 -10.65 -51.38
C SER A 455 19.21 -9.54 -52.42
N MET A 456 18.63 -9.67 -53.60
CA MET A 456 18.82 -8.63 -54.65
C MET A 456 18.28 -7.30 -54.13
N GLY A 457 17.13 -7.34 -53.43
CA GLY A 457 16.56 -6.15 -52.77
C GLY A 457 17.57 -5.49 -51.83
N SER A 458 18.25 -6.31 -51.04
CA SER A 458 19.17 -5.77 -50.02
C SER A 458 20.29 -4.99 -50.72
N PHE A 459 20.71 -5.38 -51.91
CA PHE A 459 21.79 -4.69 -52.67
C PHE A 459 21.29 -3.33 -53.17
N ILE A 460 20.00 -3.25 -53.52
CA ILE A 460 19.40 -1.96 -53.94
C ILE A 460 19.39 -0.99 -52.75
N SER A 461 19.03 -1.49 -51.57
CA SER A 461 19.10 -0.70 -50.32
C SER A 461 20.54 -0.26 -50.04
N LEU A 462 21.53 -1.12 -50.26
CA LEU A 462 22.94 -0.69 -50.10
C LEU A 462 23.25 0.51 -51.00
N THR A 463 22.81 0.47 -52.25
CA THR A 463 23.03 1.57 -53.22
C THR A 463 22.42 2.88 -52.68
N ALA A 464 21.21 2.81 -52.11
CA ALA A 464 20.57 3.98 -51.43
C ALA A 464 21.46 4.49 -50.29
N VAL A 465 21.95 3.61 -49.42
CA VAL A 465 22.80 4.05 -48.27
C VAL A 465 24.06 4.75 -48.80
N MET A 466 24.69 4.20 -49.80
CA MET A 466 25.92 4.84 -50.35
C MET A 466 25.58 6.22 -50.92
N LEU A 467 24.45 6.32 -51.63
CA LEU A 467 24.06 7.60 -52.24
C LEU A 467 23.78 8.62 -51.13
N MET A 468 23.18 8.21 -50.02
CA MET A 468 22.87 9.14 -48.92
C MET A 468 24.18 9.79 -48.44
N VAL A 469 25.24 9.00 -48.30
CA VAL A 469 26.53 9.57 -47.84
C VAL A 469 26.97 10.63 -48.84
N PHE A 470 26.85 10.35 -50.13
CA PHE A 470 27.25 11.32 -51.15
C PHE A 470 26.38 12.59 -51.05
N ILE A 471 25.09 12.42 -50.79
CA ILE A 471 24.14 13.57 -50.75
C ILE A 471 24.53 14.49 -49.58
N ILE A 472 24.84 13.93 -48.43
CA ILE A 472 25.30 14.74 -47.28
C ILE A 472 26.62 15.44 -47.64
N TRP A 473 27.53 14.73 -48.28
CA TRP A 473 28.80 15.37 -48.71
C TRP A 473 28.48 16.54 -49.64
N GLU A 474 27.59 16.35 -50.60
CA GLU A 474 27.33 17.39 -51.63
C GLU A 474 26.76 18.65 -50.93
N ALA A 475 25.90 18.49 -49.94
CA ALA A 475 25.35 19.63 -49.17
C ALA A 475 26.47 20.43 -48.47
N PHE A 476 27.36 19.75 -47.76
CA PHE A 476 28.46 20.45 -47.06
C PHE A 476 29.48 20.98 -48.08
N ALA A 477 29.64 20.30 -49.23
CA ALA A 477 30.59 20.69 -50.29
C ALA A 477 30.15 22.00 -50.98
N SER A 478 28.85 22.19 -51.20
CA SER A 478 28.29 23.26 -52.04
C SER A 478 28.02 24.51 -51.21
N LYS A 479 27.62 24.32 -49.93
CA LYS A 479 27.33 25.42 -48.96
C LYS A 479 26.26 26.40 -49.50
N ARG A 480 25.06 25.88 -49.79
CA ARG A 480 23.84 26.70 -50.04
C ARG A 480 23.27 27.10 -48.67
N GLU A 481 23.40 28.35 -48.28
CA GLU A 481 22.97 28.83 -46.94
C GLU A 481 21.46 29.12 -46.95
N VAL A 482 20.76 28.64 -45.93
CA VAL A 482 19.30 28.83 -45.76
C VAL A 482 19.03 30.32 -45.67
N LEU A 483 17.96 30.78 -46.31
CA LEU A 483 17.46 32.17 -46.15
C LEU A 483 16.13 32.12 -45.40
N THR A 484 15.05 31.70 -46.03
CA THR A 484 13.73 31.78 -45.36
C THR A 484 13.13 30.39 -45.24
N VAL A 485 12.44 30.23 -44.13
CA VAL A 485 11.67 29.01 -43.85
C VAL A 485 10.21 29.39 -43.64
N ASP A 486 9.28 28.72 -44.30
CA ASP A 486 7.84 28.96 -44.16
C ASP A 486 7.32 28.38 -42.82
N LEU A 487 6.19 28.89 -42.34
CA LEU A 487 5.37 28.31 -41.25
C LEU A 487 6.13 28.38 -39.90
N THR A 488 7.02 29.36 -39.72
CA THR A 488 7.69 29.51 -38.40
C THR A 488 6.64 29.79 -37.32
N THR A 489 5.46 30.35 -37.63
CA THR A 489 4.47 30.66 -36.58
C THR A 489 4.03 29.37 -35.88
N THR A 490 4.15 28.20 -36.52
CA THR A 490 3.73 26.94 -35.85
C THR A 490 4.87 25.94 -35.87
N ASN A 491 6.10 26.42 -35.93
CA ASN A 491 7.30 25.54 -35.89
C ASN A 491 8.45 26.32 -35.22
N LEU A 492 8.35 26.46 -33.90
CA LEU A 492 9.21 27.32 -33.08
C LEU A 492 10.70 26.93 -33.26
N GLU A 493 11.00 25.67 -33.58
CA GLU A 493 12.42 25.24 -33.62
C GLU A 493 13.19 25.99 -34.72
N TRP A 494 12.50 26.53 -35.73
CA TRP A 494 13.11 27.26 -36.86
C TRP A 494 13.27 28.76 -36.55
N LEU A 495 12.65 29.28 -35.48
CA LEU A 495 12.50 30.76 -35.37
C LEU A 495 13.79 31.42 -34.91
N ASN A 496 14.83 30.67 -34.48
CA ASN A 496 16.13 31.27 -34.12
C ASN A 496 17.15 31.17 -35.28
N GLY A 497 16.67 30.85 -36.49
CA GLY A 497 17.52 30.76 -37.68
C GLY A 497 18.27 29.43 -37.79
N CYS A 498 19.08 29.34 -38.84
CA CYS A 498 19.69 28.08 -39.31
C CYS A 498 21.19 28.25 -39.52
N PRO A 499 22.07 27.63 -38.71
CA PRO A 499 21.68 26.94 -37.49
C PRO A 499 21.36 27.97 -36.42
N PRO A 500 20.61 27.60 -35.37
CA PRO A 500 20.40 28.51 -34.26
C PRO A 500 21.69 28.78 -33.49
N PRO A 501 21.80 29.92 -32.79
CA PRO A 501 22.99 30.18 -31.99
C PRO A 501 23.22 29.10 -30.93
N TYR A 502 24.46 28.99 -30.45
CA TYR A 502 24.83 28.00 -29.42
C TYR A 502 23.87 28.09 -28.23
N HIS A 503 23.66 29.32 -27.73
CA HIS A 503 22.65 29.63 -26.70
C HIS A 503 21.39 30.19 -27.36
N THR A 504 20.29 29.50 -27.21
CA THR A 504 18.95 30.02 -27.59
C THR A 504 18.10 30.17 -26.31
N PHE A 505 17.12 31.05 -26.40
CA PHE A 505 16.13 31.32 -25.34
C PHE A 505 16.88 31.74 -24.06
N GLU A 506 17.99 32.46 -24.18
CA GLU A 506 18.62 33.12 -23.01
C GLU A 506 17.59 34.07 -22.37
N GLU A 507 16.87 34.78 -23.22
CA GLU A 507 15.64 35.47 -22.81
C GLU A 507 14.50 34.55 -23.24
N PRO A 508 13.67 34.08 -22.31
CA PRO A 508 12.64 33.12 -22.66
C PRO A 508 11.53 33.80 -23.49
N THR A 509 10.72 32.97 -24.12
CA THR A 509 9.50 33.42 -24.83
C THR A 509 8.55 34.10 -23.86
N TYR A 510 7.75 35.02 -24.39
CA TYR A 510 6.63 35.68 -23.67
C TYR A 510 5.37 34.94 -24.10
N VAL A 511 4.69 34.32 -23.15
CA VAL A 511 3.38 33.67 -23.40
C VAL A 511 2.44 34.08 -22.29
N ASN A 512 1.32 34.76 -22.57
CA ASN A 512 0.49 35.27 -21.45
C ASN A 512 -0.67 34.28 -21.28
N LEU A 513 -1.43 34.40 -20.20
CA LEU A 513 -2.68 33.64 -19.98
C LEU A 513 -3.90 34.54 -20.21
N ALA B 2 7.21 -27.50 -48.38
CA ALA B 2 7.07 -26.40 -49.30
C ALA B 2 7.54 -26.80 -50.69
N TYR B 3 7.03 -26.10 -51.71
CA TYR B 3 7.33 -26.33 -53.15
C TYR B 3 7.83 -25.01 -53.71
N PRO B 4 8.57 -25.02 -54.82
CA PRO B 4 9.10 -23.77 -55.37
C PRO B 4 8.01 -22.75 -55.72
N MET B 5 8.33 -21.49 -55.43
CA MET B 5 7.51 -20.30 -55.75
C MET B 5 6.24 -20.30 -54.89
N GLN B 6 6.23 -21.04 -53.79
CA GLN B 6 5.03 -21.10 -52.93
C GLN B 6 4.73 -19.72 -52.34
N LEU B 7 3.46 -19.30 -52.35
CA LEU B 7 3.00 -18.01 -51.81
C LEU B 7 2.40 -18.18 -50.42
N GLY B 8 1.62 -19.25 -50.19
CA GLY B 8 0.85 -19.38 -48.95
C GLY B 8 1.25 -20.58 -48.11
N PHE B 9 0.34 -21.02 -47.27
CA PHE B 9 0.60 -22.17 -46.37
C PHE B 9 0.74 -23.47 -47.16
N GLN B 10 1.56 -24.37 -46.66
CA GLN B 10 1.56 -25.80 -47.08
C GLN B 10 0.12 -26.32 -46.96
N ASP B 11 -0.28 -27.21 -47.85
CA ASP B 11 -1.64 -27.79 -47.79
C ASP B 11 -1.86 -28.45 -46.41
N ALA B 12 -3.05 -28.28 -45.86
CA ALA B 12 -3.44 -28.81 -44.55
C ALA B 12 -3.50 -30.35 -44.59
N THR B 13 -2.84 -30.94 -43.62
CA THR B 13 -2.82 -32.40 -43.39
C THR B 13 -3.74 -32.79 -42.23
N SER B 14 -4.09 -31.85 -41.34
CA SER B 14 -4.91 -32.08 -40.12
C SER B 14 -6.12 -31.15 -40.18
N PRO B 15 -7.25 -31.52 -39.53
CA PRO B 15 -8.42 -30.62 -39.48
C PRO B 15 -8.10 -29.23 -38.90
N ILE B 16 -7.30 -29.16 -37.85
N ILE B 16 -7.30 -29.19 -37.85
CA ILE B 16 -6.92 -27.84 -37.25
CA ILE B 16 -6.82 -27.92 -37.21
C ILE B 16 -6.15 -27.03 -38.29
C ILE B 16 -6.14 -27.06 -38.27
N MET B 17 -5.23 -27.65 -39.05
CA MET B 17 -4.52 -26.85 -40.08
C MET B 17 -5.56 -26.33 -41.12
N GLU B 18 -6.57 -27.14 -41.47
N GLU B 18 -6.60 -27.10 -41.49
CA GLU B 18 -7.66 -26.68 -42.40
CA GLU B 18 -7.60 -26.56 -42.46
C GLU B 18 -8.31 -25.42 -41.81
C GLU B 18 -8.32 -25.38 -41.80
N GLU B 19 -8.66 -25.48 -40.51
CA GLU B 19 -9.29 -24.36 -39.76
C GLU B 19 -8.39 -23.13 -39.84
N LEU B 20 -7.07 -23.30 -39.67
CA LEU B 20 -6.14 -22.14 -39.70
C LEU B 20 -6.10 -21.55 -41.11
N LEU B 21 -6.17 -22.37 -42.16
CA LEU B 21 -6.19 -21.83 -43.54
C LEU B 21 -7.42 -20.93 -43.73
N HIS B 22 -8.61 -21.36 -43.33
N HIS B 22 -8.60 -21.39 -43.31
CA HIS B 22 -9.85 -20.56 -43.54
CA HIS B 22 -9.88 -20.63 -43.46
C HIS B 22 -9.78 -19.29 -42.67
C HIS B 22 -9.78 -19.32 -42.66
N PHE B 23 -9.24 -19.38 -41.45
CA PHE B 23 -9.07 -18.21 -40.55
C PHE B 23 -8.07 -17.21 -41.18
N HIS B 24 -6.96 -17.72 -41.72
CA HIS B 24 -5.98 -16.87 -42.44
C HIS B 24 -6.65 -16.21 -43.64
N ASP B 25 -7.43 -16.94 -44.44
CA ASP B 25 -8.11 -16.32 -45.60
C ASP B 25 -8.98 -15.16 -45.10
N HIS B 26 -9.72 -15.35 -44.02
CA HIS B 26 -10.64 -14.30 -43.47
C HIS B 26 -9.80 -13.09 -43.05
N THR B 27 -8.68 -13.35 -42.36
CA THR B 27 -7.85 -12.28 -41.78
C THR B 27 -7.18 -11.54 -42.93
N LEU B 28 -6.67 -12.27 -43.90
CA LEU B 28 -5.93 -11.65 -45.02
C LEU B 28 -6.89 -10.80 -45.85
N MET B 29 -8.15 -11.19 -45.97
CA MET B 29 -9.10 -10.34 -46.73
C MET B 29 -9.16 -8.98 -46.05
N ILE B 30 -9.18 -8.99 -44.71
CA ILE B 30 -9.30 -7.75 -43.89
C ILE B 30 -8.02 -6.92 -44.06
N VAL B 31 -6.87 -7.56 -44.00
CA VAL B 31 -5.56 -6.89 -44.17
C VAL B 31 -5.49 -6.22 -45.55
N PHE B 32 -5.90 -6.95 -46.58
N PHE B 32 -5.90 -6.92 -46.61
CA PHE B 32 -5.91 -6.47 -47.99
CA PHE B 32 -5.83 -6.36 -47.98
C PHE B 32 -6.78 -5.21 -48.08
C PHE B 32 -6.79 -5.17 -48.10
N LEU B 33 -7.99 -5.31 -47.52
CA LEU B 33 -9.03 -4.22 -47.56
C LEU B 33 -8.52 -2.96 -46.84
N ILE B 34 -8.00 -3.13 -45.63
CA ILE B 34 -7.51 -1.96 -44.86
C ILE B 34 -6.30 -1.33 -45.55
N SER B 35 -5.35 -2.15 -45.99
CA SER B 35 -4.14 -1.71 -46.74
C SER B 35 -4.58 -0.91 -47.95
N SER B 36 -5.50 -1.48 -48.71
CA SER B 36 -6.03 -0.88 -49.96
C SER B 36 -6.71 0.44 -49.65
N LEU B 37 -7.56 0.45 -48.64
CA LEU B 37 -8.32 1.67 -48.28
C LEU B 37 -7.35 2.79 -47.89
N VAL B 38 -6.35 2.50 -47.09
CA VAL B 38 -5.35 3.53 -46.70
C VAL B 38 -4.61 4.05 -47.94
N LEU B 39 -4.13 3.17 -48.82
CA LEU B 39 -3.39 3.61 -50.03
C LEU B 39 -4.33 4.47 -50.87
N TYR B 40 -5.56 4.03 -51.03
CA TYR B 40 -6.53 4.77 -51.86
C TYR B 40 -6.75 6.16 -51.25
N ILE B 41 -7.00 6.21 -49.94
CA ILE B 41 -7.23 7.50 -49.25
C ILE B 41 -5.99 8.40 -49.36
N ILE B 42 -4.77 7.90 -49.16
CA ILE B 42 -3.55 8.72 -49.39
C ILE B 42 -3.65 9.34 -50.78
N SER B 43 -3.88 8.50 -51.76
CA SER B 43 -3.88 8.94 -53.17
C SER B 43 -5.02 9.98 -53.35
N LEU B 44 -6.18 9.83 -52.73
CA LEU B 44 -7.27 10.83 -52.85
C LEU B 44 -6.86 12.17 -52.19
N MET B 45 -6.25 12.11 -51.00
CA MET B 45 -5.81 13.33 -50.27
C MET B 45 -4.79 14.13 -51.11
N LEU B 46 -4.04 13.47 -52.00
CA LEU B 46 -2.84 14.04 -52.67
C LEU B 46 -3.14 14.45 -54.11
N THR B 47 -4.38 14.29 -54.60
CA THR B 47 -4.68 14.48 -56.05
C THR B 47 -5.66 15.64 -56.27
N THR B 48 -5.71 16.66 -55.44
CA THR B 48 -6.55 17.84 -55.74
C THR B 48 -5.79 19.14 -55.42
N LYS B 49 -6.00 20.15 -56.24
CA LYS B 49 -5.54 21.54 -56.00
C LYS B 49 -6.52 22.26 -55.05
N LEU B 50 -7.68 21.70 -54.73
CA LEU B 50 -8.61 22.32 -53.76
C LEU B 50 -8.00 22.26 -52.37
N THR B 51 -8.22 23.31 -51.58
CA THR B 51 -7.60 23.42 -50.25
C THR B 51 -8.65 23.81 -49.20
N HIS B 52 -8.33 23.43 -47.97
CA HIS B 52 -9.07 23.74 -46.72
C HIS B 52 -8.06 23.61 -45.58
N THR B 53 -7.46 24.70 -45.14
CA THR B 53 -6.29 24.73 -44.21
C THR B 53 -6.63 25.34 -42.86
N SER B 54 -7.90 25.71 -42.66
CA SER B 54 -8.41 26.27 -41.38
C SER B 54 -8.62 25.08 -40.43
N THR B 55 -8.78 25.35 -39.13
CA THR B 55 -8.96 24.30 -38.08
C THR B 55 -10.16 23.40 -38.42
N MET B 56 -9.96 22.10 -38.32
CA MET B 56 -11.03 21.09 -38.60
C MET B 56 -11.47 20.37 -37.30
N ASP B 57 -12.80 20.26 -37.12
CA ASP B 57 -13.46 19.57 -35.97
C ASP B 57 -13.25 18.05 -36.10
N ALA B 58 -12.72 17.38 -35.04
CA ALA B 58 -12.32 15.96 -35.02
C ALA B 58 -13.40 15.01 -34.42
N GLN B 59 -14.33 15.44 -33.57
CA GLN B 59 -14.96 14.40 -32.68
C GLN B 59 -15.86 13.43 -33.45
N GLU B 60 -16.76 13.93 -34.30
CA GLU B 60 -17.67 13.05 -35.12
C GLU B 60 -16.81 11.97 -35.77
N VAL B 61 -15.77 12.38 -36.50
CA VAL B 61 -15.05 11.44 -37.37
C VAL B 61 -14.31 10.46 -36.46
N GLU B 62 -13.91 10.88 -35.25
CA GLU B 62 -13.14 9.96 -34.39
C GLU B 62 -14.03 8.83 -33.89
N THR B 63 -15.34 9.02 -33.85
CA THR B 63 -16.26 7.92 -33.48
C THR B 63 -16.11 6.78 -34.51
N ILE B 64 -16.17 7.13 -35.79
CA ILE B 64 -16.10 6.14 -36.89
C ILE B 64 -14.74 5.43 -36.77
N TRP B 65 -13.69 6.21 -36.60
CA TRP B 65 -12.26 5.81 -36.62
C TRP B 65 -11.99 4.79 -35.51
N THR B 66 -12.81 4.75 -34.46
CA THR B 66 -12.61 3.84 -33.29
C THR B 66 -13.60 2.67 -33.34
N ILE B 67 -14.86 2.97 -33.59
CA ILE B 67 -15.92 1.92 -33.57
C ILE B 67 -15.68 0.91 -34.71
N LEU B 68 -15.38 1.37 -35.92
CA LEU B 68 -15.26 0.43 -37.06
C LEU B 68 -14.08 -0.50 -36.81
N PRO B 69 -12.89 0.02 -36.46
CA PRO B 69 -11.79 -0.87 -36.07
C PRO B 69 -12.13 -1.80 -34.91
N ALA B 70 -12.87 -1.36 -33.90
CA ALA B 70 -13.24 -2.24 -32.77
C ALA B 70 -14.11 -3.38 -33.30
N ILE B 71 -15.06 -3.08 -34.17
CA ILE B 71 -15.92 -4.13 -34.76
C ILE B 71 -15.05 -5.11 -35.58
N ILE B 72 -14.15 -4.58 -36.38
CA ILE B 72 -13.28 -5.48 -37.21
C ILE B 72 -12.46 -6.38 -36.28
N LEU B 73 -11.89 -5.84 -35.21
CA LEU B 73 -11.08 -6.69 -34.31
C LEU B 73 -11.94 -7.80 -33.69
N ILE B 74 -13.19 -7.49 -33.30
CA ILE B 74 -14.11 -8.52 -32.76
C ILE B 74 -14.34 -9.59 -33.83
N LEU B 75 -14.50 -9.18 -35.09
CA LEU B 75 -14.72 -10.15 -36.21
C LEU B 75 -13.48 -11.03 -36.42
N ILE B 76 -12.29 -10.56 -36.07
CA ILE B 76 -11.08 -11.43 -36.12
C ILE B 76 -11.03 -12.29 -34.85
N ALA B 77 -11.23 -11.68 -33.69
CA ALA B 77 -11.04 -12.35 -32.40
C ALA B 77 -11.98 -13.56 -32.26
N LEU B 78 -13.25 -13.43 -32.68
CA LEU B 78 -14.26 -14.49 -32.48
C LEU B 78 -13.76 -15.81 -33.09
N PRO B 79 -13.49 -15.91 -34.42
CA PRO B 79 -13.02 -17.18 -34.99
C PRO B 79 -11.61 -17.53 -34.47
N SER B 80 -10.78 -16.52 -34.19
CA SER B 80 -9.40 -16.77 -33.65
C SER B 80 -9.50 -17.60 -32.37
N LEU B 81 -10.37 -17.16 -31.46
CA LEU B 81 -10.44 -17.79 -30.12
C LEU B 81 -11.23 -19.10 -30.22
N ARG B 82 -12.21 -19.21 -31.13
CA ARG B 82 -12.88 -20.53 -31.39
C ARG B 82 -11.79 -21.56 -31.72
N ILE B 83 -10.87 -21.23 -32.63
CA ILE B 83 -9.82 -22.20 -33.03
C ILE B 83 -8.87 -22.46 -31.85
N LEU B 84 -8.50 -21.43 -31.09
CA LEU B 84 -7.56 -21.61 -29.94
C LEU B 84 -8.12 -22.68 -29.00
N TYR B 85 -9.40 -22.57 -28.67
CA TYR B 85 -10.05 -23.44 -27.68
C TYR B 85 -10.32 -24.82 -28.30
N MET B 86 -10.63 -24.88 -29.60
CA MET B 86 -10.77 -26.16 -30.32
C MET B 86 -9.44 -26.92 -30.21
N MET B 87 -8.29 -26.31 -30.44
N MET B 87 -8.32 -26.20 -30.42
CA MET B 87 -7.02 -27.08 -30.31
CA MET B 87 -6.88 -26.59 -30.26
C MET B 87 -6.88 -27.56 -28.86
C MET B 87 -6.59 -27.19 -28.88
N ASP B 88 -7.36 -26.78 -27.87
CA ASP B 88 -7.14 -27.12 -26.44
C ASP B 88 -8.11 -28.22 -25.97
N GLU B 89 -9.15 -28.55 -26.74
CA GLU B 89 -10.25 -29.48 -26.31
C GLU B 89 -9.65 -30.86 -26.00
N ILE B 90 -10.28 -31.61 -25.09
CA ILE B 90 -9.93 -32.99 -24.60
C ILE B 90 -10.19 -33.93 -25.78
N ASN B 91 -9.28 -34.83 -26.12
CA ASN B 91 -9.58 -35.66 -27.33
C ASN B 91 -9.44 -37.17 -27.09
N ASN B 92 -8.71 -37.61 -26.05
CA ASN B 92 -8.41 -39.05 -25.82
C ASN B 92 -7.45 -39.59 -26.89
N PRO B 93 -6.14 -39.41 -26.70
CA PRO B 93 -5.18 -39.98 -27.63
C PRO B 93 -5.10 -41.51 -27.47
N SER B 94 -4.74 -42.18 -28.57
CA SER B 94 -4.54 -43.65 -28.66
C SER B 94 -3.09 -44.00 -28.36
N LEU B 95 -2.19 -43.02 -28.44
CA LEU B 95 -0.72 -43.23 -28.48
C LEU B 95 -0.05 -41.99 -27.91
N THR B 96 1.00 -42.17 -27.10
CA THR B 96 1.89 -41.06 -26.69
C THR B 96 3.29 -41.32 -27.25
N VAL B 97 3.83 -40.29 -27.87
CA VAL B 97 5.23 -40.27 -28.37
C VAL B 97 5.94 -39.07 -27.75
N LYS B 98 7.18 -39.28 -27.30
CA LYS B 98 8.02 -38.17 -26.82
C LYS B 98 9.07 -37.84 -27.88
N THR B 99 9.40 -36.55 -28.00
CA THR B 99 10.59 -36.12 -28.74
C THR B 99 11.46 -35.26 -27.82
N MET B 100 12.75 -35.55 -27.83
CA MET B 100 13.79 -34.77 -27.14
C MET B 100 14.69 -34.09 -28.19
N GLY B 101 14.78 -32.75 -28.11
CA GLY B 101 15.74 -31.99 -28.90
C GLY B 101 17.14 -32.13 -28.33
N HIS B 102 18.10 -32.13 -29.21
CA HIS B 102 19.54 -32.18 -28.91
C HIS B 102 20.28 -31.32 -29.93
N GLN B 103 21.47 -30.85 -29.59
CA GLN B 103 22.44 -30.32 -30.57
C GLN B 103 23.11 -31.49 -31.30
N TRP B 104 22.82 -31.74 -32.59
CA TRP B 104 21.78 -31.14 -33.41
C TRP B 104 21.00 -32.28 -34.14
N TYR B 105 20.00 -32.81 -33.46
CA TYR B 105 19.19 -33.97 -33.90
C TYR B 105 18.04 -34.15 -32.90
N TRP B 106 17.03 -34.91 -33.31
CA TRP B 106 15.86 -35.24 -32.49
C TRP B 106 15.97 -36.70 -32.07
N SER B 107 15.64 -37.00 -30.83
CA SER B 107 15.40 -38.40 -30.41
C SER B 107 13.88 -38.59 -30.20
N TYR B 108 13.42 -39.81 -30.40
CA TYR B 108 12.00 -40.17 -30.24
C TYR B 108 11.91 -41.36 -29.28
N GLU B 109 10.89 -41.32 -28.45
CA GLU B 109 10.61 -42.37 -27.47
C GLU B 109 9.15 -42.78 -27.61
N TYR B 110 8.91 -44.06 -27.83
CA TYR B 110 7.54 -44.60 -27.85
C TYR B 110 7.46 -45.63 -26.72
N THR B 111 7.05 -45.21 -25.52
CA THR B 111 7.20 -46.08 -24.31
C THR B 111 5.83 -46.41 -23.68
N ASP B 112 4.76 -46.40 -24.45
CA ASP B 112 3.43 -46.87 -23.93
C ASP B 112 3.50 -48.36 -23.53
N TYR B 113 4.24 -49.17 -24.27
CA TYR B 113 4.25 -50.67 -24.15
C TYR B 113 5.68 -51.22 -24.03
N GLU B 114 6.57 -50.90 -24.95
CA GLU B 114 7.97 -51.39 -25.00
C GLU B 114 8.95 -50.21 -24.91
N ASP B 115 10.24 -50.46 -24.71
CA ASP B 115 11.18 -49.32 -24.64
C ASP B 115 11.71 -49.14 -26.08
N LEU B 116 10.99 -48.40 -26.88
CA LEU B 116 11.41 -48.05 -28.27
C LEU B 116 11.91 -46.61 -28.24
N SER B 117 13.17 -46.41 -28.58
CA SER B 117 13.72 -45.05 -28.75
C SER B 117 14.80 -45.08 -29.82
N PHE B 118 14.99 -43.97 -30.51
CA PHE B 118 16.04 -43.83 -31.55
C PHE B 118 16.30 -42.35 -31.80
N ASP B 119 17.43 -42.10 -32.45
CA ASP B 119 17.91 -40.78 -32.90
C ASP B 119 17.54 -40.58 -34.37
N SER B 120 17.33 -39.32 -34.72
CA SER B 120 16.87 -38.92 -36.07
C SER B 120 17.71 -37.74 -36.51
N TYR B 121 18.61 -38.01 -37.47
CA TYR B 121 19.62 -37.04 -37.97
C TYR B 121 19.32 -36.71 -39.43
N MET B 122 19.64 -35.47 -39.81
CA MET B 122 19.60 -35.01 -41.21
C MET B 122 20.46 -35.94 -42.07
N ILE B 123 19.97 -36.28 -43.25
CA ILE B 123 20.81 -36.98 -44.28
C ILE B 123 21.75 -35.93 -44.84
N PRO B 124 23.11 -36.08 -44.73
CA PRO B 124 24.02 -35.15 -45.37
C PRO B 124 23.76 -35.02 -46.88
N THR B 125 24.05 -33.86 -47.43
CA THR B 125 23.78 -33.53 -48.84
C THR B 125 24.50 -34.54 -49.74
N SER B 126 25.73 -34.91 -49.39
CA SER B 126 26.59 -35.84 -50.19
C SER B 126 26.04 -37.28 -50.13
N GLU B 127 25.11 -37.59 -49.22
CA GLU B 127 24.58 -38.96 -49.08
C GLU B 127 23.11 -39.07 -49.46
N LEU B 128 22.50 -38.00 -49.97
CA LEU B 128 21.12 -38.04 -50.49
C LEU B 128 21.06 -39.07 -51.62
N LYS B 129 20.01 -39.85 -51.59
CA LYS B 129 19.64 -40.73 -52.71
C LYS B 129 18.87 -39.91 -53.73
N PRO B 130 19.02 -40.23 -55.02
CA PRO B 130 18.33 -39.49 -56.07
C PRO B 130 16.83 -39.27 -55.76
N GLY B 131 16.36 -38.03 -55.89
CA GLY B 131 14.95 -37.71 -55.61
C GLY B 131 14.73 -37.17 -54.21
N GLU B 132 15.72 -37.30 -53.32
CA GLU B 132 15.57 -36.91 -51.90
C GLU B 132 15.86 -35.41 -51.74
N LEU B 133 15.32 -34.84 -50.68
CA LEU B 133 15.31 -33.36 -50.48
C LEU B 133 16.46 -32.91 -49.60
N ARG B 134 17.26 -31.99 -50.13
CA ARG B 134 18.36 -31.33 -49.39
C ARG B 134 17.82 -30.69 -48.10
N LEU B 135 18.50 -30.97 -46.99
CA LEU B 135 18.32 -30.43 -45.65
C LEU B 135 17.04 -30.94 -44.97
N LEU B 136 16.25 -31.80 -45.61
CA LEU B 136 14.93 -32.21 -45.05
C LEU B 136 14.85 -33.68 -44.70
N GLU B 137 15.55 -34.56 -45.40
CA GLU B 137 15.46 -36.02 -45.11
C GLU B 137 16.20 -36.33 -43.79
N VAL B 138 15.72 -37.35 -43.10
CA VAL B 138 16.39 -37.92 -41.90
C VAL B 138 16.67 -39.41 -42.16
N ASP B 139 17.59 -39.96 -41.39
CA ASP B 139 17.89 -41.42 -41.46
C ASP B 139 16.69 -42.22 -40.93
N ASN B 140 16.14 -41.82 -39.78
CA ASN B 140 15.11 -42.57 -39.01
C ASN B 140 13.88 -41.69 -38.87
N ARG B 141 12.84 -41.95 -39.67
CA ARG B 141 11.60 -41.14 -39.66
C ARG B 141 10.76 -41.49 -38.42
N VAL B 142 9.88 -40.57 -38.10
CA VAL B 142 8.92 -40.68 -36.98
C VAL B 142 7.69 -41.37 -37.57
N VAL B 143 7.68 -42.70 -37.57
CA VAL B 143 6.55 -43.48 -38.10
C VAL B 143 5.42 -43.36 -37.08
N LEU B 144 4.21 -43.09 -37.58
CA LEU B 144 3.01 -42.85 -36.77
C LEU B 144 1.80 -43.42 -37.52
N PRO B 145 0.76 -43.81 -36.77
CA PRO B 145 -0.49 -44.26 -37.38
C PRO B 145 -1.32 -43.06 -37.87
N MET B 146 -1.78 -43.15 -39.12
CA MET B 146 -2.73 -42.17 -39.72
C MET B 146 -4.12 -42.29 -39.07
N GLU B 147 -4.88 -41.21 -39.11
CA GLU B 147 -6.31 -41.15 -38.73
C GLU B 147 -6.46 -41.49 -37.25
N MET B 148 -5.47 -41.20 -36.43
CA MET B 148 -5.51 -41.45 -34.97
C MET B 148 -4.98 -40.23 -34.20
N THR B 149 -5.63 -39.94 -33.09
CA THR B 149 -5.21 -38.85 -32.17
C THR B 149 -3.95 -39.30 -31.44
N ILE B 150 -2.87 -38.56 -31.63
CA ILE B 150 -1.57 -38.87 -31.01
C ILE B 150 -1.19 -37.73 -30.07
N ARG B 151 -0.78 -38.06 -28.85
CA ARG B 151 -0.18 -37.08 -27.92
C ARG B 151 1.33 -37.05 -28.18
N MET B 152 1.84 -35.88 -28.58
CA MET B 152 3.29 -35.64 -28.74
C MET B 152 3.72 -34.82 -27.52
N LEU B 153 4.74 -35.30 -26.84
CA LEU B 153 5.36 -34.59 -25.69
C LEU B 153 6.77 -34.20 -26.13
N VAL B 154 7.12 -32.95 -25.86
CA VAL B 154 8.35 -32.31 -26.40
C VAL B 154 9.16 -31.76 -25.23
N SER B 155 10.44 -32.09 -25.21
CA SER B 155 11.44 -31.50 -24.31
C SER B 155 12.80 -31.46 -25.02
N SER B 156 13.81 -31.08 -24.26
CA SER B 156 15.20 -30.95 -24.72
C SER B 156 16.11 -31.51 -23.64
N GLU B 157 17.28 -32.00 -24.06
CA GLU B 157 18.34 -32.40 -23.09
C GLU B 157 19.51 -31.41 -23.16
N ASP B 158 19.36 -30.27 -23.83
CA ASP B 158 20.44 -29.26 -23.79
C ASP B 158 19.84 -27.85 -23.87
N VAL B 159 19.91 -27.23 -25.02
CA VAL B 159 19.45 -25.84 -25.19
C VAL B 159 17.99 -25.85 -25.71
N LEU B 160 17.43 -24.68 -25.95
CA LEU B 160 16.06 -24.63 -26.54
C LEU B 160 16.09 -25.18 -27.97
N HIS B 161 15.09 -25.96 -28.34
CA HIS B 161 14.77 -26.26 -29.75
C HIS B 161 13.29 -25.97 -29.92
N SER B 162 12.74 -26.24 -31.09
CA SER B 162 11.26 -26.17 -31.25
C SER B 162 10.86 -27.16 -32.33
N TRP B 163 9.91 -28.03 -31.99
CA TRP B 163 9.47 -29.15 -32.86
C TRP B 163 8.27 -28.68 -33.71
N ALA B 164 8.46 -28.54 -35.03
CA ALA B 164 7.47 -27.94 -35.95
C ALA B 164 7.19 -28.89 -37.10
N VAL B 165 5.91 -28.96 -37.50
CA VAL B 165 5.47 -29.63 -38.73
C VAL B 165 4.38 -28.73 -39.32
N PRO B 166 4.76 -27.79 -40.21
CA PRO B 166 3.81 -26.81 -40.73
C PRO B 166 2.52 -27.42 -41.33
N SER B 167 2.58 -28.54 -42.04
CA SER B 167 1.34 -29.01 -42.71
C SER B 167 0.35 -29.58 -41.69
N LEU B 168 0.77 -29.90 -40.47
CA LEU B 168 -0.14 -30.37 -39.40
C LEU B 168 -0.52 -29.20 -38.47
N GLY B 169 0.03 -28.00 -38.69
CA GLY B 169 -0.23 -26.83 -37.83
C GLY B 169 0.51 -26.92 -36.52
N LEU B 170 1.69 -27.53 -36.50
CA LEU B 170 2.33 -27.87 -35.18
C LEU B 170 3.59 -27.05 -34.97
N LYS B 171 3.74 -26.53 -33.76
CA LYS B 171 5.01 -25.91 -33.31
C LYS B 171 4.99 -25.86 -31.80
N THR B 172 5.83 -26.68 -31.19
CA THR B 172 5.93 -26.80 -29.72
C THR B 172 7.39 -26.64 -29.31
N ASP B 173 7.64 -25.67 -28.46
CA ASP B 173 9.03 -25.43 -27.99
C ASP B 173 9.52 -26.61 -27.14
N ALA B 174 10.83 -26.90 -27.28
CA ALA B 174 11.53 -28.01 -26.61
C ALA B 174 12.47 -27.36 -25.57
N ILE B 175 12.05 -27.42 -24.31
CA ILE B 175 12.65 -26.68 -23.17
C ILE B 175 13.15 -27.70 -22.17
N PRO B 176 14.45 -27.64 -21.80
CA PRO B 176 14.95 -28.60 -20.83
C PRO B 176 14.21 -28.38 -19.51
N GLY B 177 13.88 -29.49 -18.88
CA GLY B 177 13.20 -29.52 -17.57
C GLY B 177 11.70 -29.36 -17.71
N ARG B 178 11.18 -29.29 -18.95
CA ARG B 178 9.73 -29.05 -19.18
C ARG B 178 9.22 -30.07 -20.20
N LEU B 179 8.02 -30.58 -19.98
CA LEU B 179 7.38 -31.53 -20.91
C LEU B 179 6.17 -30.83 -21.55
N ASN B 180 6.29 -30.36 -22.78
CA ASN B 180 5.19 -29.64 -23.44
C ASN B 180 4.38 -30.65 -24.27
N GLN B 181 3.07 -30.52 -24.21
CA GLN B 181 2.15 -31.42 -24.94
C GLN B 181 1.50 -30.74 -26.14
N THR B 182 1.36 -31.47 -27.23
CA THR B 182 0.48 -31.11 -28.37
C THR B 182 -0.17 -32.41 -28.86
N THR B 183 -1.20 -32.27 -29.68
CA THR B 183 -1.90 -33.39 -30.33
C THR B 183 -1.73 -33.25 -31.84
N LEU B 184 -1.63 -34.41 -32.47
CA LEU B 184 -1.25 -34.61 -33.89
C LEU B 184 -2.35 -35.55 -34.39
N MET B 185 -3.03 -35.22 -35.47
CA MET B 185 -3.93 -36.21 -36.12
C MET B 185 -3.79 -36.01 -37.63
N SER B 186 -3.23 -36.97 -38.38
CA SER B 186 -3.14 -36.81 -39.86
C SER B 186 -4.36 -37.43 -40.53
N SER B 187 -5.00 -36.67 -41.40
CA SER B 187 -6.14 -37.14 -42.24
C SER B 187 -5.63 -38.07 -43.34
N ARG B 188 -4.31 -38.13 -43.56
CA ARG B 188 -3.75 -38.79 -44.76
C ARG B 188 -2.45 -39.53 -44.42
N PRO B 189 -2.15 -40.62 -45.15
CA PRO B 189 -0.83 -41.23 -45.13
C PRO B 189 0.13 -40.22 -45.79
N GLY B 190 1.42 -40.45 -45.61
CA GLY B 190 2.44 -39.74 -46.37
C GLY B 190 3.63 -39.34 -45.54
N LEU B 191 4.40 -38.40 -46.08
CA LEU B 191 5.61 -37.87 -45.45
C LEU B 191 5.36 -36.38 -45.21
N TYR B 192 5.53 -35.97 -43.97
CA TYR B 192 5.28 -34.58 -43.52
C TYR B 192 6.55 -34.07 -42.81
N TYR B 193 7.04 -32.93 -43.26
CA TYR B 193 8.38 -32.40 -42.95
C TYR B 193 8.26 -31.13 -42.08
N GLY B 194 9.25 -30.96 -41.20
CA GLY B 194 9.43 -29.73 -40.42
C GLY B 194 10.89 -29.54 -40.06
N GLN B 195 11.18 -28.43 -39.40
CA GLN B 195 12.56 -28.01 -39.15
C GLN B 195 12.61 -27.37 -37.76
N CYS B 196 13.74 -27.55 -37.08
CA CYS B 196 13.93 -26.96 -35.74
C CYS B 196 13.66 -25.45 -35.79
N SER B 197 12.82 -24.99 -34.85
CA SER B 197 12.22 -23.63 -34.88
C SER B 197 12.59 -22.83 -33.62
N GLU B 198 13.77 -23.10 -33.07
CA GLU B 198 14.42 -22.24 -32.04
C GLU B 198 15.96 -22.36 -32.18
N ILE B 199 16.53 -21.14 -32.34
CA ILE B 199 17.99 -21.00 -32.53
C ILE B 199 18.68 -21.83 -31.43
N CYS B 200 19.54 -22.77 -31.85
CA CYS B 200 20.11 -23.77 -30.92
C CYS B 200 21.60 -24.01 -31.22
N GLY B 201 22.23 -23.10 -31.97
CA GLY B 201 23.69 -23.16 -32.19
C GLY B 201 24.05 -23.56 -33.61
N SER B 202 25.24 -24.13 -33.77
CA SER B 202 25.97 -24.30 -35.06
C SER B 202 25.14 -24.99 -36.13
N ASN B 203 24.26 -25.96 -35.77
CA ASN B 203 23.55 -26.74 -36.81
C ASN B 203 22.03 -26.68 -36.62
N HIS B 204 21.55 -25.52 -36.21
CA HIS B 204 20.12 -25.13 -36.09
C HIS B 204 19.39 -25.35 -37.42
N SER B 205 20.04 -25.06 -38.55
CA SER B 205 19.46 -25.18 -39.92
C SER B 205 19.32 -26.65 -40.35
N PHE B 206 19.90 -27.61 -39.61
CA PHE B 206 20.25 -28.97 -40.11
C PHE B 206 19.79 -30.05 -39.12
N MET B 207 18.63 -29.87 -38.50
CA MET B 207 18.05 -30.90 -37.61
C MET B 207 16.54 -30.99 -37.86
N PRO B 208 16.17 -31.53 -39.04
CA PRO B 208 14.77 -31.58 -39.45
C PRO B 208 13.96 -32.75 -38.85
N ILE B 209 12.68 -32.71 -39.15
CA ILE B 209 11.63 -33.61 -38.64
C ILE B 209 10.93 -34.21 -39.84
N VAL B 210 10.82 -35.53 -39.89
CA VAL B 210 10.06 -36.25 -40.95
C VAL B 210 9.09 -37.22 -40.27
N LEU B 211 7.80 -36.95 -40.44
CA LEU B 211 6.72 -37.86 -39.99
C LEU B 211 6.39 -38.79 -41.17
N GLU B 212 6.23 -40.08 -40.87
CA GLU B 212 5.80 -41.08 -41.86
C GLU B 212 4.47 -41.65 -41.38
N LEU B 213 3.37 -41.32 -42.05
CA LEU B 213 2.00 -41.62 -41.60
C LEU B 213 1.51 -42.82 -42.42
N VAL B 214 1.15 -43.90 -41.71
CA VAL B 214 0.80 -45.21 -42.34
C VAL B 214 -0.33 -45.85 -41.53
N PRO B 215 -1.00 -46.89 -42.08
CA PRO B 215 -2.03 -47.63 -41.35
C PRO B 215 -1.49 -48.22 -40.05
N LEU B 216 -2.36 -48.25 -39.03
CA LEU B 216 -2.04 -48.80 -37.70
C LEU B 216 -1.26 -50.13 -37.81
N LYS B 217 -1.69 -51.08 -38.65
CA LYS B 217 -1.06 -52.43 -38.72
C LYS B 217 0.41 -52.27 -39.13
N TYR B 218 0.68 -51.38 -40.09
CA TYR B 218 2.08 -51.11 -40.50
C TYR B 218 2.87 -50.47 -39.35
N PHE B 219 2.28 -49.49 -38.65
CA PHE B 219 2.94 -48.85 -37.50
C PHE B 219 3.28 -49.90 -36.42
N GLU B 220 2.35 -50.81 -36.12
CA GLU B 220 2.60 -51.85 -35.07
C GLU B 220 3.80 -52.73 -35.46
N LYS B 221 3.87 -53.17 -36.73
CA LYS B 221 4.96 -54.07 -37.20
C LYS B 221 6.29 -53.29 -37.20
N TRP B 222 6.28 -52.04 -37.67
CA TRP B 222 7.47 -51.18 -37.63
C TRP B 222 7.97 -51.06 -36.18
N SER B 223 7.05 -50.79 -35.25
CA SER B 223 7.36 -50.62 -33.81
C SER B 223 8.09 -51.85 -33.30
N ALA B 224 7.51 -53.01 -33.58
CA ALA B 224 8.10 -54.30 -33.15
C ALA B 224 9.50 -54.44 -33.74
N SER B 225 9.69 -54.05 -34.99
CA SER B 225 10.96 -54.25 -35.72
C SER B 225 12.05 -53.28 -35.20
N MET B 226 11.68 -52.23 -34.50
CA MET B 226 12.57 -51.16 -34.03
C MET B 226 13.05 -51.42 -32.59
N LEU B 227 12.64 -52.50 -31.95
CA LEU B 227 13.03 -52.75 -30.54
C LEU B 227 14.49 -53.17 -30.44
N GLN C 4 21.18 36.06 -19.19
CA GLN C 4 19.96 35.17 -19.11
C GLN C 4 18.87 35.87 -18.28
N THR C 5 17.62 35.75 -18.70
CA THR C 5 16.44 36.20 -17.92
C THR C 5 15.48 35.03 -17.73
N HIS C 6 16.00 33.80 -17.73
CA HIS C 6 15.31 32.63 -17.15
C HIS C 6 16.03 32.19 -15.88
N ALA C 7 15.44 31.26 -15.11
CA ALA C 7 15.93 30.82 -13.80
C ALA C 7 16.74 29.52 -13.88
N TYR C 8 17.04 29.00 -15.05
CA TYR C 8 17.64 27.64 -15.20
C TYR C 8 19.16 27.72 -15.27
N HIS C 9 19.79 26.58 -15.03
CA HIS C 9 21.24 26.49 -14.78
C HIS C 9 21.96 26.05 -16.07
N MET C 10 22.71 26.95 -16.68
CA MET C 10 23.63 26.60 -17.79
C MET C 10 24.95 26.13 -17.13
N VAL C 11 25.23 24.84 -17.25
CA VAL C 11 26.34 24.17 -16.53
C VAL C 11 27.66 24.43 -17.30
N ASN C 12 28.71 24.71 -16.54
CA ASN C 12 30.05 24.85 -17.15
C ASN C 12 30.43 23.52 -17.83
N PRO C 13 31.09 23.60 -19.01
CA PRO C 13 31.59 22.41 -19.67
C PRO C 13 32.40 21.58 -18.66
N SER C 14 32.15 20.27 -18.65
CA SER C 14 32.60 19.36 -17.57
C SER C 14 33.21 18.09 -18.16
N PRO C 15 34.34 17.62 -17.59
CA PRO C 15 34.93 16.35 -17.98
C PRO C 15 34.32 15.11 -17.31
N TRP C 16 33.43 15.29 -16.32
CA TRP C 16 33.01 14.15 -15.48
C TRP C 16 32.10 13.20 -16.27
N PRO C 17 31.24 13.68 -17.21
CA PRO C 17 30.48 12.75 -18.03
C PRO C 17 31.41 11.77 -18.77
N LEU C 18 32.50 12.27 -19.35
CA LEU C 18 33.45 11.41 -20.09
C LEU C 18 34.17 10.48 -19.08
N THR C 19 34.63 10.99 -17.95
CA THR C 19 35.35 10.10 -17.00
C THR C 19 34.37 9.06 -16.45
N GLY C 20 33.10 9.42 -16.26
CA GLY C 20 32.10 8.44 -15.81
C GLY C 20 31.88 7.36 -16.86
N ALA C 21 31.68 7.76 -18.12
CA ALA C 21 31.47 6.83 -19.25
C ALA C 21 32.68 5.91 -19.36
N LEU C 22 33.87 6.45 -19.20
CA LEU C 22 35.06 5.56 -19.32
C LEU C 22 35.18 4.65 -18.10
N SER C 23 34.83 5.13 -16.91
N SER C 23 34.85 5.15 -16.92
CA SER C 23 34.84 4.28 -15.69
CA SER C 23 34.80 4.31 -15.69
C SER C 23 33.87 3.11 -15.88
C SER C 23 33.90 3.10 -15.94
N ALA C 24 32.73 3.33 -16.58
CA ALA C 24 31.78 2.25 -16.92
C ALA C 24 32.45 1.20 -17.83
N LEU C 25 33.19 1.65 -18.84
CA LEU C 25 33.94 0.76 -19.74
C LEU C 25 34.95 -0.02 -18.90
N LEU C 26 35.68 0.66 -18.01
CA LEU C 26 36.76 -0.03 -17.26
C LEU C 26 36.15 -1.04 -16.26
N MET C 27 35.00 -0.72 -15.64
CA MET C 27 34.34 -1.64 -14.69
C MET C 27 33.79 -2.88 -15.41
N THR C 28 33.19 -2.72 -16.59
CA THR C 28 32.58 -3.85 -17.32
C THR C 28 33.67 -4.72 -17.96
N SER C 29 34.60 -4.10 -18.69
CA SER C 29 35.73 -4.83 -19.26
C SER C 29 36.53 -5.45 -18.10
N GLY C 30 36.61 -4.79 -16.95
CA GLY C 30 37.28 -5.30 -15.74
C GLY C 30 36.61 -6.55 -15.20
N LEU C 31 35.29 -6.55 -15.09
CA LEU C 31 34.53 -7.73 -14.63
C LEU C 31 34.75 -8.88 -15.62
N THR C 32 34.78 -8.58 -16.91
CA THR C 32 35.03 -9.58 -17.98
C THR C 32 36.39 -10.22 -17.71
N MET C 33 37.41 -9.37 -17.45
N MET C 33 37.42 -9.40 -17.49
CA MET C 33 38.82 -9.78 -17.28
CA MET C 33 38.79 -9.94 -17.30
C MET C 33 38.99 -10.58 -15.97
C MET C 33 38.81 -10.77 -16.02
N TRP C 34 38.16 -10.28 -14.95
CA TRP C 34 38.11 -11.03 -13.67
C TRP C 34 37.42 -12.38 -13.85
N PHE C 35 36.26 -12.43 -14.49
CA PHE C 35 35.51 -13.70 -14.69
C PHE C 35 36.22 -14.66 -15.67
N HIS C 36 36.97 -14.18 -16.66
CA HIS C 36 37.50 -15.02 -17.76
C HIS C 36 39.03 -15.07 -17.87
N PHE C 37 39.76 -14.08 -17.38
CA PHE C 37 41.21 -13.99 -17.65
C PHE C 37 41.93 -13.82 -16.32
N ASN C 38 41.27 -14.15 -15.23
CA ASN C 38 41.84 -14.33 -13.89
C ASN C 38 42.57 -13.06 -13.42
N SER C 39 42.07 -11.86 -13.70
CA SER C 39 42.78 -10.60 -13.38
C SER C 39 41.81 -9.51 -12.92
N MET C 40 42.17 -8.80 -11.85
CA MET C 40 41.36 -7.74 -11.21
C MET C 40 41.84 -6.34 -11.59
N THR C 41 42.91 -6.22 -12.37
CA THR C 41 43.57 -4.91 -12.57
C THR C 41 42.61 -3.91 -13.24
N LEU C 42 42.06 -4.23 -14.40
CA LEU C 42 41.12 -3.32 -15.08
C LEU C 42 40.00 -2.94 -14.10
N LEU C 43 39.47 -3.91 -13.38
CA LEU C 43 38.31 -3.67 -12.51
C LEU C 43 38.70 -2.67 -11.42
N MET C 44 39.89 -2.80 -10.84
N MET C 44 39.89 -2.82 -10.81
CA MET C 44 40.29 -1.89 -9.73
CA MET C 44 40.34 -1.89 -9.74
C MET C 44 40.53 -0.47 -10.29
C MET C 44 40.48 -0.48 -10.30
N ILE C 45 41.00 -0.34 -11.53
CA ILE C 45 41.16 0.99 -12.18
C ILE C 45 39.77 1.56 -12.39
N GLY C 46 38.82 0.77 -12.86
CA GLY C 46 37.46 1.28 -13.13
C GLY C 46 36.76 1.70 -11.86
N LEU C 47 36.85 0.91 -10.78
CA LEU C 47 36.24 1.28 -9.48
C LEU C 47 36.86 2.59 -8.97
N THR C 48 38.17 2.74 -9.09
CA THR C 48 38.86 3.99 -8.63
C THR C 48 38.37 5.20 -9.45
N THR C 49 38.34 5.10 -10.78
CA THR C 49 37.93 6.25 -11.62
C THR C 49 36.45 6.52 -11.42
N ASN C 50 35.67 5.47 -11.12
CA ASN C 50 34.21 5.69 -10.87
C ASN C 50 34.07 6.54 -9.58
N MET C 51 34.81 6.20 -8.53
N MET C 51 34.83 6.20 -8.54
CA MET C 51 34.72 6.92 -7.23
CA MET C 51 34.76 6.91 -7.24
C MET C 51 35.24 8.36 -7.42
C MET C 51 35.25 8.36 -7.41
N LEU C 52 36.34 8.55 -8.14
CA LEU C 52 36.89 9.91 -8.45
C LEU C 52 35.84 10.72 -9.20
N THR C 53 35.19 10.11 -10.18
CA THR C 53 34.18 10.82 -10.99
C THR C 53 33.01 11.26 -10.09
N MET C 54 32.45 10.34 -9.33
N MET C 54 32.45 10.35 -9.30
CA MET C 54 31.30 10.61 -8.42
CA MET C 54 31.29 10.66 -8.45
C MET C 54 31.70 11.74 -7.47
C MET C 54 31.67 11.72 -7.42
N TYR C 55 32.85 11.61 -6.84
CA TYR C 55 33.35 12.62 -5.87
C TYR C 55 33.38 14.02 -6.53
N GLN C 56 34.03 14.17 -7.68
CA GLN C 56 34.23 15.51 -8.30
C GLN C 56 32.90 16.02 -8.87
N TRP C 57 32.08 15.15 -9.43
CA TRP C 57 30.80 15.58 -10.03
C TRP C 57 29.91 16.16 -8.91
N TRP C 58 29.74 15.42 -7.82
CA TRP C 58 28.81 15.86 -6.75
C TRP C 58 29.42 17.03 -5.96
N ARG C 59 30.75 17.06 -5.81
CA ARG C 59 31.45 18.24 -5.30
C ARG C 59 31.05 19.47 -6.11
N ASP C 60 31.09 19.35 -7.42
CA ASP C 60 30.78 20.50 -8.33
C ASP C 60 29.30 20.89 -8.16
N VAL C 61 28.40 19.91 -7.95
CA VAL C 61 26.97 20.26 -7.70
C VAL C 61 26.85 21.10 -6.41
N ILE C 62 27.60 20.73 -5.37
CA ILE C 62 27.64 21.54 -4.13
C ILE C 62 28.22 22.94 -4.44
N ARG C 63 29.29 23.02 -5.21
CA ARG C 63 29.90 24.34 -5.59
C ARG C 63 28.82 25.18 -6.27
N GLU C 64 28.07 24.57 -7.21
CA GLU C 64 27.13 25.32 -8.06
C GLU C 64 25.94 25.85 -7.23
N SER C 65 25.61 25.16 -6.15
CA SER C 65 24.36 25.39 -5.38
C SER C 65 24.69 26.19 -4.12
N THR C 66 25.30 25.56 -3.13
CA THR C 66 25.69 26.22 -1.85
C THR C 66 26.60 27.43 -2.13
N PHE C 67 27.61 27.30 -3.01
CA PHE C 67 28.66 28.34 -3.12
C PHE C 67 28.33 29.36 -4.21
N GLN C 68 27.63 28.98 -5.29
CA GLN C 68 27.43 29.88 -6.47
C GLN C 68 25.97 30.33 -6.63
N GLY C 69 25.03 29.68 -5.97
CA GLY C 69 23.62 30.15 -5.94
C GLY C 69 22.82 29.78 -7.18
N HIS C 70 23.21 28.76 -7.95
CA HIS C 70 22.49 28.42 -9.21
C HIS C 70 21.18 27.66 -8.96
N HIS C 71 20.90 27.20 -7.74
CA HIS C 71 19.70 26.36 -7.50
C HIS C 71 18.55 27.28 -7.09
N THR C 72 17.98 27.94 -8.11
CA THR C 72 16.68 28.64 -8.02
C THR C 72 15.57 27.64 -7.71
N PRO C 73 14.35 28.09 -7.32
CA PRO C 73 13.23 27.16 -7.14
C PRO C 73 12.96 26.31 -8.39
N ALA C 74 13.13 26.85 -9.58
CA ALA C 74 12.87 26.09 -10.81
C ALA C 74 13.88 24.92 -10.93
N VAL C 75 15.16 25.17 -10.63
CA VAL C 75 16.24 24.15 -10.71
C VAL C 75 15.96 23.08 -9.64
N GLN C 76 15.58 23.52 -8.45
CA GLN C 76 15.30 22.58 -7.33
C GLN C 76 14.11 21.67 -7.72
N LYS C 77 13.06 22.24 -8.32
CA LYS C 77 11.87 21.45 -8.75
C LYS C 77 12.34 20.38 -9.75
N GLY C 78 13.24 20.75 -10.69
CA GLY C 78 13.77 19.77 -11.65
C GLY C 78 14.50 18.65 -10.93
N LEU C 79 15.33 18.98 -9.94
CA LEU C 79 16.08 17.93 -9.21
C LEU C 79 15.11 17.02 -8.45
N ARG C 80 14.02 17.58 -7.92
CA ARG C 80 12.98 16.77 -7.24
C ARG C 80 12.45 15.75 -8.25
N TYR C 81 12.03 16.19 -9.41
CA TYR C 81 11.52 15.23 -10.42
C TYR C 81 12.62 14.20 -10.77
N GLY C 82 13.84 14.66 -10.97
CA GLY C 82 14.93 13.74 -11.33
C GLY C 82 15.08 12.63 -10.31
N MET C 83 15.06 12.96 -9.03
CA MET C 83 15.30 11.97 -7.96
C MET C 83 14.09 11.01 -7.87
N ILE C 84 12.88 11.54 -8.02
CA ILE C 84 11.68 10.67 -8.04
C ILE C 84 11.77 9.65 -9.19
N LEU C 85 12.13 10.11 -10.37
CA LEU C 85 12.21 9.24 -11.56
C LEU C 85 13.32 8.20 -11.36
N PHE C 86 14.44 8.61 -10.82
CA PHE C 86 15.54 7.69 -10.52
C PHE C 86 15.03 6.60 -9.58
N ILE C 87 14.34 6.99 -8.51
CA ILE C 87 13.80 5.98 -7.54
C ILE C 87 12.79 5.04 -8.24
N ILE C 88 11.93 5.58 -9.11
CA ILE C 88 11.01 4.68 -9.88
C ILE C 88 11.85 3.65 -10.65
N SER C 89 12.90 4.07 -11.34
CA SER C 89 13.70 3.12 -12.13
C SER C 89 14.29 2.04 -11.19
N GLU C 90 14.69 2.42 -9.98
CA GLU C 90 15.26 1.45 -9.03
C GLU C 90 14.16 0.49 -8.55
N VAL C 91 12.96 0.99 -8.39
CA VAL C 91 11.81 0.11 -8.02
C VAL C 91 11.63 -0.95 -9.09
N LEU C 92 11.63 -0.55 -10.35
CA LEU C 92 11.43 -1.53 -11.45
C LEU C 92 12.58 -2.53 -11.50
N PHE C 93 13.81 -2.10 -11.21
CA PHE C 93 14.95 -3.06 -11.15
C PHE C 93 14.66 -4.16 -10.10
N PHE C 94 14.28 -3.76 -8.89
CA PHE C 94 13.95 -4.74 -7.83
C PHE C 94 12.76 -5.58 -8.26
N THR C 95 11.77 -5.01 -8.96
CA THR C 95 10.60 -5.79 -9.41
C THR C 95 11.07 -7.03 -10.19
N GLY C 96 12.07 -6.90 -11.06
CA GLY C 96 12.60 -8.05 -11.79
C GLY C 96 13.04 -9.19 -10.86
N PHE C 97 13.72 -8.89 -9.77
CA PHE C 97 14.20 -9.91 -8.82
C PHE C 97 13.02 -10.50 -8.05
N PHE C 98 12.04 -9.68 -7.67
CA PHE C 98 10.82 -10.19 -6.99
C PHE C 98 10.07 -11.10 -7.96
N TRP C 99 9.98 -10.72 -9.23
CA TRP C 99 9.32 -11.60 -10.23
C TRP C 99 10.07 -12.96 -10.27
N ALA C 100 11.40 -12.93 -10.33
CA ALA C 100 12.21 -14.17 -10.38
C ALA C 100 11.84 -15.03 -9.14
N PHE C 101 11.80 -14.40 -7.97
CA PHE C 101 11.54 -15.09 -6.69
C PHE C 101 10.16 -15.76 -6.71
N TYR C 102 9.13 -15.00 -7.05
CA TYR C 102 7.75 -15.55 -7.07
C TYR C 102 7.63 -16.66 -8.13
N HIS C 103 8.23 -16.46 -9.30
CA HIS C 103 8.18 -17.46 -10.40
C HIS C 103 8.71 -18.79 -9.89
N SER C 104 9.86 -18.79 -9.20
CA SER C 104 10.56 -20.01 -8.77
C SER C 104 9.80 -20.65 -7.60
N SER C 105 9.30 -19.84 -6.67
CA SER C 105 8.76 -20.31 -5.35
C SER C 105 7.30 -20.73 -5.50
N LEU C 106 6.56 -20.12 -6.41
CA LEU C 106 5.14 -20.49 -6.58
C LEU C 106 5.01 -21.76 -7.42
N ALA C 107 6.03 -22.15 -8.18
CA ALA C 107 5.90 -23.35 -9.04
C ALA C 107 7.17 -24.17 -8.94
N PRO C 108 7.47 -24.66 -7.72
CA PRO C 108 8.76 -25.31 -7.46
C PRO C 108 8.88 -26.55 -8.35
N THR C 109 10.00 -26.70 -9.04
CA THR C 109 10.21 -27.76 -10.05
C THR C 109 10.61 -29.08 -9.39
N PRO C 110 10.53 -30.20 -10.14
CA PRO C 110 10.90 -31.50 -9.57
C PRO C 110 12.32 -31.56 -8.99
N GLU C 111 13.26 -30.83 -9.60
CA GLU C 111 14.68 -30.82 -9.13
C GLU C 111 14.75 -30.33 -7.67
N LEU C 112 13.78 -29.50 -7.24
CA LEU C 112 13.74 -28.95 -5.86
C LEU C 112 13.11 -29.95 -4.91
N GLY C 113 12.54 -31.04 -5.41
CA GLY C 113 11.60 -31.88 -4.65
C GLY C 113 10.15 -31.44 -4.87
N GLY C 114 9.87 -30.49 -5.76
CA GLY C 114 8.49 -30.02 -6.04
C GLY C 114 7.86 -29.27 -4.88
N CYS C 115 8.67 -28.70 -4.01
CA CYS C 115 8.25 -27.99 -2.77
C CYS C 115 9.11 -26.72 -2.60
N TRP C 116 8.62 -25.80 -1.79
CA TRP C 116 9.33 -24.58 -1.37
C TRP C 116 9.14 -24.46 0.12
N PRO C 117 10.19 -24.25 0.90
CA PRO C 117 11.56 -24.17 0.37
C PRO C 117 12.03 -25.53 -0.19
N PRO C 118 13.04 -25.55 -1.07
CA PRO C 118 13.53 -26.82 -1.60
C PRO C 118 14.03 -27.80 -0.54
N THR C 119 13.96 -29.07 -0.89
CA THR C 119 14.60 -30.13 -0.10
C THR C 119 16.06 -29.74 0.15
N GLY C 120 16.51 -29.88 1.38
CA GLY C 120 17.91 -29.61 1.79
C GLY C 120 18.19 -28.14 2.07
N ILE C 121 17.19 -27.26 1.97
CA ILE C 121 17.34 -25.82 2.33
C ILE C 121 16.74 -25.64 3.71
N HIS C 122 17.51 -25.05 4.62
CA HIS C 122 17.08 -24.73 6.00
C HIS C 122 17.08 -23.21 6.10
N PRO C 123 15.93 -22.55 5.84
CA PRO C 123 15.86 -21.09 5.88
C PRO C 123 16.26 -20.55 7.25
N LEU C 124 16.73 -19.31 7.25
CA LEU C 124 16.88 -18.51 8.48
C LEU C 124 15.51 -18.38 9.18
N ASN C 125 15.54 -18.29 10.50
CA ASN C 125 14.35 -17.96 11.30
C ASN C 125 14.00 -16.48 11.11
N PRO C 126 12.85 -16.15 10.50
CA PRO C 126 12.52 -14.74 10.23
C PRO C 126 12.26 -13.91 11.50
N LEU C 127 12.08 -14.58 12.63
CA LEU C 127 11.85 -13.92 13.93
C LEU C 127 13.17 -13.64 14.65
N GLU C 128 14.32 -14.00 14.07
CA GLU C 128 15.62 -13.73 14.76
C GLU C 128 16.23 -12.49 14.11
N VAL C 129 17.40 -12.61 13.48
CA VAL C 129 18.12 -11.40 12.97
C VAL C 129 17.27 -10.71 11.89
N PRO C 130 16.53 -11.41 11.00
CA PRO C 130 15.73 -10.69 10.01
C PRO C 130 14.70 -9.73 10.63
N LEU C 131 14.11 -10.12 11.75
CA LEU C 131 13.16 -9.23 12.47
C LEU C 131 13.94 -8.06 13.09
N LEU C 132 15.10 -8.33 13.69
CA LEU C 132 15.96 -7.24 14.22
C LEU C 132 16.26 -6.25 13.08
N ASN C 133 16.65 -6.74 11.92
CA ASN C 133 16.96 -5.87 10.76
C ASN C 133 15.73 -5.02 10.39
N THR C 134 14.55 -5.60 10.40
CA THR C 134 13.29 -4.86 10.14
C THR C 134 13.14 -3.72 11.15
N SER C 135 13.32 -4.03 12.46
CA SER C 135 13.19 -3.00 13.52
C SER C 135 14.21 -1.88 13.28
N VAL C 136 15.40 -2.26 12.82
CA VAL C 136 16.50 -1.29 12.66
C VAL C 136 16.15 -0.33 11.52
N LEU C 137 15.75 -0.85 10.37
CA LEU C 137 15.43 0.05 9.23
C LEU C 137 14.16 0.85 9.51
N LEU C 138 13.13 0.27 10.12
CA LEU C 138 11.95 1.08 10.49
C LEU C 138 12.36 2.20 11.47
N ALA C 139 13.19 1.89 12.47
CA ALA C 139 13.65 2.89 13.45
C ALA C 139 14.38 4.01 12.70
N SER C 140 15.19 3.66 11.72
CA SER C 140 16.00 4.65 10.95
C SER C 140 15.04 5.56 10.14
N GLY C 141 13.86 5.06 9.74
CA GLY C 141 12.84 5.86 9.03
C GLY C 141 12.26 6.88 9.99
N VAL C 142 12.12 6.51 11.27
CA VAL C 142 11.67 7.48 12.31
C VAL C 142 12.75 8.54 12.59
N SER C 143 13.99 8.12 12.82
CA SER C 143 15.07 9.06 13.18
C SER C 143 15.34 10.03 12.01
N ILE C 144 15.28 9.58 10.75
N ILE C 144 15.28 9.58 10.75
CA ILE C 144 15.53 10.50 9.60
CA ILE C 144 15.54 10.50 9.60
C ILE C 144 14.40 11.53 9.53
C ILE C 144 14.40 11.52 9.52
N THR C 145 13.18 11.17 9.93
CA THR C 145 12.06 12.11 9.93
C THR C 145 12.31 13.16 11.03
N TRP C 146 12.75 12.73 12.20
CA TRP C 146 13.18 13.65 13.28
C TRP C 146 14.24 14.59 12.69
N ALA C 147 15.22 14.06 11.96
CA ALA C 147 16.32 14.91 11.44
C ALA C 147 15.74 15.97 10.51
N HIS C 148 14.83 15.56 9.65
CA HIS C 148 14.20 16.49 8.67
C HIS C 148 13.51 17.63 9.41
N HIS C 149 12.65 17.31 10.38
CA HIS C 149 11.89 18.33 11.14
C HIS C 149 12.87 19.22 11.91
N SER C 150 13.94 18.67 12.48
CA SER C 150 14.93 19.51 13.19
C SER C 150 15.52 20.55 12.22
N LEU C 151 15.90 20.12 11.02
CA LEU C 151 16.49 21.00 9.99
C LEU C 151 15.48 22.10 9.62
N MET C 152 14.23 21.72 9.34
CA MET C 152 13.20 22.72 8.97
C MET C 152 12.97 23.72 10.12
N GLU C 153 13.11 23.28 11.36
CA GLU C 153 12.91 24.13 12.57
C GLU C 153 14.20 24.88 12.92
N GLY C 154 15.26 24.69 12.17
CA GLY C 154 16.50 25.47 12.38
C GLY C 154 17.37 24.97 13.53
N ASP C 155 17.23 23.70 13.92
CA ASP C 155 17.87 23.11 15.12
C ASP C 155 19.10 22.28 14.66
N ARG C 156 20.28 22.88 14.68
CA ARG C 156 21.51 22.24 14.14
C ARG C 156 21.85 21.00 14.97
N LYS C 157 21.92 21.13 16.31
CA LYS C 157 22.36 20.00 17.21
C LYS C 157 21.42 18.80 17.04
N HIS C 158 20.11 18.99 17.07
CA HIS C 158 19.16 17.85 16.98
C HIS C 158 19.19 17.25 15.55
N MET C 159 19.33 18.06 14.51
CA MET C 159 19.50 17.51 13.15
C MET C 159 20.70 16.56 13.15
N LEU C 160 21.84 17.02 13.67
CA LEU C 160 23.07 16.18 13.69
C LEU C 160 22.86 14.90 14.50
N GLN C 161 22.22 14.99 15.66
N GLN C 161 22.24 15.02 15.68
CA GLN C 161 22.01 13.79 16.51
CA GLN C 161 21.93 13.86 16.58
C GLN C 161 21.08 12.80 15.80
C GLN C 161 21.09 12.83 15.81
N ALA C 162 19.96 13.27 15.25
CA ALA C 162 19.00 12.40 14.55
C ALA C 162 19.67 11.75 13.33
N LEU C 163 20.43 12.53 12.55
CA LEU C 163 21.08 12.01 11.32
C LEU C 163 22.16 11.01 11.73
N PHE C 164 22.89 11.28 12.81
CA PHE C 164 23.91 10.33 13.30
C PHE C 164 23.25 9.01 13.71
N ILE C 165 22.13 9.10 14.42
CA ILE C 165 21.35 7.90 14.82
C ILE C 165 20.94 7.12 13.56
N THR C 166 20.49 7.82 12.53
CA THR C 166 20.00 7.19 11.28
C THR C 166 21.17 6.44 10.65
N ILE C 167 22.34 7.07 10.54
CA ILE C 167 23.54 6.43 9.95
C ILE C 167 23.96 5.21 10.80
N THR C 168 23.96 5.34 12.13
CA THR C 168 24.36 4.24 13.02
C THR C 168 23.45 3.04 12.76
N LEU C 169 22.15 3.26 12.60
CA LEU C 169 21.22 2.15 12.33
C LEU C 169 21.53 1.53 10.96
N GLY C 170 21.81 2.35 9.94
CA GLY C 170 22.17 1.84 8.61
C GLY C 170 23.40 0.95 8.71
N VAL C 171 24.38 1.38 9.49
CA VAL C 171 25.63 0.59 9.74
C VAL C 171 25.27 -0.70 10.48
N TYR C 172 24.45 -0.63 11.53
CA TYR C 172 24.00 -1.82 12.29
C TYR C 172 23.40 -2.83 11.31
N PHE C 173 22.47 -2.38 10.44
CA PHE C 173 21.78 -3.29 9.49
C PHE C 173 22.84 -4.01 8.63
N THR C 174 23.79 -3.22 8.13
CA THR C 174 24.86 -3.72 7.22
C THR C 174 25.71 -4.74 7.97
N LEU C 175 26.07 -4.48 9.22
CA LEU C 175 26.94 -5.43 9.97
C LEU C 175 26.12 -6.68 10.28
N LEU C 176 24.85 -6.52 10.63
CA LEU C 176 23.95 -7.70 10.90
C LEU C 176 23.82 -8.56 9.65
N GLN C 177 23.62 -7.92 8.50
CA GLN C 177 23.44 -8.67 7.24
C GLN C 177 24.76 -9.39 6.87
N ALA C 178 25.91 -8.75 7.06
CA ALA C 178 27.24 -9.35 6.79
C ALA C 178 27.36 -10.61 7.63
N SER C 179 27.05 -10.51 8.93
CA SER C 179 27.14 -11.65 9.86
C SER C 179 26.17 -12.77 9.41
N GLU C 180 24.93 -12.41 9.03
N GLU C 180 24.93 -12.39 9.07
CA GLU C 180 23.92 -13.41 8.58
CA GLU C 180 23.90 -13.36 8.56
C GLU C 180 24.37 -14.08 7.27
C GLU C 180 24.43 -14.08 7.31
N TYR C 181 25.02 -13.33 6.38
CA TYR C 181 25.61 -13.91 5.14
C TYR C 181 26.61 -14.98 5.57
N TYR C 182 27.51 -14.65 6.49
CA TYR C 182 28.57 -15.58 6.93
C TYR C 182 27.96 -16.81 7.60
N GLU C 183 26.95 -16.61 8.45
CA GLU C 183 26.34 -17.69 9.25
C GLU C 183 25.39 -18.54 8.40
N ALA C 184 24.91 -18.06 7.25
CA ALA C 184 23.84 -18.77 6.51
C ALA C 184 24.36 -20.15 6.07
N PRO C 185 23.59 -21.24 6.33
CA PRO C 185 24.02 -22.59 5.95
C PRO C 185 23.86 -22.86 4.44
N PHE C 186 23.16 -21.95 3.75
CA PHE C 186 22.98 -22.00 2.28
C PHE C 186 23.80 -20.86 1.65
N THR C 187 24.14 -21.03 0.38
CA THR C 187 25.00 -20.13 -0.42
C THR C 187 24.27 -19.70 -1.69
N ILE C 188 24.90 -18.82 -2.45
CA ILE C 188 24.37 -18.36 -3.75
C ILE C 188 24.28 -19.55 -4.73
N SER C 189 25.10 -20.59 -4.53
CA SER C 189 25.18 -21.77 -5.43
C SER C 189 24.17 -22.83 -5.00
N ASP C 190 23.33 -22.58 -3.99
CA ASP C 190 22.30 -23.55 -3.53
C ASP C 190 21.01 -23.33 -4.32
N GLY C 191 21.11 -23.53 -5.62
CA GLY C 191 19.96 -23.53 -6.52
C GLY C 191 19.26 -22.18 -6.52
N VAL C 192 18.02 -22.21 -6.97
CA VAL C 192 17.28 -20.96 -7.17
C VAL C 192 16.94 -20.32 -5.80
N TYR C 193 16.88 -21.10 -4.71
CA TYR C 193 16.69 -20.53 -3.36
C TYR C 193 17.87 -19.59 -3.03
N GLY C 194 19.10 -20.10 -3.13
CA GLY C 194 20.30 -19.29 -2.84
C GLY C 194 20.41 -18.14 -3.84
N SER C 195 20.05 -18.40 -5.10
CA SER C 195 20.16 -17.41 -6.19
C SER C 195 19.27 -16.21 -5.84
N THR C 196 17.98 -16.49 -5.62
CA THR C 196 17.02 -15.41 -5.34
C THR C 196 17.39 -14.74 -4.02
N PHE C 197 17.72 -15.52 -3.00
CA PHE C 197 18.00 -14.94 -1.67
C PHE C 197 19.18 -13.95 -1.78
N PHE C 198 20.32 -14.40 -2.29
CA PHE C 198 21.54 -13.57 -2.18
C PHE C 198 21.53 -12.43 -3.21
N VAL C 199 21.01 -12.67 -4.42
CA VAL C 199 21.02 -11.57 -5.42
C VAL C 199 20.04 -10.47 -4.96
N ALA C 200 18.84 -10.83 -4.50
CA ALA C 200 17.82 -9.82 -4.12
C ALA C 200 18.29 -9.12 -2.85
N THR C 201 18.64 -9.86 -1.80
CA THR C 201 19.11 -9.21 -0.55
C THR C 201 20.46 -8.55 -0.79
N GLY C 202 21.27 -9.06 -1.71
CA GLY C 202 22.59 -8.45 -2.02
C GLY C 202 22.47 -7.11 -2.69
N PHE C 203 21.61 -7.00 -3.70
CA PHE C 203 21.39 -5.66 -4.33
C PHE C 203 20.81 -4.72 -3.27
N HIS C 204 19.92 -5.24 -2.40
CA HIS C 204 19.34 -4.40 -1.32
C HIS C 204 20.47 -3.89 -0.40
N GLY C 205 21.35 -4.79 0.02
CA GLY C 205 22.52 -4.44 0.86
C GLY C 205 23.38 -3.36 0.22
N LEU C 206 23.64 -3.49 -1.08
CA LEU C 206 24.38 -2.47 -1.85
C LEU C 206 23.63 -1.14 -1.76
N HIS C 207 22.30 -1.13 -1.93
CA HIS C 207 21.51 0.12 -1.85
C HIS C 207 21.56 0.69 -0.42
N VAL C 208 21.57 -0.15 0.60
CA VAL C 208 21.75 0.34 2.00
C VAL C 208 23.13 1.00 2.14
N ILE C 209 24.17 0.43 1.55
CA ILE C 209 25.51 1.04 1.64
C ILE C 209 25.51 2.39 0.88
N ILE C 210 24.92 2.43 -0.32
CA ILE C 210 24.81 3.69 -1.10
C ILE C 210 24.04 4.72 -0.27
N GLY C 211 22.90 4.33 0.27
CA GLY C 211 22.06 5.27 1.05
C GLY C 211 22.76 5.76 2.29
N SER C 212 23.48 4.89 2.97
CA SER C 212 24.25 5.27 4.19
C SER C 212 25.34 6.28 3.80
N THR C 213 26.00 6.05 2.67
CA THR C 213 27.06 6.94 2.15
C THR C 213 26.44 8.32 1.86
N PHE C 214 25.26 8.34 1.24
CA PHE C 214 24.54 9.59 0.94
C PHE C 214 24.25 10.34 2.26
N LEU C 215 23.75 9.62 3.26
CA LEU C 215 23.43 10.23 4.56
C LEU C 215 24.72 10.76 5.18
N ILE C 216 25.83 10.05 5.01
CA ILE C 216 27.11 10.53 5.63
C ILE C 216 27.55 11.80 4.91
N VAL C 217 27.34 11.86 3.58
CA VAL C 217 27.63 13.12 2.82
C VAL C 217 26.78 14.25 3.40
N CYS C 218 25.48 14.01 3.63
CA CYS C 218 24.59 15.03 4.23
C CYS C 218 25.11 15.41 5.64
N PHE C 219 25.55 14.42 6.41
CA PHE C 219 26.05 14.70 7.78
C PHE C 219 27.24 15.69 7.71
N PHE C 220 28.21 15.48 6.84
CA PHE C 220 29.37 16.40 6.75
C PHE C 220 28.94 17.75 6.19
N ARG C 221 28.05 17.77 5.21
CA ARG C 221 27.56 19.06 4.65
C ARG C 221 26.87 19.83 5.79
N GLN C 222 26.08 19.15 6.61
CA GLN C 222 25.40 19.78 7.77
C GLN C 222 26.47 20.32 8.73
N LEU C 223 27.50 19.54 9.05
CA LEU C 223 28.56 20.03 9.96
C LEU C 223 29.15 21.34 9.41
N LYS C 224 29.25 21.46 8.07
CA LYS C 224 29.83 22.65 7.39
C LYS C 224 28.79 23.74 7.10
N PHE C 225 27.56 23.62 7.61
CA PHE C 225 26.51 24.67 7.56
C PHE C 225 25.94 24.86 6.13
N HIS C 226 26.02 23.85 5.25
CA HIS C 226 25.61 24.02 3.83
C HIS C 226 24.11 24.24 3.75
N PHE C 227 23.35 23.56 4.60
CA PHE C 227 21.88 23.50 4.47
C PHE C 227 21.26 24.70 5.18
N THR C 228 20.26 25.30 4.55
CA THR C 228 19.40 26.25 5.27
C THR C 228 18.15 25.52 5.73
N SER C 229 17.40 26.17 6.59
CA SER C 229 16.15 25.61 7.16
C SER C 229 15.13 25.41 6.02
N ASN C 230 15.28 26.08 4.86
CA ASN C 230 14.34 25.94 3.72
C ASN C 230 14.95 25.29 2.48
N HIS C 231 16.27 25.23 2.38
CA HIS C 231 16.97 24.78 1.15
C HIS C 231 17.97 23.69 1.53
N HIS C 232 17.64 22.44 1.16
CA HIS C 232 18.41 21.27 1.61
C HIS C 232 17.98 20.07 0.77
N PHE C 233 18.02 20.22 -0.56
CA PHE C 233 17.51 19.15 -1.44
C PHE C 233 18.38 17.89 -1.31
N GLY C 234 19.70 18.02 -1.09
CA GLY C 234 20.55 16.81 -0.92
C GLY C 234 20.02 15.95 0.23
N PHE C 235 19.64 16.58 1.33
CA PHE C 235 19.05 15.88 2.49
C PHE C 235 17.69 15.27 2.09
N GLU C 236 16.82 16.01 1.40
CA GLU C 236 15.50 15.45 1.01
C GLU C 236 15.70 14.20 0.13
N ALA C 237 16.59 14.30 -0.85
CA ALA C 237 16.89 13.24 -1.80
C ALA C 237 17.43 12.02 -1.03
N ALA C 238 18.33 12.23 -0.07
CA ALA C 238 18.89 11.12 0.70
C ALA C 238 17.77 10.48 1.54
N ALA C 239 16.88 11.29 2.12
CA ALA C 239 15.74 10.79 2.93
C ALA C 239 14.80 9.98 2.01
N TRP C 240 14.46 10.49 0.81
CA TRP C 240 13.59 9.71 -0.11
C TRP C 240 14.26 8.37 -0.45
N TYR C 241 15.54 8.42 -0.80
CA TYR C 241 16.31 7.21 -1.12
C TYR C 241 16.26 6.24 0.07
N TRP C 242 16.40 6.77 1.27
CA TRP C 242 16.45 5.95 2.49
C TRP C 242 15.08 5.29 2.75
N HIS C 243 13.99 6.03 2.57
CA HIS C 243 12.65 5.41 2.65
C HIS C 243 12.48 4.30 1.59
N PHE C 244 12.97 4.52 0.39
CA PHE C 244 12.97 3.51 -0.69
C PHE C 244 13.67 2.23 -0.21
N VAL C 245 14.88 2.39 0.33
CA VAL C 245 15.63 1.24 0.91
C VAL C 245 14.78 0.53 2.00
N ASP C 246 14.11 1.28 2.88
CA ASP C 246 13.27 0.68 3.95
CA ASP C 246 13.38 0.87 3.94
C ASP C 246 12.16 -0.14 3.28
C ASP C 246 12.16 0.04 3.41
N VAL C 247 11.50 0.48 2.32
CA VAL C 247 10.31 -0.19 1.74
C VAL C 247 10.73 -1.47 0.98
N VAL C 248 11.86 -1.42 0.27
CA VAL C 248 12.32 -2.64 -0.42
C VAL C 248 12.57 -3.73 0.63
N TRP C 249 13.20 -3.37 1.75
CA TRP C 249 13.44 -4.34 2.84
C TRP C 249 12.13 -4.97 3.32
N LEU C 250 11.09 -4.17 3.55
CA LEU C 250 9.81 -4.71 4.05
C LEU C 250 9.28 -5.74 3.04
N PHE C 251 9.40 -5.45 1.74
CA PHE C 251 8.96 -6.39 0.68
C PHE C 251 9.82 -7.65 0.71
N LEU C 252 11.13 -7.51 0.85
CA LEU C 252 12.03 -8.69 0.95
C LEU C 252 11.67 -9.54 2.18
N TYR C 253 11.47 -8.88 3.30
CA TYR C 253 11.17 -9.55 4.58
C TYR C 253 9.88 -10.37 4.43
N VAL C 254 8.81 -9.74 3.97
CA VAL C 254 7.52 -10.46 3.82
C VAL C 254 7.65 -11.55 2.76
N SER C 255 8.30 -11.28 1.63
CA SER C 255 8.33 -12.21 0.47
C SER C 255 9.31 -13.36 0.71
N ILE C 256 10.57 -13.04 0.93
CA ILE C 256 11.65 -14.06 0.89
C ILE C 256 11.81 -14.69 2.27
N TYR C 257 11.82 -13.87 3.30
CA TYR C 257 12.19 -14.34 4.67
C TYR C 257 11.00 -15.02 5.33
N TRP C 258 9.80 -14.46 5.17
CA TRP C 258 8.61 -14.90 5.92
C TRP C 258 7.79 -15.84 5.02
N TRP C 259 7.14 -15.31 4.01
CA TRP C 259 6.27 -16.12 3.11
C TRP C 259 7.12 -17.25 2.46
N GLY C 260 8.36 -16.98 2.07
CA GLY C 260 9.24 -17.95 1.40
C GLY C 260 9.94 -18.92 2.35
N SER C 261 9.69 -18.88 3.65
CA SER C 261 10.33 -19.82 4.60
C SER C 261 9.49 -21.09 4.74
N SER D 4 15.97 42.63 -54.89
CA SER D 4 15.80 42.39 -53.38
C SER D 4 16.68 41.25 -52.84
N VAL D 5 17.76 41.60 -52.12
CA VAL D 5 18.81 40.69 -51.57
C VAL D 5 18.45 40.30 -50.12
N VAL D 6 18.21 39.02 -49.93
CA VAL D 6 17.79 38.53 -48.59
C VAL D 6 19.02 38.06 -47.85
N LYS D 7 19.16 38.46 -46.59
CA LYS D 7 20.40 38.23 -45.81
C LYS D 7 20.04 37.23 -44.69
N SER D 8 20.97 36.32 -44.42
CA SER D 8 20.97 35.44 -43.24
C SER D 8 20.63 36.23 -41.98
N GLU D 9 21.25 37.41 -41.76
CA GLU D 9 21.13 38.18 -40.48
C GLU D 9 19.71 38.78 -40.36
N ASP D 10 18.79 38.47 -41.29
CA ASP D 10 17.42 39.06 -41.29
C ASP D 10 16.37 38.04 -40.81
N TYR D 11 16.75 36.91 -40.24
CA TYR D 11 15.82 35.79 -39.98
C TYR D 11 14.69 36.18 -39.03
N ALA D 12 14.89 37.15 -38.14
CA ALA D 12 13.88 37.53 -37.13
C ALA D 12 12.87 38.55 -37.69
N LEU D 13 13.10 39.08 -38.91
CA LEU D 13 12.24 40.14 -39.49
C LEU D 13 11.17 39.50 -40.36
N PRO D 14 10.01 40.16 -40.50
CA PRO D 14 9.02 39.68 -41.45
C PRO D 14 9.68 39.50 -42.82
N SER D 15 9.34 38.42 -43.51
CA SER D 15 9.96 38.05 -44.79
C SER D 15 8.90 37.85 -45.88
N TYR D 16 9.37 37.79 -47.11
CA TYR D 16 8.56 37.63 -48.33
C TYR D 16 8.45 36.13 -48.61
N VAL D 17 7.26 35.69 -49.03
N VAL D 17 7.27 35.65 -49.03
CA VAL D 17 7.00 34.30 -49.52
CA VAL D 17 7.15 34.27 -49.56
C VAL D 17 6.08 34.36 -50.73
C VAL D 17 6.04 34.22 -50.62
N ASP D 18 6.30 33.44 -51.68
CA ASP D 18 5.31 33.12 -52.73
C ASP D 18 4.67 31.78 -52.36
N ARG D 19 3.44 31.83 -51.88
CA ARG D 19 2.67 30.63 -51.50
C ARG D 19 1.22 30.87 -51.89
N ARG D 20 0.60 29.94 -52.60
CA ARG D 20 -0.76 30.15 -53.14
C ARG D 20 -1.76 30.25 -51.98
N ASP D 21 -1.44 29.67 -50.83
CA ASP D 21 -2.26 29.64 -49.57
C ASP D 21 -1.94 30.87 -48.69
N TYR D 22 -1.04 31.79 -49.11
CA TYR D 22 -0.64 33.01 -48.35
C TYR D 22 -0.46 34.12 -49.38
N PRO D 23 -1.54 34.50 -50.09
CA PRO D 23 -1.41 35.31 -51.27
C PRO D 23 -0.81 36.71 -51.01
N LEU D 24 -1.05 37.30 -49.83
CA LEU D 24 -0.60 38.68 -49.49
C LEU D 24 0.45 38.59 -48.38
N PRO D 25 1.72 38.47 -48.76
CA PRO D 25 2.76 38.27 -47.76
C PRO D 25 3.05 39.52 -46.94
N ASP D 26 3.87 39.33 -45.92
CA ASP D 26 4.02 40.30 -44.82
C ASP D 26 4.77 41.56 -45.30
N VAL D 27 5.54 41.45 -46.38
CA VAL D 27 6.33 42.60 -46.88
C VAL D 27 6.21 42.63 -48.39
N ALA D 28 6.48 43.79 -48.97
CA ALA D 28 6.68 43.94 -50.42
C ALA D 28 7.94 43.20 -50.86
N HIS D 29 7.88 42.63 -52.05
CA HIS D 29 9.05 42.02 -52.74
C HIS D 29 10.16 43.06 -52.83
N VAL D 30 9.84 44.29 -53.24
CA VAL D 30 10.86 45.34 -53.45
C VAL D 30 10.48 46.51 -52.54
N LYS D 31 11.35 46.86 -51.60
CA LYS D 31 11.08 47.98 -50.65
C LYS D 31 11.72 49.27 -51.14
N ASN D 32 12.92 49.18 -51.68
CA ASN D 32 13.63 50.39 -52.15
C ASN D 32 13.14 50.79 -53.54
N LEU D 33 12.86 52.07 -53.74
CA LEU D 33 12.26 52.61 -54.99
C LEU D 33 13.20 53.63 -55.63
N SER D 34 13.40 53.50 -56.92
CA SER D 34 14.14 54.49 -57.75
C SER D 34 13.28 55.75 -57.89
N ALA D 35 13.84 56.83 -58.43
CA ALA D 35 13.04 58.03 -58.78
C ALA D 35 11.79 57.63 -59.60
N SER D 36 11.92 56.86 -60.69
CA SER D 36 10.72 56.55 -61.55
C SER D 36 9.74 55.67 -60.76
N GLN D 37 10.23 54.76 -59.90
CA GLN D 37 9.34 53.89 -59.11
C GLN D 37 8.58 54.72 -58.07
N LYS D 38 9.24 55.71 -57.46
CA LYS D 38 8.54 56.65 -56.53
C LYS D 38 7.44 57.39 -57.28
N ALA D 39 7.70 57.85 -58.52
CA ALA D 39 6.69 58.59 -59.33
C ALA D 39 5.52 57.62 -59.63
N LEU D 40 5.84 56.36 -59.88
CA LEU D 40 4.79 55.34 -60.19
C LEU D 40 3.89 55.09 -58.96
N LYS D 41 4.46 54.99 -57.78
CA LYS D 41 3.66 54.85 -56.53
C LYS D 41 2.80 56.12 -56.30
N GLU D 42 3.26 57.32 -56.66
CA GLU D 42 2.41 58.52 -56.55
C GLU D 42 1.26 58.39 -57.55
N LYS D 43 1.55 57.92 -58.77
CA LYS D 43 0.53 57.84 -59.85
C LYS D 43 -0.56 56.83 -59.43
N GLU D 44 -0.14 55.81 -58.70
CA GLU D 44 -1.03 54.75 -58.17
C GLU D 44 -2.07 55.35 -57.23
N LYS D 45 -1.85 56.54 -56.65
CA LYS D 45 -2.86 57.17 -55.76
C LYS D 45 -3.98 57.83 -56.57
N ALA D 46 -3.79 58.00 -57.88
CA ALA D 46 -4.84 58.49 -58.80
C ALA D 46 -5.53 57.30 -59.49
N SER D 47 -6.43 57.59 -60.44
CA SER D 47 -7.21 56.55 -61.12
C SER D 47 -6.29 55.48 -61.73
N TRP D 48 -6.57 54.20 -61.44
CA TRP D 48 -5.83 53.08 -62.07
C TRP D 48 -6.11 53.01 -63.57
N SER D 49 -7.23 53.58 -64.04
CA SER D 49 -7.54 53.69 -65.48
C SER D 49 -6.46 54.46 -66.22
N SER D 50 -5.75 55.34 -65.53
CA SER D 50 -4.71 56.21 -66.14
C SER D 50 -3.36 55.49 -66.17
N LEU D 51 -3.23 54.35 -65.52
CA LEU D 51 -1.94 53.60 -65.56
C LEU D 51 -1.91 52.80 -66.87
N SER D 52 -0.76 52.76 -67.54
CA SER D 52 -0.52 51.86 -68.69
C SER D 52 -0.43 50.40 -68.19
N ILE D 53 -0.58 49.45 -69.12
CA ILE D 53 -0.33 48.00 -68.87
C ILE D 53 1.09 47.86 -68.28
N ASP D 54 2.08 48.54 -68.85
CA ASP D 54 3.49 48.40 -68.35
C ASP D 54 3.59 48.89 -66.90
N GLU D 55 2.92 49.99 -66.59
CA GLU D 55 2.93 50.55 -65.22
C GLU D 55 2.25 49.59 -64.24
N LYS D 56 1.14 48.96 -64.65
CA LYS D 56 0.42 47.98 -63.78
C LYS D 56 1.31 46.77 -63.51
N VAL D 57 1.99 46.25 -64.54
CA VAL D 57 2.92 45.10 -64.41
C VAL D 57 4.04 45.54 -63.46
N GLU D 58 4.55 46.75 -63.60
CA GLU D 58 5.69 47.21 -62.75
C GLU D 58 5.20 47.29 -61.29
N LEU D 59 3.99 47.76 -61.04
CA LEU D 59 3.45 47.81 -59.67
C LEU D 59 3.30 46.38 -59.12
N TYR D 60 2.81 45.44 -59.93
CA TYR D 60 2.69 44.02 -59.51
C TYR D 60 4.09 43.50 -59.12
N ARG D 61 5.10 43.78 -59.91
CA ARG D 61 6.47 43.20 -59.75
C ARG D 61 7.24 43.89 -58.61
N LEU D 62 6.82 45.08 -58.18
CA LEU D 62 7.37 45.68 -56.94
C LEU D 62 6.78 44.98 -55.71
N LYS D 63 5.49 44.69 -55.75
CA LYS D 63 4.79 44.06 -54.62
C LYS D 63 5.16 42.58 -54.49
N PHE D 64 5.24 41.86 -55.61
CA PHE D 64 5.34 40.39 -55.65
C PHE D 64 6.54 39.98 -56.51
N LYS D 65 7.11 38.81 -56.19
CA LYS D 65 8.23 38.24 -56.97
C LYS D 65 7.64 37.44 -58.12
N GLU D 66 7.03 36.30 -57.84
CA GLU D 66 6.40 35.47 -58.89
C GLU D 66 4.87 35.62 -58.87
N SER D 67 4.25 35.55 -60.05
CA SER D 67 2.78 35.40 -60.20
C SER D 67 2.36 34.00 -59.72
N PHE D 68 1.06 33.79 -59.53
CA PHE D 68 0.51 32.43 -59.27
C PHE D 68 0.94 31.46 -60.39
N ALA D 69 0.82 31.83 -61.67
CA ALA D 69 1.17 30.93 -62.78
C ALA D 69 2.64 30.50 -62.66
N GLU D 70 3.52 31.43 -62.36
CA GLU D 70 4.96 31.13 -62.24
C GLU D 70 5.19 30.24 -61.02
N MET D 71 4.66 30.59 -59.84
CA MET D 71 5.02 29.84 -58.61
C MET D 71 4.43 28.43 -58.71
N ASN D 72 3.36 28.21 -59.49
CA ASN D 72 2.63 26.91 -59.51
C ASN D 72 3.14 26.05 -60.67
N ARG D 73 4.12 26.51 -61.45
CA ARG D 73 4.46 25.81 -62.71
C ARG D 73 4.95 24.40 -62.40
N SER D 74 4.70 23.51 -63.34
CA SER D 74 5.26 22.14 -63.42
C SER D 74 6.70 22.17 -63.91
N THR D 75 7.40 21.08 -63.66
CA THR D 75 8.83 20.96 -63.99
C THR D 75 9.05 19.59 -64.61
N ASN D 76 10.19 19.44 -65.25
CA ASN D 76 10.65 18.16 -65.86
C ASN D 76 11.42 17.34 -64.81
N GLU D 77 11.47 17.79 -63.54
CA GLU D 77 12.27 17.11 -62.47
C GLU D 77 11.97 15.59 -62.43
N TRP D 78 10.73 15.16 -62.65
CA TRP D 78 10.34 13.73 -62.53
C TRP D 78 11.21 12.88 -63.47
N LYS D 79 11.56 13.42 -64.65
CA LYS D 79 12.37 12.68 -65.64
C LYS D 79 13.74 12.37 -65.03
N THR D 80 14.33 13.38 -64.41
CA THR D 80 15.67 13.25 -63.78
C THR D 80 15.56 12.27 -62.62
N VAL D 81 14.52 12.36 -61.80
CA VAL D 81 14.40 11.49 -60.61
C VAL D 81 14.21 10.05 -61.07
N VAL D 82 13.26 9.79 -61.95
CA VAL D 82 12.96 8.40 -62.37
C VAL D 82 14.18 7.83 -63.11
N GLY D 83 14.74 8.58 -64.06
CA GLY D 83 15.91 8.13 -64.85
C GLY D 83 17.09 7.82 -63.94
N ALA D 84 17.39 8.70 -63.01
CA ALA D 84 18.56 8.51 -62.12
C ALA D 84 18.33 7.30 -61.20
N ALA D 85 17.11 7.15 -60.69
CA ALA D 85 16.77 6.00 -59.82
C ALA D 85 17.00 4.72 -60.64
N MET D 86 16.57 4.69 -61.89
CA MET D 86 16.74 3.51 -62.75
C MET D 86 18.24 3.31 -63.00
N PHE D 87 19.01 4.37 -63.21
CA PHE D 87 20.49 4.21 -63.36
C PHE D 87 21.07 3.49 -62.12
N PHE D 88 20.74 3.94 -60.91
CA PHE D 88 21.38 3.41 -59.68
C PHE D 88 20.90 1.97 -59.41
N ILE D 89 19.65 1.67 -59.74
CA ILE D 89 19.11 0.29 -59.68
C ILE D 89 19.87 -0.57 -60.70
N GLY D 90 20.11 -0.07 -61.91
CA GLY D 90 20.95 -0.78 -62.89
C GLY D 90 22.35 -0.99 -62.34
N PHE D 91 22.95 0.01 -61.72
CA PHE D 91 24.31 -0.12 -61.11
C PHE D 91 24.29 -1.27 -60.09
N THR D 92 23.21 -1.41 -59.34
CA THR D 92 23.06 -2.47 -58.32
C THR D 92 23.23 -3.84 -58.99
N ALA D 93 22.63 -4.06 -60.16
CA ALA D 93 22.76 -5.33 -60.90
C ALA D 93 24.24 -5.61 -61.21
N LEU D 94 25.07 -4.59 -61.48
CA LEU D 94 26.54 -4.78 -61.67
C LEU D 94 27.16 -5.38 -60.39
N LEU D 95 26.76 -4.91 -59.21
CA LEU D 95 27.27 -5.46 -57.93
C LEU D 95 26.87 -6.93 -57.81
N LEU D 96 25.65 -7.27 -58.21
CA LEU D 96 25.12 -8.65 -58.13
C LEU D 96 25.85 -9.54 -59.14
N ILE D 97 26.19 -9.00 -60.31
CA ILE D 97 26.97 -9.77 -61.32
C ILE D 97 28.35 -10.03 -60.72
N TRP D 98 28.94 -9.01 -60.12
CA TRP D 98 30.29 -9.15 -59.49
C TRP D 98 30.21 -10.25 -58.40
N GLU D 99 29.19 -10.19 -57.57
CA GLU D 99 29.03 -11.14 -56.44
C GLU D 99 28.92 -12.58 -56.98
N LYS D 100 28.10 -12.79 -58.02
CA LYS D 100 27.90 -14.12 -58.60
C LYS D 100 29.22 -14.62 -59.16
N HIS D 101 29.96 -13.78 -59.87
CA HIS D 101 31.24 -14.20 -60.52
C HIS D 101 32.31 -14.49 -59.47
N TYR D 102 32.50 -13.64 -58.47
CA TYR D 102 33.73 -13.69 -57.62
C TYR D 102 33.48 -14.18 -56.19
N VAL D 103 32.24 -14.21 -55.73
CA VAL D 103 31.95 -14.60 -54.33
C VAL D 103 31.27 -15.96 -54.28
N TYR D 104 30.20 -16.14 -55.03
CA TYR D 104 29.39 -17.38 -54.98
C TYR D 104 30.13 -18.50 -55.69
N GLY D 105 30.25 -19.64 -55.02
CA GLY D 105 30.70 -20.90 -55.65
C GLY D 105 29.50 -21.63 -56.24
N PRO D 106 29.70 -22.90 -56.65
CA PRO D 106 28.62 -23.69 -57.22
C PRO D 106 27.46 -23.87 -56.23
N ILE D 107 26.27 -23.95 -56.77
CA ILE D 107 25.11 -24.30 -55.91
C ILE D 107 25.06 -25.82 -55.79
N PRO D 108 24.31 -26.32 -54.81
CA PRO D 108 24.31 -27.75 -54.54
C PRO D 108 23.83 -28.60 -55.75
N HIS D 109 24.27 -29.85 -55.77
CA HIS D 109 24.01 -30.80 -56.89
C HIS D 109 22.50 -31.10 -57.01
N THR D 110 21.70 -30.79 -55.98
CA THR D 110 20.23 -31.05 -55.97
C THR D 110 19.49 -30.13 -56.96
N PHE D 111 20.14 -29.11 -57.52
CA PHE D 111 19.53 -28.25 -58.56
C PHE D 111 19.85 -28.79 -59.96
N GLU D 112 20.65 -29.83 -60.12
CA GLU D 112 20.95 -30.42 -61.46
C GLU D 112 19.61 -30.83 -62.09
N GLU D 113 19.47 -30.67 -63.39
CA GLU D 113 18.19 -30.95 -64.10
C GLU D 113 17.69 -32.38 -63.80
N GLU D 114 18.57 -33.37 -63.77
CA GLU D 114 18.12 -34.79 -63.61
C GLU D 114 17.66 -34.98 -62.15
N TRP D 115 18.38 -34.42 -61.18
CA TRP D 115 17.95 -34.45 -59.76
C TRP D 115 16.54 -33.86 -59.65
N VAL D 116 16.31 -32.69 -60.24
CA VAL D 116 15.00 -31.99 -60.13
C VAL D 116 13.90 -32.88 -60.73
N ALA D 117 14.15 -33.54 -61.86
CA ALA D 117 13.15 -34.42 -62.54
C ALA D 117 12.78 -35.58 -61.61
N LYS D 118 13.78 -36.13 -60.93
CA LYS D 118 13.54 -37.28 -60.02
C LYS D 118 12.85 -36.82 -58.72
N GLN D 119 13.29 -35.69 -58.18
CA GLN D 119 12.69 -35.12 -56.95
C GLN D 119 11.23 -34.74 -57.23
N THR D 120 10.95 -34.23 -58.43
CA THR D 120 9.58 -33.86 -58.85
C THR D 120 8.70 -35.13 -58.86
N LYS D 121 9.17 -36.21 -59.46
CA LYS D 121 8.37 -37.46 -59.43
C LYS D 121 8.17 -37.91 -57.99
N ARG D 122 9.22 -37.92 -57.17
CA ARG D 122 9.11 -38.38 -55.77
C ARG D 122 8.11 -37.50 -55.01
N MET D 123 8.12 -36.19 -55.25
CA MET D 123 7.11 -35.30 -54.62
C MET D 123 5.68 -35.69 -55.08
N LEU D 124 5.47 -35.99 -56.36
CA LEU D 124 4.16 -36.47 -56.88
C LEU D 124 3.81 -37.86 -56.29
N ASP D 125 4.81 -38.73 -56.04
CA ASP D 125 4.58 -40.09 -55.48
C ASP D 125 4.12 -39.96 -54.01
N MET D 126 4.65 -38.98 -53.26
CA MET D 126 4.25 -38.78 -51.85
C MET D 126 3.07 -37.80 -51.81
N LYS D 127 2.59 -37.37 -52.98
CA LYS D 127 1.40 -36.48 -53.11
C LYS D 127 1.59 -35.20 -52.27
N VAL D 128 2.76 -34.57 -52.45
CA VAL D 128 3.00 -33.23 -51.86
C VAL D 128 1.86 -32.28 -52.29
N ALA D 129 1.25 -31.60 -51.32
CA ALA D 129 0.18 -30.58 -51.55
C ALA D 129 -0.82 -31.08 -52.60
N PRO D 130 -1.58 -32.14 -52.26
CA PRO D 130 -2.50 -32.80 -53.21
C PRO D 130 -3.86 -32.10 -53.32
N ILE D 131 -4.15 -31.17 -52.43
CA ILE D 131 -5.47 -30.48 -52.44
C ILE D 131 -5.39 -29.26 -53.37
N GLN D 132 -4.33 -28.46 -53.31
CA GLN D 132 -4.19 -27.24 -54.16
C GLN D 132 -2.76 -27.00 -54.66
N GLY D 133 -1.75 -27.18 -53.82
CA GLY D 133 -0.43 -26.54 -54.02
C GLY D 133 0.41 -27.14 -55.14
N PHE D 134 0.47 -28.46 -55.28
CA PHE D 134 1.54 -29.11 -56.08
C PHE D 134 0.99 -30.34 -56.81
N SER D 135 0.82 -31.46 -56.11
CA SER D 135 0.28 -32.70 -56.71
C SER D 135 -1.12 -32.47 -57.28
N ALA D 136 -1.85 -31.52 -56.72
CA ALA D 136 -3.18 -31.12 -57.24
C ALA D 136 -3.07 -30.69 -58.71
N LYS D 137 -1.89 -30.26 -59.17
CA LYS D 137 -1.75 -29.70 -60.54
C LYS D 137 -1.31 -30.80 -61.52
N TRP D 138 -1.10 -32.01 -61.00
CA TRP D 138 -0.68 -33.19 -61.79
C TRP D 138 -1.92 -34.05 -62.08
N ASP D 139 -2.02 -34.53 -63.31
CA ASP D 139 -3.11 -35.44 -63.73
C ASP D 139 -2.59 -36.87 -63.59
N TYR D 140 -3.00 -37.56 -62.53
CA TYR D 140 -2.48 -38.92 -62.23
C TYR D 140 -3.06 -39.89 -63.25
N ASP D 141 -4.17 -39.52 -63.91
CA ASP D 141 -4.83 -40.41 -64.90
C ASP D 141 -4.08 -40.35 -66.23
N LYS D 142 -3.70 -39.15 -66.67
CA LYS D 142 -3.07 -38.94 -67.99
C LYS D 142 -1.55 -38.86 -67.85
N ASN D 143 -1.01 -38.80 -66.64
CA ASN D 143 0.46 -38.83 -66.45
C ASN D 143 1.09 -37.55 -67.06
N GLU D 144 0.50 -36.40 -66.79
CA GLU D 144 1.03 -35.12 -67.31
C GLU D 144 0.50 -34.00 -66.40
N TRP D 145 1.07 -32.80 -66.48
CA TRP D 145 0.53 -31.61 -65.77
C TRP D 145 -0.84 -31.29 -66.34
N LYS D 146 -1.80 -30.84 -65.53
CA LYS D 146 -3.18 -30.46 -65.98
C LYS D 146 -3.11 -29.26 -66.93
N THR E 7 -25.01 30.26 -41.42
CA THR E 7 -25.53 30.17 -42.86
C THR E 7 -24.64 30.89 -43.88
N ASP E 8 -24.77 30.51 -45.15
CA ASP E 8 -23.95 31.07 -46.26
C ASP E 8 -24.11 32.60 -46.34
N GLU E 9 -25.34 33.10 -46.32
CA GLU E 9 -25.63 34.56 -46.46
C GLU E 9 -24.97 35.31 -45.31
N GLU E 10 -25.00 34.75 -44.10
CA GLU E 10 -24.43 35.40 -42.87
C GLU E 10 -22.91 35.45 -42.98
N PHE E 11 -22.31 34.36 -43.45
CA PHE E 11 -20.85 34.29 -43.64
C PHE E 11 -20.43 35.38 -44.64
N ASP E 12 -21.12 35.41 -45.78
CA ASP E 12 -20.80 36.35 -46.88
C ASP E 12 -20.97 37.79 -46.36
N ALA E 13 -22.01 38.07 -45.58
CA ALA E 13 -22.30 39.43 -45.05
C ALA E 13 -21.16 39.86 -44.10
N ARG E 14 -20.69 38.95 -43.25
CA ARG E 14 -19.58 39.21 -42.28
C ARG E 14 -18.35 39.64 -43.08
N TRP E 15 -18.05 38.95 -44.17
CA TRP E 15 -16.83 39.18 -44.98
C TRP E 15 -16.98 40.46 -45.80
N VAL E 16 -18.17 40.73 -46.37
CA VAL E 16 -18.43 42.05 -47.03
C VAL E 16 -18.19 43.18 -46.02
N THR E 17 -18.76 43.08 -44.82
CA THR E 17 -18.63 44.11 -43.76
C THR E 17 -17.15 44.30 -43.44
N TYR E 18 -16.40 43.22 -43.32
CA TYR E 18 -14.96 43.25 -42.95
C TYR E 18 -14.22 44.16 -43.95
N PHE E 19 -14.38 43.89 -45.24
CA PHE E 19 -13.59 44.57 -46.29
C PHE E 19 -14.14 45.99 -46.53
N ASN E 20 -15.43 46.25 -46.23
CA ASN E 20 -16.08 47.57 -46.45
C ASN E 20 -15.70 48.59 -45.38
N LYS E 21 -15.02 48.19 -44.30
CA LYS E 21 -14.66 49.17 -43.24
C LYS E 21 -13.87 50.30 -43.90
N PRO E 22 -14.37 51.56 -43.88
CA PRO E 22 -13.71 52.63 -44.62
C PRO E 22 -12.21 52.75 -44.34
N ASP E 23 -11.80 52.70 -43.06
CA ASP E 23 -10.39 52.93 -42.64
C ASP E 23 -9.68 51.58 -42.41
N ILE E 24 -10.12 50.51 -43.08
CA ILE E 24 -9.35 49.22 -43.09
C ILE E 24 -7.88 49.52 -43.42
N ASP E 25 -6.97 48.90 -42.66
CA ASP E 25 -5.51 49.11 -42.88
C ASP E 25 -4.93 47.93 -43.65
N ALA E 26 -3.69 48.10 -44.09
CA ALA E 26 -2.99 47.14 -44.97
C ALA E 26 -2.96 45.79 -44.24
N TRP E 27 -2.64 45.80 -42.94
CA TRP E 27 -2.55 44.57 -42.13
C TRP E 27 -3.88 43.83 -42.17
N GLU E 28 -4.98 44.55 -41.98
CA GLU E 28 -6.34 43.97 -41.99
C GLU E 28 -6.68 43.41 -43.38
N LEU E 29 -6.30 44.10 -44.44
CA LEU E 29 -6.56 43.60 -45.81
C LEU E 29 -5.87 42.24 -46.00
N ARG E 30 -4.61 42.13 -45.61
CA ARG E 30 -3.83 40.88 -45.78
C ARG E 30 -4.44 39.78 -44.88
N LYS E 31 -4.63 40.10 -43.60
CA LYS E 31 -5.22 39.16 -42.62
C LYS E 31 -6.52 38.59 -43.22
N GLY E 32 -7.36 39.47 -43.74
CA GLY E 32 -8.64 39.05 -44.33
C GLY E 32 -8.44 38.06 -45.45
N MET E 33 -7.66 38.43 -46.47
CA MET E 33 -7.52 37.55 -47.66
C MET E 33 -6.79 36.26 -47.24
N ASN E 34 -5.77 36.34 -46.38
CA ASN E 34 -4.95 35.16 -46.00
C ASN E 34 -5.82 34.19 -45.18
N THR E 35 -6.78 34.69 -44.40
CA THR E 35 -7.73 33.89 -43.61
C THR E 35 -8.77 33.30 -44.55
N LEU E 36 -9.32 34.13 -45.44
CA LEU E 36 -10.44 33.72 -46.33
C LEU E 36 -10.01 32.54 -47.21
N VAL E 37 -8.76 32.52 -47.68
CA VAL E 37 -8.37 31.45 -48.64
C VAL E 37 -8.15 30.12 -47.92
N GLY E 38 -8.23 30.07 -46.59
CA GLY E 38 -8.15 28.81 -45.83
C GLY E 38 -9.43 27.99 -45.86
N TYR E 39 -10.56 28.61 -46.23
CA TYR E 39 -11.89 27.98 -46.21
C TYR E 39 -12.11 27.14 -47.47
N ASP E 40 -13.03 26.17 -47.34
CA ASP E 40 -13.44 25.28 -48.45
C ASP E 40 -14.48 26.02 -49.27
N LEU E 41 -14.04 27.06 -49.97
CA LEU E 41 -14.93 27.84 -50.88
C LEU E 41 -14.10 28.78 -51.74
N VAL E 42 -14.69 29.15 -52.86
CA VAL E 42 -14.23 30.31 -53.66
C VAL E 42 -15.10 31.48 -53.25
N PRO E 43 -14.53 32.61 -52.77
CA PRO E 43 -15.36 33.70 -52.26
C PRO E 43 -16.35 34.21 -53.31
N GLU E 44 -17.57 34.48 -52.84
CA GLU E 44 -18.63 35.11 -53.68
C GLU E 44 -18.09 36.41 -54.27
N PRO E 45 -18.48 36.75 -55.51
CA PRO E 45 -18.14 38.06 -56.08
C PRO E 45 -18.38 39.24 -55.14
N LYS E 46 -19.48 39.26 -54.38
CA LYS E 46 -19.70 40.44 -53.50
C LYS E 46 -18.56 40.55 -52.49
N ILE E 47 -17.96 39.45 -52.05
CA ILE E 47 -16.84 39.56 -51.08
C ILE E 47 -15.63 40.11 -51.83
N ILE E 48 -15.35 39.58 -53.02
CA ILE E 48 -14.18 40.02 -53.81
C ILE E 48 -14.33 41.52 -54.12
N ASP E 49 -15.49 41.96 -54.55
CA ASP E 49 -15.81 43.37 -54.85
C ASP E 49 -15.38 44.23 -53.65
N ALA E 50 -15.82 43.86 -52.45
CA ALA E 50 -15.50 44.63 -51.24
C ALA E 50 -13.98 44.62 -50.98
N ALA E 51 -13.28 43.50 -51.20
CA ALA E 51 -11.80 43.41 -51.02
C ALA E 51 -11.10 44.30 -52.06
N LEU E 52 -11.58 44.30 -53.30
CA LEU E 52 -10.94 45.11 -54.37
C LEU E 52 -11.10 46.61 -54.02
N ARG E 53 -12.26 47.02 -53.50
CA ARG E 53 -12.51 48.44 -53.11
C ARG E 53 -11.65 48.81 -51.90
N ALA E 54 -11.39 47.86 -51.00
CA ALA E 54 -10.42 48.06 -49.90
C ALA E 54 -9.03 48.34 -50.52
N CYS E 55 -8.63 47.57 -51.55
CA CYS E 55 -7.32 47.78 -52.22
C CYS E 55 -7.30 49.22 -52.74
N ARG E 56 -8.41 49.68 -53.32
CA ARG E 56 -8.47 51.05 -53.87
C ARG E 56 -8.25 52.08 -52.73
N ARG E 57 -8.93 51.94 -51.61
CA ARG E 57 -8.82 52.91 -50.48
C ARG E 57 -7.39 52.87 -49.96
N LEU E 58 -6.72 51.72 -50.09
CA LEU E 58 -5.32 51.55 -49.62
C LEU E 58 -4.31 51.83 -50.75
N ASN E 59 -4.74 52.31 -51.91
CA ASN E 59 -3.86 52.71 -53.04
C ASN E 59 -2.92 51.55 -53.40
N ASP E 60 -3.48 50.33 -53.45
CA ASP E 60 -2.69 49.10 -53.66
C ASP E 60 -3.28 48.33 -54.84
N PHE E 61 -2.83 48.71 -56.04
CA PHE E 61 -3.22 48.09 -57.33
C PHE E 61 -2.74 46.62 -57.33
N ALA E 62 -1.52 46.36 -56.89
CA ALA E 62 -0.92 45.02 -57.03
C ALA E 62 -1.77 44.01 -56.24
N SER E 63 -2.19 44.34 -55.01
CA SER E 63 -2.97 43.41 -54.15
C SER E 63 -4.31 43.12 -54.85
N ALA E 64 -4.89 44.07 -55.58
CA ALA E 64 -6.15 43.80 -56.32
C ALA E 64 -5.94 42.69 -57.36
N VAL E 65 -4.85 42.75 -58.09
CA VAL E 65 -4.55 41.72 -59.12
C VAL E 65 -4.35 40.36 -58.42
N ARG E 66 -3.63 40.36 -57.29
CA ARG E 66 -3.27 39.13 -56.55
C ARG E 66 -4.56 38.45 -56.04
N ILE E 67 -5.51 39.28 -55.61
CA ILE E 67 -6.84 38.76 -55.13
C ILE E 67 -7.49 38.03 -56.31
N LEU E 68 -7.45 38.59 -57.51
CA LEU E 68 -8.06 37.89 -58.67
C LEU E 68 -7.32 36.57 -58.92
N GLU E 69 -6.00 36.55 -58.76
CA GLU E 69 -5.25 35.28 -58.96
C GLU E 69 -5.71 34.25 -57.91
N VAL E 70 -5.92 34.67 -56.68
CA VAL E 70 -6.18 33.65 -55.65
C VAL E 70 -7.63 33.15 -55.81
N VAL E 71 -8.53 33.93 -56.38
CA VAL E 71 -9.88 33.38 -56.76
C VAL E 71 -9.70 32.22 -57.75
N LYS E 72 -8.94 32.44 -58.82
CA LYS E 72 -8.68 31.38 -59.81
C LYS E 72 -8.07 30.16 -59.08
N ASP E 73 -7.11 30.38 -58.21
CA ASP E 73 -6.38 29.27 -57.57
C ASP E 73 -7.33 28.44 -56.70
N LYS E 74 -8.20 29.08 -55.94
CA LYS E 74 -9.12 28.41 -54.98
C LYS E 74 -10.12 27.53 -55.75
N ALA E 75 -10.36 27.81 -57.04
CA ALA E 75 -11.31 27.01 -57.86
C ALA E 75 -10.69 25.66 -58.25
N GLY E 76 -9.37 25.52 -58.13
CA GLY E 76 -8.74 24.22 -58.46
C GLY E 76 -9.10 23.81 -59.89
N PRO E 77 -9.59 22.59 -60.13
CA PRO E 77 -9.87 22.08 -61.48
C PRO E 77 -11.18 22.61 -62.07
N HIS E 78 -11.98 23.34 -61.27
CA HIS E 78 -13.31 23.85 -61.68
C HIS E 78 -13.07 25.14 -62.50
N LYS E 79 -12.72 24.97 -63.77
CA LYS E 79 -12.32 26.05 -64.72
C LYS E 79 -13.48 27.01 -64.99
N GLU E 80 -14.72 26.67 -64.66
CA GLU E 80 -15.88 27.55 -64.94
C GLU E 80 -15.99 28.67 -63.88
N ILE E 81 -15.35 28.54 -62.72
CA ILE E 81 -15.64 29.46 -61.58
C ILE E 81 -14.98 30.82 -61.84
N TYR E 82 -13.71 30.83 -62.16
CA TYR E 82 -12.97 32.11 -62.31
C TYR E 82 -13.62 32.99 -63.39
N PRO E 83 -13.86 32.49 -64.62
CA PRO E 83 -14.48 33.33 -65.66
C PRO E 83 -15.87 33.83 -65.22
N TYR E 84 -16.62 33.04 -64.46
CA TYR E 84 -17.91 33.50 -63.87
C TYR E 84 -17.64 34.69 -62.95
N VAL E 85 -16.67 34.57 -62.05
CA VAL E 85 -16.43 35.64 -61.04
C VAL E 85 -15.98 36.92 -61.77
N ILE E 86 -15.08 36.80 -62.75
CA ILE E 86 -14.61 37.98 -63.55
C ILE E 86 -15.83 38.61 -64.22
N GLN E 87 -16.67 37.80 -64.85
CA GLN E 87 -17.92 38.33 -65.45
C GLN E 87 -18.65 39.20 -64.43
N GLU E 88 -18.92 38.68 -63.23
CA GLU E 88 -19.69 39.39 -62.19
C GLU E 88 -18.95 40.65 -61.72
N LEU E 89 -17.63 40.65 -61.77
CA LEU E 89 -16.84 41.82 -61.30
C LEU E 89 -16.59 42.88 -62.38
N ARG E 90 -16.90 42.60 -63.64
CA ARG E 90 -16.54 43.51 -64.76
C ARG E 90 -16.95 44.94 -64.43
N PRO E 91 -18.18 45.26 -63.95
CA PRO E 91 -18.52 46.65 -63.64
C PRO E 91 -17.51 47.28 -62.64
N THR E 92 -17.14 46.55 -61.60
CA THR E 92 -16.15 47.05 -60.59
C THR E 92 -14.77 47.16 -61.22
N LEU E 93 -14.35 46.18 -62.01
CA LEU E 93 -13.03 46.26 -62.66
C LEU E 93 -12.96 47.50 -63.55
N ASN E 94 -14.02 47.77 -64.32
CA ASN E 94 -14.08 48.95 -65.22
C ASN E 94 -14.05 50.24 -64.40
N GLU E 95 -14.86 50.31 -63.36
CA GLU E 95 -14.97 51.52 -62.51
C GLU E 95 -13.59 51.81 -61.89
N LEU E 96 -12.89 50.81 -61.37
CA LEU E 96 -11.64 51.04 -60.61
C LEU E 96 -10.40 50.96 -61.50
N GLY E 97 -10.54 50.59 -62.78
CA GLY E 97 -9.39 50.40 -63.69
C GLY E 97 -8.50 49.24 -63.26
N ILE E 98 -9.10 48.16 -62.75
CA ILE E 98 -8.33 46.95 -62.37
C ILE E 98 -8.20 46.08 -63.62
N SER E 99 -6.98 45.84 -64.08
CA SER E 99 -6.69 44.86 -65.14
C SER E 99 -6.62 43.46 -64.52
N THR E 100 -7.16 42.47 -65.23
CA THR E 100 -7.08 41.07 -64.78
C THR E 100 -5.64 40.58 -64.94
N PRO E 101 -5.23 39.53 -64.22
CA PRO E 101 -3.94 38.89 -64.46
C PRO E 101 -3.73 38.53 -65.94
N GLU E 102 -4.80 38.10 -66.60
CA GLU E 102 -4.73 37.70 -68.03
C GLU E 102 -4.42 38.95 -68.88
N GLU E 103 -5.08 40.08 -68.59
CA GLU E 103 -4.83 41.35 -69.32
C GLU E 103 -3.39 41.83 -69.11
N LEU E 104 -2.77 41.45 -68.00
CA LEU E 104 -1.38 41.88 -67.69
C LEU E 104 -0.35 40.81 -68.08
N GLY E 105 -0.78 39.69 -68.68
CA GLY E 105 0.14 38.60 -69.05
C GLY E 105 0.68 37.84 -67.85
N LEU E 106 0.07 37.99 -66.67
CA LEU E 106 0.58 37.34 -65.42
C LEU E 106 0.04 35.90 -65.26
N ASP E 107 -0.72 35.41 -66.25
CA ASP E 107 -1.12 33.98 -66.34
C ASP E 107 -0.08 33.15 -67.12
N LYS E 108 1.03 33.68 -67.62
CA LYS E 108 1.99 32.86 -68.43
C LYS E 108 3.01 32.17 -67.51
N GLY F 3 17.18 26.08 20.56
CA GLY F 3 18.27 25.39 19.88
C GLY F 3 18.21 25.81 18.42
N GLY F 4 19.20 26.64 18.00
CA GLY F 4 19.35 27.23 16.64
C GLY F 4 20.58 26.70 15.86
N GLY F 5 21.27 27.54 15.07
CA GLY F 5 22.54 27.18 14.39
C GLY F 5 22.37 26.76 12.92
N VAL F 6 21.15 26.73 12.38
CA VAL F 6 20.92 26.50 10.93
C VAL F 6 20.74 27.86 10.26
N PRO F 7 21.54 28.17 9.23
CA PRO F 7 21.36 29.42 8.50
C PRO F 7 20.00 29.45 7.79
N THR F 8 19.48 30.66 7.55
CA THR F 8 18.29 30.93 6.72
C THR F 8 18.74 31.28 5.28
N ASP F 9 17.82 31.15 4.34
CA ASP F 9 18.00 31.67 2.97
C ASP F 9 18.34 33.17 3.05
N GLU F 10 17.65 33.92 3.90
CA GLU F 10 17.89 35.37 4.03
C GLU F 10 19.38 35.58 4.38
N GLU F 11 19.95 34.74 5.26
CA GLU F 11 21.38 34.88 5.67
C GLU F 11 22.31 34.36 4.58
N GLN F 12 21.99 33.29 3.87
CA GLN F 12 23.08 32.51 3.18
C GLN F 12 22.78 32.30 1.69
N ALA F 13 21.55 32.52 1.20
CA ALA F 13 21.29 32.37 -0.25
C ALA F 13 22.18 33.37 -0.97
N THR F 14 22.68 32.97 -2.15
CA THR F 14 23.62 33.78 -2.95
C THR F 14 23.27 33.69 -4.44
N GLY F 15 24.01 34.41 -5.28
CA GLY F 15 23.88 34.35 -6.74
C GLY F 15 22.43 34.47 -7.22
N LEU F 16 22.07 33.70 -8.25
CA LEU F 16 20.75 33.87 -8.90
C LEU F 16 19.62 33.51 -7.91
N GLU F 17 19.81 32.50 -7.09
CA GLU F 17 18.84 32.09 -6.06
C GLU F 17 18.48 33.32 -5.22
N ARG F 18 19.48 34.06 -4.78
CA ARG F 18 19.23 35.25 -3.94
C ARG F 18 18.52 36.33 -4.76
N GLU F 19 18.92 36.53 -6.01
CA GLU F 19 18.26 37.58 -6.85
C GLU F 19 16.77 37.26 -6.99
N VAL F 20 16.44 36.00 -7.21
CA VAL F 20 15.03 35.57 -7.41
C VAL F 20 14.25 35.84 -6.12
N MET F 21 14.86 35.45 -4.99
N MET F 21 14.83 35.47 -4.98
CA MET F 21 14.32 35.58 -3.61
CA MET F 21 14.15 35.61 -3.67
C MET F 21 13.97 37.05 -3.32
C MET F 21 13.92 37.11 -3.37
N LEU F 22 14.93 37.94 -3.58
CA LEU F 22 14.81 39.39 -3.23
C LEU F 22 13.80 40.02 -4.20
N ALA F 23 13.81 39.66 -5.47
CA ALA F 23 12.83 40.22 -6.43
C ALA F 23 11.40 39.79 -6.07
N ALA F 24 11.16 38.52 -5.70
CA ALA F 24 9.82 38.00 -5.34
C ALA F 24 9.28 38.78 -4.12
N ARG F 25 10.09 39.11 -3.14
CA ARG F 25 9.64 39.91 -1.96
C ARG F 25 9.05 41.24 -2.43
N LYS F 26 9.57 41.79 -3.53
CA LYS F 26 9.16 43.11 -4.07
C LYS F 26 8.06 42.95 -5.12
N GLY F 27 7.49 41.75 -5.28
CA GLY F 27 6.47 41.46 -6.31
C GLY F 27 7.02 41.56 -7.71
N GLN F 28 8.32 41.36 -7.92
CA GLN F 28 8.96 41.52 -9.26
C GLN F 28 9.42 40.15 -9.78
N ASP F 29 9.50 40.01 -11.10
CA ASP F 29 9.75 38.70 -11.78
C ASP F 29 10.74 38.89 -12.92
N PRO F 30 11.98 39.37 -12.66
CA PRO F 30 12.99 39.58 -13.70
C PRO F 30 13.46 38.27 -14.40
N TYR F 31 13.23 37.11 -13.79
CA TYR F 31 13.70 35.82 -14.34
C TYR F 31 12.51 34.99 -14.83
N ASN F 32 11.37 35.64 -15.06
CA ASN F 32 10.29 35.06 -15.92
C ASN F 32 9.77 33.76 -15.31
N ILE F 33 9.51 33.76 -14.02
CA ILE F 33 9.00 32.55 -13.32
C ILE F 33 7.49 32.48 -13.49
N LEU F 34 6.82 33.61 -13.64
CA LEU F 34 5.35 33.64 -13.66
C LEU F 34 4.87 33.88 -15.10
N ALA F 35 3.69 33.34 -15.41
CA ALA F 35 3.00 33.64 -16.68
C ALA F 35 2.47 35.06 -16.57
N PRO F 36 2.77 35.96 -17.53
CA PRO F 36 2.14 37.28 -17.52
C PRO F 36 0.64 37.21 -17.86
N LYS F 37 -0.10 38.13 -17.27
CA LYS F 37 -1.58 38.21 -17.41
C LYS F 37 -1.87 39.09 -18.62
N ALA F 38 -2.72 38.68 -19.56
CA ALA F 38 -3.07 39.45 -20.78
C ALA F 38 -3.83 40.73 -20.41
N THR F 39 -3.64 41.79 -21.19
CA THR F 39 -4.55 42.99 -21.22
C THR F 39 -5.68 42.65 -22.19
N SER F 40 -6.50 43.62 -22.60
CA SER F 40 -7.56 43.38 -23.65
C SER F 40 -6.90 43.20 -25.02
N GLY F 41 -5.64 43.62 -25.16
CA GLY F 41 -4.86 43.41 -26.39
C GLY F 41 -5.32 44.28 -27.56
N THR F 42 -6.01 45.39 -27.32
CA THR F 42 -6.35 46.38 -28.39
C THR F 42 -5.11 47.25 -28.71
N LYS F 43 -5.15 48.04 -29.78
CA LYS F 43 -4.01 48.92 -30.11
C LYS F 43 -3.84 49.97 -29.00
N GLU F 44 -4.93 50.34 -28.31
CA GLU F 44 -4.92 51.32 -27.20
C GLU F 44 -4.39 50.63 -25.94
N ASP F 45 -4.58 49.32 -25.81
CA ASP F 45 -4.22 48.61 -24.55
C ASP F 45 -3.42 47.37 -24.90
N PRO F 46 -2.24 47.52 -25.55
CA PRO F 46 -1.50 46.35 -26.02
C PRO F 46 -0.94 45.54 -24.86
N ASN F 47 -0.68 44.25 -25.09
CA ASN F 47 0.09 43.42 -24.13
C ASN F 47 1.50 43.98 -24.08
N LEU F 48 2.01 44.27 -22.88
CA LEU F 48 3.34 44.90 -22.72
C LEU F 48 4.36 43.79 -22.44
N VAL F 49 5.31 43.62 -23.37
CA VAL F 49 6.33 42.55 -23.37
C VAL F 49 7.69 43.13 -22.98
N PRO F 50 8.14 42.88 -21.73
CA PRO F 50 9.47 43.31 -21.30
C PRO F 50 10.53 42.55 -22.09
N SER F 51 11.63 43.24 -22.33
CA SER F 51 12.82 42.61 -22.94
C SER F 51 14.10 43.29 -22.43
N ILE F 52 15.21 42.54 -22.40
CA ILE F 52 16.53 43.18 -22.15
C ILE F 52 17.19 43.47 -23.49
N THR F 53 16.52 43.20 -24.60
CA THR F 53 17.06 43.51 -25.95
C THR F 53 15.95 44.16 -26.77
N ASN F 54 16.12 44.27 -28.09
CA ASN F 54 15.18 45.00 -28.98
C ASN F 54 14.23 44.02 -29.71
N LYS F 55 14.25 42.75 -29.32
CA LYS F 55 13.28 41.79 -29.88
C LYS F 55 13.15 40.61 -28.91
N ARG F 56 11.98 40.00 -28.92
CA ARG F 56 11.66 38.85 -28.04
C ARG F 56 10.59 38.01 -28.76
N ILE F 57 10.69 36.70 -28.60
CA ILE F 57 9.66 35.79 -29.18
C ILE F 57 8.42 35.83 -28.30
N VAL F 58 7.28 36.02 -28.94
CA VAL F 58 5.96 35.90 -28.34
C VAL F 58 5.34 34.60 -28.82
N GLY F 59 4.71 33.88 -27.88
CA GLY F 59 3.79 32.79 -28.17
C GLY F 59 2.39 33.25 -27.84
N CYS F 60 1.47 33.17 -28.80
CA CYS F 60 0.08 33.61 -28.58
C CYS F 60 -0.82 32.37 -28.58
N ILE F 61 -1.41 32.08 -27.44
CA ILE F 61 -2.52 31.11 -27.27
C ILE F 61 -3.80 31.89 -27.52
N CYS F 62 -4.28 31.89 -28.75
CA CYS F 62 -5.25 32.91 -29.22
C CYS F 62 -6.57 32.76 -28.47
N GLU F 63 -6.97 31.52 -28.23
CA GLU F 63 -8.19 31.22 -27.45
C GLU F 63 -7.83 30.15 -26.42
N GLU F 64 -8.55 30.22 -25.31
CA GLU F 64 -8.32 29.39 -24.14
C GLU F 64 -8.34 27.93 -24.60
N ASP F 65 -7.33 27.16 -24.23
CA ASP F 65 -7.35 25.70 -24.56
C ASP F 65 -7.06 25.39 -26.03
N ASN F 66 -6.77 26.37 -26.89
CA ASN F 66 -6.07 26.07 -28.15
C ASN F 66 -4.83 25.22 -27.80
N SER F 67 -4.57 24.17 -28.57
CA SER F 67 -3.33 23.37 -28.44
C SER F 67 -2.21 24.02 -29.28
N THR F 68 -2.58 24.78 -30.30
CA THR F 68 -1.66 25.43 -31.25
C THR F 68 -1.21 26.78 -30.68
N VAL F 69 0.07 26.95 -30.45
CA VAL F 69 0.65 28.25 -30.05
C VAL F 69 1.19 28.93 -31.32
N ILE F 70 0.94 30.22 -31.47
CA ILE F 70 1.43 31.01 -32.64
C ILE F 70 2.64 31.81 -32.21
N TRP F 71 3.78 31.57 -32.84
CA TRP F 71 5.09 32.12 -32.44
C TRP F 71 5.56 33.20 -33.41
N PHE F 72 6.05 34.31 -32.87
CA PHE F 72 6.62 35.37 -33.75
C PHE F 72 7.58 36.23 -32.94
N TRP F 73 8.54 36.84 -33.65
CA TRP F 73 9.42 37.89 -33.08
C TRP F 73 8.65 39.19 -32.94
N LEU F 74 8.66 39.75 -31.74
CA LEU F 74 8.19 41.12 -31.46
C LEU F 74 9.40 42.05 -31.39
N HIS F 75 9.39 43.09 -32.22
CA HIS F 75 10.50 44.07 -32.36
C HIS F 75 10.14 45.36 -31.61
N LYS F 76 11.17 46.04 -31.11
CA LYS F 76 10.99 47.42 -30.57
C LYS F 76 10.28 48.29 -31.60
N GLY F 77 9.34 49.13 -31.16
CA GLY F 77 8.66 50.10 -32.03
C GLY F 77 7.16 49.92 -31.95
N GLU F 78 6.49 50.17 -33.05
CA GLU F 78 5.01 50.12 -33.12
C GLU F 78 4.52 48.72 -32.74
N ALA F 79 3.42 48.67 -32.00
CA ALA F 79 2.72 47.42 -31.61
C ALA F 79 2.60 46.53 -32.85
N GLN F 80 2.78 45.23 -32.67
CA GLN F 80 2.54 44.22 -33.71
C GLN F 80 1.35 43.37 -33.31
N ARG F 81 0.84 42.60 -34.25
CA ARG F 81 -0.40 41.82 -34.04
C ARG F 81 -0.07 40.35 -34.26
N CYS F 82 -0.67 39.52 -33.42
CA CYS F 82 -0.68 38.06 -33.65
C CYS F 82 -1.25 37.80 -35.06
N PRO F 83 -0.52 37.05 -35.90
CA PRO F 83 -0.97 36.83 -37.27
C PRO F 83 -2.17 35.88 -37.36
N SER F 84 -2.55 35.24 -36.25
CA SER F 84 -3.75 34.37 -36.19
C SER F 84 -4.93 35.17 -35.64
N CYS F 85 -4.82 35.84 -34.48
CA CYS F 85 -6.01 36.44 -33.80
C CYS F 85 -5.99 37.99 -33.83
N GLY F 86 -4.90 38.61 -34.25
CA GLY F 86 -4.77 40.08 -34.30
C GLY F 86 -4.53 40.77 -32.97
N THR F 87 -4.40 40.02 -31.85
N THR F 87 -4.44 40.04 -31.84
CA THR F 87 -4.04 40.56 -30.52
CA THR F 87 -4.16 40.70 -30.54
C THR F 87 -2.77 41.41 -30.61
C THR F 87 -2.83 41.42 -30.62
N HIS F 88 -2.79 42.59 -29.97
CA HIS F 88 -1.68 43.56 -30.02
C HIS F 88 -0.68 43.26 -28.90
N TYR F 89 0.60 43.37 -29.24
CA TYR F 89 1.77 43.22 -28.35
C TYR F 89 2.73 44.38 -28.62
N LYS F 90 3.28 44.95 -27.56
CA LYS F 90 4.25 46.05 -27.68
C LYS F 90 5.48 45.74 -26.83
N LEU F 91 6.67 45.87 -27.41
CA LEU F 91 7.92 45.60 -26.67
C LEU F 91 8.23 46.79 -25.77
N VAL F 92 8.69 46.49 -24.56
CA VAL F 92 9.13 47.50 -23.56
C VAL F 92 10.55 47.10 -23.18
N PRO F 93 11.58 47.50 -23.97
CA PRO F 93 12.96 47.11 -23.66
C PRO F 93 13.46 47.60 -22.28
N GLY G 12 6.18 18.04 14.30
CA GLY G 12 7.23 18.76 14.78
C GLY G 12 8.40 17.80 15.04
N ALA G 13 9.57 18.38 15.15
CA ALA G 13 10.77 17.67 15.59
C ALA G 13 10.54 17.00 16.95
N ARG G 14 9.87 17.70 17.85
CA ARG G 14 9.66 17.22 19.22
C ARG G 14 8.94 15.87 19.18
N THR G 15 7.90 15.77 18.37
CA THR G 15 7.11 14.55 18.26
C THR G 15 7.97 13.42 17.65
N TRP G 16 8.73 13.70 16.59
CA TRP G 16 9.52 12.63 15.91
C TRP G 16 10.69 12.22 16.82
N ARG G 17 11.21 13.10 17.64
CA ARG G 17 12.22 12.66 18.64
C ARG G 17 11.54 11.75 19.70
N PHE G 18 10.35 12.10 20.12
CA PHE G 18 9.56 11.33 21.09
C PHE G 18 9.35 9.91 20.49
N LEU G 19 8.99 9.82 19.21
CA LEU G 19 8.82 8.50 18.55
C LEU G 19 10.16 7.78 18.45
N THR G 20 11.23 8.51 18.13
CA THR G 20 12.56 7.87 17.97
C THR G 20 12.96 7.19 19.28
N PHE G 21 12.91 7.94 20.38
CA PHE G 21 13.41 7.43 21.68
C PHE G 21 12.33 6.62 22.42
N GLY G 22 11.04 6.86 22.15
CA GLY G 22 9.95 6.30 22.96
C GLY G 22 9.41 5.01 22.37
N LEU G 23 9.57 4.81 21.06
CA LEU G 23 9.00 3.65 20.36
C LEU G 23 10.06 2.96 19.53
N ALA G 24 10.73 3.69 18.63
CA ALA G 24 11.63 3.08 17.63
C ALA G 24 12.84 2.42 18.30
N LEU G 25 13.60 3.17 19.11
CA LEU G 25 14.82 2.54 19.68
C LEU G 25 14.47 1.49 20.74
N PRO G 26 13.42 1.67 21.56
CA PRO G 26 12.98 0.57 22.42
C PRO G 26 12.68 -0.72 21.64
N SER G 27 12.05 -0.60 20.45
CA SER G 27 11.76 -1.76 19.57
C SER G 27 13.07 -2.44 19.17
N VAL G 28 14.06 -1.66 18.77
CA VAL G 28 15.38 -2.19 18.38
C VAL G 28 16.00 -2.87 19.59
N ALA G 29 15.88 -2.27 20.76
CA ALA G 29 16.50 -2.85 21.98
C ALA G 29 15.85 -4.21 22.29
N LEU G 30 14.52 -4.30 22.16
CA LEU G 30 13.76 -5.53 22.42
C LEU G 30 14.14 -6.61 21.38
N CYS G 31 14.20 -6.25 20.09
CA CYS G 31 14.56 -7.25 19.05
C CYS G 31 16.03 -7.65 19.21
N THR G 32 16.89 -6.74 19.70
CA THR G 32 18.32 -7.05 19.94
C THR G 32 18.39 -8.11 21.05
N LEU G 33 17.62 -7.94 22.12
CA LEU G 33 17.48 -8.93 23.23
C LEU G 33 16.98 -10.30 22.70
N ASN G 34 15.85 -10.30 21.99
CA ASN G 34 15.27 -11.47 21.29
C ASN G 34 16.37 -12.21 20.50
N SER G 35 17.07 -11.52 19.60
CA SER G 35 18.14 -12.16 18.77
C SER G 35 19.24 -12.71 19.67
N TRP G 36 19.64 -11.97 20.71
CA TRP G 36 20.75 -12.33 21.62
C TRP G 36 20.40 -13.66 22.30
N LEU G 37 19.13 -13.85 22.64
CA LEU G 37 18.70 -15.03 23.43
C LEU G 37 18.62 -16.26 22.53
N HIS G 38 18.25 -16.10 21.27
CA HIS G 38 18.05 -17.21 20.30
C HIS G 38 19.31 -17.43 19.47
N SER G 39 20.41 -16.78 19.86
CA SER G 39 21.72 -16.95 19.18
C SER G 39 22.39 -18.20 19.75
N GLY G 40 23.55 -18.55 19.24
CA GLY G 40 24.24 -19.81 19.56
C GLY G 40 24.10 -20.79 18.40
N HIS G 41 25.18 -21.47 18.05
CA HIS G 41 25.29 -22.29 16.82
C HIS G 41 24.30 -23.47 16.91
N ARG G 42 23.28 -23.50 16.04
CA ARG G 42 22.42 -24.70 15.80
C ARG G 42 23.30 -25.79 15.17
N GLU G 43 22.99 -27.07 15.39
CA GLU G 43 23.84 -28.20 14.94
C GLU G 43 23.63 -28.37 13.43
N ARG G 44 24.71 -28.53 12.67
CA ARG G 44 24.63 -28.65 11.20
C ARG G 44 24.02 -30.00 10.81
N PRO G 45 23.20 -30.03 9.74
CA PRO G 45 22.56 -31.25 9.25
C PRO G 45 23.53 -32.16 8.48
N ALA G 46 23.22 -33.46 8.50
CA ALA G 46 23.83 -34.51 7.66
C ALA G 46 24.03 -33.92 6.25
N PHE G 47 25.24 -34.06 5.73
CA PHE G 47 25.56 -33.74 4.33
C PHE G 47 24.85 -34.74 3.42
N ILE G 48 24.15 -34.27 2.42
CA ILE G 48 23.55 -35.12 1.34
C ILE G 48 23.90 -34.41 0.04
N PRO G 49 24.61 -35.10 -0.91
CA PRO G 49 25.03 -34.45 -2.16
C PRO G 49 23.90 -34.22 -3.20
N TYR G 50 22.83 -33.55 -2.79
CA TYR G 50 21.73 -33.12 -3.69
C TYR G 50 22.29 -32.35 -4.89
N HIS G 51 21.76 -32.68 -6.06
CA HIS G 51 22.27 -32.18 -7.36
C HIS G 51 21.71 -30.77 -7.61
N HIS G 52 20.69 -30.32 -6.87
CA HIS G 52 20.13 -28.96 -7.02
C HIS G 52 20.84 -27.96 -6.10
N LEU G 53 21.82 -28.42 -5.33
CA LEU G 53 22.58 -27.59 -4.36
C LEU G 53 24.07 -27.66 -4.71
N ARG G 54 24.88 -26.78 -4.15
CA ARG G 54 26.34 -26.75 -4.36
C ARG G 54 26.60 -26.76 -5.87
N ILE G 55 25.87 -25.92 -6.60
CA ILE G 55 25.96 -25.85 -8.07
C ILE G 55 27.38 -25.40 -8.44
N ARG G 56 27.94 -26.07 -9.43
CA ARG G 56 29.24 -25.65 -10.04
C ARG G 56 29.14 -25.82 -11.55
N THR G 57 28.80 -24.79 -12.28
CA THR G 57 28.82 -24.81 -13.77
C THR G 57 30.10 -24.14 -14.25
N LYS G 58 30.72 -23.32 -13.40
CA LYS G 58 31.97 -22.60 -13.75
C LYS G 58 32.68 -22.33 -12.43
N PRO G 59 34.03 -22.49 -12.37
CA PRO G 59 34.73 -22.17 -11.13
C PRO G 59 34.49 -20.70 -10.78
N PHE G 60 34.32 -20.42 -9.49
CA PHE G 60 34.32 -19.04 -8.96
C PHE G 60 35.67 -18.39 -9.27
N SER G 61 35.65 -17.07 -9.46
CA SER G 61 36.82 -16.27 -9.91
C SER G 61 37.71 -15.90 -8.74
N TRP G 62 37.68 -16.62 -7.62
CA TRP G 62 38.53 -16.34 -6.44
C TRP G 62 38.91 -17.70 -5.81
N GLY G 63 39.91 -17.67 -4.92
CA GLY G 63 40.30 -18.82 -4.10
C GLY G 63 40.63 -19.98 -5.00
N ASP G 64 40.15 -21.17 -4.69
CA ASP G 64 40.45 -22.38 -5.51
C ASP G 64 39.32 -22.61 -6.52
N GLY G 65 38.40 -21.67 -6.71
CA GLY G 65 37.27 -21.85 -7.65
C GLY G 65 36.09 -22.62 -7.08
N ASN G 66 36.21 -23.20 -5.88
CA ASN G 66 35.21 -24.17 -5.37
C ASN G 66 34.57 -23.70 -4.06
N HIS G 67 34.95 -22.52 -3.57
CA HIS G 67 34.48 -21.96 -2.27
C HIS G 67 33.63 -20.73 -2.58
N THR G 68 32.45 -20.65 -1.99
CA THR G 68 31.61 -19.45 -2.15
C THR G 68 32.29 -18.26 -1.45
N PHE G 69 31.81 -17.07 -1.76
CA PHE G 69 32.46 -15.81 -1.36
C PHE G 69 32.49 -15.62 0.16
N PHE G 70 31.47 -16.06 0.88
N PHE G 70 31.41 -16.00 0.87
CA PHE G 70 31.40 -15.92 2.35
CA PHE G 70 31.26 -15.93 2.36
C PHE G 70 31.24 -17.34 2.91
C PHE G 70 31.23 -17.36 2.92
N HIS G 71 32.04 -18.25 2.35
CA HIS G 71 32.17 -19.66 2.79
C HIS G 71 32.47 -19.70 4.30
N ASN G 72 31.64 -20.46 5.01
CA ASN G 72 31.79 -20.72 6.45
C ASN G 72 32.03 -22.21 6.59
N PRO G 73 33.27 -22.67 6.90
CA PRO G 73 33.55 -24.11 6.98
C PRO G 73 32.56 -24.86 7.89
N ARG G 74 32.04 -24.21 8.93
CA ARG G 74 31.19 -24.89 9.95
C ARG G 74 29.86 -25.31 9.29
N VAL G 75 29.30 -24.56 8.35
CA VAL G 75 27.88 -24.80 7.93
C VAL G 75 27.73 -24.90 6.41
N ASN G 76 28.77 -24.63 5.61
CA ASN G 76 28.72 -24.66 4.13
C ASN G 76 29.56 -25.82 3.64
N PRO G 77 28.94 -26.98 3.32
CA PRO G 77 29.69 -28.06 2.69
C PRO G 77 30.06 -27.68 1.24
N LEU G 78 31.18 -28.26 0.79
CA LEU G 78 31.59 -28.30 -0.62
C LEU G 78 30.76 -29.35 -1.34
N PRO G 79 30.78 -29.39 -2.70
CA PRO G 79 30.11 -30.46 -3.45
C PRO G 79 30.41 -31.86 -2.89
N THR G 80 31.60 -32.05 -2.31
CA THR G 80 32.09 -33.37 -1.81
C THR G 80 31.82 -33.51 -0.31
N GLY G 81 31.23 -32.51 0.35
CA GLY G 81 30.86 -32.59 1.77
C GLY G 81 31.60 -31.54 2.60
N TYR G 82 31.46 -31.63 3.93
CA TYR G 82 32.07 -30.66 4.87
C TYR G 82 33.58 -30.82 4.84
N GLU G 83 34.31 -29.72 4.92
CA GLU G 83 35.80 -29.73 4.91
C GLU G 83 36.35 -30.52 6.08
N TYR H 11 -5.17 -51.14 -21.70
CA TYR H 11 -4.26 -49.89 -21.62
C TYR H 11 -3.67 -49.58 -23.00
N GLN H 12 -3.97 -48.37 -23.55
CA GLN H 12 -3.31 -47.85 -24.77
C GLN H 12 -2.25 -46.81 -24.37
N THR H 13 -2.67 -45.71 -23.77
CA THR H 13 -1.75 -44.69 -23.23
C THR H 13 -2.40 -44.04 -22.03
N ALA H 14 -1.71 -43.08 -21.42
CA ALA H 14 -2.19 -42.37 -20.22
C ALA H 14 -3.41 -41.58 -20.63
N PRO H 15 -4.56 -41.71 -19.94
CA PRO H 15 -5.71 -40.89 -20.27
C PRO H 15 -5.48 -39.43 -19.83
N PHE H 16 -6.27 -38.53 -20.41
CA PHE H 16 -6.52 -37.17 -19.88
C PHE H 16 -6.68 -37.25 -18.37
N ASP H 17 -6.05 -36.34 -17.66
CA ASP H 17 -6.10 -36.19 -16.18
C ASP H 17 -6.41 -34.72 -15.90
N SER H 18 -7.60 -34.47 -15.35
CA SER H 18 -8.11 -33.09 -15.15
C SER H 18 -7.21 -32.32 -14.17
N ARG H 19 -6.35 -33.00 -13.41
CA ARG H 19 -5.37 -32.32 -12.54
C ARG H 19 -4.32 -31.62 -13.41
N PHE H 20 -4.10 -32.06 -14.64
CA PHE H 20 -3.00 -31.58 -15.52
C PHE H 20 -3.58 -31.34 -16.90
N PRO H 21 -4.43 -30.29 -17.07
CA PRO H 21 -5.14 -30.10 -18.33
C PRO H 21 -4.41 -29.22 -19.35
N ASN H 22 -3.21 -28.77 -19.03
CA ASN H 22 -2.53 -27.71 -19.84
C ASN H 22 -1.35 -28.28 -20.63
N GLN H 23 -0.74 -27.44 -21.44
CA GLN H 23 0.36 -27.85 -22.35
C GLN H 23 1.51 -28.37 -21.47
N ASN H 24 1.74 -27.80 -20.29
CA ASN H 24 2.88 -28.21 -19.43
C ASN H 24 2.49 -29.46 -18.65
N GLN H 25 3.09 -30.60 -19.03
CA GLN H 25 2.76 -31.93 -18.51
C GLN H 25 3.88 -32.40 -17.56
N THR H 26 4.82 -31.53 -17.20
CA THR H 26 5.94 -31.89 -16.33
C THR H 26 5.43 -32.55 -15.04
N ARG H 27 4.42 -31.96 -14.38
CA ARG H 27 3.99 -32.39 -13.02
C ARG H 27 3.23 -33.72 -13.12
N ASN H 28 2.62 -33.99 -14.27
CA ASN H 28 1.90 -35.26 -14.55
C ASN H 28 2.93 -36.42 -14.51
N CYS H 29 3.99 -36.32 -15.29
CA CYS H 29 5.10 -37.31 -15.27
C CYS H 29 5.62 -37.44 -13.82
N TRP H 30 5.89 -36.32 -13.18
CA TRP H 30 6.50 -36.31 -11.83
C TRP H 30 5.56 -37.00 -10.83
N GLN H 31 4.28 -36.62 -10.85
CA GLN H 31 3.33 -37.11 -9.83
C GLN H 31 3.23 -38.62 -9.99
N ASN H 32 3.10 -39.11 -11.22
CA ASN H 32 2.91 -40.56 -11.47
C ASN H 32 4.18 -41.32 -11.09
N TYR H 33 5.36 -40.75 -11.30
CA TYR H 33 6.63 -41.38 -10.87
C TYR H 33 6.64 -41.51 -9.34
N LEU H 34 6.32 -40.43 -8.63
CA LEU H 34 6.24 -40.42 -7.13
C LEU H 34 5.23 -41.47 -6.68
N ASP H 35 4.01 -41.45 -7.26
CA ASP H 35 2.89 -42.33 -6.85
C ASP H 35 3.32 -43.80 -7.03
N PHE H 36 3.98 -44.14 -8.12
CA PHE H 36 4.45 -45.51 -8.33
C PHE H 36 5.43 -45.88 -7.22
N HIS H 37 6.46 -45.06 -6.98
CA HIS H 37 7.53 -45.43 -6.01
C HIS H 37 6.98 -45.41 -4.60
N ARG H 38 6.03 -44.51 -4.28
CA ARG H 38 5.40 -44.49 -2.92
C ARG H 38 4.63 -45.81 -2.73
N CYS H 39 3.85 -46.20 -3.72
CA CYS H 39 3.03 -47.43 -3.70
C CYS H 39 3.94 -48.66 -3.56
N GLU H 40 4.98 -48.73 -4.37
CA GLU H 40 5.96 -49.85 -4.35
C GLU H 40 6.57 -49.93 -2.94
N LYS H 41 6.88 -48.80 -2.31
CA LYS H 41 7.49 -48.84 -0.95
C LYS H 41 6.45 -49.39 0.03
N ALA H 42 5.21 -48.90 -0.04
CA ALA H 42 4.10 -49.30 0.85
C ALA H 42 3.89 -50.81 0.74
N MET H 43 3.94 -51.36 -0.49
CA MET H 43 3.67 -52.79 -0.77
C MET H 43 4.85 -53.68 -0.33
N THR H 44 6.09 -53.26 -0.57
CA THR H 44 7.32 -54.06 -0.26
C THR H 44 7.48 -54.16 1.26
N ALA H 45 7.23 -53.03 1.94
CA ALA H 45 7.25 -52.89 3.42
C ALA H 45 6.30 -53.94 4.02
N LYS H 46 4.95 -53.81 3.94
CA LYS H 46 4.06 -54.82 4.57
C LYS H 46 4.31 -56.20 3.93
N GLY H 47 5.04 -56.28 2.81
CA GLY H 47 5.28 -57.55 2.10
C GLY H 47 4.11 -57.92 1.20
N GLY H 48 3.23 -56.93 0.92
CA GLY H 48 2.10 -57.01 -0.03
C GLY H 48 2.58 -57.12 -1.47
N ASP H 49 1.73 -56.80 -2.45
CA ASP H 49 1.94 -57.09 -3.90
C ASP H 49 2.11 -55.80 -4.75
N VAL H 50 3.30 -55.57 -5.32
CA VAL H 50 3.60 -54.33 -6.11
C VAL H 50 2.69 -54.25 -7.36
N SER H 51 1.99 -55.31 -7.74
CA SER H 51 1.09 -55.33 -8.92
C SER H 51 -0.03 -54.31 -8.75
N VAL H 52 -0.39 -53.92 -7.51
CA VAL H 52 -1.46 -52.91 -7.25
C VAL H 52 -0.96 -51.53 -7.72
N CYS H 53 0.36 -51.36 -7.86
CA CYS H 53 1.02 -50.08 -8.26
C CYS H 53 1.07 -49.92 -9.79
N GLU H 54 0.63 -50.93 -10.54
CA GLU H 54 0.81 -51.06 -12.02
C GLU H 54 0.31 -49.81 -12.76
N TRP H 55 -0.84 -49.25 -12.38
CA TRP H 55 -1.40 -48.12 -13.15
C TRP H 55 -0.42 -46.94 -13.16
N TYR H 56 0.16 -46.60 -12.01
CA TYR H 56 1.14 -45.48 -11.89
C TYR H 56 2.37 -45.78 -12.75
N ARG H 57 2.82 -47.04 -12.73
CA ARG H 57 3.99 -47.47 -13.53
C ARG H 57 3.72 -47.22 -15.01
N ARG H 58 2.57 -47.67 -15.53
CA ARG H 58 2.26 -47.55 -16.97
C ARG H 58 2.19 -46.06 -17.33
N VAL H 59 1.56 -45.25 -16.49
CA VAL H 59 1.36 -43.80 -16.80
C VAL H 59 2.71 -43.08 -16.84
N TYR H 60 3.56 -43.26 -15.83
CA TYR H 60 4.86 -42.53 -15.81
C TYR H 60 5.76 -43.03 -16.94
N LYS H 61 5.73 -44.30 -17.27
CA LYS H 61 6.56 -44.85 -18.36
C LYS H 61 6.10 -44.27 -19.70
N SER H 62 4.79 -44.10 -19.89
CA SER H 62 4.16 -43.47 -21.10
C SER H 62 4.62 -42.01 -21.21
N LEU H 63 4.55 -41.24 -20.11
CA LEU H 63 4.68 -39.76 -20.20
C LEU H 63 6.13 -39.32 -20.01
N CYS H 64 6.92 -40.00 -19.18
CA CYS H 64 8.19 -39.44 -18.69
C CYS H 64 9.30 -39.72 -19.69
N PRO H 65 10.09 -38.71 -20.07
CA PRO H 65 11.32 -38.97 -20.82
C PRO H 65 12.22 -40.01 -20.13
N ILE H 66 12.78 -40.91 -20.92
CA ILE H 66 13.69 -41.98 -20.46
C ILE H 66 14.80 -41.39 -19.58
N SER H 67 15.42 -40.27 -19.98
CA SER H 67 16.56 -39.65 -19.23
C SER H 67 16.08 -39.11 -17.86
N TRP H 68 14.83 -38.65 -17.75
CA TRP H 68 14.27 -38.17 -16.44
C TRP H 68 14.15 -39.37 -15.51
N VAL H 69 13.54 -40.44 -15.97
CA VAL H 69 13.33 -41.66 -15.14
C VAL H 69 14.70 -42.18 -14.72
N SER H 70 15.63 -42.27 -15.66
CA SER H 70 16.98 -42.83 -15.44
C SER H 70 17.69 -41.98 -14.36
N THR H 71 17.63 -40.65 -14.48
CA THR H 71 18.25 -39.70 -13.53
C THR H 71 17.60 -39.85 -12.14
N TRP H 72 16.28 -39.88 -12.09
CA TRP H 72 15.52 -40.05 -10.83
C TRP H 72 15.87 -41.40 -10.19
N ASP H 73 15.97 -42.47 -10.99
CA ASP H 73 16.30 -43.82 -10.43
C ASP H 73 17.70 -43.77 -9.82
N ASP H 74 18.66 -43.18 -10.55
CA ASP H 74 20.05 -43.03 -10.06
C ASP H 74 20.05 -42.27 -8.73
N ARG H 75 19.27 -41.20 -8.63
CA ARG H 75 19.25 -40.35 -7.42
C ARG H 75 18.60 -41.13 -6.27
N ARG H 76 17.55 -41.91 -6.51
CA ARG H 76 16.98 -42.74 -5.40
C ARG H 76 18.07 -43.70 -4.89
N ALA H 77 18.84 -44.32 -5.76
CA ALA H 77 19.89 -45.29 -5.35
C ALA H 77 21.00 -44.54 -4.60
N GLU H 78 21.34 -43.31 -5.00
CA GLU H 78 22.42 -42.50 -4.39
C GLU H 78 21.99 -41.95 -3.01
N GLY H 79 20.69 -41.83 -2.76
CA GLY H 79 20.15 -41.13 -1.59
C GLY H 79 20.02 -39.62 -1.82
N THR H 80 19.96 -39.16 -3.09
CA THR H 80 19.91 -37.71 -3.40
C THR H 80 18.58 -37.35 -4.09
N PHE H 81 17.60 -38.24 -4.11
CA PHE H 81 16.30 -37.91 -4.75
C PHE H 81 15.55 -36.93 -3.85
N PRO H 82 15.14 -35.76 -4.35
CA PRO H 82 14.61 -34.72 -3.47
C PRO H 82 13.10 -34.76 -3.19
N GLY H 83 12.38 -35.62 -3.92
CA GLY H 83 10.97 -35.90 -3.63
C GLY H 83 10.82 -36.83 -2.44
N LYS H 84 9.69 -36.75 -1.77
CA LYS H 84 9.31 -37.59 -0.61
C LYS H 84 8.73 -38.89 -1.14
N ILE H 85 9.37 -40.00 -0.83
CA ILE H 85 8.86 -41.36 -1.14
C ILE H 85 8.67 -42.10 0.17
N ALA I 3 -23.56 35.17 -71.31
CA ALA I 3 -23.30 35.19 -69.84
C ALA I 3 -23.21 33.76 -69.33
N LEU I 4 -22.30 33.55 -68.40
CA LEU I 4 -22.02 32.24 -67.79
C LEU I 4 -22.97 32.05 -66.60
N ALA I 5 -23.48 30.83 -66.42
CA ALA I 5 -24.27 30.43 -65.23
C ALA I 5 -23.37 30.46 -63.98
N LYS I 6 -23.96 30.79 -62.83
CA LYS I 6 -23.31 30.67 -61.51
C LYS I 6 -23.10 29.19 -61.21
N PRO I 7 -21.83 28.78 -61.05
CA PRO I 7 -21.51 27.42 -60.64
C PRO I 7 -21.54 27.32 -59.12
N GLN I 8 -21.52 26.07 -58.64
CA GLN I 8 -21.27 25.76 -57.22
C GLN I 8 -19.86 26.28 -56.90
N MET I 9 -19.76 27.09 -55.85
CA MET I 9 -18.49 27.75 -55.41
C MET I 9 -18.11 27.34 -53.98
N ARG I 10 -19.00 26.66 -53.23
CA ARG I 10 -18.75 26.35 -51.80
C ARG I 10 -18.68 24.85 -51.59
N GLY I 11 -17.79 24.41 -50.70
CA GLY I 11 -17.75 23.02 -50.24
C GLY I 11 -17.25 22.08 -51.31
N LEU I 12 -16.46 22.54 -52.27
CA LEU I 12 -15.99 21.67 -53.39
C LEU I 12 -15.08 20.54 -52.85
N LEU I 13 -14.23 20.81 -51.87
CA LEU I 13 -13.33 19.75 -51.35
C LEU I 13 -14.16 18.70 -50.59
N ALA I 14 -15.11 19.15 -49.76
CA ALA I 14 -16.02 18.29 -48.97
C ALA I 14 -16.86 17.43 -49.94
N ARG I 15 -17.34 18.04 -51.03
CA ARG I 15 -18.19 17.32 -52.02
C ARG I 15 -17.33 16.19 -52.63
N ARG I 16 -16.11 16.50 -53.06
CA ARG I 16 -15.19 15.52 -53.66
C ARG I 16 -14.94 14.40 -52.64
N LEU I 17 -14.75 14.74 -51.36
CA LEU I 17 -14.42 13.71 -50.34
C LEU I 17 -15.61 12.78 -50.18
N ARG I 18 -16.80 13.35 -50.00
CA ARG I 18 -18.05 12.57 -49.81
C ARG I 18 -18.20 11.61 -51.00
N PHE I 19 -18.14 12.11 -52.24
CA PHE I 19 -18.31 11.26 -53.44
C PHE I 19 -17.30 10.10 -53.40
N HIS I 20 -16.04 10.36 -53.11
CA HIS I 20 -15.00 9.31 -53.26
C HIS I 20 -14.98 8.33 -52.08
N ILE I 21 -15.39 8.75 -50.90
CA ILE I 21 -15.37 7.82 -49.74
C ILE I 21 -16.48 6.80 -49.97
N VAL I 22 -17.61 7.23 -50.53
CA VAL I 22 -18.75 6.33 -50.84
C VAL I 22 -18.27 5.34 -51.93
N GLY I 23 -17.55 5.87 -52.93
CA GLY I 23 -16.91 5.11 -54.01
C GLY I 23 -16.01 4.04 -53.45
N ALA I 24 -15.17 4.39 -52.48
CA ALA I 24 -14.28 3.41 -51.83
C ALA I 24 -15.09 2.35 -51.06
N PHE I 25 -16.13 2.76 -50.33
CA PHE I 25 -16.98 1.76 -49.62
C PHE I 25 -17.54 0.75 -50.64
N MET I 26 -18.15 1.23 -51.73
CA MET I 26 -18.79 0.38 -52.77
C MET I 26 -17.73 -0.58 -53.34
N VAL I 27 -16.54 -0.07 -53.63
CA VAL I 27 -15.41 -0.91 -54.13
C VAL I 27 -15.06 -1.96 -53.07
N SER I 28 -14.99 -1.59 -51.80
CA SER I 28 -14.58 -2.50 -50.69
C SER I 28 -15.53 -3.72 -50.68
N LEU I 29 -16.82 -3.44 -50.80
CA LEU I 29 -17.88 -4.48 -50.92
C LEU I 29 -17.69 -5.34 -52.19
N GLY I 30 -17.38 -4.76 -53.35
CA GLY I 30 -17.06 -5.52 -54.57
C GLY I 30 -15.84 -6.40 -54.40
N PHE I 31 -14.77 -5.91 -53.75
CA PHE I 31 -13.54 -6.73 -53.56
C PHE I 31 -13.80 -7.89 -52.57
N ALA I 32 -14.52 -7.61 -51.48
CA ALA I 32 -14.88 -8.64 -50.48
C ALA I 32 -15.70 -9.75 -51.18
N THR I 33 -16.67 -9.39 -52.02
CA THR I 33 -17.48 -10.40 -52.77
C THR I 33 -16.55 -11.20 -53.68
N PHE I 34 -15.69 -10.51 -54.46
CA PHE I 34 -14.69 -11.16 -55.33
C PHE I 34 -13.78 -12.08 -54.49
N TYR I 35 -13.38 -11.64 -53.28
CA TYR I 35 -12.32 -12.38 -52.56
C TYR I 35 -12.90 -13.67 -51.95
N LYS I 36 -14.13 -13.53 -51.44
CA LYS I 36 -15.02 -14.62 -50.94
C LYS I 36 -15.10 -15.74 -51.96
N PHE I 37 -15.26 -15.35 -53.23
CA PHE I 37 -15.49 -16.17 -54.45
C PHE I 37 -14.15 -16.75 -54.93
N ALA I 38 -13.12 -15.93 -55.16
CA ALA I 38 -11.85 -16.34 -55.81
C ALA I 38 -10.90 -17.03 -54.83
N VAL I 39 -11.01 -16.84 -53.51
CA VAL I 39 -9.99 -17.38 -52.55
C VAL I 39 -10.67 -18.24 -51.49
N ALA I 40 -11.54 -17.65 -50.65
CA ALA I 40 -12.08 -18.26 -49.41
C ALA I 40 -12.96 -19.47 -49.76
N GLU I 41 -13.98 -19.29 -50.59
CA GLU I 41 -14.95 -20.35 -50.98
C GLU I 41 -14.25 -21.36 -51.87
N LYS I 42 -13.37 -20.89 -52.76
CA LYS I 42 -12.58 -21.80 -53.61
C LYS I 42 -11.80 -22.75 -52.68
N ARG I 43 -11.21 -22.23 -51.61
CA ARG I 43 -10.44 -23.11 -50.72
C ARG I 43 -11.39 -24.09 -50.01
N LYS I 44 -12.51 -23.62 -49.48
CA LYS I 44 -13.48 -24.53 -48.79
C LYS I 44 -13.92 -25.62 -49.77
N LYS I 45 -14.17 -25.28 -51.02
CA LYS I 45 -14.70 -26.25 -52.02
C LYS I 45 -13.59 -27.23 -52.45
N ALA I 46 -12.35 -26.76 -52.61
CA ALA I 46 -11.19 -27.62 -52.93
C ALA I 46 -11.02 -28.68 -51.84
N TYR I 47 -11.04 -28.31 -50.56
CA TYR I 47 -10.91 -29.29 -49.43
C TYR I 47 -12.15 -30.22 -49.38
N ALA I 48 -13.35 -29.66 -49.48
CA ALA I 48 -14.60 -30.45 -49.43
C ALA I 48 -14.58 -31.49 -50.55
N ASP I 49 -14.20 -31.10 -51.77
CA ASP I 49 -14.24 -31.98 -52.97
C ASP I 49 -13.14 -33.04 -52.86
N PHE I 50 -11.97 -32.66 -52.36
CA PHE I 50 -10.87 -33.62 -52.18
C PHE I 50 -11.31 -34.74 -51.23
N TYR I 51 -11.95 -34.41 -50.11
CA TYR I 51 -12.21 -35.40 -49.04
C TYR I 51 -13.54 -36.13 -49.25
N ARG I 52 -14.44 -35.62 -50.10
CA ARG I 52 -15.82 -36.18 -50.24
C ARG I 52 -15.77 -37.69 -50.48
N ASN I 53 -14.94 -38.16 -51.42
CA ASN I 53 -14.84 -39.60 -51.77
C ASN I 53 -13.40 -40.07 -51.57
N TYR I 54 -12.64 -39.40 -50.72
CA TYR I 54 -11.20 -39.70 -50.50
C TYR I 54 -11.08 -41.09 -49.87
N ASP I 55 -10.19 -41.91 -50.42
CA ASP I 55 -9.91 -43.27 -49.90
C ASP I 55 -8.47 -43.29 -49.38
N SER I 56 -8.30 -43.15 -48.07
CA SER I 56 -6.97 -43.03 -47.40
C SER I 56 -6.16 -44.32 -47.61
N MET I 57 -6.82 -45.50 -47.60
CA MET I 57 -6.13 -46.80 -47.83
C MET I 57 -5.61 -46.87 -49.27
N LYS I 58 -6.44 -46.45 -50.22
CA LYS I 58 -6.01 -46.44 -51.64
C LYS I 58 -4.82 -45.47 -51.79
N ASP I 59 -4.91 -44.28 -51.23
CA ASP I 59 -3.79 -43.30 -51.23
C ASP I 59 -2.51 -43.99 -50.67
N PHE I 60 -2.63 -44.62 -49.51
CA PHE I 60 -1.48 -45.31 -48.88
C PHE I 60 -0.92 -46.37 -49.86
N GLU I 61 -1.80 -47.18 -50.48
CA GLU I 61 -1.35 -48.28 -51.37
C GLU I 61 -0.52 -47.72 -52.53
N GLU I 62 -0.98 -46.63 -53.12
CA GLU I 62 -0.27 -45.93 -54.22
C GLU I 62 1.11 -45.47 -53.73
N MET I 63 1.16 -44.85 -52.55
CA MET I 63 2.43 -44.41 -51.97
C MET I 63 3.35 -45.61 -51.72
N ARG I 64 2.82 -46.67 -51.09
CA ARG I 64 3.62 -47.87 -50.73
C ARG I 64 4.24 -48.44 -52.01
N LYS I 65 3.43 -48.58 -53.06
CA LYS I 65 3.87 -49.19 -54.36
C LYS I 65 4.90 -48.30 -55.07
N ALA I 66 4.84 -46.99 -54.85
CA ALA I 66 5.82 -46.04 -55.39
C ALA I 66 7.15 -46.14 -54.62
N GLY I 67 7.21 -46.79 -53.47
CA GLY I 67 8.43 -47.07 -52.68
C GLY I 67 8.76 -45.92 -51.75
N ILE I 68 7.79 -45.09 -51.35
CA ILE I 68 8.17 -43.88 -50.58
C ILE I 68 8.49 -44.19 -49.10
N PHE I 69 8.02 -45.29 -48.50
CA PHE I 69 8.01 -45.48 -47.03
C PHE I 69 9.17 -46.33 -46.51
N GLN I 70 9.67 -45.99 -45.32
CA GLN I 70 10.61 -46.83 -44.54
C GLN I 70 9.86 -48.02 -43.93
N SER I 71 8.60 -47.86 -43.55
CA SER I 71 7.85 -48.85 -42.73
C SER I 71 7.02 -49.81 -43.57
N ALA I 72 6.97 -49.68 -44.92
CA ALA I 72 6.08 -50.50 -45.80
C ALA I 72 6.70 -50.78 -47.18
N PHE J 1 32.08 23.79 15.35
CA PHE J 1 32.65 24.33 14.08
C PHE J 1 31.98 25.68 13.79
N GLU J 2 32.58 26.44 12.87
CA GLU J 2 32.05 27.77 12.48
C GLU J 2 31.57 27.74 11.03
N ASN J 3 30.63 28.63 10.74
CA ASN J 3 30.00 28.73 9.40
C ASN J 3 30.96 29.52 8.50
N ARG J 4 31.66 28.82 7.60
CA ARG J 4 32.60 29.46 6.65
C ARG J 4 32.02 29.41 5.22
N VAL J 5 30.72 29.26 5.06
CA VAL J 5 30.10 29.22 3.72
C VAL J 5 30.36 30.55 2.97
N ALA J 6 30.28 31.72 3.63
CA ALA J 6 30.49 33.03 2.98
C ALA J 6 31.87 33.05 2.31
N GLU J 7 32.90 32.52 2.96
CA GLU J 7 34.27 32.56 2.39
C GLU J 7 34.33 31.63 1.15
N LYS J 8 33.63 30.50 1.14
CA LYS J 8 33.57 29.60 -0.05
C LYS J 8 32.71 30.24 -1.15
N GLN J 9 31.68 31.00 -0.80
CA GLN J 9 30.87 31.74 -1.82
C GLN J 9 31.78 32.76 -2.52
N LYS J 10 32.60 33.47 -1.77
CA LYS J 10 33.53 34.47 -2.37
C LYS J 10 34.50 33.75 -3.34
N LEU J 11 35.11 32.64 -2.89
CA LEU J 11 36.09 31.86 -3.71
C LEU J 11 35.40 31.40 -5.00
N PHE J 12 34.23 30.77 -4.94
CA PHE J 12 33.60 30.15 -6.13
C PHE J 12 32.92 31.19 -7.03
N GLN J 13 32.77 32.44 -6.59
CA GLN J 13 32.17 33.47 -7.46
C GLN J 13 33.25 34.42 -7.99
N GLU J 14 34.51 34.20 -7.64
CA GLU J 14 35.63 35.07 -8.09
C GLU J 14 35.60 35.13 -9.63
N ASP J 15 35.74 36.32 -10.20
CA ASP J 15 35.60 36.55 -11.67
C ASP J 15 36.92 36.18 -12.39
N ASN J 16 37.27 34.91 -12.46
CA ASN J 16 38.60 34.47 -12.97
C ASN J 16 38.39 33.58 -14.18
N GLY J 17 37.17 33.41 -14.68
CA GLY J 17 36.89 32.60 -15.89
C GLY J 17 37.10 31.09 -15.70
N LEU J 18 37.45 30.59 -14.52
CA LEU J 18 37.70 29.14 -14.34
C LEU J 18 36.36 28.41 -14.33
N PRO J 19 36.30 27.21 -14.96
CA PRO J 19 35.12 26.37 -14.84
C PRO J 19 35.06 25.82 -13.41
N VAL J 20 33.86 25.43 -13.00
CA VAL J 20 33.57 25.10 -11.58
C VAL J 20 34.45 23.94 -11.13
N HIS J 21 34.79 23.00 -12.01
CA HIS J 21 35.60 21.83 -11.62
C HIS J 21 37.06 22.21 -11.33
N LEU J 22 37.52 23.41 -11.67
CA LEU J 22 38.93 23.84 -11.41
C LEU J 22 38.98 25.04 -10.47
N LYS J 23 37.83 25.52 -9.99
CA LYS J 23 37.75 26.87 -9.37
C LYS J 23 38.21 26.83 -7.90
N GLY J 24 38.41 25.65 -7.31
CA GLY J 24 38.92 25.52 -5.93
C GLY J 24 40.42 25.78 -5.83
N GLY J 25 41.13 25.70 -6.94
CA GLY J 25 42.59 25.98 -7.00
C GLY J 25 43.36 24.75 -7.50
N ALA J 26 44.66 24.73 -7.20
CA ALA J 26 45.68 23.85 -7.76
C ALA J 26 45.32 22.39 -7.47
N THR J 27 44.69 22.10 -6.33
CA THR J 27 44.31 20.70 -5.97
C THR J 27 43.29 20.17 -6.98
N ASP J 28 42.41 21.02 -7.50
CA ASP J 28 41.40 20.53 -8.47
C ASP J 28 42.13 20.04 -9.74
N ASN J 29 43.13 20.80 -10.18
CA ASN J 29 43.92 20.49 -11.41
C ASN J 29 44.58 19.13 -11.19
N ILE J 30 45.20 18.93 -10.03
CA ILE J 30 45.89 17.65 -9.74
C ILE J 30 44.85 16.51 -9.80
N LEU J 31 43.74 16.63 -9.08
CA LEU J 31 42.77 15.51 -9.02
C LEU J 31 42.17 15.29 -10.42
N TYR J 32 41.93 16.35 -11.20
CA TYR J 32 41.48 16.24 -12.62
C TYR J 32 42.53 15.43 -13.42
N ARG J 33 43.79 15.80 -13.30
CA ARG J 33 44.87 15.14 -14.11
C ARG J 33 44.97 13.67 -13.71
N VAL J 34 44.86 13.34 -12.43
CA VAL J 34 44.92 11.93 -11.97
C VAL J 34 43.72 11.19 -12.60
N THR J 35 42.54 11.78 -12.52
CA THR J 35 41.32 11.11 -12.97
C THR J 35 41.44 10.83 -14.48
N MET J 36 41.77 11.85 -15.24
CA MET J 36 41.78 11.74 -16.71
C MET J 36 42.92 10.78 -17.13
N THR J 37 44.07 10.80 -16.45
CA THR J 37 45.20 9.89 -16.76
C THR J 37 44.78 8.43 -16.52
N LEU J 38 44.16 8.14 -15.37
CA LEU J 38 43.68 6.76 -15.08
C LEU J 38 42.63 6.36 -16.11
N CYS J 39 41.69 7.23 -16.46
CA CYS J 39 40.64 6.91 -17.45
C CYS J 39 41.27 6.61 -18.82
N LEU J 40 42.13 7.49 -19.32
CA LEU J 40 42.65 7.38 -20.70
C LEU J 40 43.63 6.20 -20.74
N GLY J 41 44.49 6.11 -19.74
CA GLY J 41 45.42 4.98 -19.62
C GLY J 41 44.70 3.65 -19.45
N GLY J 42 43.65 3.62 -18.61
CA GLY J 42 42.87 2.40 -18.39
C GLY J 42 42.17 2.02 -19.67
N THR J 43 41.72 3.00 -20.45
CA THR J 43 41.01 2.73 -21.71
C THR J 43 42.00 2.12 -22.71
N LEU J 44 43.23 2.65 -22.79
CA LEU J 44 44.27 2.06 -23.67
C LEU J 44 44.54 0.62 -23.21
N TYR J 45 44.61 0.38 -21.91
CA TYR J 45 44.87 -0.98 -21.37
C TYR J 45 43.68 -1.90 -21.71
N SER J 46 42.46 -1.40 -21.62
CA SER J 46 41.28 -2.23 -22.00
C SER J 46 41.39 -2.60 -23.48
N LEU J 47 41.88 -1.70 -24.33
CA LEU J 47 42.04 -1.99 -25.79
C LEU J 47 43.12 -3.06 -26.00
N TYR J 48 44.25 -2.94 -25.30
CA TYR J 48 45.31 -3.98 -25.35
C TYR J 48 44.72 -5.35 -24.92
N CYS J 49 43.93 -5.37 -23.84
CA CYS J 49 43.28 -6.59 -23.30
C CYS J 49 42.33 -7.17 -24.36
N LEU J 50 41.60 -6.36 -25.10
CA LEU J 50 40.74 -6.88 -26.23
C LEU J 50 41.62 -7.52 -27.30
N GLY J 51 42.67 -6.83 -27.76
CA GLY J 51 43.67 -7.35 -28.71
C GLY J 51 44.11 -8.73 -28.27
N TRP J 52 44.55 -8.85 -27.01
CA TRP J 52 45.00 -10.13 -26.43
C TRP J 52 43.86 -11.15 -26.51
N ALA J 53 42.68 -10.81 -26.04
CA ALA J 53 41.58 -11.81 -25.89
C ALA J 53 40.97 -12.18 -27.24
N SER J 54 41.28 -11.45 -28.30
CA SER J 54 40.69 -11.64 -29.65
C SER J 54 41.34 -12.82 -30.38
N PHE J 55 42.47 -13.34 -29.85
CA PHE J 55 43.24 -14.46 -30.43
C PHE J 55 43.40 -15.58 -29.40
N PRO J 56 43.46 -16.87 -29.83
CA PRO J 56 43.60 -18.01 -28.88
C PRO J 56 44.96 -18.12 -28.16
N ALA K 6 14.47 30.78 -67.57
CA ALA K 6 15.54 30.08 -68.42
C ALA K 6 15.56 28.58 -68.15
N PRO K 7 15.91 27.72 -69.15
CA PRO K 7 15.88 26.26 -68.99
C PRO K 7 16.82 25.70 -67.91
N ASP K 8 16.32 24.81 -67.05
CA ASP K 8 17.11 24.26 -65.92
C ASP K 8 17.69 22.90 -66.35
N PHE K 9 18.36 22.22 -65.41
CA PHE K 9 18.98 20.90 -65.64
C PHE K 9 17.95 19.92 -66.26
N HIS K 10 16.74 19.91 -65.70
CA HIS K 10 15.67 18.93 -66.07
C HIS K 10 15.18 19.21 -67.49
N ASP K 11 15.02 20.48 -67.85
CA ASP K 11 14.61 20.88 -69.22
C ASP K 11 15.69 20.42 -70.22
N LYS K 12 16.97 20.58 -69.88
CA LYS K 12 18.08 20.27 -70.79
C LYS K 12 18.30 18.76 -70.84
N TYR K 13 18.28 18.06 -69.71
CA TYR K 13 18.89 16.71 -69.65
C TYR K 13 17.87 15.63 -69.25
N GLY K 14 16.69 16.02 -68.78
CA GLY K 14 15.68 15.12 -68.23
C GLY K 14 15.39 13.99 -69.21
N ASN K 15 15.12 14.30 -70.47
CA ASN K 15 14.71 13.28 -71.46
C ASN K 15 15.81 12.22 -71.59
N ALA K 16 17.07 12.68 -71.65
CA ALA K 16 18.24 11.81 -71.86
C ALA K 16 18.44 10.97 -70.58
N VAL K 17 18.29 11.58 -69.41
CA VAL K 17 18.48 10.84 -68.13
C VAL K 17 17.40 9.77 -68.05
N LEU K 18 16.13 10.09 -68.39
CA LEU K 18 15.05 9.09 -68.32
C LEU K 18 15.30 7.95 -69.31
N ALA K 19 15.58 8.24 -70.59
CA ALA K 19 15.78 7.21 -71.64
C ALA K 19 17.00 6.34 -71.30
N SER K 20 18.16 6.93 -71.03
CA SER K 20 19.43 6.20 -70.73
C SER K 20 19.30 5.34 -69.47
N GLY K 21 18.71 5.91 -68.42
CA GLY K 21 18.56 5.22 -67.12
C GLY K 21 17.70 3.98 -67.30
N ALA K 22 16.57 4.12 -68.00
CA ALA K 22 15.61 3.03 -68.28
C ALA K 22 16.31 1.95 -69.11
N THR K 23 16.94 2.33 -70.22
CA THR K 23 17.61 1.38 -71.14
C THR K 23 18.69 0.63 -70.37
N PHE K 24 19.54 1.33 -69.65
CA PHE K 24 20.63 0.72 -68.88
C PHE K 24 20.06 -0.27 -67.84
N CYS K 25 19.06 0.18 -67.08
CA CYS K 25 18.48 -0.63 -65.98
C CYS K 25 17.93 -1.94 -66.54
N VAL K 26 17.14 -1.86 -67.59
CA VAL K 26 16.50 -3.06 -68.20
C VAL K 26 17.61 -3.99 -68.72
N ALA K 27 18.57 -3.45 -69.46
CA ALA K 27 19.63 -4.25 -70.08
C ALA K 27 20.41 -5.03 -69.01
N VAL K 28 20.80 -4.38 -67.93
CA VAL K 28 21.77 -4.99 -66.98
C VAL K 28 21.01 -6.00 -66.10
N TRP K 29 19.75 -5.73 -65.76
CA TRP K 29 18.90 -6.66 -64.96
C TRP K 29 18.55 -7.88 -65.83
N VAL K 30 18.23 -7.70 -67.12
CA VAL K 30 17.97 -8.85 -68.04
C VAL K 30 19.25 -9.69 -68.15
N TYR K 31 20.42 -9.09 -68.34
CA TYR K 31 21.69 -9.82 -68.40
C TYR K 31 21.94 -10.58 -67.08
N MET K 32 21.79 -9.90 -65.94
CA MET K 32 22.02 -10.53 -64.62
C MET K 32 21.07 -11.73 -64.46
N ALA K 33 19.82 -11.59 -64.85
CA ALA K 33 18.76 -12.59 -64.59
C ALA K 33 18.95 -13.83 -65.48
N THR K 34 19.55 -13.72 -66.66
CA THR K 34 19.44 -14.77 -67.70
C THR K 34 20.81 -15.29 -68.14
N GLN K 35 21.93 -14.62 -67.87
CA GLN K 35 23.17 -14.91 -68.63
C GLN K 35 24.31 -15.34 -67.73
N ILE K 36 24.14 -15.35 -66.41
CA ILE K 36 25.33 -15.56 -65.52
C ILE K 36 25.11 -16.79 -64.61
N GLY K 37 24.13 -17.64 -64.89
CA GLY K 37 24.01 -18.93 -64.18
C GLY K 37 23.28 -18.81 -62.84
N ILE K 38 22.52 -17.74 -62.61
CA ILE K 38 21.66 -17.68 -61.40
C ILE K 38 20.60 -18.77 -61.49
N GLU K 39 20.41 -19.50 -60.40
CA GLU K 39 19.39 -20.55 -60.30
C GLU K 39 18.19 -19.93 -59.57
N TRP K 40 17.12 -19.68 -60.31
CA TRP K 40 15.89 -19.08 -59.76
C TRP K 40 15.04 -20.15 -59.10
N ASN K 41 15.24 -21.40 -59.50
CA ASN K 41 14.43 -22.53 -58.99
C ASN K 41 12.94 -22.24 -59.19
N PRO K 42 12.48 -22.08 -60.45
CA PRO K 42 11.05 -21.91 -60.71
C PRO K 42 10.28 -23.20 -60.39
N SER K 43 8.97 -23.10 -60.35
CA SER K 43 8.03 -24.25 -60.19
C SER K 43 8.30 -25.25 -61.29
N PRO K 44 8.39 -26.56 -60.97
CA PRO K 44 8.41 -27.60 -61.98
C PRO K 44 7.07 -27.73 -62.73
N VAL K 45 6.00 -27.21 -62.16
CA VAL K 45 4.63 -27.38 -62.74
C VAL K 45 4.63 -26.87 -64.19
N GLY K 46 4.20 -27.71 -65.12
CA GLY K 46 4.08 -27.36 -66.56
C GLY K 46 5.44 -27.21 -67.24
N ARG K 47 6.53 -27.51 -66.53
CA ARG K 47 7.93 -27.24 -66.97
C ARG K 47 8.73 -28.55 -66.93
N VAL K 48 8.70 -29.30 -65.82
CA VAL K 48 9.59 -30.49 -65.64
C VAL K 48 8.83 -31.76 -65.97
N THR K 49 9.46 -32.66 -66.73
CA THR K 49 8.97 -34.03 -66.99
C THR K 49 9.48 -34.88 -65.83
N PRO K 50 8.58 -35.40 -64.96
CA PRO K 50 9.02 -36.23 -63.84
C PRO K 50 9.74 -37.49 -64.35
N LYS K 51 10.76 -37.93 -63.62
CA LYS K 51 11.59 -39.09 -64.02
C LYS K 51 11.70 -40.07 -62.85
N GLU K 52 11.65 -41.38 -63.15
CA GLU K 52 11.80 -42.48 -62.15
C GLU K 52 13.02 -42.17 -61.29
N TRP K 53 12.86 -42.33 -59.98
CA TRP K 53 13.87 -42.01 -58.94
C TRP K 53 14.26 -43.29 -58.21
N ARG K 54 13.34 -44.23 -58.02
CA ARG K 54 13.59 -45.51 -57.31
C ARG K 54 14.36 -46.49 -58.24
N TYR L 3 32.85 30.41 -28.67
CA TYR L 3 32.83 29.35 -29.71
C TYR L 3 32.29 29.94 -31.03
N GLU L 4 32.72 29.37 -32.14
CA GLU L 4 32.30 29.80 -33.49
C GLU L 4 30.85 29.36 -33.66
N GLU L 5 30.10 30.19 -34.34
CA GLU L 5 28.66 29.98 -34.55
C GLU L 5 28.45 30.05 -36.07
N GLY L 6 27.34 29.51 -36.52
CA GLY L 6 26.94 29.62 -37.93
C GLY L 6 27.28 28.38 -38.74
N PRO L 7 26.83 28.41 -40.00
CA PRO L 7 26.99 27.27 -40.91
C PRO L 7 28.47 26.82 -40.99
N GLY L 8 28.69 25.52 -40.84
CA GLY L 8 30.02 24.88 -40.94
C GLY L 8 30.87 25.04 -39.69
N LYS L 9 30.35 25.63 -38.64
CA LYS L 9 31.11 25.94 -37.41
C LYS L 9 30.54 25.23 -36.19
N ASN L 10 29.33 24.66 -36.28
CA ASN L 10 28.60 24.03 -35.15
C ASN L 10 28.74 22.51 -35.24
N ILE L 11 29.90 22.04 -35.69
CA ILE L 11 30.16 20.61 -36.00
C ILE L 11 31.60 20.32 -35.58
N PRO L 12 31.89 19.06 -35.19
CA PRO L 12 33.23 18.67 -34.76
C PRO L 12 34.22 18.37 -35.91
N PHE L 13 33.77 18.50 -37.14
CA PHE L 13 34.59 18.25 -38.34
C PHE L 13 34.61 19.53 -39.18
N SER L 14 35.68 19.72 -39.94
CA SER L 14 35.81 20.90 -40.84
C SER L 14 35.11 20.63 -42.17
N VAL L 15 34.43 21.66 -42.68
CA VAL L 15 33.90 21.68 -44.07
C VAL L 15 34.56 22.84 -44.83
N GLU L 16 35.76 23.28 -44.41
CA GLU L 16 36.47 24.40 -45.08
C GLU L 16 36.90 23.97 -46.49
N ASN L 17 37.29 22.71 -46.65
CA ASN L 17 37.79 22.16 -47.94
C ASN L 17 36.95 20.90 -48.27
N LYS L 18 36.23 20.89 -49.41
CA LYS L 18 35.27 19.80 -49.71
C LYS L 18 36.02 18.50 -49.98
N TRP L 19 37.29 18.55 -50.39
CA TRP L 19 38.06 17.34 -50.72
C TRP L 19 38.63 16.76 -49.43
N ARG L 20 39.13 17.59 -48.53
CA ARG L 20 39.52 17.07 -47.20
C ARG L 20 38.26 16.48 -46.53
N LEU L 21 37.11 17.15 -46.66
CA LEU L 21 35.86 16.61 -46.09
C LEU L 21 35.52 15.26 -46.71
N LEU L 22 35.60 15.11 -48.03
CA LEU L 22 35.33 13.80 -48.69
C LEU L 22 36.23 12.72 -48.07
N ALA L 23 37.51 13.00 -47.92
CA ALA L 23 38.47 12.06 -47.29
C ALA L 23 37.96 11.68 -45.89
N MET L 24 37.61 12.68 -45.07
CA MET L 24 37.21 12.42 -43.65
C MET L 24 35.90 11.60 -43.67
N MET L 25 34.96 11.95 -44.56
CA MET L 25 33.65 11.24 -44.56
C MET L 25 33.80 9.77 -45.03
N THR L 26 34.63 9.54 -46.05
CA THR L 26 35.09 8.24 -46.61
C THR L 26 35.64 7.37 -45.48
N LEU L 27 36.56 7.93 -44.70
CA LEU L 27 37.19 7.19 -43.58
C LEU L 27 36.12 6.89 -42.52
N PHE L 28 35.27 7.86 -42.23
CA PHE L 28 34.27 7.74 -41.14
C PHE L 28 33.23 6.67 -41.53
N PHE L 29 32.47 6.88 -42.59
CA PHE L 29 31.39 5.92 -43.01
C PHE L 29 32.04 4.62 -43.50
N GLY L 30 33.16 4.73 -44.22
CA GLY L 30 33.87 3.55 -44.74
C GLY L 30 34.34 2.62 -43.61
N SER L 31 34.82 3.17 -42.51
CA SER L 31 35.34 2.33 -41.40
C SER L 31 34.16 1.58 -40.76
N GLY L 32 33.01 2.24 -40.59
CA GLY L 32 31.79 1.60 -40.04
C GLY L 32 31.31 0.45 -40.95
N PHE L 33 31.24 0.69 -42.24
CA PHE L 33 30.78 -0.34 -43.20
C PHE L 33 31.79 -1.50 -43.28
N ALA L 34 33.09 -1.20 -43.28
CA ALA L 34 34.16 -2.23 -43.40
C ALA L 34 34.18 -3.13 -42.15
N ALA L 35 33.92 -2.59 -40.97
CA ALA L 35 34.23 -3.33 -39.74
C ALA L 35 33.63 -4.73 -39.74
N PRO L 36 32.32 -4.95 -40.03
CA PRO L 36 31.79 -6.32 -40.00
C PRO L 36 32.48 -7.29 -40.96
N PHE L 37 32.89 -6.83 -42.13
CA PHE L 37 33.59 -7.72 -43.09
C PHE L 37 34.90 -8.16 -42.45
N PHE L 38 35.58 -7.26 -41.76
CA PHE L 38 36.91 -7.57 -41.17
C PHE L 38 36.72 -8.42 -39.91
N ILE L 39 35.58 -8.25 -39.24
CA ILE L 39 35.27 -9.15 -38.10
C ILE L 39 35.01 -10.57 -38.61
N VAL L 40 34.23 -10.73 -39.67
CA VAL L 40 33.98 -12.05 -40.28
C VAL L 40 35.31 -12.66 -40.73
N ARG L 41 36.18 -11.87 -41.36
CA ARG L 41 37.49 -12.36 -41.80
C ARG L 41 38.25 -12.90 -40.58
N HIS L 42 38.25 -12.14 -39.49
CA HIS L 42 38.94 -12.50 -38.22
C HIS L 42 38.42 -13.84 -37.69
N GLN L 43 37.10 -14.00 -37.64
CA GLN L 43 36.45 -15.21 -37.12
C GLN L 43 36.79 -16.38 -38.05
N LEU L 44 36.81 -16.20 -39.37
CA LEU L 44 37.16 -17.26 -40.34
C LEU L 44 38.63 -17.64 -40.21
N LEU L 45 39.49 -16.69 -39.93
CA LEU L 45 40.95 -16.98 -39.89
C LEU L 45 41.35 -17.67 -38.59
N LYS L 46 40.52 -17.79 -37.56
CA LYS L 46 40.87 -18.64 -36.37
C LYS L 46 40.72 -20.12 -36.74
N ILE M 1 11.41 26.24 -48.62
CA ILE M 1 12.61 26.91 -48.07
C ILE M 1 13.24 27.71 -49.21
N THR M 2 13.83 28.86 -48.93
CA THR M 2 14.72 29.53 -49.90
C THR M 2 16.13 29.50 -49.32
N ALA M 3 17.11 29.64 -50.18
CA ALA M 3 18.54 29.54 -49.84
C ALA M 3 19.33 30.35 -50.85
N LYS M 4 20.52 30.74 -50.46
CA LYS M 4 21.47 31.42 -51.37
C LYS M 4 21.97 30.38 -52.36
N PRO M 5 22.44 30.82 -53.53
CA PRO M 5 23.28 29.99 -54.37
C PRO M 5 24.51 29.53 -53.56
N ALA M 6 25.02 28.37 -53.97
CA ALA M 6 26.20 27.69 -53.40
C ALA M 6 27.35 28.69 -53.25
N LYS M 7 27.92 28.77 -52.06
CA LYS M 7 29.19 29.54 -51.86
C LYS M 7 30.38 28.87 -52.56
N THR M 8 30.38 27.56 -52.66
CA THR M 8 31.46 26.76 -53.32
C THR M 8 30.76 25.74 -54.23
N PRO M 9 30.24 26.16 -55.40
CA PRO M 9 29.49 25.24 -56.27
C PRO M 9 30.25 23.94 -56.56
N THR M 10 29.50 22.83 -56.55
CA THR M 10 30.00 21.47 -56.86
C THR M 10 29.52 21.12 -58.28
N SER M 11 30.38 21.27 -59.26
CA SER M 11 30.12 21.02 -60.71
C SER M 11 29.73 19.55 -60.89
N PRO M 12 29.05 19.19 -62.00
CA PRO M 12 28.82 17.78 -62.32
C PRO M 12 30.07 16.90 -62.21
N LYS M 13 31.20 17.35 -62.74
CA LYS M 13 32.46 16.59 -62.66
C LYS M 13 32.83 16.34 -61.18
N GLU M 14 32.74 17.37 -60.36
CA GLU M 14 33.10 17.27 -58.93
C GLU M 14 32.13 16.31 -58.27
N GLN M 15 30.86 16.32 -58.67
CA GLN M 15 29.86 15.41 -58.10
C GLN M 15 30.19 13.97 -58.50
N ALA M 16 30.57 13.73 -59.76
CA ALA M 16 30.96 12.39 -60.23
C ALA M 16 32.15 11.88 -59.41
N ILE M 17 33.11 12.74 -59.07
CA ILE M 17 34.28 12.33 -58.23
C ILE M 17 33.80 11.96 -56.82
N GLY M 18 33.01 12.82 -56.19
CA GLY M 18 32.52 12.57 -54.82
C GLY M 18 31.71 11.28 -54.75
N LEU M 19 30.83 11.09 -55.74
CA LEU M 19 29.95 9.90 -55.78
C LEU M 19 30.83 8.65 -55.99
N SER M 20 31.80 8.73 -56.89
CA SER M 20 32.73 7.60 -57.21
C SER M 20 33.53 7.25 -55.96
N VAL M 21 34.14 8.23 -55.33
CA VAL M 21 34.97 8.01 -54.12
C VAL M 21 34.08 7.42 -53.02
N THR M 22 32.89 7.97 -52.84
CA THR M 22 31.95 7.45 -51.80
C THR M 22 31.66 5.97 -52.06
N PHE M 23 31.20 5.61 -53.26
CA PHE M 23 30.87 4.21 -53.60
C PHE M 23 32.10 3.34 -53.38
N LEU M 24 33.28 3.77 -53.85
CA LEU M 24 34.50 2.91 -53.74
C LEU M 24 34.83 2.68 -52.26
N SER M 25 34.58 3.65 -51.39
CA SER M 25 34.96 3.53 -49.95
C SER M 25 34.12 2.42 -49.29
N PHE M 26 32.90 2.17 -49.79
CA PHE M 26 32.01 1.10 -49.32
C PHE M 26 32.39 -0.22 -50.02
N LEU M 27 32.63 -0.16 -51.32
CA LEU M 27 32.71 -1.40 -52.14
C LEU M 27 34.11 -2.04 -52.08
N LEU M 28 35.20 -1.30 -52.05
CA LEU M 28 36.53 -1.96 -52.19
C LEU M 28 36.84 -2.82 -50.98
N PRO M 29 36.67 -2.37 -49.72
CA PRO M 29 37.08 -3.19 -48.58
C PRO M 29 36.20 -4.45 -48.45
N ALA M 30 34.87 -4.29 -48.52
CA ALA M 30 33.94 -5.45 -48.50
C ALA M 30 34.29 -6.41 -49.65
N GLY M 31 34.50 -5.84 -50.86
CA GLY M 31 34.86 -6.62 -52.05
C GLY M 31 36.12 -7.43 -51.79
N TRP M 32 37.16 -6.79 -51.24
CA TRP M 32 38.42 -7.49 -50.92
C TRP M 32 38.12 -8.68 -50.00
N VAL M 33 37.36 -8.49 -48.92
CA VAL M 33 37.03 -9.58 -47.97
C VAL M 33 36.26 -10.69 -48.69
N LEU M 34 35.20 -10.36 -49.41
CA LEU M 34 34.31 -11.39 -50.00
C LEU M 34 35.06 -12.15 -51.10
N TYR M 35 35.93 -11.47 -51.84
CA TYR M 35 36.75 -12.10 -52.89
C TYR M 35 37.67 -13.13 -52.25
N HIS M 36 38.17 -12.85 -51.06
CA HIS M 36 39.19 -13.72 -50.40
C HIS M 36 38.57 -14.74 -49.41
N LEU M 37 37.23 -14.90 -49.36
CA LEU M 37 36.58 -15.79 -48.35
C LEU M 37 37.19 -17.20 -48.45
N ASP M 38 37.35 -17.74 -49.66
CA ASP M 38 37.88 -19.11 -49.80
C ASP M 38 39.26 -19.20 -49.12
N ASN M 39 40.10 -18.19 -49.32
CA ASN M 39 41.47 -18.12 -48.74
C ASN M 39 41.35 -18.16 -47.23
N TYR M 40 40.39 -17.45 -46.66
CA TYR M 40 40.11 -17.49 -45.21
C TYR M 40 39.46 -18.85 -44.94
N PHE N 2 -37.48 22.82 30.20
CA PHE N 2 -36.84 21.67 30.84
C PHE N 2 -36.48 20.61 29.79
N ILE N 3 -37.41 20.36 28.86
CA ILE N 3 -37.17 19.42 27.74
C ILE N 3 -36.06 19.98 26.84
N ASN N 4 -36.08 21.27 26.50
CA ASN N 4 -35.02 21.85 25.63
C ASN N 4 -33.68 21.61 26.32
N ARG N 5 -33.58 21.86 27.61
CA ARG N 5 -32.27 21.82 28.31
C ARG N 5 -31.78 20.37 28.49
N TRP N 6 -32.65 19.45 28.91
CA TRP N 6 -32.23 18.11 29.40
C TRP N 6 -32.47 16.99 28.38
N LEU N 7 -33.33 17.19 27.37
CA LEU N 7 -33.55 16.16 26.32
C LEU N 7 -32.90 16.57 24.99
N PHE N 8 -32.76 17.88 24.75
CA PHE N 8 -32.27 18.46 23.48
C PHE N 8 -30.91 19.15 23.71
N SER N 9 -30.16 18.77 24.74
CA SER N 9 -28.89 19.45 25.11
C SER N 9 -27.89 19.50 23.96
N THR N 10 -27.17 20.62 23.87
CA THR N 10 -25.93 20.77 23.08
C THR N 10 -24.84 21.34 23.99
N ASN N 11 -24.92 21.07 25.28
CA ASN N 11 -24.00 21.66 26.30
C ASN N 11 -23.14 20.56 26.95
N HIS N 12 -21.81 20.74 26.93
CA HIS N 12 -20.88 19.69 27.43
C HIS N 12 -21.13 19.43 28.92
N LYS N 13 -21.48 20.45 29.70
CA LYS N 13 -21.64 20.31 31.17
C LYS N 13 -22.93 19.54 31.45
N ASP N 14 -24.04 19.97 30.83
CA ASP N 14 -25.32 19.28 31.09
C ASP N 14 -25.23 17.82 30.64
N ILE N 15 -24.57 17.55 29.52
CA ILE N 15 -24.45 16.16 29.02
C ILE N 15 -23.56 15.37 29.99
N GLY N 16 -22.49 15.98 30.52
CA GLY N 16 -21.66 15.35 31.56
C GLY N 16 -22.49 15.01 32.78
N THR N 17 -23.37 15.93 33.16
CA THR N 17 -24.29 15.69 34.30
C THR N 17 -25.22 14.50 33.99
N LEU N 18 -25.83 14.45 32.81
CA LEU N 18 -26.70 13.30 32.43
C LEU N 18 -25.89 11.99 32.56
N TYR N 19 -24.68 11.93 32.02
CA TYR N 19 -23.83 10.74 32.12
C TYR N 19 -23.56 10.39 33.59
N LEU N 20 -23.26 11.35 34.46
CA LEU N 20 -22.98 11.02 35.89
C LEU N 20 -24.22 10.43 36.54
N LEU N 21 -25.39 11.00 36.26
CA LEU N 21 -26.67 10.50 36.82
C LEU N 21 -26.90 9.06 36.32
N PHE N 22 -26.77 8.85 35.02
CA PHE N 22 -26.92 7.53 34.37
C PHE N 22 -25.96 6.50 35.03
N GLY N 23 -24.70 6.86 35.13
CA GLY N 23 -23.70 5.94 35.71
C GLY N 23 -23.96 5.64 37.17
N ALA N 24 -24.42 6.62 37.96
CA ALA N 24 -24.75 6.43 39.39
C ALA N 24 -25.90 5.41 39.50
N TRP N 25 -26.94 5.57 38.68
CA TRP N 25 -28.09 4.65 38.65
C TRP N 25 -27.57 3.24 38.28
N ALA N 26 -26.80 3.13 37.20
CA ALA N 26 -26.21 1.86 36.74
C ALA N 26 -25.39 1.22 37.87
N GLY N 27 -24.62 2.02 38.58
CA GLY N 27 -23.83 1.51 39.72
C GLY N 27 -24.70 0.84 40.78
N MET N 28 -25.92 1.36 41.02
CA MET N 28 -26.85 0.71 41.98
C MET N 28 -27.27 -0.66 41.41
N VAL N 29 -27.57 -0.72 40.12
CA VAL N 29 -27.97 -1.99 39.47
C VAL N 29 -26.80 -2.99 39.60
N GLY N 30 -25.60 -2.56 39.27
CA GLY N 30 -24.42 -3.45 39.27
C GLY N 30 -24.12 -3.93 40.67
N THR N 31 -24.33 -3.07 41.65
CA THR N 31 -24.10 -3.40 43.08
C THR N 31 -25.11 -4.50 43.50
N ALA N 32 -26.38 -4.29 43.18
CA ALA N 32 -27.45 -5.25 43.48
C ALA N 32 -27.05 -6.61 42.88
N LEU N 33 -26.60 -6.61 41.64
CA LEU N 33 -26.23 -7.87 40.97
C LEU N 33 -25.04 -8.52 41.70
N SER N 34 -24.08 -7.74 42.14
CA SER N 34 -22.88 -8.22 42.88
C SER N 34 -23.35 -8.87 44.20
N LEU N 35 -24.38 -8.30 44.83
CA LEU N 35 -24.86 -8.84 46.13
C LEU N 35 -25.59 -10.17 45.91
N LEU N 36 -26.32 -10.31 44.81
CA LEU N 36 -27.01 -11.58 44.45
C LEU N 36 -25.95 -12.66 44.19
N ILE N 37 -24.89 -12.34 43.45
CA ILE N 37 -23.75 -13.28 43.26
C ILE N 37 -23.26 -13.76 44.64
N ARG N 38 -22.93 -12.84 45.53
CA ARG N 38 -22.28 -13.17 46.82
C ARG N 38 -23.30 -13.80 47.79
N ALA N 39 -24.59 -13.48 47.67
CA ALA N 39 -25.65 -14.18 48.44
C ALA N 39 -25.68 -15.65 48.02
N GLU N 40 -25.63 -15.94 46.73
CA GLU N 40 -25.64 -17.34 46.21
C GLU N 40 -24.43 -18.11 46.77
N LEU N 41 -23.27 -17.44 46.83
CA LEU N 41 -21.98 -18.09 47.23
C LEU N 41 -21.73 -18.01 48.74
N GLY N 42 -22.56 -17.30 49.51
CA GLY N 42 -22.34 -16.96 50.93
C GLY N 42 -22.42 -18.16 51.88
N GLN N 43 -23.09 -19.21 51.44
CA GLN N 43 -23.08 -20.52 52.14
C GLN N 43 -23.16 -21.61 51.06
N PRO N 44 -22.64 -22.81 51.39
CA PRO N 44 -22.67 -23.92 50.44
C PRO N 44 -24.11 -24.35 50.21
N GLY N 45 -24.39 -24.84 49.00
CA GLY N 45 -25.74 -25.19 48.55
C GLY N 45 -26.25 -24.21 47.50
N THR N 46 -27.55 -24.30 47.21
CA THR N 46 -28.20 -23.51 46.14
C THR N 46 -29.15 -22.54 46.81
N LEU N 47 -29.05 -21.25 46.50
CA LEU N 47 -29.99 -20.23 47.02
C LEU N 47 -31.05 -19.90 45.96
N LEU N 48 -30.65 -19.53 44.76
CA LEU N 48 -31.62 -18.98 43.76
C LEU N 48 -32.12 -20.09 42.84
N GLY N 49 -31.20 -20.76 42.18
CA GLY N 49 -31.51 -21.80 41.19
C GLY N 49 -30.18 -22.32 40.67
N ASP N 50 -30.23 -22.89 39.46
CA ASP N 50 -29.05 -23.63 38.93
C ASP N 50 -28.15 -22.58 38.27
N ASP N 51 -27.19 -23.00 37.49
CA ASP N 51 -26.17 -22.07 36.93
C ASP N 51 -26.82 -21.08 35.94
N GLN N 52 -28.05 -21.32 35.43
CA GLN N 52 -28.63 -20.42 34.39
C GLN N 52 -28.97 -19.09 35.05
N ILE N 53 -29.83 -19.09 36.06
CA ILE N 53 -30.22 -17.82 36.73
C ILE N 53 -28.94 -17.19 37.31
N TYR N 54 -28.08 -17.97 37.94
CA TYR N 54 -26.84 -17.45 38.55
C TYR N 54 -26.03 -16.70 37.46
N ASN N 55 -25.80 -17.35 36.30
CA ASN N 55 -24.86 -16.75 35.32
C ASN N 55 -25.58 -15.66 34.53
N VAL N 56 -26.92 -15.62 34.53
CA VAL N 56 -27.63 -14.41 34.01
C VAL N 56 -27.26 -13.24 34.90
N VAL N 57 -27.25 -13.46 36.22
CA VAL N 57 -26.86 -12.41 37.18
C VAL N 57 -25.40 -12.02 36.96
N VAL N 58 -24.51 -13.00 36.83
CA VAL N 58 -23.05 -12.70 36.70
C VAL N 58 -22.83 -11.89 35.42
N THR N 59 -23.45 -12.31 34.33
CA THR N 59 -23.30 -11.70 33.01
C THR N 59 -23.77 -10.25 33.10
N ALA N 60 -24.98 -10.01 33.63
CA ALA N 60 -25.57 -8.66 33.73
C ALA N 60 -24.70 -7.80 34.65
N HIS N 61 -24.22 -8.38 35.74
CA HIS N 61 -23.30 -7.67 36.68
C HIS N 61 -22.15 -7.04 35.90
N ALA N 62 -21.49 -7.81 35.07
CA ALA N 62 -20.30 -7.37 34.32
C ALA N 62 -20.70 -6.30 33.28
N PHE N 63 -21.74 -6.54 32.49
CA PHE N 63 -22.13 -5.59 31.43
C PHE N 63 -22.50 -4.24 32.07
N VAL N 64 -23.25 -4.29 33.17
CA VAL N 64 -23.73 -3.06 33.84
C VAL N 64 -22.51 -2.30 34.40
N MET N 65 -21.65 -3.00 35.13
CA MET N 65 -20.50 -2.30 35.77
C MET N 65 -19.57 -1.69 34.71
N ILE N 66 -19.31 -2.38 33.58
CA ILE N 66 -18.38 -1.91 32.54
C ILE N 66 -19.04 -0.85 31.64
N PHE N 67 -20.12 -1.20 30.95
CA PHE N 67 -20.72 -0.39 29.85
C PHE N 67 -21.63 0.70 30.41
N PHE N 68 -22.26 0.51 31.55
CA PHE N 68 -23.24 1.49 32.07
C PHE N 68 -22.74 2.27 33.29
N MET N 69 -21.75 1.78 34.04
CA MET N 69 -21.23 2.52 35.23
C MET N 69 -19.87 3.13 34.88
N VAL N 70 -18.85 2.33 34.61
CA VAL N 70 -17.48 2.92 34.53
C VAL N 70 -17.36 3.82 33.31
N MET N 71 -17.67 3.32 32.12
CA MET N 71 -17.40 4.09 30.89
C MET N 71 -18.24 5.38 30.89
N PRO N 72 -19.56 5.34 31.19
CA PRO N 72 -20.36 6.57 31.24
C PRO N 72 -19.83 7.58 32.27
N ILE N 73 -19.44 7.12 33.45
CA ILE N 73 -18.92 8.07 34.48
C ILE N 73 -17.59 8.66 34.03
N MET N 74 -16.65 7.81 33.62
CA MET N 74 -15.30 8.31 33.38
C MET N 74 -15.25 9.14 32.09
N ILE N 75 -15.81 8.62 31.01
CA ILE N 75 -15.64 9.24 29.68
C ILE N 75 -16.79 10.22 29.44
N GLY N 76 -18.03 9.76 29.52
CA GLY N 76 -19.20 10.62 29.29
C GLY N 76 -19.33 11.70 30.37
N GLY N 77 -19.05 11.38 31.63
CA GLY N 77 -19.26 12.27 32.79
C GLY N 77 -18.09 13.19 33.02
N PHE N 78 -17.02 12.66 33.59
CA PHE N 78 -15.80 13.49 33.82
C PHE N 78 -15.24 14.01 32.49
N GLY N 79 -15.22 13.19 31.44
CA GLY N 79 -14.70 13.64 30.13
C GLY N 79 -15.45 14.86 29.60
N ASN N 80 -16.78 14.80 29.51
CA ASN N 80 -17.56 15.92 28.96
C ASN N 80 -17.45 17.14 29.89
N TRP N 81 -17.50 16.95 31.20
CA TRP N 81 -17.39 18.09 32.15
C TRP N 81 -16.01 18.77 32.02
N LEU N 82 -14.94 17.98 32.12
CA LEU N 82 -13.58 18.52 32.40
C LEU N 82 -12.82 18.83 31.11
N VAL N 83 -12.99 18.02 30.04
CA VAL N 83 -12.06 18.18 28.90
C VAL N 83 -12.17 19.59 28.33
N PRO N 84 -13.36 20.09 27.97
CA PRO N 84 -13.46 21.42 27.40
C PRO N 84 -12.93 22.51 28.36
N LEU N 85 -13.21 22.37 29.65
CA LEU N 85 -12.77 23.37 30.65
C LEU N 85 -11.23 23.36 30.72
N MET N 86 -10.60 22.18 30.65
CA MET N 86 -9.13 22.06 30.85
C MET N 86 -8.38 22.59 29.62
N ILE N 87 -9.05 22.73 28.47
CA ILE N 87 -8.38 23.31 27.29
C ILE N 87 -8.99 24.68 26.92
N GLY N 88 -9.86 25.26 27.76
CA GLY N 88 -10.41 26.61 27.51
C GLY N 88 -11.34 26.61 26.30
N ALA N 89 -11.94 25.47 25.94
CA ALA N 89 -12.80 25.34 24.74
C ALA N 89 -14.22 25.67 25.13
N PRO N 90 -15.01 26.27 24.21
CA PRO N 90 -16.38 26.67 24.53
C PRO N 90 -17.38 25.52 24.62
N ASP N 91 -17.05 24.36 24.03
CA ASP N 91 -17.86 23.13 24.13
C ASP N 91 -17.07 22.02 23.42
N MET N 92 -17.72 20.87 23.13
CA MET N 92 -17.15 19.82 22.27
C MET N 92 -17.28 20.20 20.77
N ALA N 93 -16.49 19.55 19.91
CA ALA N 93 -16.49 19.78 18.45
C ALA N 93 -17.90 19.55 17.91
N PHE N 94 -18.56 18.48 18.37
CA PHE N 94 -19.86 18.00 17.81
C PHE N 94 -20.89 17.93 18.93
N PRO N 95 -21.38 19.12 19.39
CA PRO N 95 -22.13 19.20 20.63
C PRO N 95 -23.47 18.51 20.52
N ARG N 96 -24.00 18.37 19.30
CA ARG N 96 -25.30 17.72 19.07
C ARG N 96 -25.03 16.20 18.99
N MET N 97 -23.99 15.76 18.27
CA MET N 97 -23.64 14.32 18.24
C MET N 97 -23.35 13.83 19.68
N ASN N 98 -22.76 14.70 20.49
CA ASN N 98 -22.46 14.39 21.91
C ASN N 98 -23.74 13.95 22.61
N ASN N 99 -24.84 14.65 22.36
CA ASN N 99 -26.15 14.36 23.01
C ASN N 99 -26.65 12.96 22.59
N MET N 100 -26.35 12.53 21.36
CA MET N 100 -26.80 11.20 20.89
C MET N 100 -25.94 10.11 21.55
N SER N 101 -24.64 10.34 21.77
CA SER N 101 -23.84 9.38 22.56
C SER N 101 -24.55 9.13 23.88
N PHE N 102 -25.02 10.16 24.56
CA PHE N 102 -25.74 10.00 25.83
C PHE N 102 -27.05 9.22 25.61
N TRP N 103 -27.91 9.68 24.71
CA TRP N 103 -29.28 9.15 24.67
C TRP N 103 -29.30 7.72 24.10
N LEU N 104 -28.23 7.25 23.49
CA LEU N 104 -28.16 5.82 23.10
C LEU N 104 -28.06 4.94 24.35
N LEU N 105 -27.59 5.44 25.50
CA LEU N 105 -27.34 4.50 26.62
C LEU N 105 -28.62 4.04 27.31
N PRO N 106 -29.64 4.88 27.60
CA PRO N 106 -30.85 4.32 28.19
C PRO N 106 -31.46 3.21 27.32
N PRO N 107 -31.59 3.36 25.98
CA PRO N 107 -32.05 2.24 25.15
C PRO N 107 -31.14 0.99 25.22
N SER N 108 -29.83 1.19 25.23
CA SER N 108 -28.85 0.08 25.42
C SER N 108 -29.17 -0.67 26.73
N PHE N 109 -29.38 0.05 27.80
CA PHE N 109 -29.67 -0.53 29.14
C PHE N 109 -31.03 -1.24 29.10
N LEU N 110 -32.02 -0.61 28.46
CA LEU N 110 -33.36 -1.24 28.30
C LEU N 110 -33.19 -2.59 27.58
N LEU N 111 -32.38 -2.67 26.52
CA LEU N 111 -32.19 -3.95 25.79
C LEU N 111 -31.56 -4.99 26.71
N LEU N 112 -30.58 -4.60 27.55
CA LEU N 112 -29.97 -5.56 28.49
C LEU N 112 -31.02 -6.01 29.50
N LEU N 113 -31.84 -5.11 30.07
N LEU N 113 -31.84 -5.10 30.09
CA LEU N 113 -32.83 -5.52 31.09
CA LEU N 113 -32.98 -5.46 31.00
C LEU N 113 -33.94 -6.36 30.39
C LEU N 113 -33.81 -6.52 30.29
N ALA N 114 -34.23 -6.16 29.09
CA ALA N 114 -35.17 -7.01 28.33
C ALA N 114 -34.57 -8.41 28.15
N SER N 115 -33.25 -8.51 27.90
N SER N 115 -33.27 -8.50 27.89
CA SER N 115 -32.53 -9.81 27.75
CA SER N 115 -32.54 -9.78 27.73
C SER N 115 -32.82 -10.69 28.96
C SER N 115 -32.76 -10.68 28.96
N SER N 116 -32.82 -10.09 30.16
CA SER N 116 -32.90 -10.83 31.43
C SER N 116 -34.35 -11.20 31.77
N MET N 117 -35.32 -10.52 31.15
N MET N 117 -35.34 -10.51 31.18
CA MET N 117 -36.78 -10.64 31.46
CA MET N 117 -36.78 -10.72 31.49
C MET N 117 -37.45 -11.66 30.52
C MET N 117 -37.35 -11.81 30.58
N VAL N 118 -36.90 -11.87 29.32
CA VAL N 118 -37.48 -12.80 28.31
C VAL N 118 -36.79 -14.15 28.45
N GLU N 119 -37.51 -15.21 28.13
CA GLU N 119 -36.99 -16.61 28.19
C GLU N 119 -36.28 -16.80 29.53
N ALA N 120 -35.07 -17.35 29.51
CA ALA N 120 -34.32 -17.68 30.75
C ALA N 120 -33.08 -16.77 30.86
N GLY N 121 -33.07 -15.64 30.12
CA GLY N 121 -31.95 -14.70 30.14
C GLY N 121 -30.73 -15.18 29.37
N ALA N 122 -29.71 -14.32 29.30
CA ALA N 122 -28.42 -14.64 28.65
C ALA N 122 -27.43 -15.04 29.73
N GLY N 123 -27.34 -16.34 30.01
CA GLY N 123 -26.42 -16.87 31.02
C GLY N 123 -25.13 -17.30 30.35
N THR N 124 -24.40 -16.36 29.76
CA THR N 124 -23.32 -16.67 28.79
C THR N 124 -21.95 -16.30 29.32
N GLY N 125 -21.86 -15.51 30.39
CA GLY N 125 -20.65 -14.72 30.65
C GLY N 125 -20.65 -13.45 29.79
N TRP N 126 -19.97 -12.39 30.23
CA TRP N 126 -19.96 -11.10 29.50
C TRP N 126 -19.21 -11.25 28.16
N THR N 127 -18.45 -12.34 27.98
CA THR N 127 -17.70 -12.72 26.76
C THR N 127 -18.64 -13.28 25.69
N VAL N 128 -19.80 -13.80 26.07
CA VAL N 128 -20.86 -14.32 25.16
C VAL N 128 -20.26 -15.36 24.17
N TYR N 129 -19.41 -16.29 24.63
CA TYR N 129 -18.81 -17.33 23.75
C TYR N 129 -19.89 -18.25 23.17
N PRO N 130 -19.84 -18.50 21.85
CA PRO N 130 -20.52 -19.64 21.24
C PRO N 130 -19.74 -20.91 21.54
N PRO N 131 -20.33 -22.13 21.43
CA PRO N 131 -21.76 -22.32 21.09
C PRO N 131 -22.77 -22.10 22.24
N LEU N 132 -22.33 -21.90 23.50
CA LEU N 132 -23.33 -21.70 24.59
C LEU N 132 -24.24 -20.51 24.24
N ALA N 133 -23.70 -19.45 23.61
CA ALA N 133 -24.47 -18.24 23.24
C ALA N 133 -25.21 -18.40 21.90
N GLY N 134 -25.07 -19.55 21.23
CA GLY N 134 -25.71 -19.82 19.95
C GLY N 134 -27.18 -20.19 20.08
N ASN N 135 -27.83 -20.44 18.94
CA ASN N 135 -29.30 -20.58 18.88
C ASN N 135 -29.80 -21.96 19.31
N LEU N 136 -28.93 -22.92 19.64
N LEU N 136 -28.93 -22.89 19.69
CA LEU N 136 -29.37 -24.24 20.19
CA LEU N 136 -29.37 -24.23 20.16
C LEU N 136 -29.27 -24.17 21.72
C LEU N 136 -29.20 -24.33 21.68
N ALA N 137 -28.11 -23.81 22.25
CA ALA N 137 -27.85 -23.79 23.71
C ALA N 137 -28.44 -22.54 24.37
N HIS N 138 -28.76 -21.48 23.62
CA HIS N 138 -29.45 -20.25 24.11
C HIS N 138 -30.51 -19.83 23.08
N ALA N 139 -31.45 -20.72 22.78
CA ALA N 139 -32.60 -20.45 21.87
C ALA N 139 -33.37 -19.25 22.41
N GLY N 140 -33.92 -18.43 21.54
CA GLY N 140 -34.78 -17.34 21.96
C GLY N 140 -34.09 -15.98 21.94
N ALA N 141 -34.79 -14.93 22.35
CA ALA N 141 -34.39 -13.52 22.10
C ALA N 141 -33.28 -13.03 23.06
N SER N 142 -33.02 -13.68 24.20
CA SER N 142 -32.13 -13.09 25.25
C SER N 142 -30.77 -12.68 24.67
N VAL N 143 -30.09 -13.59 24.02
CA VAL N 143 -28.71 -13.29 23.52
C VAL N 143 -28.80 -12.23 22.42
N ASP N 144 -29.85 -12.25 21.59
CA ASP N 144 -29.98 -11.23 20.52
C ASP N 144 -30.15 -9.85 21.16
N LEU N 145 -30.93 -9.74 22.25
CA LEU N 145 -31.12 -8.46 22.96
C LEU N 145 -29.79 -8.02 23.58
N THR N 146 -29.00 -8.95 24.12
CA THR N 146 -27.64 -8.63 24.63
C THR N 146 -26.79 -8.07 23.49
N ILE N 147 -26.77 -8.76 22.34
CA ILE N 147 -26.00 -8.30 21.16
C ILE N 147 -26.45 -6.87 20.81
N PHE N 148 -27.76 -6.62 20.73
CA PHE N 148 -28.24 -5.29 20.31
C PHE N 148 -27.85 -4.23 21.36
N SER N 149 -27.92 -4.57 22.64
CA SER N 149 -27.46 -3.71 23.75
C SER N 149 -26.02 -3.27 23.48
N LEU N 150 -25.16 -4.23 23.14
CA LEU N 150 -23.74 -3.95 22.87
C LEU N 150 -23.59 -3.11 21.58
N HIS N 151 -24.40 -3.34 20.55
CA HIS N 151 -24.35 -2.49 19.34
C HIS N 151 -24.61 -1.02 19.72
N LEU N 152 -25.66 -0.76 20.50
CA LEU N 152 -26.02 0.65 20.83
C LEU N 152 -24.91 1.23 21.70
N ALA N 153 -24.46 0.50 22.71
CA ALA N 153 -23.34 1.01 23.55
C ALA N 153 -22.10 1.31 22.69
N GLY N 154 -21.82 0.42 21.73
CA GLY N 154 -20.70 0.54 20.78
C GLY N 154 -20.81 1.80 19.96
N VAL N 155 -21.98 2.07 19.38
CA VAL N 155 -22.14 3.28 18.55
C VAL N 155 -21.97 4.53 19.45
N SER N 156 -22.53 4.50 20.66
CA SER N 156 -22.42 5.63 21.61
C SER N 156 -20.95 5.97 21.81
N SER N 157 -20.13 4.96 22.10
CA SER N 157 -18.71 5.16 22.44
C SER N 157 -17.90 5.51 21.18
N ILE N 158 -18.24 4.97 20.01
CA ILE N 158 -17.47 5.28 18.78
C ILE N 158 -17.72 6.75 18.45
N LEU N 159 -18.98 7.20 18.50
CA LEU N 159 -19.26 8.62 18.20
C LEU N 159 -18.62 9.51 19.28
N GLY N 160 -18.69 9.09 20.53
CA GLY N 160 -18.05 9.85 21.61
C GLY N 160 -16.55 9.93 21.43
N ALA N 161 -15.91 8.84 20.99
CA ALA N 161 -14.46 8.83 20.67
C ALA N 161 -14.14 9.85 19.58
N ILE N 162 -14.91 9.84 18.49
CA ILE N 162 -14.69 10.80 17.37
C ILE N 162 -14.75 12.23 17.94
N ASN N 163 -15.73 12.47 18.80
CA ASN N 163 -15.96 13.80 19.41
C ASN N 163 -14.75 14.19 20.28
N PHE N 164 -14.31 13.29 21.16
CA PHE N 164 -13.20 13.63 22.08
C PHE N 164 -11.91 13.86 21.29
N ILE N 165 -11.58 12.98 20.34
CA ILE N 165 -10.33 13.14 19.57
C ILE N 165 -10.36 14.47 18.82
N THR N 166 -11.49 14.78 18.17
CA THR N 166 -11.57 16.00 17.36
C THR N 166 -11.43 17.22 18.29
N THR N 167 -12.12 17.22 19.43
CA THR N 167 -12.13 18.36 20.39
C THR N 167 -10.69 18.59 20.89
N ILE N 168 -10.05 17.52 21.28
CA ILE N 168 -8.73 17.60 21.93
C ILE N 168 -7.67 18.03 20.90
N ILE N 169 -7.74 17.56 19.66
CA ILE N 169 -6.79 17.98 18.59
C ILE N 169 -7.07 19.41 18.10
N ASN N 170 -8.34 19.76 17.91
CA ASN N 170 -8.70 20.94 17.11
C ASN N 170 -9.05 22.14 17.97
N MET N 171 -9.41 21.98 19.24
CA MET N 171 -10.05 23.09 19.97
C MET N 171 -9.22 23.58 21.17
N LYS N 172 -7.92 23.36 21.14
CA LYS N 172 -7.01 23.98 22.15
C LYS N 172 -6.75 25.44 21.80
N PRO N 173 -6.26 26.29 22.74
CA PRO N 173 -5.78 27.61 22.36
C PRO N 173 -4.66 27.45 21.32
N PRO N 174 -4.56 28.35 20.32
CA PRO N 174 -3.59 28.18 19.23
C PRO N 174 -2.15 28.06 19.73
N ALA N 175 -1.81 28.65 20.87
CA ALA N 175 -0.43 28.59 21.40
C ALA N 175 -0.19 27.24 22.09
N MET N 176 -1.24 26.54 22.49
CA MET N 176 -1.09 25.34 23.34
C MET N 176 -0.78 24.13 22.46
N SER N 177 0.37 23.52 22.63
CA SER N 177 0.66 22.26 21.92
C SER N 177 0.02 21.09 22.69
N GLN N 178 0.06 19.92 22.08
CA GLN N 178 -0.38 18.70 22.78
C GLN N 178 0.44 18.50 24.06
N TYR N 179 1.70 18.95 24.10
CA TYR N 179 2.58 18.78 25.27
C TYR N 179 2.34 19.89 26.30
N GLN N 180 1.29 20.69 26.14
CA GLN N 180 0.85 21.65 27.18
C GLN N 180 -0.60 21.35 27.60
N THR N 181 -1.10 20.15 27.32
CA THR N 181 -2.44 19.77 27.79
C THR N 181 -2.29 18.92 29.04
N PRO N 182 -3.26 19.06 29.95
CA PRO N 182 -3.25 18.27 31.17
C PRO N 182 -3.35 16.76 30.92
N LEU N 183 -2.73 15.99 31.83
CA LEU N 183 -2.70 14.52 31.72
C LEU N 183 -4.12 13.95 31.64
N PHE N 184 -5.12 14.52 32.29
CA PHE N 184 -6.47 13.92 32.19
C PHE N 184 -6.92 14.01 30.73
N VAL N 185 -6.61 15.13 30.07
CA VAL N 185 -7.00 15.32 28.64
C VAL N 185 -6.26 14.27 27.79
N TRP N 186 -4.95 14.08 28.02
CA TRP N 186 -4.22 13.00 27.33
C TRP N 186 -4.90 11.63 27.55
N SER N 187 -5.29 11.34 28.79
CA SER N 187 -5.87 10.03 29.17
C SER N 187 -7.18 9.80 28.37
N VAL N 188 -7.97 10.84 28.16
CA VAL N 188 -9.24 10.74 27.39
C VAL N 188 -8.93 10.60 25.89
N MET N 189 -7.98 11.35 25.34
CA MET N 189 -7.62 11.21 23.91
C MET N 189 -7.20 9.78 23.65
N ILE N 190 -6.33 9.24 24.50
CA ILE N 190 -5.78 7.89 24.23
C ILE N 190 -6.91 6.85 24.37
N THR N 191 -7.73 6.98 25.40
CA THR N 191 -8.89 6.10 25.61
C THR N 191 -9.78 6.17 24.35
N ALA N 192 -9.99 7.37 23.82
CA ALA N 192 -10.87 7.53 22.64
C ALA N 192 -10.24 6.81 21.41
N VAL N 193 -8.93 6.90 21.19
CA VAL N 193 -8.27 6.16 20.09
C VAL N 193 -8.48 4.64 20.32
N LEU N 194 -8.31 4.14 21.55
CA LEU N 194 -8.55 2.70 21.81
C LEU N 194 -10.01 2.33 21.45
N LEU N 195 -10.99 3.13 21.83
CA LEU N 195 -12.40 2.85 21.53
C LEU N 195 -12.63 2.80 20.02
N LEU N 196 -12.12 3.80 19.31
CA LEU N 196 -12.30 3.95 17.85
C LEU N 196 -11.81 2.69 17.13
N LEU N 197 -10.70 2.08 17.58
CA LEU N 197 -10.08 0.94 16.88
C LEU N 197 -10.66 -0.39 17.36
N SER N 198 -11.08 -0.51 18.61
CA SER N 198 -11.43 -1.82 19.24
C SER N 198 -12.92 -2.09 19.03
N LEU N 199 -13.79 -1.13 19.30
CA LEU N 199 -15.24 -1.37 19.26
C LEU N 199 -15.70 -1.86 17.89
N PRO N 200 -15.17 -1.39 16.75
CA PRO N 200 -15.64 -1.94 15.46
C PRO N 200 -15.35 -3.44 15.28
N VAL N 201 -14.28 -3.93 15.89
CA VAL N 201 -13.96 -5.37 15.82
C VAL N 201 -14.97 -6.14 16.66
N LEU N 202 -15.27 -5.64 17.85
CA LEU N 202 -16.33 -6.26 18.67
C LEU N 202 -17.64 -6.27 17.85
N ALA N 203 -17.94 -5.15 17.20
CA ALA N 203 -19.20 -5.03 16.44
C ALA N 203 -19.25 -6.09 15.31
N ALA N 204 -18.12 -6.31 14.64
CA ALA N 204 -18.02 -7.34 13.58
C ALA N 204 -18.30 -8.71 14.22
N GLY N 205 -17.61 -9.03 15.32
CA GLY N 205 -17.75 -10.33 15.98
C GLY N 205 -19.18 -10.62 16.46
N ILE N 206 -19.81 -9.68 17.14
CA ILE N 206 -21.16 -9.96 17.70
C ILE N 206 -22.19 -9.91 16.55
N THR N 207 -21.88 -9.21 15.46
CA THR N 207 -22.74 -9.26 14.25
C THR N 207 -22.69 -10.67 13.64
N MET N 208 -21.49 -11.26 13.54
N MET N 208 -21.50 -11.28 13.60
CA MET N 208 -21.33 -12.66 13.07
CA MET N 208 -21.34 -12.65 13.04
C MET N 208 -22.14 -13.58 13.99
C MET N 208 -21.99 -13.66 14.00
N LEU N 209 -22.06 -13.35 15.31
CA LEU N 209 -22.82 -14.21 16.27
C LEU N 209 -24.34 -14.06 15.99
N LEU N 210 -24.79 -12.83 15.73
CA LEU N 210 -26.19 -12.54 15.40
C LEU N 210 -26.58 -13.33 14.14
N THR N 211 -25.72 -13.33 13.14
CA THR N 211 -26.07 -13.95 11.84
C THR N 211 -26.00 -15.46 12.02
N ASP N 212 -25.06 -15.97 12.83
CA ASP N 212 -25.07 -17.43 13.11
C ASP N 212 -26.37 -17.81 13.83
N ARG N 213 -26.90 -16.92 14.68
CA ARG N 213 -28.12 -17.24 15.47
C ARG N 213 -29.39 -17.11 14.62
N ASN N 214 -29.39 -16.29 13.56
CA ASN N 214 -30.68 -15.87 12.88
C ASN N 214 -30.64 -15.98 11.36
N LEU N 215 -29.48 -16.05 10.69
CA LEU N 215 -29.44 -16.07 9.21
C LEU N 215 -28.73 -17.31 8.67
N ASN N 216 -28.42 -18.27 9.53
CA ASN N 216 -27.90 -19.60 9.13
C ASN N 216 -26.47 -19.44 8.61
N THR N 217 -25.76 -18.41 9.05
CA THR N 217 -24.29 -18.37 8.87
C THR N 217 -23.64 -19.39 9.82
N THR N 218 -22.37 -19.67 9.58
CA THR N 218 -21.61 -20.66 10.37
C THR N 218 -20.20 -20.14 10.64
N PHE N 219 -20.06 -18.85 10.93
CA PHE N 219 -18.72 -18.30 11.31
C PHE N 219 -18.10 -19.10 12.46
N PHE N 220 -18.92 -19.51 13.43
CA PHE N 220 -18.41 -20.10 14.70
C PHE N 220 -18.89 -21.54 14.86
N ASP N 221 -19.51 -22.08 13.80
CA ASP N 221 -20.16 -23.42 13.83
C ASP N 221 -19.31 -24.38 13.01
N PRO N 222 -18.61 -25.36 13.65
CA PRO N 222 -17.79 -26.34 12.91
C PRO N 222 -18.54 -27.12 11.82
N ALA N 223 -19.85 -27.32 11.99
CA ALA N 223 -20.66 -28.01 10.96
C ALA N 223 -20.56 -27.28 9.61
N GLY N 224 -20.40 -25.97 9.60
CA GLY N 224 -20.26 -25.18 8.36
C GLY N 224 -18.81 -24.88 8.03
N GLY N 225 -17.87 -25.38 8.81
CA GLY N 225 -16.45 -25.03 8.62
C GLY N 225 -16.02 -23.86 9.48
N GLY N 226 -16.88 -23.41 10.39
CA GLY N 226 -16.57 -22.30 11.31
C GLY N 226 -15.80 -22.78 12.52
N ASP N 227 -15.54 -21.86 13.44
CA ASP N 227 -14.59 -22.11 14.55
C ASP N 227 -15.01 -21.24 15.72
N PRO N 228 -15.47 -21.86 16.83
CA PRO N 228 -15.76 -21.10 18.04
C PRO N 228 -14.59 -20.22 18.48
N ILE N 229 -13.37 -20.64 18.19
CA ILE N 229 -12.17 -19.91 18.69
C ILE N 229 -12.00 -18.60 17.89
N LEU N 230 -12.49 -18.54 16.66
CA LEU N 230 -12.49 -17.25 15.91
C LEU N 230 -13.26 -16.18 16.72
N TYR N 231 -14.42 -16.52 17.27
CA TYR N 231 -15.20 -15.56 18.08
C TYR N 231 -14.30 -15.01 19.20
N GLN N 232 -13.59 -15.91 19.88
CA GLN N 232 -12.71 -15.54 21.03
C GLN N 232 -11.66 -14.52 20.58
N HIS N 233 -10.99 -14.76 19.47
CA HIS N 233 -9.99 -13.82 18.92
C HIS N 233 -10.66 -12.45 18.70
N LEU N 234 -11.82 -12.41 18.06
CA LEU N 234 -12.46 -11.13 17.71
C LEU N 234 -12.87 -10.40 19.00
N PHE N 235 -13.46 -11.17 19.93
CA PHE N 235 -13.92 -10.60 21.20
C PHE N 235 -12.71 -10.02 21.93
N TRP N 236 -11.66 -10.80 22.11
CA TRP N 236 -10.54 -10.34 22.97
C TRP N 236 -9.68 -9.29 22.25
N PHE N 237 -9.72 -9.21 20.93
CA PHE N 237 -9.02 -8.13 20.19
C PHE N 237 -9.61 -6.78 20.65
N PHE N 238 -10.92 -6.78 20.97
CA PHE N 238 -11.61 -5.66 21.64
C PHE N 238 -11.34 -5.69 23.15
N GLY N 239 -11.50 -6.86 23.75
CA GLY N 239 -11.63 -7.02 25.21
C GLY N 239 -10.37 -6.62 25.96
N HIS N 240 -9.16 -6.86 25.43
CA HIS N 240 -7.96 -6.36 26.16
C HIS N 240 -7.91 -4.82 26.07
N PRO N 241 -7.96 -4.18 24.87
CA PRO N 241 -8.05 -2.73 24.80
C PRO N 241 -9.14 -2.20 25.74
N GLU N 242 -10.27 -2.90 25.84
CA GLU N 242 -11.38 -2.45 26.72
C GLU N 242 -10.91 -2.26 28.18
N VAL N 243 -10.05 -3.12 28.69
CA VAL N 243 -9.66 -2.92 30.11
C VAL N 243 -8.73 -1.69 30.25
N TYR N 244 -7.93 -1.38 29.23
CA TYR N 244 -7.10 -0.15 29.23
C TYR N 244 -8.02 1.08 29.07
N ILE N 245 -9.11 0.96 28.29
CA ILE N 245 -10.17 1.99 28.23
C ILE N 245 -10.75 2.23 29.62
N LEU N 246 -10.95 1.17 30.41
CA LEU N 246 -11.56 1.30 31.74
C LEU N 246 -10.62 2.01 32.70
N ILE N 247 -9.31 1.83 32.55
CA ILE N 247 -8.36 2.35 33.58
C ILE N 247 -7.72 3.68 33.16
N LEU N 248 -7.54 3.92 31.86
CA LEU N 248 -6.75 5.12 31.43
C LEU N 248 -7.33 6.44 31.96
N PRO N 249 -8.64 6.72 31.86
CA PRO N 249 -9.17 7.96 32.39
C PRO N 249 -8.95 8.00 33.91
N GLY N 250 -8.98 6.83 34.54
CA GLY N 250 -8.68 6.68 35.98
C GLY N 250 -7.25 7.10 36.25
N PHE N 251 -6.29 6.63 35.46
CA PHE N 251 -4.88 7.12 35.56
C PHE N 251 -4.84 8.65 35.43
N GLY N 252 -5.57 9.22 34.47
CA GLY N 252 -5.57 10.68 34.30
C GLY N 252 -6.10 11.40 35.55
N MET N 253 -7.22 10.93 36.10
CA MET N 253 -7.81 11.57 37.31
C MET N 253 -6.85 11.42 38.49
N ILE N 254 -6.21 10.27 38.61
CA ILE N 254 -5.21 10.06 39.72
C ILE N 254 -4.08 11.06 39.59
N SER N 255 -3.53 11.25 38.39
CA SER N 255 -2.45 12.24 38.18
C SER N 255 -2.91 13.61 38.71
N HIS N 256 -4.13 14.06 38.37
CA HIS N 256 -4.63 15.39 38.82
C HIS N 256 -4.80 15.41 40.35
N ILE N 257 -5.38 14.36 40.92
CA ILE N 257 -5.71 14.32 42.37
C ILE N 257 -4.41 14.31 43.21
N VAL N 258 -3.47 13.46 42.85
CA VAL N 258 -2.17 13.34 43.56
C VAL N 258 -1.44 14.68 43.46
N THR N 259 -1.41 15.30 42.28
CA THR N 259 -0.73 16.60 42.09
C THR N 259 -1.41 17.61 43.01
N TYR N 260 -2.75 17.69 42.96
CA TYR N 260 -3.54 18.71 43.67
C TYR N 260 -3.30 18.62 45.19
N TYR N 261 -3.46 17.44 45.77
CA TYR N 261 -3.44 17.28 47.24
C TYR N 261 -2.01 17.11 47.75
N SER N 262 -1.02 17.06 46.87
CA SER N 262 0.42 17.14 47.27
C SER N 262 0.84 18.62 47.28
N GLY N 263 -0.06 19.52 46.90
CA GLY N 263 0.23 20.97 46.81
C GLY N 263 1.23 21.29 45.72
N LYS N 264 1.27 20.51 44.66
CA LYS N 264 2.23 20.70 43.54
C LYS N 264 1.53 21.42 42.38
N LYS N 265 2.31 22.13 41.58
CA LYS N 265 1.83 22.85 40.38
C LYS N 265 1.71 21.83 39.24
N GLU N 266 2.33 20.68 39.35
CA GLU N 266 2.52 19.76 38.21
C GLU N 266 2.87 18.36 38.69
N PRO N 267 2.44 17.34 37.93
CA PRO N 267 2.83 15.96 38.19
C PRO N 267 4.31 15.80 37.89
N PHE N 268 4.94 14.85 38.56
CA PHE N 268 6.33 14.48 38.27
C PHE N 268 6.44 13.83 36.87
N GLY N 269 7.41 14.25 36.05
CA GLY N 269 7.76 13.58 34.77
C GLY N 269 6.57 13.56 33.81
N TYR N 270 6.03 14.73 33.49
CA TYR N 270 4.88 14.88 32.58
C TYR N 270 5.12 14.06 31.30
N MET N 271 6.28 14.22 30.63
CA MET N 271 6.43 13.58 29.30
C MET N 271 6.53 12.07 29.50
N GLY N 272 7.12 11.60 30.62
CA GLY N 272 7.07 10.18 30.97
C GLY N 272 5.66 9.64 31.12
N MET N 273 4.76 10.42 31.72
CA MET N 273 3.33 10.02 31.91
C MET N 273 2.65 9.91 30.55
N VAL N 274 2.91 10.84 29.65
CA VAL N 274 2.32 10.80 28.29
C VAL N 274 2.86 9.56 27.58
N TRP N 275 4.18 9.37 27.63
CA TRP N 275 4.82 8.19 27.01
C TRP N 275 4.18 6.91 27.56
N ALA N 276 4.02 6.81 28.88
CA ALA N 276 3.53 5.59 29.54
C ALA N 276 2.10 5.31 29.05
N MET N 277 1.24 6.34 28.99
CA MET N 277 -0.15 6.09 28.55
C MET N 277 -0.18 5.68 27.08
N MET N 278 0.63 6.30 26.21
N MET N 278 0.64 6.32 26.24
CA MET N 278 0.63 5.92 24.77
CA MET N 278 0.71 5.97 24.80
C MET N 278 1.21 4.50 24.64
C MET N 278 1.20 4.52 24.67
N SER N 279 2.24 4.17 25.43
CA SER N 279 2.85 2.82 25.38
C SER N 279 1.81 1.76 25.80
N ILE N 280 1.12 2.03 26.89
CA ILE N 280 0.08 1.09 27.41
C ILE N 280 -1.01 0.95 26.33
N GLY N 281 -1.44 2.05 25.73
CA GLY N 281 -2.48 1.95 24.67
C GLY N 281 -2.03 1.10 23.49
N PHE N 282 -0.80 1.27 23.03
CA PHE N 282 -0.24 0.50 21.90
C PHE N 282 -0.10 -0.98 22.30
N LEU N 283 0.60 -1.27 23.39
CA LEU N 283 0.83 -2.68 23.81
C LEU N 283 -0.50 -3.37 24.03
N GLY N 284 -1.51 -2.64 24.49
CA GLY N 284 -2.83 -3.23 24.76
C GLY N 284 -3.50 -3.82 23.53
N PHE N 285 -2.99 -3.55 22.32
CA PHE N 285 -3.58 -4.10 21.07
C PHE N 285 -2.86 -5.40 20.67
N ILE N 286 -1.74 -5.78 21.32
CA ILE N 286 -0.92 -6.89 20.75
C ILE N 286 -0.81 -8.05 21.75
N VAL N 287 -1.76 -8.15 22.70
CA VAL N 287 -1.65 -9.08 23.86
C VAL N 287 -2.91 -9.93 24.06
N TRP N 288 -3.93 -9.82 23.19
CA TRP N 288 -5.30 -10.28 23.51
C TRP N 288 -5.33 -11.77 23.84
N ALA N 289 -4.44 -12.58 23.24
CA ALA N 289 -4.55 -14.06 23.34
C ALA N 289 -4.11 -14.57 24.72
N HIS N 290 -3.70 -13.69 25.63
CA HIS N 290 -3.50 -14.11 27.05
C HIS N 290 -4.84 -14.44 27.70
N HIS N 291 -5.97 -14.18 27.03
CA HIS N 291 -7.31 -14.67 27.46
C HIS N 291 -7.60 -16.07 26.89
N MET N 292 -6.64 -16.70 26.20
CA MET N 292 -6.87 -17.94 25.41
C MET N 292 -5.72 -18.95 25.60
N PHE N 293 -5.02 -18.92 26.73
CA PHE N 293 -3.84 -19.81 26.95
C PHE N 293 -4.27 -21.28 27.10
N THR N 294 -5.54 -21.59 27.36
CA THR N 294 -5.99 -23.00 27.47
C THR N 294 -6.78 -23.47 26.24
N VAL N 295 -6.85 -22.72 25.15
CA VAL N 295 -7.74 -23.14 24.00
C VAL N 295 -6.99 -24.08 23.05
N GLY N 296 -5.67 -24.28 23.22
CA GLY N 296 -4.89 -25.15 22.33
C GLY N 296 -4.10 -24.41 21.26
N MET N 297 -3.63 -23.19 21.46
N MET N 297 -3.37 -23.45 21.76
CA MET N 297 -2.76 -22.49 20.46
CA MET N 297 -2.49 -22.48 21.08
C MET N 297 -1.35 -23.12 20.49
C MET N 297 -1.11 -23.10 20.88
N ASP N 298 -0.51 -22.80 19.50
N ASP N 298 -0.52 -23.02 19.68
CA ASP N 298 0.90 -23.26 19.37
CA ASP N 298 0.89 -23.43 19.51
C ASP N 298 1.75 -22.72 20.56
C ASP N 298 1.72 -22.76 20.62
N VAL N 299 2.76 -23.48 21.02
CA VAL N 299 3.67 -23.05 22.10
C VAL N 299 4.36 -21.71 21.77
N ASP N 300 4.80 -21.48 20.53
CA ASP N 300 5.54 -20.23 20.21
C ASP N 300 4.59 -19.02 20.36
N THR N 301 3.33 -19.20 19.99
CA THR N 301 2.28 -18.17 20.16
C THR N 301 2.11 -17.88 21.65
N ARG N 302 2.03 -18.92 22.49
CA ARG N 302 1.87 -18.71 23.93
C ARG N 302 3.10 -17.99 24.48
N ALA N 303 4.30 -18.30 23.99
CA ALA N 303 5.55 -17.66 24.44
C ALA N 303 5.49 -16.17 24.08
N TYR N 304 5.07 -15.84 22.87
CA TYR N 304 4.96 -14.44 22.40
C TYR N 304 3.98 -13.71 23.31
N PHE N 305 2.77 -14.25 23.51
CA PHE N 305 1.74 -13.52 24.27
C PHE N 305 2.15 -13.40 25.74
N THR N 306 2.86 -14.38 26.30
CA THR N 306 3.41 -14.21 27.68
C THR N 306 4.33 -12.97 27.73
N SER N 307 5.28 -12.89 26.80
CA SER N 307 6.36 -11.88 26.77
C SER N 307 5.77 -10.46 26.53
N ALA N 308 4.91 -10.33 25.53
CA ALA N 308 4.31 -9.04 25.13
C ALA N 308 3.46 -8.55 26.29
N THR N 309 2.75 -9.44 26.95
CA THR N 309 1.87 -9.02 28.08
C THR N 309 2.74 -8.45 29.21
N MET N 310 3.84 -9.12 29.52
CA MET N 310 4.65 -8.67 30.67
C MET N 310 5.26 -7.28 30.44
N ILE N 311 5.48 -6.90 29.17
N ILE N 311 5.60 -6.90 29.21
CA ILE N 311 6.11 -5.61 28.78
CA ILE N 311 6.40 -5.66 29.04
C ILE N 311 5.27 -4.44 29.31
C ILE N 311 5.55 -4.44 29.43
N ILE N 312 3.96 -4.59 29.43
N ILE N 312 4.23 -4.54 29.41
CA ILE N 312 3.05 -3.51 29.91
CA ILE N 312 3.33 -3.43 29.80
C ILE N 312 3.44 -3.06 31.33
C ILE N 312 3.56 -3.03 31.27
N ALA N 313 4.10 -3.91 32.10
CA ALA N 313 4.54 -3.56 33.49
C ALA N 313 5.51 -2.36 33.44
N ILE N 314 6.32 -2.23 32.37
CA ILE N 314 7.36 -1.18 32.37
C ILE N 314 6.72 0.20 32.32
N PRO N 315 5.92 0.58 31.29
CA PRO N 315 5.30 1.91 31.30
C PRO N 315 4.40 2.08 32.52
N THR N 316 3.72 1.00 32.95
CA THR N 316 2.77 1.10 34.10
C THR N 316 3.58 1.48 35.36
N GLY N 317 4.73 0.85 35.55
CA GLY N 317 5.59 1.15 36.71
C GLY N 317 6.09 2.59 36.64
N VAL N 318 6.36 3.10 35.43
CA VAL N 318 6.75 4.54 35.33
C VAL N 318 5.62 5.41 35.91
N LYS N 319 4.35 5.10 35.63
CA LYS N 319 3.27 5.92 36.19
C LYS N 319 3.24 5.77 37.71
N VAL N 320 3.36 4.57 38.21
CA VAL N 320 3.24 4.33 39.67
C VAL N 320 4.36 5.10 40.37
N PHE N 321 5.58 4.97 39.88
CA PHE N 321 6.74 5.64 40.50
C PHE N 321 6.58 7.17 40.35
N SER N 322 5.99 7.62 39.25
CA SER N 322 5.78 9.07 39.00
C SER N 322 4.73 9.63 39.98
N TRP N 323 3.68 8.87 40.30
CA TRP N 323 2.70 9.29 41.35
C TRP N 323 3.41 9.40 42.70
N LEU N 324 4.24 8.41 43.02
CA LEU N 324 4.99 8.47 44.30
C LEU N 324 5.90 9.71 44.30
N ALA N 325 6.57 9.99 43.20
CA ALA N 325 7.49 11.14 43.11
C ALA N 325 6.73 12.48 43.10
N THR N 326 5.44 12.47 42.76
CA THR N 326 4.59 13.67 42.89
C THR N 326 4.29 13.94 44.39
N LEU N 327 4.00 12.89 45.16
CA LEU N 327 3.80 13.02 46.63
C LEU N 327 5.08 13.53 47.27
N HIS N 328 6.22 13.06 46.79
CA HIS N 328 7.58 13.39 47.33
C HIS N 328 7.75 14.91 47.50
N GLY N 329 7.93 15.36 48.73
CA GLY N 329 8.14 16.78 49.01
C GLY N 329 6.86 17.60 49.06
N GLY N 330 5.71 16.93 48.99
CA GLY N 330 4.44 17.66 49.01
C GLY N 330 4.10 18.22 50.37
N ASN N 331 3.32 19.29 50.38
CA ASN N 331 2.53 19.71 51.56
C ASN N 331 1.21 18.91 51.44
N ILE N 332 1.14 17.75 52.10
CA ILE N 332 0.05 16.77 51.83
C ILE N 332 -1.24 17.24 52.50
N LYS N 333 -2.33 17.32 51.75
CA LYS N 333 -3.67 17.58 52.31
C LYS N 333 -4.36 16.23 52.31
N TRP N 334 -4.67 15.72 53.50
CA TRP N 334 -5.31 14.40 53.68
C TRP N 334 -6.82 14.51 53.45
N SER N 335 -7.18 15.02 52.30
CA SER N 335 -8.60 15.08 51.84
C SER N 335 -9.14 13.67 51.56
N PRO N 336 -10.46 13.48 51.56
CA PRO N 336 -11.05 12.21 51.13
C PRO N 336 -10.54 11.82 49.72
N ALA N 337 -10.46 12.77 48.77
CA ALA N 337 -10.01 12.44 47.40
C ALA N 337 -8.58 11.86 47.43
N MET N 338 -7.71 12.46 48.24
CA MET N 338 -6.32 11.96 48.37
C MET N 338 -6.35 10.53 48.91
N MET N 339 -7.21 10.22 49.87
CA MET N 339 -7.31 8.85 50.43
C MET N 339 -7.71 7.86 49.31
N TRP N 340 -8.71 8.17 48.49
CA TRP N 340 -9.09 7.34 47.34
C TRP N 340 -7.84 7.14 46.44
N ALA N 341 -7.08 8.19 46.15
CA ALA N 341 -5.95 8.13 45.21
C ALA N 341 -4.83 7.27 45.84
N LEU N 342 -4.57 7.41 47.13
CA LEU N 342 -3.49 6.60 47.75
C LEU N 342 -3.91 5.12 47.76
N GLY N 343 -5.18 4.84 48.09
CA GLY N 343 -5.76 3.48 47.98
C GLY N 343 -5.56 2.96 46.56
N PHE N 344 -5.87 3.78 45.56
CA PHE N 344 -5.68 3.40 44.15
C PHE N 344 -4.24 2.94 43.92
N ILE N 345 -3.27 3.76 44.28
CA ILE N 345 -1.86 3.48 43.88
C ILE N 345 -1.50 2.08 44.40
N PHE N 346 -1.82 1.79 45.66
CA PHE N 346 -1.42 0.51 46.30
C PHE N 346 -2.23 -0.65 45.71
N LEU N 347 -3.54 -0.51 45.68
CA LEU N 347 -4.45 -1.65 45.30
C LEU N 347 -4.36 -1.91 43.80
N PHE N 348 -4.23 -0.87 42.97
CA PHE N 348 -3.99 -1.07 41.53
C PHE N 348 -2.67 -1.83 41.34
N THR N 349 -1.63 -1.49 42.12
CA THR N 349 -0.32 -2.16 41.99
C THR N 349 -0.50 -3.67 42.29
N VAL N 350 -1.22 -4.02 43.36
CA VAL N 350 -1.45 -5.43 43.74
C VAL N 350 -2.14 -6.12 42.56
N GLY N 351 -3.21 -5.51 42.05
CA GLY N 351 -3.92 -6.21 40.96
C GLY N 351 -3.10 -6.29 39.69
N GLY N 352 -2.29 -5.27 39.43
CA GLY N 352 -1.39 -5.29 38.27
C GLY N 352 -0.42 -6.44 38.39
N LEU N 353 0.10 -6.63 39.59
CA LEU N 353 1.10 -7.70 39.82
C LEU N 353 0.45 -9.08 39.67
N THR N 354 -0.79 -9.29 40.13
CA THR N 354 -1.45 -10.60 39.89
C THR N 354 -1.72 -10.75 38.38
N GLY N 355 -1.87 -9.64 37.64
CA GLY N 355 -1.95 -9.71 36.17
C GLY N 355 -0.66 -10.28 35.61
N ILE N 356 0.50 -9.84 36.13
CA ILE N 356 1.81 -10.33 35.64
C ILE N 356 1.93 -11.83 35.96
N VAL N 357 1.41 -12.27 37.07
CA VAL N 357 1.38 -13.74 37.40
C VAL N 357 0.63 -14.49 36.27
N LEU N 358 -0.57 -14.02 35.96
CA LEU N 358 -1.46 -14.62 34.94
C LEU N 358 -0.87 -14.56 33.54
N ALA N 359 -0.02 -13.57 33.24
CA ALA N 359 0.63 -13.40 31.90
C ALA N 359 1.46 -14.65 31.56
N ASN N 360 1.90 -15.39 32.57
CA ASN N 360 2.72 -16.58 32.36
C ASN N 360 1.83 -17.75 31.92
N SER N 361 1.81 -18.06 30.63
N SER N 361 1.87 -18.10 30.63
CA SER N 361 0.91 -19.09 30.04
CA SER N 361 1.00 -19.12 30.00
C SER N 361 1.01 -20.40 30.85
C SER N 361 1.19 -20.50 30.66
N SER N 362 2.22 -20.87 31.15
N SER N 362 2.33 -20.73 31.32
CA SER N 362 2.42 -22.12 31.93
CA SER N 362 2.66 -22.01 31.99
C SER N 362 1.61 -22.07 33.23
C SER N 362 1.85 -22.13 33.29
N LEU N 363 1.83 -21.06 34.09
CA LEU N 363 1.05 -21.01 35.35
C LEU N 363 -0.43 -20.74 35.05
N ASP N 364 -0.72 -19.94 34.03
CA ASP N 364 -2.13 -19.66 33.66
C ASP N 364 -2.93 -20.95 33.41
N ILE N 365 -2.30 -22.05 33.01
CA ILE N 365 -3.05 -23.31 32.78
C ILE N 365 -3.83 -23.60 34.06
N VAL N 366 -3.18 -23.41 35.21
CA VAL N 366 -3.79 -23.77 36.51
C VAL N 366 -4.66 -22.63 37.02
N LEU N 367 -4.39 -21.38 36.68
CA LEU N 367 -5.13 -20.20 37.22
C LEU N 367 -6.32 -19.81 36.33
N HIS N 368 -6.28 -20.19 35.05
CA HIS N 368 -7.32 -19.80 34.06
C HIS N 368 -8.68 -20.32 34.53
N ASP N 369 -9.73 -19.49 34.40
CA ASP N 369 -11.11 -19.92 34.71
C ASP N 369 -11.19 -20.32 36.19
N THR N 370 -10.37 -19.67 37.02
CA THR N 370 -10.46 -19.77 38.49
C THR N 370 -10.66 -18.38 39.11
N TYR N 371 -10.94 -18.37 40.40
CA TYR N 371 -11.13 -17.15 41.21
C TYR N 371 -9.81 -16.38 41.28
N TYR N 372 -8.66 -16.91 40.86
CA TYR N 372 -7.44 -16.06 40.84
C TYR N 372 -7.63 -14.94 39.83
N VAL N 373 -8.27 -15.24 38.71
CA VAL N 373 -8.50 -14.22 37.67
C VAL N 373 -9.49 -13.19 38.23
N VAL N 374 -10.51 -13.68 38.92
CA VAL N 374 -11.54 -12.80 39.55
C VAL N 374 -10.88 -11.85 40.56
N ALA N 375 -9.93 -12.35 41.35
CA ALA N 375 -9.18 -11.52 42.31
C ALA N 375 -8.38 -10.44 41.55
N HIS N 376 -7.63 -10.84 40.54
CA HIS N 376 -6.85 -9.89 39.73
C HIS N 376 -7.77 -8.75 39.25
N PHE N 377 -8.86 -9.08 38.57
CA PHE N 377 -9.59 -7.99 37.87
C PHE N 377 -10.41 -7.15 38.85
N HIS N 378 -10.82 -7.66 40.00
CA HIS N 378 -11.54 -6.82 40.99
C HIS N 378 -10.56 -5.89 41.72
N TYR N 379 -9.29 -6.27 41.89
CA TYR N 379 -8.31 -5.32 42.47
C TYR N 379 -8.18 -4.14 41.49
N VAL N 380 -8.05 -4.41 40.18
CA VAL N 380 -7.85 -3.30 39.21
C VAL N 380 -9.18 -2.59 38.89
N LEU N 381 -10.36 -3.24 38.98
CA LEU N 381 -11.66 -2.60 38.64
C LEU N 381 -12.39 -2.07 39.87
N SER N 382 -12.67 -2.94 40.84
CA SER N 382 -13.47 -2.56 42.03
C SER N 382 -12.58 -1.78 43.01
N MET N 383 -11.26 -1.84 42.87
CA MET N 383 -10.38 -1.00 43.70
C MET N 383 -9.61 0.03 42.83
N GLY N 384 -9.25 -0.20 41.61
CA GLY N 384 -8.59 0.84 40.79
C GLY N 384 -9.61 1.73 40.13
N ALA N 385 -10.32 1.22 39.13
CA ALA N 385 -11.27 2.08 38.39
C ALA N 385 -12.23 2.76 39.39
N VAL N 386 -12.81 2.00 40.31
CA VAL N 386 -13.81 2.55 41.26
C VAL N 386 -13.16 3.60 42.19
N PHE N 387 -11.96 3.36 42.69
CA PHE N 387 -11.30 4.32 43.61
C PHE N 387 -11.01 5.63 42.83
N ALA N 388 -10.57 5.53 41.57
CA ALA N 388 -10.31 6.72 40.73
C ALA N 388 -11.65 7.46 40.56
N ILE N 389 -12.72 6.74 40.30
CA ILE N 389 -14.06 7.38 40.14
C ILE N 389 -14.44 8.05 41.45
N MET N 390 -14.26 7.38 42.58
CA MET N 390 -14.71 7.99 43.86
C MET N 390 -13.82 9.20 44.19
N GLY N 391 -12.51 9.10 43.95
CA GLY N 391 -11.62 10.24 44.20
C GLY N 391 -11.97 11.42 43.31
N GLY N 392 -12.20 11.16 42.03
CA GLY N 392 -12.62 12.21 41.08
C GLY N 392 -13.96 12.81 41.51
N PHE N 393 -14.89 11.96 41.95
CA PHE N 393 -16.23 12.44 42.35
C PHE N 393 -16.11 13.39 43.54
N VAL N 394 -15.38 12.99 44.58
N VAL N 394 -15.38 12.94 44.57
CA VAL N 394 -15.34 13.87 45.79
CA VAL N 394 -15.23 13.76 45.81
C VAL N 394 -14.48 15.10 45.50
C VAL N 394 -14.53 15.08 45.43
N HIS N 395 -13.48 15.00 44.60
CA HIS N 395 -12.63 16.18 44.27
C HIS N 395 -13.46 17.19 43.47
N TRP N 396 -14.17 16.72 42.43
CA TRP N 396 -14.84 17.67 41.48
C TRP N 396 -16.32 17.91 41.80
N PHE N 397 -16.92 17.17 42.74
CA PHE N 397 -18.33 17.44 43.12
C PHE N 397 -18.57 18.93 43.36
N PRO N 398 -17.70 19.65 44.11
CA PRO N 398 -17.98 21.07 44.37
C PRO N 398 -17.93 21.91 43.08
N LEU N 399 -17.11 21.53 42.11
CA LEU N 399 -17.05 22.24 40.80
C LEU N 399 -18.39 22.03 40.10
N PHE N 400 -18.84 20.78 40.06
CA PHE N 400 -20.04 20.45 39.25
C PHE N 400 -21.30 21.06 39.87
N SER N 401 -21.41 21.01 41.19
CA SER N 401 -22.63 21.33 41.96
C SER N 401 -22.62 22.75 42.51
N GLY N 402 -21.45 23.31 42.85
CA GLY N 402 -21.34 24.54 43.63
C GLY N 402 -21.41 24.31 45.15
N TYR N 403 -21.54 23.06 45.63
CA TYR N 403 -21.69 22.73 47.06
C TYR N 403 -20.53 21.84 47.55
N THR N 404 -20.19 21.97 48.82
CA THR N 404 -19.16 21.11 49.47
C THR N 404 -19.80 19.87 50.06
N LEU N 405 -19.06 18.77 50.02
CA LEU N 405 -19.35 17.56 50.83
C LEU N 405 -18.90 17.78 52.27
N ASN N 406 -19.43 16.95 53.16
CA ASN N 406 -18.91 16.86 54.54
C ASN N 406 -17.66 15.97 54.47
N ASP N 407 -16.47 16.51 54.70
CA ASP N 407 -15.21 15.74 54.54
C ASP N 407 -15.15 14.58 55.53
N THR N 408 -15.65 14.74 56.75
CA THR N 408 -15.61 13.64 57.74
C THR N 408 -16.47 12.47 57.24
N TRP N 409 -17.67 12.74 56.78
CA TRP N 409 -18.52 11.66 56.20
C TRP N 409 -17.78 10.97 55.04
N ALA N 410 -17.15 11.75 54.16
CA ALA N 410 -16.51 11.18 52.95
C ALA N 410 -15.33 10.30 53.42
N LYS N 411 -14.66 10.68 54.51
CA LYS N 411 -13.56 9.84 55.04
C LYS N 411 -14.13 8.53 55.61
N ILE N 412 -15.26 8.62 56.29
CA ILE N 412 -15.93 7.41 56.86
C ILE N 412 -16.27 6.49 55.69
N HIS N 413 -16.85 7.06 54.64
CA HIS N 413 -17.22 6.29 53.44
C HIS N 413 -15.98 5.57 52.87
N PHE N 414 -14.88 6.27 52.68
CA PHE N 414 -13.64 5.68 52.18
C PHE N 414 -13.23 4.46 53.05
N ALA N 415 -13.25 4.65 54.37
CA ALA N 415 -12.79 3.63 55.36
C ALA N 415 -13.67 2.36 55.21
N ILE N 416 -14.99 2.55 55.14
CA ILE N 416 -15.92 1.41 55.03
C ILE N 416 -15.64 0.68 53.72
N MET N 417 -15.56 1.42 52.61
N MET N 417 -15.58 1.41 52.60
CA MET N 417 -15.35 0.81 51.28
CA MET N 417 -15.36 0.76 51.29
C MET N 417 -14.01 0.06 51.24
C MET N 417 -14.02 0.02 51.29
N PHE N 418 -12.95 0.64 51.82
CA PHE N 418 -11.60 0.03 51.83
C PHE N 418 -11.69 -1.36 52.48
N VAL N 419 -12.34 -1.46 53.65
CA VAL N 419 -12.47 -2.74 54.39
C VAL N 419 -13.29 -3.69 53.52
N GLY N 420 -14.44 -3.23 53.01
CA GLY N 420 -15.38 -4.08 52.25
C GLY N 420 -14.71 -4.73 51.03
N VAL N 421 -14.07 -3.95 50.17
CA VAL N 421 -13.51 -4.53 48.93
C VAL N 421 -12.36 -5.47 49.26
N ASN N 422 -11.53 -5.16 50.26
CA ASN N 422 -10.39 -6.03 50.60
C ASN N 422 -10.92 -7.35 51.18
N MET N 423 -11.91 -7.28 52.08
N MET N 423 -11.91 -7.29 52.08
CA MET N 423 -12.51 -8.51 52.68
CA MET N 423 -12.49 -8.53 52.65
C MET N 423 -13.18 -9.34 51.57
C MET N 423 -13.14 -9.36 51.53
N THR N 424 -13.77 -8.68 50.56
CA THR N 424 -14.45 -9.37 49.44
C THR N 424 -13.41 -10.13 48.62
N PHE N 425 -12.34 -9.46 48.18
CA PHE N 425 -11.51 -9.98 47.05
C PHE N 425 -10.23 -10.63 47.53
N PHE N 426 -9.65 -10.22 48.66
CA PHE N 426 -8.33 -10.80 49.04
C PHE N 426 -8.45 -12.31 49.14
N PRO N 427 -9.47 -12.87 49.81
CA PRO N 427 -9.57 -14.33 49.95
C PRO N 427 -9.81 -15.06 48.61
N GLN N 428 -10.24 -14.34 47.56
CA GLN N 428 -10.48 -15.01 46.27
C GLN N 428 -9.14 -15.46 45.67
N HIS N 429 -8.00 -14.90 46.09
CA HIS N 429 -6.69 -15.44 45.66
C HIS N 429 -6.56 -16.89 46.12
N PHE N 430 -6.93 -17.17 47.35
CA PHE N 430 -6.79 -18.52 47.95
C PHE N 430 -7.72 -19.50 47.20
N LEU N 431 -8.97 -19.08 46.98
CA LEU N 431 -9.97 -19.86 46.24
C LEU N 431 -9.42 -20.21 44.85
N GLY N 432 -8.78 -19.25 44.17
CA GLY N 432 -8.18 -19.46 42.84
C GLY N 432 -7.03 -20.46 42.88
N LEU N 433 -6.05 -20.25 43.74
CA LEU N 433 -4.86 -21.15 43.82
C LEU N 433 -5.33 -22.56 44.16
N SER N 434 -6.32 -22.70 45.03
CA SER N 434 -6.83 -24.02 45.45
C SER N 434 -7.83 -24.62 44.43
N GLY N 435 -8.19 -23.90 43.38
CA GLY N 435 -8.85 -24.48 42.19
C GLY N 435 -10.35 -24.22 42.06
N MET N 436 -10.90 -23.24 42.77
CA MET N 436 -12.36 -22.90 42.60
C MET N 436 -12.58 -22.27 41.22
N PRO N 437 -13.41 -22.92 40.35
CA PRO N 437 -13.70 -22.35 39.03
C PRO N 437 -14.58 -21.10 39.07
N ARG N 438 -14.47 -20.30 38.00
CA ARG N 438 -15.37 -19.16 37.71
C ARG N 438 -16.75 -19.68 37.32
N ARG N 439 -17.75 -18.83 37.50
CA ARG N 439 -19.12 -18.99 36.93
C ARG N 439 -19.82 -20.18 37.58
N TYR N 440 -19.47 -20.48 38.83
CA TYR N 440 -20.09 -21.55 39.67
C TYR N 440 -21.11 -20.96 40.66
N SER N 441 -22.31 -21.56 40.71
CA SER N 441 -23.38 -21.23 41.69
C SER N 441 -23.10 -21.92 43.04
N ASP N 442 -22.26 -22.95 43.04
CA ASP N 442 -21.97 -23.76 44.24
C ASP N 442 -20.58 -24.39 44.11
N TYR N 443 -19.99 -24.75 45.24
CA TYR N 443 -18.58 -25.14 45.32
C TYR N 443 -18.46 -26.34 46.24
N PRO N 444 -17.46 -27.20 45.99
CA PRO N 444 -17.09 -28.22 46.97
C PRO N 444 -16.85 -27.63 48.37
N ASP N 445 -17.06 -28.45 49.38
CA ASP N 445 -17.22 -28.01 50.79
C ASP N 445 -15.95 -27.32 51.26
N ALA N 446 -14.78 -27.78 50.79
CA ALA N 446 -13.46 -27.24 51.18
C ALA N 446 -13.41 -25.71 50.99
N TYR N 447 -14.13 -25.16 50.03
CA TYR N 447 -14.00 -23.72 49.66
C TYR N 447 -14.93 -22.84 50.53
N THR N 448 -15.63 -23.40 51.52
CA THR N 448 -16.67 -22.69 52.32
C THR N 448 -16.09 -21.46 53.06
N MET N 449 -15.00 -21.59 53.81
CA MET N 449 -14.57 -20.50 54.70
C MET N 449 -14.30 -19.22 53.88
N TRP N 450 -13.55 -19.31 52.78
CA TRP N 450 -13.19 -18.08 52.05
C TRP N 450 -14.41 -17.54 51.31
N ASN N 451 -15.33 -18.38 50.81
CA ASN N 451 -16.57 -17.86 50.18
C ASN N 451 -17.41 -17.12 51.22
N THR N 452 -17.48 -17.64 52.46
CA THR N 452 -18.26 -17.02 53.55
C THR N 452 -17.70 -15.62 53.79
N ILE N 453 -16.38 -15.51 53.95
CA ILE N 453 -15.71 -14.23 54.28
C ILE N 453 -15.90 -13.27 53.11
N SER N 454 -15.67 -13.73 51.89
CA SER N 454 -15.86 -12.88 50.67
C SER N 454 -17.28 -12.31 50.67
N SER N 455 -18.30 -13.13 50.94
CA SER N 455 -19.69 -12.66 50.92
C SER N 455 -19.94 -11.62 52.02
N MET N 456 -19.36 -11.81 53.19
CA MET N 456 -19.46 -10.80 54.29
C MET N 456 -18.86 -9.46 53.85
N GLY N 457 -17.72 -9.49 53.15
CA GLY N 457 -17.10 -8.29 52.57
C GLY N 457 -18.07 -7.57 51.65
N SER N 458 -18.79 -8.30 50.80
CA SER N 458 -19.71 -7.66 49.81
C SER N 458 -20.76 -6.83 50.55
N PHE N 459 -21.21 -7.30 51.72
CA PHE N 459 -22.21 -6.58 52.54
C PHE N 459 -21.58 -5.29 53.08
N ILE N 460 -20.29 -5.32 53.46
CA ILE N 460 -19.64 -4.10 53.99
C ILE N 460 -19.62 -3.06 52.85
N SER N 461 -19.27 -3.48 51.63
CA SER N 461 -19.26 -2.60 50.43
C SER N 461 -20.67 -2.07 50.20
N LEU N 462 -21.70 -2.90 50.39
CA LEU N 462 -23.09 -2.38 50.23
C LEU N 462 -23.33 -1.23 51.22
N THR N 463 -22.88 -1.39 52.46
CA THR N 463 -23.07 -0.34 53.49
C THR N 463 -22.39 0.96 53.01
N ALA N 464 -21.21 0.88 52.43
CA ALA N 464 -20.51 2.09 51.88
C ALA N 464 -21.35 2.70 50.73
N VAL N 465 -21.89 1.89 49.84
CA VAL N 465 -22.70 2.45 48.72
C VAL N 465 -23.91 3.21 49.29
N MET N 466 -24.57 2.63 50.28
CA MET N 466 -25.76 3.29 50.89
C MET N 466 -25.34 4.62 51.51
N LEU N 467 -24.20 4.62 52.21
CA LEU N 467 -23.69 5.83 52.90
C LEU N 467 -23.39 6.91 51.85
N MET N 468 -22.77 6.55 50.73
CA MET N 468 -22.45 7.52 49.67
C MET N 468 -23.73 8.25 49.24
N VAL N 469 -24.85 7.54 49.09
CA VAL N 469 -26.10 8.24 48.65
C VAL N 469 -26.49 9.27 49.71
N PHE N 470 -26.41 8.89 50.99
CA PHE N 470 -26.73 9.81 52.10
C PHE N 470 -25.82 11.04 52.02
N ILE N 471 -24.54 10.80 51.75
CA ILE N 471 -23.52 11.88 51.79
C ILE N 471 -23.83 12.88 50.68
N ILE N 472 -24.25 12.39 49.53
CA ILE N 472 -24.62 13.27 48.39
C ILE N 472 -25.88 14.04 48.81
N TRP N 473 -26.84 13.35 49.42
CA TRP N 473 -28.06 14.04 49.90
C TRP N 473 -27.67 15.15 50.90
N GLU N 474 -26.76 14.85 51.84
CA GLU N 474 -26.45 15.83 52.89
C GLU N 474 -25.86 17.11 52.26
N ALA N 475 -25.03 17.00 51.21
CA ALA N 475 -24.40 18.14 50.54
C ALA N 475 -25.50 19.00 49.87
N PHE N 476 -26.43 18.38 49.12
CA PHE N 476 -27.49 19.17 48.47
C PHE N 476 -28.49 19.72 49.49
N ALA N 477 -28.67 19.02 50.62
CA ALA N 477 -29.61 19.41 51.69
C ALA N 477 -29.10 20.65 52.43
N SER N 478 -27.78 20.72 52.68
CA SER N 478 -27.15 21.74 53.55
C SER N 478 -26.81 23.01 52.74
N LYS N 479 -26.46 22.87 51.46
CA LYS N 479 -26.17 24.01 50.56
C LYS N 479 -25.05 24.89 51.16
N ARG N 480 -23.86 24.30 51.37
CA ARG N 480 -22.62 25.08 51.62
C ARG N 480 -22.02 25.49 50.25
N GLU N 481 -22.18 26.75 49.85
CA GLU N 481 -21.75 27.24 48.52
C GLU N 481 -20.25 27.54 48.55
N VAL N 482 -19.56 27.03 47.54
CA VAL N 482 -18.09 27.17 47.43
C VAL N 482 -17.80 28.64 47.27
N LEU N 483 -16.78 29.14 47.94
CA LEU N 483 -16.21 30.48 47.67
C LEU N 483 -14.95 30.35 46.81
N THR N 484 -13.85 29.84 47.39
CA THR N 484 -12.57 29.67 46.67
C THR N 484 -11.99 28.26 46.79
N VAL N 485 -11.10 27.94 45.85
CA VAL N 485 -10.24 26.74 45.90
C VAL N 485 -8.81 27.22 45.64
N ASP N 486 -7.85 26.50 46.20
CA ASP N 486 -6.43 26.77 46.00
C ASP N 486 -5.97 26.17 44.65
N LEU N 487 -4.81 26.62 44.19
CA LEU N 487 -4.08 26.04 43.01
C LEU N 487 -4.87 26.28 41.72
N THR N 488 -5.67 27.36 41.60
CA THR N 488 -6.37 27.59 40.31
C THR N 488 -5.33 27.88 39.20
N THR N 489 -4.13 28.34 39.55
CA THR N 489 -3.13 28.65 38.51
C THR N 489 -2.79 27.38 37.70
N THR N 490 -2.98 26.19 38.26
CA THR N 490 -2.61 24.94 37.55
C THR N 490 -3.82 24.03 37.46
N ASN N 491 -5.03 24.56 37.59
CA ASN N 491 -6.27 23.73 37.52
C ASN N 491 -7.38 24.59 36.88
N LEU N 492 -7.23 24.84 35.59
CA LEU N 492 -8.07 25.80 34.83
C LEU N 492 -9.56 25.48 35.01
N GLU N 493 -9.96 24.23 35.22
CA GLU N 493 -11.39 23.86 35.24
C GLU N 493 -12.12 24.60 36.36
N TRP N 494 -11.41 25.05 37.41
CA TRP N 494 -11.99 25.74 38.58
C TRP N 494 -12.16 27.26 38.33
N LEU N 495 -11.50 27.83 37.31
CA LEU N 495 -11.28 29.29 37.28
C LEU N 495 -12.57 30.02 36.86
N ASN N 496 -13.63 29.32 36.46
CA ASN N 496 -14.93 30.00 36.11
C ASN N 496 -15.93 29.86 37.27
N GLY N 497 -15.46 29.44 38.45
CA GLY N 497 -16.32 29.32 39.62
C GLY N 497 -17.09 28.01 39.68
N CYS N 498 -17.93 27.88 40.69
CA CYS N 498 -18.57 26.62 41.09
C CYS N 498 -20.07 26.85 41.30
N PRO N 499 -20.94 26.31 40.43
CA PRO N 499 -20.56 25.68 39.18
C PRO N 499 -20.23 26.75 38.15
N PRO N 500 -19.50 26.43 37.07
CA PRO N 500 -19.22 27.43 36.04
C PRO N 500 -20.54 27.74 35.34
N PRO N 501 -20.64 28.94 34.72
CA PRO N 501 -21.82 29.31 33.92
C PRO N 501 -22.05 28.33 32.76
N TYR N 502 -23.31 28.24 32.32
CA TYR N 502 -23.75 27.36 31.21
C TYR N 502 -22.73 27.49 30.06
N HIS N 503 -22.48 28.72 29.63
CA HIS N 503 -21.46 29.03 28.60
C HIS N 503 -20.18 29.50 29.30
N THR N 504 -19.07 28.83 29.07
CA THR N 504 -17.72 29.27 29.50
C THR N 504 -16.82 29.45 28.28
N PHE N 505 -15.80 30.32 28.43
CA PHE N 505 -14.79 30.62 27.37
C PHE N 505 -15.50 31.12 26.09
N GLU N 506 -16.59 31.89 26.25
CA GLU N 506 -17.15 32.66 25.10
C GLU N 506 -16.08 33.60 24.56
N GLU N 507 -15.37 34.23 25.47
CA GLU N 507 -14.09 34.90 25.17
C GLU N 507 -13.02 33.88 25.56
N PRO N 508 -12.24 33.39 24.58
CA PRO N 508 -11.25 32.38 24.87
C PRO N 508 -10.13 32.94 25.74
N THR N 509 -9.34 32.02 26.31
CA THR N 509 -8.12 32.40 27.05
C THR N 509 -7.14 33.10 26.10
N TYR N 510 -6.27 33.89 26.69
CA TYR N 510 -5.14 34.52 25.98
C TYR N 510 -3.91 33.71 26.35
N VAL N 511 -3.26 33.13 25.35
CA VAL N 511 -1.98 32.39 25.57
C VAL N 511 -1.01 32.83 24.49
N ASN N 512 0.15 33.39 24.85
CA ASN N 512 1.06 33.86 23.77
C ASN N 512 2.18 32.82 23.54
N LEU N 513 2.94 32.98 22.44
CA LEU N 513 4.17 32.16 22.18
C LEU N 513 5.41 32.98 22.52
N ALA O 2 -8.82 -29.94 46.93
CA ALA O 2 -8.70 -28.86 47.92
C ALA O 2 -9.15 -29.32 49.30
N TYR O 3 -8.55 -28.77 50.35
CA TYR O 3 -8.93 -29.04 51.77
C TYR O 3 -9.37 -27.73 52.40
N PRO O 4 -10.11 -27.78 53.53
CA PRO O 4 -10.59 -26.57 54.19
C PRO O 4 -9.46 -25.61 54.58
N MET O 5 -9.73 -24.32 54.32
CA MET O 5 -8.87 -23.17 54.70
C MET O 5 -7.60 -23.19 53.88
N GLN O 6 -7.60 -23.80 52.71
CA GLN O 6 -6.38 -23.90 51.89
C GLN O 6 -6.00 -22.50 51.38
N LEU O 7 -4.71 -22.16 51.40
CA LEU O 7 -4.20 -20.85 50.93
C LEU O 7 -3.60 -20.97 49.53
N GLY O 8 -2.92 -22.07 49.24
CA GLY O 8 -2.12 -22.20 48.01
C GLY O 8 -2.61 -23.30 47.10
N PHE O 9 -1.71 -23.77 46.25
CA PHE O 9 -2.02 -24.84 45.28
C PHE O 9 -2.22 -26.16 46.02
N GLN O 10 -3.07 -27.00 45.43
CA GLN O 10 -3.14 -28.45 45.75
C GLN O 10 -1.74 -29.05 45.60
N ASP O 11 -1.37 -29.96 46.49
CA ASP O 11 -0.07 -30.66 46.40
C ASP O 11 0.13 -31.18 44.96
N ALA O 12 1.34 -30.97 44.42
CA ALA O 12 1.72 -31.41 43.06
C ALA O 12 1.69 -32.94 43.00
N THR O 13 1.06 -33.47 41.96
CA THR O 13 1.00 -34.93 41.72
C THR O 13 1.83 -35.28 40.48
N SER O 14 2.26 -34.30 39.69
CA SER O 14 3.04 -34.52 38.44
C SER O 14 4.30 -33.68 38.54
N PRO O 15 5.41 -34.08 37.89
CA PRO O 15 6.62 -33.24 37.85
C PRO O 15 6.33 -31.82 37.33
N ILE O 16 5.46 -31.63 36.33
N ILE O 16 5.45 -31.68 36.33
CA ILE O 16 5.18 -30.27 35.81
CA ILE O 16 5.04 -30.37 35.74
C ILE O 16 4.45 -29.46 36.89
C ILE O 16 4.45 -29.51 36.86
N MET O 17 3.52 -30.05 37.65
CA MET O 17 2.87 -29.28 38.73
C MET O 17 3.91 -28.88 39.78
N GLU O 18 4.87 -29.76 40.08
N GLU O 18 4.90 -29.73 40.08
CA GLU O 18 5.98 -29.42 41.01
CA GLU O 18 5.93 -29.32 41.07
C GLU O 18 6.71 -28.19 40.46
C GLU O 18 6.78 -28.18 40.48
N GLU O 19 7.10 -28.20 39.17
CA GLU O 19 7.77 -27.04 38.50
C GLU O 19 6.95 -25.76 38.66
N LEU O 20 5.64 -25.86 38.45
CA LEU O 20 4.75 -24.69 38.59
C LEU O 20 4.74 -24.19 40.05
N LEU O 21 4.78 -25.08 41.03
CA LEU O 21 4.81 -24.66 42.45
C LEU O 21 6.06 -23.81 42.70
N HIS O 22 7.21 -24.29 42.23
N HIS O 22 7.27 -24.25 42.29
CA HIS O 22 8.52 -23.61 42.46
CA HIS O 22 8.51 -23.47 42.57
C HIS O 22 8.49 -22.25 41.74
C HIS O 22 8.47 -22.17 41.74
N PHE O 23 7.93 -22.22 40.52
CA PHE O 23 7.81 -21.01 39.68
C PHE O 23 6.88 -20.01 40.38
N HIS O 24 5.73 -20.48 40.87
CA HIS O 24 4.83 -19.60 41.65
C HIS O 24 5.55 -19.05 42.90
N ASP O 25 6.30 -19.87 43.64
CA ASP O 25 7.00 -19.37 44.84
C ASP O 25 7.96 -18.21 44.44
N HIS O 26 8.69 -18.38 43.35
CA HIS O 26 9.59 -17.35 42.78
C HIS O 26 8.81 -16.07 42.45
N THR O 27 7.69 -16.22 41.72
CA THR O 27 6.94 -15.06 41.25
C THR O 27 6.28 -14.38 42.44
N LEU O 28 5.77 -15.13 43.40
CA LEU O 28 5.04 -14.54 44.55
C LEU O 28 6.04 -13.76 45.40
N MET O 29 7.29 -14.24 45.53
CA MET O 29 8.29 -13.46 46.29
C MET O 29 8.40 -12.07 45.68
N ILE O 30 8.44 -11.98 44.36
CA ILE O 30 8.57 -10.69 43.65
C ILE O 30 7.29 -9.86 43.84
N VAL O 31 6.13 -10.46 43.69
CA VAL O 31 4.84 -9.73 43.94
C VAL O 31 4.85 -9.11 45.35
N PHE O 32 5.17 -9.92 46.36
N PHE O 32 5.20 -9.89 46.38
CA PHE O 32 5.22 -9.46 47.78
CA PHE O 32 5.16 -9.38 47.78
C PHE O 32 6.19 -8.27 47.88
C PHE O 32 6.22 -8.28 47.95
N LEU O 33 7.39 -8.45 47.34
CA LEU O 33 8.48 -7.44 47.44
C LEU O 33 8.04 -6.12 46.78
N ILE O 34 7.49 -6.18 45.58
CA ILE O 34 7.09 -4.94 44.85
C ILE O 34 5.91 -4.30 45.57
N SER O 35 4.88 -5.07 45.92
CA SER O 35 3.71 -4.59 46.69
C SER O 35 4.19 -3.88 47.97
N SER O 36 5.09 -4.53 48.70
CA SER O 36 5.63 -4.01 50.00
C SER O 36 6.43 -2.73 49.78
N LEU O 37 7.26 -2.71 48.74
CA LEU O 37 8.07 -1.52 48.45
C LEU O 37 7.14 -0.34 48.12
N VAL O 38 6.10 -0.57 47.33
CA VAL O 38 5.19 0.53 46.96
C VAL O 38 4.46 1.03 48.22
N LEU O 39 3.97 0.14 49.07
CA LEU O 39 3.29 0.54 50.34
C LEU O 39 4.29 1.31 51.21
N TYR O 40 5.52 0.82 51.31
CA TYR O 40 6.54 1.46 52.18
C TYR O 40 6.83 2.87 51.64
N ILE O 41 7.04 2.98 50.34
CA ILE O 41 7.38 4.29 49.72
C ILE O 41 6.20 5.24 49.88
N ILE O 42 4.96 4.78 49.73
CA ILE O 42 3.80 5.66 50.03
C ILE O 42 3.97 6.19 51.45
N SER O 43 4.18 5.32 52.41
CA SER O 43 4.25 5.77 53.83
C SER O 43 5.43 6.76 53.99
N LEU O 44 6.55 6.53 53.33
CA LEU O 44 7.74 7.42 53.40
C LEU O 44 7.41 8.81 52.82
N MET O 45 6.72 8.85 51.67
CA MET O 45 6.33 10.16 51.07
C MET O 45 5.40 10.94 52.01
N LEU O 46 4.65 10.25 52.88
CA LEU O 46 3.53 10.87 53.60
C LEU O 46 3.92 11.24 55.02
N THR O 47 5.15 11.02 55.46
CA THR O 47 5.51 11.07 56.90
C THR O 47 6.59 12.12 57.19
N THR O 48 6.69 13.18 56.38
CA THR O 48 7.68 14.27 56.64
C THR O 48 7.04 15.63 56.41
N LYS O 49 7.41 16.56 57.32
CA LYS O 49 7.06 18.00 57.23
C LYS O 49 8.00 18.68 56.21
N LEU O 50 9.09 18.04 55.79
CA LEU O 50 10.01 18.62 54.79
C LEU O 50 9.31 18.72 53.43
N THR O 51 9.56 19.80 52.71
CA THR O 51 8.90 20.04 51.41
C THR O 51 9.93 20.39 50.32
N HIS O 52 9.54 20.02 49.12
CA HIS O 52 10.21 20.37 47.85
C HIS O 52 9.12 20.38 46.80
N THR O 53 8.63 21.57 46.46
CA THR O 53 7.43 21.75 45.58
C THR O 53 7.83 22.40 44.24
N SER O 54 9.10 22.75 44.06
CA SER O 54 9.60 23.29 42.78
C SER O 54 9.71 22.15 41.77
N THR O 55 9.96 22.47 40.49
CA THR O 55 10.06 21.47 39.39
C THR O 55 11.17 20.49 39.72
N MET O 56 10.92 19.21 39.60
CA MET O 56 11.95 18.15 39.75
C MET O 56 12.34 17.55 38.38
N ASP O 57 13.64 17.36 38.16
CA ASP O 57 14.20 16.66 36.96
C ASP O 57 13.92 15.15 37.05
N ALA O 58 13.33 14.56 36.01
CA ALA O 58 12.83 13.16 36.04
C ALA O 58 13.78 12.19 35.31
N GLN O 59 14.75 12.69 34.55
CA GLN O 59 15.48 11.86 33.55
C GLN O 59 16.26 10.75 34.27
N GLU O 60 17.10 11.12 35.22
CA GLU O 60 17.99 10.16 35.94
C GLU O 60 17.12 9.05 36.56
N VAL O 61 16.06 9.40 37.30
CA VAL O 61 15.32 8.36 38.06
C VAL O 61 14.58 7.47 37.10
N GLU O 62 14.18 7.98 35.92
CA GLU O 62 13.36 7.12 35.03
C GLU O 62 14.23 6.00 34.41
N THR O 63 15.56 6.16 34.35
CA THR O 63 16.45 5.03 33.98
C THR O 63 16.24 3.88 34.98
N ILE O 64 16.30 4.19 36.28
CA ILE O 64 16.16 3.16 37.33
C ILE O 64 14.79 2.49 37.19
N TRP O 65 13.74 3.29 37.03
CA TRP O 65 12.32 2.84 36.99
C TRP O 65 12.00 2.02 35.76
N THR O 66 12.83 2.03 34.71
CA THR O 66 12.57 1.21 33.50
C THR O 66 13.52 0.01 33.50
N ILE O 67 14.80 0.20 33.81
CA ILE O 67 15.82 -0.91 33.77
C ILE O 67 15.51 -1.96 34.85
N LEU O 68 15.28 -1.53 36.10
CA LEU O 68 15.07 -2.54 37.19
C LEU O 68 13.84 -3.40 36.88
N PRO O 69 12.65 -2.80 36.56
CA PRO O 69 11.53 -3.63 36.13
C PRO O 69 11.84 -4.52 34.94
N ALA O 70 12.57 -4.04 33.94
CA ALA O 70 12.87 -4.86 32.74
C ALA O 70 13.69 -6.06 33.20
N ILE O 71 14.65 -5.86 34.09
CA ILE O 71 15.46 -7.01 34.62
C ILE O 71 14.52 -7.98 35.36
N ILE O 72 13.61 -7.47 36.19
CA ILE O 72 12.71 -8.35 36.97
C ILE O 72 11.83 -9.15 36.00
N LEU O 73 11.29 -8.51 34.98
CA LEU O 73 10.45 -9.23 34.00
C LEU O 73 11.25 -10.37 33.36
N ILE O 74 12.53 -10.13 33.01
CA ILE O 74 13.38 -11.19 32.39
C ILE O 74 13.57 -12.33 33.40
N LEU O 75 13.72 -11.99 34.68
CA LEU O 75 13.93 -13.02 35.72
C LEU O 75 12.66 -13.84 35.97
N ILE O 76 11.49 -13.34 35.58
CA ILE O 76 10.22 -14.13 35.62
C ILE O 76 10.12 -14.93 34.31
N ALA O 77 10.33 -14.28 33.18
CA ALA O 77 10.09 -14.85 31.85
C ALA O 77 11.01 -16.06 31.61
N LEU O 78 12.26 -16.03 32.08
CA LEU O 78 13.23 -17.13 31.79
C LEU O 78 12.68 -18.47 32.34
N PRO O 79 12.39 -18.60 33.65
CA PRO O 79 11.85 -19.87 34.16
C PRO O 79 10.43 -20.13 33.60
N SER O 80 9.62 -19.09 33.41
CA SER O 80 8.24 -19.25 32.87
C SER O 80 8.27 -20.01 31.54
N LEU O 81 9.12 -19.53 30.64
CA LEU O 81 9.21 -20.06 29.27
C LEU O 81 9.94 -21.40 29.30
N ARG O 82 10.90 -21.62 30.20
CA ARG O 82 11.52 -22.97 30.34
C ARG O 82 10.39 -23.97 30.61
N ILE O 83 9.49 -23.65 31.54
CA ILE O 83 8.42 -24.62 31.91
C ILE O 83 7.45 -24.75 30.72
N LEU O 84 7.12 -23.65 30.08
CA LEU O 84 6.23 -23.67 28.89
C LEU O 84 6.76 -24.70 27.88
N TYR O 85 8.06 -24.67 27.58
CA TYR O 85 8.65 -25.56 26.55
C TYR O 85 8.74 -27.00 27.09
N MET O 86 9.01 -27.17 28.40
CA MET O 86 8.96 -28.53 29.00
C MET O 86 7.58 -29.20 28.79
N MET O 87 6.48 -28.45 28.90
N MET O 87 6.49 -28.47 29.07
CA MET O 87 5.10 -29.00 28.83
CA MET O 87 5.11 -28.96 28.84
C MET O 87 4.68 -29.21 27.37
C MET O 87 5.06 -29.53 27.41
N ASP O 88 5.51 -28.75 26.42
CA ASP O 88 5.35 -29.04 24.98
C ASP O 88 6.32 -30.13 24.49
N GLU O 89 7.34 -30.53 25.25
CA GLU O 89 8.38 -31.52 24.82
C GLU O 89 7.75 -32.83 24.31
N ILE O 90 8.24 -33.27 23.15
CA ILE O 90 8.01 -34.62 22.58
C ILE O 90 8.15 -35.56 23.76
N ASN O 91 7.07 -36.29 24.08
CA ASN O 91 7.28 -37.53 24.84
C ASN O 91 6.61 -38.64 24.03
N ASN O 92 6.90 -39.88 24.39
CA ASN O 92 6.34 -41.07 23.72
C ASN O 92 5.33 -41.61 24.70
N PRO O 93 4.03 -41.27 24.52
CA PRO O 93 3.01 -41.81 25.41
C PRO O 93 2.88 -43.32 25.16
N SER O 94 2.48 -44.08 26.17
CA SER O 94 2.20 -45.54 26.06
C SER O 94 0.70 -45.77 25.93
N LEU O 95 -0.10 -44.73 26.13
CA LEU O 95 -1.59 -44.80 26.19
C LEU O 95 -2.17 -43.48 25.68
N THR O 96 -3.24 -43.54 24.88
CA THR O 96 -4.09 -42.39 24.51
C THR O 96 -5.50 -42.66 25.03
N VAL O 97 -6.04 -41.67 25.72
CA VAL O 97 -7.44 -41.61 26.18
C VAL O 97 -8.06 -40.32 25.65
N LYS O 98 -9.31 -40.42 25.18
CA LYS O 98 -10.12 -39.27 24.76
C LYS O 98 -11.15 -38.97 25.85
N THR O 99 -11.43 -37.68 26.04
CA THR O 99 -12.59 -37.24 26.82
C THR O 99 -13.42 -36.29 25.95
N MET O 100 -14.73 -36.50 25.97
CA MET O 100 -15.69 -35.62 25.28
C MET O 100 -16.54 -34.98 26.37
N GLY O 101 -16.56 -33.64 26.35
CA GLY O 101 -17.48 -32.81 27.15
C GLY O 101 -18.90 -32.92 26.61
N HIS O 102 -19.87 -32.91 27.52
CA HIS O 102 -21.33 -32.85 27.26
C HIS O 102 -22.00 -31.96 28.31
N GLN O 103 -23.16 -31.44 27.97
CA GLN O 103 -24.09 -30.87 28.98
C GLN O 103 -24.84 -32.02 29.68
N TRP O 104 -24.53 -32.38 30.93
CA TRP O 104 -23.48 -31.91 31.81
C TRP O 104 -22.80 -33.16 32.45
N TYR O 105 -21.82 -33.72 31.74
CA TYR O 105 -21.05 -34.92 32.15
C TYR O 105 -19.92 -35.11 31.15
N TRP O 106 -18.98 -35.98 31.47
CA TRP O 106 -17.83 -36.31 30.60
C TRP O 106 -17.98 -37.75 30.13
N SER O 107 -17.62 -38.01 28.88
CA SER O 107 -17.43 -39.39 28.39
C SER O 107 -15.94 -39.63 28.13
N TYR O 108 -15.52 -40.88 28.24
CA TYR O 108 -14.11 -41.33 28.09
C TYR O 108 -14.07 -42.47 27.08
N GLU O 109 -13.07 -42.43 26.21
CA GLU O 109 -12.84 -43.42 25.13
C GLU O 109 -11.41 -43.93 25.25
N TYR O 110 -11.25 -45.24 25.38
CA TYR O 110 -9.94 -45.91 25.39
C TYR O 110 -9.96 -46.82 24.16
N THR O 111 -9.46 -46.32 23.03
CA THR O 111 -9.64 -47.03 21.73
C THR O 111 -8.28 -47.37 21.13
N ASP O 112 -7.22 -47.44 21.95
CA ASP O 112 -5.90 -47.93 21.45
C ASP O 112 -6.03 -49.37 20.94
N TYR O 113 -6.82 -50.23 21.58
CA TYR O 113 -6.88 -51.69 21.25
C TYR O 113 -8.33 -52.11 21.16
N GLU O 114 -9.03 -52.03 22.27
CA GLU O 114 -10.47 -52.34 22.38
C GLU O 114 -11.22 -51.04 22.07
N ASP O 115 -12.52 -51.11 21.81
CA ASP O 115 -13.39 -49.92 21.75
C ASP O 115 -14.07 -49.80 23.12
N LEU O 116 -13.37 -49.29 24.14
CA LEU O 116 -13.98 -49.08 25.48
C LEU O 116 -14.45 -47.62 25.61
N SER O 117 -15.69 -47.40 26.02
CA SER O 117 -16.15 -46.01 26.30
C SER O 117 -17.20 -46.05 27.38
N PHE O 118 -17.33 -44.95 28.10
CA PHE O 118 -18.32 -44.85 29.20
C PHE O 118 -18.51 -43.39 29.55
N ASP O 119 -19.60 -43.16 30.24
CA ASP O 119 -20.04 -41.82 30.69
C ASP O 119 -19.69 -41.68 32.17
N SER O 120 -19.48 -40.45 32.62
CA SER O 120 -18.97 -40.12 33.96
C SER O 120 -19.78 -38.95 34.50
N TYR O 121 -20.73 -39.28 35.39
CA TYR O 121 -21.71 -38.33 35.96
C TYR O 121 -21.40 -38.07 37.43
N MET O 122 -21.66 -36.85 37.84
CA MET O 122 -21.57 -36.42 39.24
C MET O 122 -22.47 -37.29 40.10
N ILE O 123 -22.02 -37.69 41.27
CA ILE O 123 -22.94 -38.36 42.23
C ILE O 123 -23.75 -37.26 42.90
N PRO O 124 -25.11 -37.23 42.73
CA PRO O 124 -25.95 -36.31 43.48
C PRO O 124 -25.71 -36.40 45.00
N THR O 125 -25.85 -35.27 45.69
CA THR O 125 -25.61 -35.14 47.14
C THR O 125 -26.48 -36.15 47.92
N SER O 126 -27.71 -36.35 47.48
CA SER O 126 -28.67 -37.28 48.12
C SER O 126 -28.22 -38.76 47.95
N GLU O 127 -27.27 -39.09 47.04
CA GLU O 127 -26.80 -40.48 46.74
C GLU O 127 -25.37 -40.70 47.23
N LEU O 128 -24.69 -39.70 47.82
CA LEU O 128 -23.28 -39.89 48.25
C LEU O 128 -23.23 -40.97 49.32
N LYS O 129 -22.26 -41.87 49.21
CA LYS O 129 -21.92 -42.86 50.25
C LYS O 129 -21.20 -42.13 51.37
N PRO O 130 -21.39 -42.56 52.61
CA PRO O 130 -20.79 -41.87 53.76
C PRO O 130 -19.29 -41.57 53.59
N GLY O 131 -18.90 -40.32 53.82
CA GLY O 131 -17.51 -39.87 53.70
C GLY O 131 -17.14 -39.42 52.29
N GLU O 132 -18.04 -39.51 51.32
CA GLU O 132 -17.81 -39.12 49.90
C GLU O 132 -18.02 -37.60 49.76
N LEU O 133 -17.45 -37.01 48.72
CA LEU O 133 -17.31 -35.54 48.63
C LEU O 133 -18.42 -34.93 47.78
N ARG O 134 -19.14 -33.98 48.38
CA ARG O 134 -20.22 -33.21 47.70
C ARG O 134 -19.63 -32.53 46.43
N LEU O 135 -20.34 -32.70 45.32
CA LEU O 135 -20.09 -32.09 43.99
C LEU O 135 -18.85 -32.66 43.29
N LEU O 136 -18.11 -33.60 43.88
CA LEU O 136 -16.81 -34.03 43.31
C LEU O 136 -16.81 -35.50 42.87
N GLU O 137 -17.64 -36.38 43.44
CA GLU O 137 -17.61 -37.80 43.06
C GLU O 137 -18.35 -38.01 41.74
N VAL O 138 -17.93 -39.02 41.01
CA VAL O 138 -18.58 -39.52 39.79
C VAL O 138 -18.81 -41.03 39.95
N ASP O 139 -19.73 -41.52 39.12
CA ASP O 139 -20.11 -42.96 39.07
C ASP O 139 -18.95 -43.76 38.47
N ASN O 140 -18.35 -43.27 37.38
CA ASN O 140 -17.30 -43.98 36.61
C ASN O 140 -16.06 -43.11 36.55
N ARG O 141 -15.03 -43.47 37.32
CA ARG O 141 -13.74 -42.73 37.38
C ARG O 141 -12.90 -43.02 36.13
N VAL O 142 -11.97 -42.12 35.86
CA VAL O 142 -11.00 -42.28 34.75
C VAL O 142 -9.83 -43.13 35.28
N VAL O 143 -9.90 -44.44 35.03
CA VAL O 143 -8.85 -45.38 35.49
C VAL O 143 -7.64 -45.24 34.55
N LEU O 144 -6.47 -45.01 35.14
CA LEU O 144 -5.23 -44.72 34.39
C LEU O 144 -4.06 -45.39 35.10
N PRO O 145 -3.03 -45.79 34.36
CA PRO O 145 -1.79 -46.26 34.99
C PRO O 145 -0.92 -45.09 35.51
N MET O 146 -0.43 -45.25 36.73
CA MET O 146 0.54 -44.33 37.34
C MET O 146 1.94 -44.49 36.72
N GLU O 147 2.76 -43.44 36.89
CA GLU O 147 4.20 -43.41 36.54
C GLU O 147 4.34 -43.71 35.04
N MET O 148 3.36 -43.33 34.25
CA MET O 148 3.42 -43.51 32.78
C MET O 148 2.88 -42.28 32.07
N THR O 149 3.52 -41.96 30.95
CA THR O 149 3.16 -40.81 30.12
C THR O 149 1.90 -41.18 29.35
N ILE O 150 0.83 -40.41 29.57
CA ILE O 150 -0.46 -40.65 28.90
C ILE O 150 -0.81 -39.41 28.06
N ARG O 151 -1.29 -39.66 26.85
CA ARG O 151 -1.85 -38.62 25.97
C ARG O 151 -3.36 -38.54 26.22
N MET O 152 -3.84 -37.40 26.72
CA MET O 152 -5.29 -37.11 26.85
C MET O 152 -5.64 -36.21 25.67
N LEU O 153 -6.68 -36.60 24.95
CA LEU O 153 -7.28 -35.79 23.86
C LEU O 153 -8.65 -35.34 24.34
N VAL O 154 -8.95 -34.06 24.13
CA VAL O 154 -10.15 -33.39 24.71
C VAL O 154 -10.94 -32.75 23.57
N SER O 155 -12.24 -33.03 23.53
CA SER O 155 -13.19 -32.32 22.65
C SER O 155 -14.54 -32.26 23.36
N SER O 156 -15.56 -31.79 22.63
CA SER O 156 -16.94 -31.62 23.13
C SER O 156 -17.89 -32.07 22.05
N GLU O 157 -19.06 -32.57 22.44
CA GLU O 157 -20.13 -32.86 21.46
C GLU O 157 -21.21 -31.80 21.56
N ASP O 158 -21.02 -30.71 22.30
CA ASP O 158 -22.04 -29.63 22.29
C ASP O 158 -21.33 -28.27 22.45
N VAL O 159 -21.39 -27.67 23.62
CA VAL O 159 -20.88 -26.30 23.85
C VAL O 159 -19.43 -26.40 24.35
N LEU O 160 -18.82 -25.29 24.70
CA LEU O 160 -17.44 -25.36 25.28
C LEU O 160 -17.55 -25.99 26.66
N HIS O 161 -16.60 -26.83 27.01
CA HIS O 161 -16.26 -27.22 28.41
C HIS O 161 -14.73 -27.02 28.57
N SER O 162 -14.20 -27.36 29.73
CA SER O 162 -12.73 -27.39 29.92
C SER O 162 -12.42 -28.46 30.95
N TRP O 163 -11.50 -29.35 30.57
CA TRP O 163 -11.12 -30.56 31.34
C TRP O 163 -9.94 -30.19 32.23
N ALA O 164 -10.16 -30.13 33.55
CA ALA O 164 -9.14 -29.65 34.50
C ALA O 164 -8.87 -30.68 35.59
N VAL O 165 -7.60 -30.79 35.99
CA VAL O 165 -7.14 -31.56 37.17
C VAL O 165 -6.01 -30.77 37.81
N PRO O 166 -6.36 -29.86 38.75
CA PRO O 166 -5.37 -28.95 39.33
C PRO O 166 -4.14 -29.67 39.89
N SER O 167 -4.32 -30.81 40.54
CA SER O 167 -3.14 -31.39 41.19
C SER O 167 -2.17 -31.96 40.16
N LEU O 168 -2.60 -32.16 38.91
CA LEU O 168 -1.67 -32.59 37.84
C LEU O 168 -1.25 -31.40 36.96
N GLY O 169 -1.69 -30.17 37.23
CA GLY O 169 -1.33 -29.02 36.42
C GLY O 169 -2.07 -29.00 35.09
N LEU O 170 -3.27 -29.55 35.01
CA LEU O 170 -3.93 -29.77 33.69
C LEU O 170 -5.18 -28.89 33.59
N LYS O 171 -5.36 -28.28 32.42
CA LYS O 171 -6.59 -27.59 32.01
C LYS O 171 -6.53 -27.42 30.50
N THR O 172 -7.39 -28.16 29.82
CA THR O 172 -7.43 -28.16 28.35
C THR O 172 -8.90 -27.95 27.93
N ASP O 173 -9.15 -26.91 27.16
CA ASP O 173 -10.53 -26.57 26.73
C ASP O 173 -11.03 -27.70 25.81
N ALA O 174 -12.34 -27.92 25.92
CA ALA O 174 -13.07 -28.94 25.16
C ALA O 174 -13.95 -28.19 24.15
N ILE O 175 -13.55 -28.20 22.88
CA ILE O 175 -14.16 -27.35 21.83
C ILE O 175 -14.72 -28.26 20.78
N PRO O 176 -16.00 -28.16 20.39
CA PRO O 176 -16.54 -29.04 19.36
C PRO O 176 -15.81 -28.81 18.04
N GLY O 177 -15.48 -29.90 17.36
CA GLY O 177 -14.81 -29.88 16.06
C GLY O 177 -13.31 -29.78 16.18
N ARG O 178 -12.78 -29.81 17.39
CA ARG O 178 -11.33 -29.64 17.66
C ARG O 178 -10.90 -30.74 18.63
N LEU O 179 -9.73 -31.29 18.40
CA LEU O 179 -9.15 -32.34 19.24
C LEU O 179 -7.92 -31.72 19.92
N ASN O 180 -8.03 -31.35 21.18
CA ASN O 180 -6.89 -30.73 21.89
C ASN O 180 -6.13 -31.81 22.66
N GLN O 181 -4.81 -31.71 22.67
CA GLN O 181 -3.92 -32.71 23.31
C GLN O 181 -3.28 -32.12 24.56
N THR O 182 -3.21 -32.92 25.63
CA THR O 182 -2.29 -32.65 26.76
C THR O 182 -1.65 -33.98 27.17
N THR O 183 -0.57 -33.89 27.96
CA THR O 183 0.15 -35.03 28.56
C THR O 183 -0.17 -35.08 30.06
N LEU O 184 -0.35 -36.28 30.56
CA LEU O 184 -0.71 -36.60 31.96
C LEU O 184 0.36 -37.60 32.45
N MET O 185 0.99 -37.32 33.58
CA MET O 185 1.94 -38.28 34.20
C MET O 185 1.76 -38.13 35.72
N SER O 186 1.21 -39.12 36.41
CA SER O 186 1.06 -39.09 37.88
C SER O 186 2.25 -39.81 38.52
N SER O 187 2.89 -39.14 39.48
CA SER O 187 3.99 -39.69 40.31
C SER O 187 3.46 -40.66 41.36
N ARG O 188 2.14 -40.71 41.57
CA ARG O 188 1.53 -41.42 42.71
C ARG O 188 0.23 -42.09 42.28
N PRO O 189 -0.13 -43.19 42.95
CA PRO O 189 -1.49 -43.73 42.87
C PRO O 189 -2.43 -42.77 43.62
N GLY O 190 -3.72 -42.96 43.41
CA GLY O 190 -4.76 -42.31 44.22
C GLY O 190 -5.90 -41.79 43.37
N LEU O 191 -6.68 -40.89 43.94
CA LEU O 191 -7.84 -40.23 43.31
C LEU O 191 -7.52 -38.75 43.16
N TYR O 192 -7.65 -38.24 41.93
CA TYR O 192 -7.32 -36.84 41.62
C TYR O 192 -8.51 -36.21 40.89
N TYR O 193 -8.95 -35.10 41.48
CA TYR O 193 -10.23 -34.42 41.22
C TYR O 193 -10.00 -33.13 40.45
N GLY O 194 -10.99 -32.81 39.63
CA GLY O 194 -11.09 -31.56 38.88
C GLY O 194 -12.53 -31.25 38.54
N GLN O 195 -12.77 -30.08 37.97
CA GLN O 195 -14.13 -29.59 37.69
C GLN O 195 -14.16 -28.86 36.34
N CYS O 196 -15.31 -28.90 35.67
CA CYS O 196 -15.47 -28.27 34.35
C CYS O 196 -15.10 -26.80 34.47
N SER O 197 -14.26 -26.32 33.57
CA SER O 197 -13.62 -24.98 33.70
C SER O 197 -13.92 -24.10 32.48
N GLU O 198 -15.10 -24.31 31.85
CA GLU O 198 -15.69 -23.31 30.92
C GLU O 198 -17.22 -23.38 31.04
N ILE O 199 -17.75 -22.17 31.28
CA ILE O 199 -19.19 -21.96 31.47
C ILE O 199 -19.92 -22.65 30.31
N CYS O 200 -20.83 -23.54 30.67
CA CYS O 200 -21.46 -24.48 29.71
C CYS O 200 -22.95 -24.66 29.99
N GLY O 201 -23.54 -23.77 30.79
CA GLY O 201 -24.99 -23.70 31.01
C GLY O 201 -25.39 -24.19 32.40
N SER O 202 -26.57 -24.77 32.47
CA SER O 202 -27.35 -25.07 33.71
C SER O 202 -26.52 -25.75 34.79
N ASN O 203 -25.70 -26.74 34.41
CA ASN O 203 -25.05 -27.65 35.38
C ASN O 203 -23.52 -27.60 35.25
N HIS O 204 -22.98 -26.46 34.83
CA HIS O 204 -21.52 -26.17 34.74
C HIS O 204 -20.82 -26.50 36.08
N SER O 205 -21.46 -26.21 37.21
CA SER O 205 -20.90 -26.45 38.58
C SER O 205 -20.86 -27.95 38.90
N PHE O 206 -21.49 -28.80 38.08
CA PHE O 206 -21.90 -30.14 38.50
C PHE O 206 -21.47 -31.22 37.49
N MET O 207 -20.30 -31.08 36.89
CA MET O 207 -19.77 -32.13 35.98
C MET O 207 -18.29 -32.32 36.22
N PRO O 208 -17.93 -32.94 37.36
CA PRO O 208 -16.54 -33.10 37.76
C PRO O 208 -15.83 -34.24 37.03
N ILE O 209 -14.52 -34.26 37.29
CA ILE O 209 -13.51 -35.18 36.71
C ILE O 209 -12.86 -35.90 37.89
N VAL O 210 -12.79 -37.23 37.84
CA VAL O 210 -12.06 -37.99 38.89
C VAL O 210 -11.16 -38.99 38.18
N LEU O 211 -9.86 -38.85 38.41
CA LEU O 211 -8.86 -39.82 37.88
C LEU O 211 -8.63 -40.82 38.99
N GLU O 212 -8.52 -42.09 38.60
CA GLU O 212 -8.13 -43.17 39.52
C GLU O 212 -6.80 -43.74 39.00
N LEU O 213 -5.71 -43.48 39.71
CA LEU O 213 -4.32 -43.83 39.30
C LEU O 213 -3.90 -45.09 40.04
N VAL O 214 -3.51 -46.11 39.28
CA VAL O 214 -3.27 -47.49 39.79
C VAL O 214 -2.03 -48.04 39.07
N PRO O 215 -1.33 -49.04 39.64
CA PRO O 215 -0.19 -49.65 38.97
C PRO O 215 -0.65 -50.24 37.62
N LEU O 216 0.25 -50.27 36.63
CA LEU O 216 -0.03 -50.78 35.26
C LEU O 216 -0.75 -52.13 35.33
N LYS O 217 -0.26 -53.06 36.14
CA LYS O 217 -0.83 -54.43 36.26
C LYS O 217 -2.32 -54.30 36.57
N TYR O 218 -2.70 -53.38 37.45
CA TYR O 218 -4.13 -53.19 37.83
C TYR O 218 -4.90 -52.50 36.70
N PHE O 219 -4.26 -51.55 36.02
CA PHE O 219 -4.86 -50.91 34.84
C PHE O 219 -5.20 -51.98 33.78
N GLU O 220 -4.25 -52.87 33.50
CA GLU O 220 -4.39 -54.00 32.51
C GLU O 220 -5.52 -54.93 32.93
N LYS O 221 -5.57 -55.33 34.21
CA LYS O 221 -6.68 -56.18 34.74
C LYS O 221 -8.00 -55.42 34.52
N TRP O 222 -8.03 -54.12 34.81
CA TRP O 222 -9.29 -53.34 34.69
C TRP O 222 -9.73 -53.28 33.21
N SER O 223 -8.81 -53.00 32.27
CA SER O 223 -9.06 -52.99 30.80
C SER O 223 -9.62 -54.34 30.33
N ALA O 224 -8.94 -55.42 30.71
CA ALA O 224 -9.33 -56.82 30.38
C ALA O 224 -10.75 -57.09 30.89
N SER O 225 -11.10 -56.62 32.09
CA SER O 225 -12.41 -56.85 32.76
C SER O 225 -13.55 -56.11 32.02
N MET O 226 -13.22 -55.23 31.09
CA MET O 226 -14.20 -54.33 30.44
C MET O 226 -14.70 -54.95 29.14
N LEU O 227 -14.04 -56.03 28.70
CA LEU O 227 -14.29 -56.80 27.46
C LEU O 227 -15.66 -57.49 27.50
N GLN P 4 -19.64 35.68 21.43
CA GLN P 4 -18.40 34.85 21.38
C GLN P 4 -17.29 35.60 20.64
N THR P 5 -16.04 35.39 21.03
CA THR P 5 -14.88 35.85 20.25
C THR P 5 -13.98 34.65 19.97
N HIS P 6 -14.57 33.44 19.89
CA HIS P 6 -13.94 32.25 19.25
C HIS P 6 -14.68 31.96 17.94
N ALA P 7 -14.11 31.08 17.10
CA ALA P 7 -14.64 30.72 15.77
C ALA P 7 -15.48 29.44 15.80
N TYR P 8 -15.84 28.89 16.96
CA TYR P 8 -16.49 27.55 17.06
C TYR P 8 -18.00 27.71 17.09
N HIS P 9 -18.70 26.59 16.80
CA HIS P 9 -20.15 26.58 16.54
C HIS P 9 -20.88 26.09 17.78
N MET P 10 -21.61 26.98 18.45
CA MET P 10 -22.55 26.63 19.54
C MET P 10 -23.89 26.30 18.87
N VAL P 11 -24.26 25.03 18.90
CA VAL P 11 -25.40 24.46 18.16
C VAL P 11 -26.69 24.70 18.94
N ASN P 12 -27.75 25.07 18.23
CA ASN P 12 -29.07 25.22 18.85
C ASN P 12 -29.46 23.87 19.43
N PRO P 13 -30.08 23.90 20.62
CA PRO P 13 -30.72 22.71 21.18
C PRO P 13 -31.57 22.00 20.10
N SER P 14 -31.40 20.69 20.02
CA SER P 14 -31.88 19.84 18.90
C SER P 14 -32.55 18.56 19.43
N PRO P 15 -33.70 18.17 18.85
CA PRO P 15 -34.34 16.90 19.14
C PRO P 15 -33.76 15.68 18.40
N TRP P 16 -32.90 15.88 17.42
CA TRP P 16 -32.51 14.76 16.51
C TRP P 16 -31.64 13.74 17.25
N PRO P 17 -30.76 14.10 18.22
CA PRO P 17 -30.04 13.08 18.97
C PRO P 17 -30.98 12.10 19.66
N LEU P 18 -32.02 12.63 20.28
CA LEU P 18 -33.05 11.78 20.96
C LEU P 18 -33.83 10.97 19.93
N THR P 19 -34.25 11.55 18.82
CA THR P 19 -35.05 10.77 17.83
C THR P 19 -34.12 9.71 17.20
N GLY P 20 -32.84 10.03 17.03
CA GLY P 20 -31.87 9.04 16.50
C GLY P 20 -31.69 7.89 17.47
N ALA P 21 -31.49 8.20 18.75
CA ALA P 21 -31.30 7.17 19.81
C ALA P 21 -32.55 6.29 19.85
N LEU P 22 -33.72 6.90 19.82
CA LEU P 22 -34.98 6.11 19.86
C LEU P 22 -35.13 5.26 18.57
N SER P 23 -34.75 5.79 17.42
N SER P 23 -34.77 5.80 17.42
CA SER P 23 -34.75 5.02 16.14
CA SER P 23 -34.72 5.03 16.14
C SER P 23 -33.84 3.80 16.29
C SER P 23 -33.88 3.77 16.36
N ALA P 24 -32.71 3.90 17.01
CA ALA P 24 -31.80 2.76 17.25
C ALA P 24 -32.55 1.71 18.10
N LEU P 25 -33.29 2.13 19.12
CA LEU P 25 -34.05 1.21 19.98
C LEU P 25 -35.12 0.50 19.13
N LEU P 26 -35.80 1.25 18.28
CA LEU P 26 -36.92 0.68 17.48
C LEU P 26 -36.36 -0.28 16.43
N MET P 27 -35.21 0.02 15.83
CA MET P 27 -34.61 -0.86 14.80
C MET P 27 -34.14 -2.16 15.46
N THR P 28 -33.53 -2.09 16.63
CA THR P 28 -32.96 -3.29 17.29
C THR P 28 -34.07 -4.15 17.90
N SER P 29 -34.95 -3.54 18.67
CA SER P 29 -36.16 -4.21 19.20
C SER P 29 -36.96 -4.73 17.98
N GLY P 30 -37.00 -3.98 16.88
CA GLY P 30 -37.71 -4.40 15.66
C GLY P 30 -37.06 -5.63 15.04
N LEU P 31 -35.72 -5.67 14.95
CA LEU P 31 -35.04 -6.87 14.42
C LEU P 31 -35.35 -8.06 15.35
N THR P 32 -35.38 -7.85 16.65
CA THR P 32 -35.68 -8.93 17.63
C THR P 32 -37.09 -9.47 17.35
N MET P 33 -38.06 -8.56 17.17
N MET P 33 -38.07 -8.58 17.22
CA MET P 33 -39.50 -8.87 16.97
CA MET P 33 -39.46 -9.02 16.95
C MET P 33 -39.70 -9.57 15.60
C MET P 33 -39.46 -9.83 15.66
N TRP P 34 -38.81 -9.30 14.63
CA TRP P 34 -38.81 -9.95 13.30
C TRP P 34 -38.19 -11.36 13.39
N PHE P 35 -37.04 -11.48 14.03
CA PHE P 35 -36.35 -12.78 14.14
C PHE P 35 -37.14 -13.76 15.04
N HIS P 36 -37.90 -13.29 16.02
CA HIS P 36 -38.42 -14.19 17.09
C HIS P 36 -39.94 -14.23 17.22
N PHE P 37 -40.62 -13.16 16.86
CA PHE P 37 -42.07 -13.01 17.15
C PHE P 37 -42.79 -12.71 15.84
N ASN P 38 -42.15 -13.05 14.72
CA ASN P 38 -42.76 -13.14 13.37
C ASN P 38 -43.40 -11.81 12.92
N SER P 39 -42.83 -10.64 13.27
CA SER P 39 -43.48 -9.32 13.02
C SER P 39 -42.47 -8.26 12.61
N MET P 40 -42.81 -7.47 11.58
CA MET P 40 -41.95 -6.43 11.00
C MET P 40 -42.35 -5.01 11.44
N THR P 41 -43.40 -4.91 12.23
CA THR P 41 -44.00 -3.60 12.61
C THR P 41 -43.00 -2.64 13.27
N LEU P 42 -42.43 -3.00 14.42
CA LEU P 42 -41.45 -2.12 15.11
C LEU P 42 -40.30 -1.77 14.16
N LEU P 43 -39.76 -2.78 13.48
CA LEU P 43 -38.62 -2.57 12.56
C LEU P 43 -38.96 -1.51 11.50
N MET P 44 -40.15 -1.55 10.90
N MET P 44 -40.15 -1.59 10.89
CA MET P 44 -40.49 -0.54 9.86
CA MET P 44 -40.61 -0.57 9.90
C MET P 44 -40.67 0.85 10.51
C MET P 44 -40.63 0.83 10.53
N ILE P 45 -41.15 0.93 11.76
CA ILE P 45 -41.25 2.24 12.46
C ILE P 45 -39.84 2.76 12.69
N GLY P 46 -38.96 1.88 13.17
CA GLY P 46 -37.58 2.31 13.46
C GLY P 46 -36.85 2.73 12.20
N LEU P 47 -37.06 2.02 11.10
CA LEU P 47 -36.38 2.41 9.83
C LEU P 47 -36.92 3.78 9.41
N THR P 48 -38.21 4.01 9.58
CA THR P 48 -38.84 5.29 9.18
C THR P 48 -38.27 6.41 10.05
N THR P 49 -38.21 6.23 11.35
CA THR P 49 -37.75 7.31 12.25
C THR P 49 -36.24 7.54 12.06
N ASN P 50 -35.51 6.51 11.70
CA ASN P 50 -34.07 6.66 11.39
C ASN P 50 -33.89 7.57 10.17
N MET P 51 -34.64 7.33 9.09
N MET P 51 -34.64 7.32 9.09
CA MET P 51 -34.49 8.11 7.84
CA MET P 51 -34.51 8.12 7.84
C MET P 51 -34.95 9.57 8.10
C MET P 51 -34.94 9.56 8.12
N LEU P 52 -36.03 9.74 8.88
CA LEU P 52 -36.54 11.09 9.26
C LEU P 52 -35.46 11.82 10.07
N THR P 53 -34.83 11.12 11.00
CA THR P 53 -33.78 11.73 11.84
C THR P 53 -32.60 12.18 10.97
N MET P 54 -32.08 11.30 10.12
N MET P 54 -32.06 11.29 10.14
CA MET P 54 -30.89 11.61 9.27
CA MET P 54 -30.91 11.61 9.25
C MET P 54 -31.23 12.76 8.30
C MET P 54 -31.27 12.82 8.38
N TYR P 55 -32.44 12.78 7.77
CA TYR P 55 -32.88 13.84 6.84
C TYR P 55 -32.83 15.18 7.58
N GLN P 56 -33.48 15.26 8.73
CA GLN P 56 -33.63 16.56 9.46
C GLN P 56 -32.27 16.98 10.03
N TRP P 57 -31.50 16.05 10.55
CA TRP P 57 -30.18 16.38 11.16
C TRP P 57 -29.26 16.97 10.09
N TRP P 58 -29.10 16.30 8.95
CA TRP P 58 -28.19 16.81 7.89
C TRP P 58 -28.78 18.02 7.17
N ARG P 59 -30.09 18.13 7.05
CA ARG P 59 -30.72 19.39 6.61
C ARG P 59 -30.24 20.53 7.52
N ASP P 60 -30.29 20.34 8.84
CA ASP P 60 -29.94 21.40 9.81
C ASP P 60 -28.48 21.77 9.60
N VAL P 61 -27.63 20.79 9.29
CA VAL P 61 -26.17 21.08 9.13
C VAL P 61 -25.98 21.93 7.87
N ILE P 62 -26.77 21.67 6.83
CA ILE P 62 -26.77 22.51 5.60
C ILE P 62 -27.27 23.92 5.97
N ARG P 63 -28.38 24.00 6.69
CA ARG P 63 -28.88 25.33 7.17
C ARG P 63 -27.77 26.07 7.94
N GLU P 64 -27.09 25.40 8.86
CA GLU P 64 -26.10 26.06 9.73
C GLU P 64 -24.89 26.57 8.94
N SER P 65 -24.53 25.92 7.85
CA SER P 65 -23.30 26.18 7.08
C SER P 65 -23.62 27.05 5.85
N THR P 66 -24.28 26.49 4.85
CA THR P 66 -24.58 27.23 3.60
C THR P 66 -25.44 28.46 3.95
N PHE P 67 -26.47 28.32 4.79
CA PHE P 67 -27.46 29.41 4.96
C PHE P 67 -27.07 30.36 6.12
N GLN P 68 -26.43 29.88 7.19
CA GLN P 68 -26.20 30.70 8.40
C GLN P 68 -24.70 31.07 8.59
N GLY P 69 -23.78 30.44 7.88
CA GLY P 69 -22.35 30.82 7.88
C GLY P 69 -21.57 30.33 9.10
N HIS P 70 -22.01 29.27 9.79
CA HIS P 70 -21.32 28.84 11.03
C HIS P 70 -20.03 28.05 10.77
N HIS P 71 -19.77 27.60 9.55
CA HIS P 71 -18.57 26.76 9.26
C HIS P 71 -17.41 27.67 8.91
N THR P 72 -16.81 28.26 9.95
CA THR P 72 -15.49 28.91 9.89
C THR P 72 -14.44 27.85 9.57
N PRO P 73 -13.22 28.27 9.17
CA PRO P 73 -12.13 27.31 8.92
C PRO P 73 -11.91 26.35 10.10
N ALA P 74 -12.00 26.85 11.33
CA ALA P 74 -11.76 25.98 12.52
C ALA P 74 -12.86 24.90 12.59
N VAL P 75 -14.11 25.27 12.31
CA VAL P 75 -15.22 24.28 12.31
C VAL P 75 -14.99 23.26 11.20
N GLN P 76 -14.63 23.73 10.02
CA GLN P 76 -14.38 22.86 8.85
C GLN P 76 -13.23 21.89 9.20
N LYS P 77 -12.16 22.37 9.87
CA LYS P 77 -11.01 21.51 10.25
C LYS P 77 -11.55 20.38 11.15
N GLY P 78 -12.41 20.71 12.12
CA GLY P 78 -12.99 19.71 13.01
C GLY P 78 -13.76 18.64 12.22
N LEU P 79 -14.60 19.07 11.29
CA LEU P 79 -15.38 18.12 10.50
C LEU P 79 -14.44 17.20 9.70
N ARG P 80 -13.32 17.72 9.21
CA ARG P 80 -12.33 16.92 8.46
C ARG P 80 -11.84 15.81 9.40
N TYR P 81 -11.42 16.16 10.61
CA TYR P 81 -10.97 15.12 11.56
C TYR P 81 -12.11 14.13 11.81
N GLY P 82 -13.33 14.64 12.02
CA GLY P 82 -14.46 13.76 12.34
C GLY P 82 -14.65 12.72 11.26
N MET P 83 -14.60 13.14 10.00
CA MET P 83 -14.88 12.21 8.89
C MET P 83 -13.72 11.20 8.75
N ILE P 84 -12.48 11.63 8.89
CA ILE P 84 -11.32 10.71 8.84
C ILE P 84 -11.50 9.65 9.95
N LEU P 85 -11.80 10.07 11.18
CA LEU P 85 -11.93 9.13 12.32
C LEU P 85 -13.11 8.18 12.05
N PHE P 86 -14.20 8.67 11.51
CA PHE P 86 -15.34 7.80 11.15
C PHE P 86 -14.87 6.72 10.16
N ILE P 87 -14.18 7.12 9.10
CA ILE P 87 -13.68 6.18 8.07
C ILE P 87 -12.75 5.15 8.73
N ILE P 88 -11.88 5.57 9.63
CA ILE P 88 -10.99 4.63 10.35
C ILE P 88 -11.86 3.60 11.08
N SER P 89 -12.89 4.04 11.81
CA SER P 89 -13.73 3.05 12.55
C SER P 89 -14.36 2.06 11.53
N GLU P 90 -14.74 2.54 10.35
CA GLU P 90 -15.34 1.68 9.32
C GLU P 90 -14.28 0.70 8.78
N VAL P 91 -13.03 1.13 8.63
CA VAL P 91 -11.94 0.20 8.20
C VAL P 91 -11.83 -0.93 9.23
N LEU P 92 -11.86 -0.62 10.51
CA LEU P 92 -11.68 -1.64 11.58
C LEU P 92 -12.90 -2.57 11.59
N PHE P 93 -14.09 -2.07 11.32
CA PHE P 93 -15.29 -2.96 11.18
C PHE P 93 -15.01 -4.00 10.08
N PHE P 94 -14.61 -3.57 8.89
CA PHE P 94 -14.32 -4.49 7.76
C PHE P 94 -13.19 -5.44 8.17
N THR P 95 -12.18 -4.95 8.91
CA THR P 95 -11.04 -5.79 9.29
C THR P 95 -11.55 -7.06 9.98
N GLY P 96 -12.53 -6.93 10.84
CA GLY P 96 -13.12 -8.10 11.50
C GLY P 96 -13.64 -9.14 10.51
N PHE P 97 -14.31 -8.71 9.46
CA PHE P 97 -14.86 -9.66 8.46
C PHE P 97 -13.71 -10.26 7.65
N PHE P 98 -12.66 -9.49 7.32
CA PHE P 98 -11.48 -10.05 6.61
C PHE P 98 -10.81 -11.09 7.51
N TRP P 99 -10.69 -10.79 8.80
CA TRP P 99 -10.06 -11.72 9.76
C TRP P 99 -10.88 -13.03 9.72
N ALA P 100 -12.22 -12.94 9.77
CA ALA P 100 -13.07 -14.16 9.74
C ALA P 100 -12.76 -14.94 8.46
N PHE P 101 -12.68 -14.24 7.34
CA PHE P 101 -12.45 -14.88 6.03
C PHE P 101 -11.10 -15.60 6.02
N TYR P 102 -10.04 -14.92 6.41
CA TYR P 102 -8.68 -15.53 6.36
C TYR P 102 -8.60 -16.69 7.37
N HIS P 103 -9.19 -16.54 8.55
CA HIS P 103 -9.21 -17.63 9.55
C HIS P 103 -9.76 -18.93 8.94
N SER P 104 -10.94 -18.85 8.32
CA SER P 104 -11.72 -19.96 7.75
C SER P 104 -10.98 -20.56 6.54
N SER P 105 -10.44 -19.70 5.68
CA SER P 105 -9.91 -20.09 4.35
C SER P 105 -8.48 -20.61 4.48
N LEU P 106 -7.71 -20.09 5.43
CA LEU P 106 -6.32 -20.55 5.57
C LEU P 106 -6.26 -21.86 6.32
N ALA P 107 -7.25 -22.20 7.14
CA ALA P 107 -7.21 -23.44 7.93
C ALA P 107 -8.50 -24.20 7.71
N PRO P 108 -8.80 -24.66 6.47
CA PRO P 108 -10.11 -25.25 6.21
C PRO P 108 -10.33 -26.52 7.02
N THR P 109 -11.48 -26.64 7.69
CA THR P 109 -11.72 -27.73 8.65
C THR P 109 -12.14 -28.99 7.90
N PRO P 110 -12.12 -30.18 8.55
CA PRO P 110 -12.56 -31.43 7.91
C PRO P 110 -13.99 -31.41 7.35
N GLU P 111 -14.87 -30.63 7.95
CA GLU P 111 -16.30 -30.53 7.53
C GLU P 111 -16.36 -29.98 6.10
N LEU P 112 -15.38 -29.16 5.71
CA LEU P 112 -15.30 -28.52 4.34
C LEU P 112 -14.68 -29.46 3.30
N GLY P 113 -14.13 -30.60 3.73
CA GLY P 113 -13.23 -31.44 2.92
C GLY P 113 -11.77 -31.11 3.18
N GLY P 114 -11.49 -30.28 4.18
CA GLY P 114 -10.12 -29.89 4.56
C GLY P 114 -9.48 -29.11 3.44
N CYS P 115 -10.26 -28.42 2.63
CA CYS P 115 -9.79 -27.69 1.42
C CYS P 115 -10.58 -26.38 1.28
N TRP P 116 -10.03 -25.42 0.54
CA TRP P 116 -10.71 -24.15 0.16
C TRP P 116 -10.53 -23.92 -1.33
N PRO P 117 -11.59 -23.58 -2.07
CA PRO P 117 -12.95 -23.52 -1.54
C PRO P 117 -13.41 -24.86 -1.04
N PRO P 118 -14.44 -24.91 -0.17
CA PRO P 118 -14.97 -26.19 0.30
C PRO P 118 -15.49 -27.09 -0.82
N THR P 119 -15.49 -28.39 -0.56
CA THR P 119 -16.19 -29.36 -1.43
C THR P 119 -17.64 -28.87 -1.65
N GLY P 120 -18.10 -28.89 -2.89
CA GLY P 120 -19.49 -28.53 -3.26
C GLY P 120 -19.68 -27.05 -3.48
N ILE P 121 -18.64 -26.23 -3.32
CA ILE P 121 -18.74 -24.77 -3.57
C ILE P 121 -18.13 -24.51 -4.95
N HIS P 122 -18.90 -23.87 -5.83
CA HIS P 122 -18.44 -23.48 -7.19
C HIS P 122 -18.35 -21.95 -7.20
N PRO P 123 -17.17 -21.38 -6.91
CA PRO P 123 -17.03 -19.93 -6.88
C PRO P 123 -17.39 -19.28 -8.22
N LEU P 124 -17.77 -18.02 -8.13
CA LEU P 124 -17.90 -17.13 -9.32
C LEU P 124 -16.53 -17.01 -10.00
N ASN P 125 -16.54 -16.85 -11.30
CA ASN P 125 -15.32 -16.54 -12.08
C ASN P 125 -14.91 -15.10 -11.81
N PRO P 126 -13.77 -14.85 -11.14
CA PRO P 126 -13.37 -13.48 -10.84
C PRO P 126 -13.10 -12.60 -12.07
N LEU P 127 -12.94 -13.23 -13.24
CA LEU P 127 -12.69 -12.51 -14.52
C LEU P 127 -13.99 -12.08 -15.20
N GLU P 128 -15.16 -12.38 -14.63
CA GLU P 128 -16.44 -12.03 -15.30
C GLU P 128 -17.02 -10.81 -14.60
N VAL P 129 -18.16 -10.94 -13.96
CA VAL P 129 -18.79 -9.72 -13.36
C VAL P 129 -17.90 -9.14 -12.26
N PRO P 130 -17.20 -9.92 -11.41
CA PRO P 130 -16.38 -9.28 -10.37
C PRO P 130 -15.28 -8.36 -10.93
N LEU P 131 -14.75 -8.67 -12.10
CA LEU P 131 -13.74 -7.83 -12.77
C LEU P 131 -14.44 -6.59 -13.31
N LEU P 132 -15.61 -6.75 -13.91
CA LEU P 132 -16.40 -5.58 -14.39
C LEU P 132 -16.67 -4.64 -13.20
N ASN P 133 -17.14 -5.18 -12.08
CA ASN P 133 -17.42 -4.38 -10.86
C ASN P 133 -16.15 -3.61 -10.44
N THR P 134 -14.99 -4.25 -10.56
CA THR P 134 -13.71 -3.59 -10.24
C THR P 134 -13.44 -2.42 -11.19
N SER P 135 -13.64 -2.61 -12.48
CA SER P 135 -13.44 -1.53 -13.48
C SER P 135 -14.43 -0.41 -13.17
N VAL P 136 -15.63 -0.76 -12.74
CA VAL P 136 -16.69 0.25 -12.47
C VAL P 136 -16.29 1.14 -11.29
N LEU P 137 -15.92 0.56 -10.17
CA LEU P 137 -15.58 1.39 -8.99
C LEU P 137 -14.26 2.13 -9.24
N LEU P 138 -13.26 1.53 -9.91
CA LEU P 138 -12.00 2.28 -10.22
C LEU P 138 -12.36 3.48 -11.13
N ALA P 139 -13.19 3.26 -12.14
CA ALA P 139 -13.59 4.34 -13.06
C ALA P 139 -14.28 5.45 -12.28
N SER P 140 -15.09 5.10 -11.27
CA SER P 140 -15.88 6.09 -10.48
C SER P 140 -14.89 6.87 -9.59
N GLY P 141 -13.74 6.30 -9.24
CA GLY P 141 -12.70 7.04 -8.49
C GLY P 141 -12.07 8.11 -9.39
N VAL P 142 -11.94 7.80 -10.68
CA VAL P 142 -11.41 8.78 -11.67
C VAL P 142 -12.44 9.89 -11.87
N SER P 143 -13.70 9.52 -12.09
CA SER P 143 -14.73 10.53 -12.40
C SER P 143 -14.96 11.43 -11.18
N ILE P 144 -14.88 10.89 -9.96
N ILE P 144 -14.91 10.90 -9.95
CA ILE P 144 -15.13 11.76 -8.77
CA ILE P 144 -15.15 11.77 -8.76
C ILE P 144 -13.96 12.75 -8.63
C ILE P 144 -13.97 12.75 -8.63
N THR P 145 -12.77 12.35 -9.08
CA THR P 145 -11.60 13.24 -9.03
C THR P 145 -11.78 14.38 -10.05
N TRP P 146 -12.22 14.04 -11.26
CA TRP P 146 -12.63 15.05 -12.26
C TRP P 146 -13.66 16.02 -11.64
N ALA P 147 -14.68 15.50 -10.96
CA ALA P 147 -15.71 16.35 -10.31
C ALA P 147 -15.08 17.32 -9.31
N HIS P 148 -14.19 16.80 -8.47
CA HIS P 148 -13.50 17.62 -7.44
C HIS P 148 -12.77 18.79 -8.13
N HIS P 149 -11.94 18.49 -9.12
CA HIS P 149 -11.14 19.52 -9.83
C HIS P 149 -12.07 20.51 -10.53
N SER P 150 -13.18 20.03 -11.14
CA SER P 150 -14.11 20.95 -11.82
C SER P 150 -14.65 21.94 -10.79
N LEU P 151 -15.02 21.44 -9.60
CA LEU P 151 -15.57 22.32 -8.55
C LEU P 151 -14.52 23.36 -8.12
N MET P 152 -13.28 22.93 -7.87
CA MET P 152 -12.22 23.87 -7.42
C MET P 152 -11.94 24.89 -8.51
N GLU P 153 -12.11 24.54 -9.78
CA GLU P 153 -11.86 25.46 -10.93
C GLU P 153 -13.11 26.29 -11.22
N GLY P 154 -14.21 26.13 -10.49
CA GLY P 154 -15.40 26.98 -10.68
C GLY P 154 -16.29 26.56 -11.85
N ASP P 155 -16.19 25.31 -12.29
CA ASP P 155 -16.88 24.80 -13.50
C ASP P 155 -18.13 24.01 -13.07
N ARG P 156 -19.27 24.68 -13.04
CA ARG P 156 -20.54 24.04 -12.60
C ARG P 156 -20.91 22.88 -13.53
N LYS P 157 -20.95 23.12 -14.83
CA LYS P 157 -21.44 22.09 -15.79
C LYS P 157 -20.61 20.79 -15.68
N HIS P 158 -19.28 20.91 -15.68
CA HIS P 158 -18.39 19.73 -15.70
C HIS P 158 -18.41 19.06 -14.33
N MET P 159 -18.55 19.80 -13.23
CA MET P 159 -18.73 19.17 -11.90
C MET P 159 -19.99 18.30 -11.93
N LEU P 160 -21.11 18.84 -12.41
CA LEU P 160 -22.37 18.07 -12.46
C LEU P 160 -22.24 16.85 -13.38
N GLN P 161 -21.59 16.99 -14.53
N GLN P 161 -21.61 17.01 -14.54
CA GLN P 161 -21.43 15.83 -15.45
CA GLN P 161 -21.39 15.90 -15.51
C GLN P 161 -20.59 14.75 -14.78
C GLN P 161 -20.59 14.78 -14.82
N ALA P 162 -19.47 15.13 -14.20
CA ALA P 162 -18.54 14.16 -13.59
C ALA P 162 -19.21 13.44 -12.40
N LEU P 163 -19.94 14.20 -11.58
CA LEU P 163 -20.63 13.64 -10.39
C LEU P 163 -21.78 12.73 -10.86
N PHE P 164 -22.50 13.12 -11.92
CA PHE P 164 -23.56 12.27 -12.50
C PHE P 164 -22.95 10.93 -12.96
N ILE P 165 -21.81 11.00 -13.64
CA ILE P 165 -21.12 9.77 -14.12
C ILE P 165 -20.70 8.91 -12.91
N THR P 166 -20.20 9.53 -11.84
CA THR P 166 -19.78 8.79 -10.61
C THR P 166 -21.00 8.05 -10.04
N ILE P 167 -22.11 8.76 -9.89
CA ILE P 167 -23.34 8.15 -9.31
C ILE P 167 -23.79 6.99 -10.21
N THR P 168 -23.78 7.20 -11.51
CA THR P 168 -24.24 6.19 -12.50
C THR P 168 -23.41 4.92 -12.30
N LEU P 169 -22.11 5.10 -12.11
CA LEU P 169 -21.23 3.93 -11.93
C LEU P 169 -21.56 3.22 -10.61
N GLY P 170 -21.78 3.98 -9.51
CA GLY P 170 -22.21 3.40 -8.23
C GLY P 170 -23.48 2.60 -8.39
N VAL P 171 -24.45 3.12 -9.14
CA VAL P 171 -25.72 2.41 -9.38
C VAL P 171 -25.46 1.15 -10.22
N TYR P 172 -24.64 1.25 -11.25
CA TYR P 172 -24.26 0.10 -12.10
C TYR P 172 -23.64 -0.98 -11.20
N PHE P 173 -22.71 -0.62 -10.31
CA PHE P 173 -22.10 -1.64 -9.42
C PHE P 173 -23.22 -2.36 -8.64
N THR P 174 -24.12 -1.56 -8.06
CA THR P 174 -25.20 -2.07 -7.20
C THR P 174 -26.08 -3.01 -8.03
N LEU P 175 -26.47 -2.65 -9.25
CA LEU P 175 -27.34 -3.55 -10.05
C LEU P 175 -26.56 -4.80 -10.45
N LEU P 176 -25.27 -4.68 -10.78
CA LEU P 176 -24.45 -5.86 -11.13
C LEU P 176 -24.38 -6.79 -9.92
N GLN P 177 -24.16 -6.23 -8.73
CA GLN P 177 -23.99 -7.06 -7.52
C GLN P 177 -25.34 -7.73 -7.18
N ALA P 178 -26.45 -7.02 -7.31
CA ALA P 178 -27.81 -7.59 -7.08
C ALA P 178 -28.00 -8.78 -8.02
N SER P 179 -27.68 -8.59 -9.29
CA SER P 179 -27.78 -9.66 -10.31
C SER P 179 -26.87 -10.84 -9.93
N GLU P 180 -25.60 -10.58 -9.56
N GLU P 180 -25.64 -10.62 -9.47
CA GLU P 180 -24.63 -11.59 -9.07
CA GLU P 180 -24.73 -11.76 -9.16
C GLU P 180 -25.29 -12.42 -7.96
C GLU P 180 -25.17 -12.45 -7.87
N TYR P 181 -25.81 -11.74 -6.93
CA TYR P 181 -26.41 -12.37 -5.74
C TYR P 181 -27.49 -13.36 -6.19
N TYR P 182 -28.39 -12.92 -7.07
CA TYR P 182 -29.48 -13.78 -7.55
C TYR P 182 -28.90 -14.99 -8.32
N GLU P 183 -27.86 -14.78 -9.16
CA GLU P 183 -27.31 -15.85 -10.03
C GLU P 183 -26.39 -16.77 -9.23
N ALA P 184 -25.90 -16.37 -8.07
CA ALA P 184 -24.89 -17.19 -7.36
C ALA P 184 -25.47 -18.56 -7.04
N PRO P 185 -24.76 -19.67 -7.35
CA PRO P 185 -25.27 -21.00 -7.03
C PRO P 185 -25.08 -21.36 -5.54
N PHE P 186 -24.39 -20.53 -4.78
CA PHE P 186 -24.20 -20.70 -3.33
C PHE P 186 -24.96 -19.57 -2.63
N THR P 187 -25.32 -19.78 -1.37
CA THR P 187 -26.13 -18.87 -0.52
C THR P 187 -25.39 -18.57 0.77
N ILE P 188 -25.97 -17.67 1.55
CA ILE P 188 -25.44 -17.32 2.89
C ILE P 188 -25.42 -18.56 3.80
N SER P 189 -26.30 -19.54 3.54
CA SER P 189 -26.39 -20.78 4.35
C SER P 189 -25.40 -21.86 3.85
N ASP P 190 -24.54 -21.58 2.86
CA ASP P 190 -23.58 -22.58 2.33
C ASP P 190 -22.29 -22.48 3.15
N GLY P 191 -22.44 -22.74 4.44
CA GLY P 191 -21.31 -22.85 5.37
C GLY P 191 -20.54 -21.55 5.45
N VAL P 192 -19.30 -21.67 5.88
CA VAL P 192 -18.45 -20.51 6.17
C VAL P 192 -18.08 -19.81 4.84
N TYR P 193 -18.06 -20.52 3.71
CA TYR P 193 -17.82 -19.88 2.39
C TYR P 193 -18.95 -18.88 2.12
N GLY P 194 -20.20 -19.32 2.19
CA GLY P 194 -21.33 -18.42 1.95
C GLY P 194 -21.40 -17.31 2.99
N SER P 195 -21.10 -17.65 4.25
CA SER P 195 -21.19 -16.73 5.39
C SER P 195 -20.24 -15.55 5.12
N THR P 196 -18.97 -15.85 4.90
CA THR P 196 -17.93 -14.82 4.68
C THR P 196 -18.27 -14.05 3.40
N PHE P 197 -18.62 -14.76 2.33
CA PHE P 197 -18.87 -14.11 1.03
C PHE P 197 -19.99 -13.07 1.20
N PHE P 198 -21.15 -13.52 1.69
CA PHE P 198 -22.35 -12.66 1.67
C PHE P 198 -22.27 -11.60 2.76
N VAL P 199 -21.73 -11.90 3.92
CA VAL P 199 -21.71 -10.86 4.97
C VAL P 199 -20.68 -9.79 4.61
N ALA P 200 -19.49 -10.16 4.11
CA ALA P 200 -18.46 -9.14 3.78
C ALA P 200 -18.91 -8.34 2.54
N THR P 201 -19.31 -9.01 1.46
CA THR P 201 -19.72 -8.27 0.25
C THR P 201 -21.05 -7.54 0.52
N GLY P 202 -21.90 -8.05 1.40
CA GLY P 202 -23.20 -7.45 1.73
C GLY P 202 -23.01 -6.16 2.49
N PHE P 203 -22.13 -6.16 3.50
CA PHE P 203 -21.81 -4.89 4.22
C PHE P 203 -21.14 -3.94 3.23
N HIS P 204 -20.29 -4.44 2.31
CA HIS P 204 -19.70 -3.57 1.28
C HIS P 204 -20.82 -2.96 0.39
N GLY P 205 -21.75 -3.76 -0.11
CA GLY P 205 -22.88 -3.27 -0.94
C GLY P 205 -23.70 -2.21 -0.19
N LEU P 206 -23.93 -2.40 1.10
CA LEU P 206 -24.64 -1.39 1.92
C LEU P 206 -23.85 -0.07 1.88
N HIS P 207 -22.52 -0.13 2.03
CA HIS P 207 -21.66 1.07 2.04
C HIS P 207 -21.70 1.72 0.65
N VAL P 208 -21.76 0.92 -0.42
CA VAL P 208 -21.88 1.49 -1.79
C VAL P 208 -23.22 2.27 -1.87
N ILE P 209 -24.30 1.73 -1.33
CA ILE P 209 -25.63 2.40 -1.36
C ILE P 209 -25.57 3.67 -0.52
N ILE P 210 -24.95 3.61 0.66
CA ILE P 210 -24.75 4.80 1.54
C ILE P 210 -23.94 5.84 0.75
N GLY P 211 -22.81 5.41 0.18
CA GLY P 211 -21.91 6.33 -0.54
C GLY P 211 -22.60 6.96 -1.73
N SER P 212 -23.38 6.17 -2.45
CA SER P 212 -24.12 6.65 -3.63
C SER P 212 -25.15 7.70 -3.18
N THR P 213 -25.84 7.42 -2.09
CA THR P 213 -26.84 8.35 -1.52
C THR P 213 -26.16 9.65 -1.14
N PHE P 214 -25.00 9.59 -0.48
CA PHE P 214 -24.22 10.80 -0.14
C PHE P 214 -23.88 11.59 -1.42
N LEU P 215 -23.39 10.91 -2.45
CA LEU P 215 -23.05 11.61 -3.72
C LEU P 215 -24.31 12.25 -4.31
N ILE P 216 -25.45 11.58 -4.21
CA ILE P 216 -26.73 12.15 -4.76
C ILE P 216 -27.11 13.42 -3.97
N VAL P 217 -26.93 13.39 -2.65
CA VAL P 217 -27.13 14.62 -1.82
C VAL P 217 -26.20 15.71 -2.37
N CYS P 218 -24.91 15.40 -2.58
CA CYS P 218 -23.98 16.43 -3.10
C CYS P 218 -24.46 16.92 -4.48
N PHE P 219 -24.98 16.05 -5.33
CA PHE P 219 -25.44 16.43 -6.69
C PHE P 219 -26.55 17.48 -6.58
N PHE P 220 -27.53 17.21 -5.74
CA PHE P 220 -28.68 18.14 -5.56
C PHE P 220 -28.19 19.42 -4.90
N ARG P 221 -27.28 19.34 -3.93
CA ARG P 221 -26.75 20.59 -3.33
C ARG P 221 -26.01 21.41 -4.41
N GLN P 222 -25.27 20.74 -5.28
CA GLN P 222 -24.54 21.43 -6.37
C GLN P 222 -25.56 22.05 -7.32
N LEU P 223 -26.62 21.33 -7.66
CA LEU P 223 -27.66 21.89 -8.56
C LEU P 223 -28.21 23.20 -7.94
N LYS P 224 -28.35 23.25 -6.61
CA LYS P 224 -28.89 24.42 -5.85
C LYS P 224 -27.79 25.44 -5.46
N PHE P 225 -26.58 25.31 -5.99
CA PHE P 225 -25.44 26.27 -5.89
C PHE P 225 -24.90 26.35 -4.44
N HIS P 226 -25.06 25.32 -3.61
CA HIS P 226 -24.61 25.38 -2.19
C HIS P 226 -23.09 25.50 -2.11
N PHE P 227 -22.38 24.82 -2.99
CA PHE P 227 -20.91 24.72 -2.89
C PHE P 227 -20.25 25.94 -3.52
N THR P 228 -19.23 26.48 -2.85
CA THR P 228 -18.29 27.43 -3.49
C THR P 228 -17.06 26.66 -3.97
N SER P 229 -16.24 27.31 -4.80
CA SER P 229 -15.03 26.73 -5.42
C SER P 229 -14.03 26.41 -4.31
N ASN P 230 -14.19 27.03 -3.13
CA ASN P 230 -13.26 26.83 -1.98
C ASN P 230 -13.89 26.11 -0.79
N HIS P 231 -15.21 26.08 -0.68
CA HIS P 231 -15.93 25.59 0.53
C HIS P 231 -16.97 24.56 0.09
N HIS P 232 -16.69 23.30 0.38
CA HIS P 232 -17.51 22.17 -0.14
C HIS P 232 -17.13 20.90 0.63
N PHE P 233 -17.15 20.97 1.95
CA PHE P 233 -16.70 19.83 2.78
C PHE P 233 -17.63 18.62 2.58
N GLY P 234 -18.94 18.80 2.42
CA GLY P 234 -19.84 17.67 2.15
C GLY P 234 -19.39 16.89 0.93
N PHE P 235 -18.96 17.58 -0.12
CA PHE P 235 -18.40 16.93 -1.33
C PHE P 235 -17.08 16.23 -0.99
N GLU P 236 -16.19 16.89 -0.25
CA GLU P 236 -14.91 16.22 0.14
C GLU P 236 -15.18 14.93 0.95
N ALA P 237 -16.05 15.02 1.94
CA ALA P 237 -16.38 13.88 2.81
C ALA P 237 -16.95 12.76 1.95
N ALA P 238 -17.85 13.07 1.03
CA ALA P 238 -18.49 12.05 0.17
C ALA P 238 -17.41 11.39 -0.70
N ALA P 239 -16.45 12.18 -1.19
CA ALA P 239 -15.35 11.68 -2.04
C ALA P 239 -14.44 10.78 -1.18
N TRP P 240 -14.11 11.18 0.03
CA TRP P 240 -13.27 10.32 0.92
C TRP P 240 -13.98 8.99 1.18
N TYR P 241 -15.28 9.09 1.50
CA TYR P 241 -16.09 7.89 1.76
C TYR P 241 -16.10 6.99 0.52
N TRP P 242 -16.24 7.62 -0.64
CA TRP P 242 -16.31 6.88 -1.93
C TRP P 242 -14.97 6.19 -2.20
N HIS P 243 -13.86 6.87 -1.97
CA HIS P 243 -12.55 6.18 -2.12
C HIS P 243 -12.46 5.02 -1.13
N PHE P 244 -12.92 5.18 0.11
CA PHE P 244 -12.92 4.09 1.11
C PHE P 244 -13.66 2.88 0.54
N VAL P 245 -14.86 3.12 0.01
CA VAL P 245 -15.70 2.06 -0.59
C VAL P 245 -14.95 1.34 -1.72
N ASP P 246 -14.25 2.08 -2.58
N ASP P 246 -14.24 2.13 -2.52
CA ASP P 246 -13.42 1.51 -3.68
CA ASP P 246 -13.49 1.68 -3.72
C ASP P 246 -12.36 0.61 -3.03
C ASP P 246 -12.31 0.80 -3.19
N VAL P 247 -11.62 1.17 -2.08
CA VAL P 247 -10.46 0.40 -1.55
C VAL P 247 -10.98 -0.87 -0.86
N VAL P 248 -12.08 -0.80 -0.12
CA VAL P 248 -12.61 -2.03 0.50
C VAL P 248 -12.94 -3.03 -0.63
N TRP P 249 -13.50 -2.56 -1.75
CA TRP P 249 -13.82 -3.48 -2.87
C TRP P 249 -12.55 -4.17 -3.37
N LEU P 250 -11.48 -3.39 -3.60
CA LEU P 250 -10.20 -3.98 -4.10
C LEU P 250 -9.72 -5.08 -3.15
N PHE P 251 -9.82 -4.87 -1.84
CA PHE P 251 -9.42 -5.90 -0.84
C PHE P 251 -10.37 -7.10 -0.95
N LEU P 252 -11.67 -6.87 -1.08
CA LEU P 252 -12.61 -8.01 -1.25
C LEU P 252 -12.27 -8.80 -2.52
N TYR P 253 -12.03 -8.08 -3.61
CA TYR P 253 -11.79 -8.68 -4.92
C TYR P 253 -10.56 -9.58 -4.82
N VAL P 254 -9.46 -9.02 -4.31
CA VAL P 254 -8.21 -9.80 -4.20
C VAL P 254 -8.39 -10.96 -3.21
N SER P 255 -9.04 -10.75 -2.07
CA SER P 255 -9.07 -11.74 -0.97
C SER P 255 -10.11 -12.83 -1.27
N ILE P 256 -11.35 -12.41 -1.45
CA ILE P 256 -12.48 -13.37 -1.48
C ILE P 256 -12.68 -13.89 -2.90
N TYR P 257 -12.73 -13.02 -3.90
CA TYR P 257 -13.09 -13.43 -5.27
C TYR P 257 -11.92 -14.13 -5.95
N TRP P 258 -10.72 -13.60 -5.76
CA TRP P 258 -9.56 -14.06 -6.55
C TRP P 258 -8.78 -15.11 -5.74
N TRP P 259 -8.08 -14.67 -4.69
CA TRP P 259 -7.24 -15.57 -3.85
C TRP P 259 -8.12 -16.68 -3.27
N GLY P 260 -9.37 -16.37 -2.92
CA GLY P 260 -10.25 -17.36 -2.25
C GLY P 260 -10.99 -18.26 -3.23
N SER P 261 -10.74 -18.15 -4.53
CA SER P 261 -11.49 -18.96 -5.54
C SER P 261 -10.76 -20.27 -5.84
N ASP Q 10 -15.88 37.07 42.31
CA ASP Q 10 -15.13 36.63 43.52
C ASP Q 10 -14.10 35.54 43.17
N TYR Q 11 -14.54 34.48 42.46
CA TYR Q 11 -13.69 33.41 41.91
C TYR Q 11 -12.65 34.02 40.95
N ALA Q 12 -12.89 35.25 40.47
CA ALA Q 12 -12.00 35.91 39.49
C ALA Q 12 -10.95 36.79 40.19
N LEU Q 13 -11.04 36.97 41.50
CA LEU Q 13 -10.12 37.89 42.23
C LEU Q 13 -9.10 37.11 43.04
N PRO Q 14 -7.90 37.67 43.25
CA PRO Q 14 -6.94 37.11 44.22
C PRO Q 14 -7.62 36.91 45.57
N SER Q 15 -7.27 35.84 46.28
CA SER Q 15 -7.88 35.46 47.57
C SER Q 15 -6.79 35.15 48.61
N TYR Q 16 -7.20 35.08 49.86
CA TYR Q 16 -6.36 34.73 51.01
C TYR Q 16 -6.29 33.20 51.14
N VAL Q 17 -5.12 32.68 51.54
N VAL Q 17 -5.12 32.68 51.49
CA VAL Q 17 -4.94 31.22 51.82
CA VAL Q 17 -4.97 31.26 51.90
C VAL Q 17 -3.85 31.09 52.90
C VAL Q 17 -3.93 31.20 53.01
N ASP Q 18 -4.12 30.24 53.90
CA ASP Q 18 -3.09 29.83 54.91
C ASP Q 18 -2.53 28.51 54.41
N ARG Q 19 -1.35 28.54 53.80
CA ARG Q 19 -0.66 27.35 53.25
C ARG Q 19 0.81 27.53 53.64
N ARG Q 20 1.39 26.53 54.28
CA ARG Q 20 2.78 26.61 54.78
C ARG Q 20 3.74 26.82 53.60
N ASP Q 21 3.36 26.36 52.39
CA ASP Q 21 4.15 26.38 51.12
C ASP Q 21 3.85 27.67 50.33
N TYR Q 22 3.00 28.56 50.85
CA TYR Q 22 2.63 29.87 50.22
C TYR Q 22 2.48 30.90 51.33
N PRO Q 23 3.59 31.17 52.05
CA PRO Q 23 3.53 31.93 53.30
C PRO Q 23 3.06 33.38 53.19
N LEU Q 24 3.25 34.01 52.03
CA LEU Q 24 2.85 35.43 51.82
C LEU Q 24 1.72 35.48 50.78
N PRO Q 25 0.47 35.37 51.23
CA PRO Q 25 -0.66 35.28 50.32
C PRO Q 25 -0.84 36.56 49.49
N ASP Q 26 -1.71 36.46 48.49
CA ASP Q 26 -1.90 37.50 47.45
C ASP Q 26 -2.55 38.75 48.07
N VAL Q 27 -3.37 38.61 49.12
CA VAL Q 27 -4.06 39.75 49.80
C VAL Q 27 -3.88 39.62 51.31
N ALA Q 28 -4.06 40.76 52.00
CA ALA Q 28 -4.16 40.88 53.45
C ALA Q 28 -5.41 40.14 53.93
N HIS Q 29 -5.35 39.45 55.07
CA HIS Q 29 -6.53 38.87 55.74
C HIS Q 29 -7.67 39.91 55.88
N VAL Q 30 -7.33 41.13 56.29
CA VAL Q 30 -8.30 42.23 56.60
C VAL Q 30 -8.11 43.32 55.53
N LYS Q 31 -9.11 43.48 54.67
CA LYS Q 31 -9.03 44.41 53.52
C LYS Q 31 -9.35 45.83 53.99
N ASN Q 32 -10.40 45.98 54.79
CA ASN Q 32 -10.96 47.31 55.16
C ASN Q 32 -10.63 47.62 56.63
N LEU Q 33 -9.84 48.67 56.83
CA LEU Q 33 -9.25 49.07 58.14
C LEU Q 33 -10.12 50.16 58.77
N SER Q 34 -10.36 50.05 60.09
CA SER Q 34 -10.88 51.12 60.99
C SER Q 34 -9.84 52.24 61.10
N ALA Q 35 -10.23 53.35 61.75
CA ALA Q 35 -9.38 54.54 61.99
C ALA Q 35 -8.19 54.13 62.88
N SER Q 36 -8.42 53.29 63.90
CA SER Q 36 -7.35 52.83 64.84
C SER Q 36 -6.35 51.92 64.10
N GLN Q 37 -6.85 50.98 63.30
CA GLN Q 37 -6.01 50.05 62.48
C GLN Q 37 -5.19 50.85 61.46
N LYS Q 38 -5.80 51.87 60.85
CA LYS Q 38 -5.11 52.77 59.87
C LYS Q 38 -3.98 53.54 60.58
N ALA Q 39 -4.19 53.97 61.82
CA ALA Q 39 -3.18 54.69 62.65
C ALA Q 39 -2.04 53.72 63.02
N LEU Q 40 -2.37 52.48 63.36
CA LEU Q 40 -1.36 51.45 63.66
C LEU Q 40 -0.48 51.21 62.42
N LYS Q 41 -1.07 51.20 61.22
CA LYS Q 41 -0.33 51.05 59.93
C LYS Q 41 0.59 52.26 59.75
N GLU Q 42 0.12 53.47 60.14
CA GLU Q 42 0.93 54.70 60.14
C GLU Q 42 2.09 54.52 61.13
N LYS Q 43 1.79 54.02 62.34
CA LYS Q 43 2.82 53.79 63.37
C LYS Q 43 3.90 52.82 62.82
N GLU Q 44 3.48 51.83 62.03
CA GLU Q 44 4.36 50.79 61.45
C GLU Q 44 5.44 51.40 60.54
N LYS Q 45 5.27 52.64 60.04
CA LYS Q 45 6.26 53.31 59.16
C LYS Q 45 7.44 53.85 59.98
N ALA Q 46 7.27 53.94 61.29
CA ALA Q 46 8.33 54.33 62.26
C ALA Q 46 8.99 53.06 62.80
N SER Q 47 10.01 53.22 63.65
CA SER Q 47 10.79 52.13 64.29
C SER Q 47 9.84 51.07 64.89
N TRP Q 48 10.08 49.80 64.57
CA TRP Q 48 9.26 48.70 65.12
C TRP Q 48 9.60 48.48 66.61
N SER Q 49 10.77 48.94 67.10
CA SER Q 49 11.13 48.95 68.55
C SER Q 49 10.09 49.75 69.35
N SER Q 50 9.44 50.76 68.74
CA SER Q 50 8.42 51.62 69.40
C SER Q 50 7.05 50.93 69.45
N LEU Q 51 6.87 49.84 68.70
CA LEU Q 51 5.64 49.01 68.70
C LEU Q 51 5.61 48.21 70.01
N SER Q 52 4.45 48.13 70.68
CA SER Q 52 4.21 47.20 71.80
C SER Q 52 3.96 45.79 71.25
N ILE Q 53 4.19 44.77 72.09
CA ILE Q 53 3.84 43.35 71.78
C ILE Q 53 2.43 43.30 71.18
N ASP Q 54 1.46 43.87 71.90
CA ASP Q 54 0.01 43.82 71.57
C ASP Q 54 -0.17 44.40 70.16
N GLU Q 55 0.59 45.44 69.82
CA GLU Q 55 0.47 46.18 68.53
C GLU Q 55 1.07 45.31 67.41
N LYS Q 56 2.23 44.69 67.68
CA LYS Q 56 2.91 43.77 66.74
C LYS Q 56 1.97 42.64 66.38
N VAL Q 57 1.35 42.03 67.39
CA VAL Q 57 0.36 40.93 67.21
C VAL Q 57 -0.81 41.47 66.38
N GLU Q 58 -1.26 42.69 66.63
CA GLU Q 58 -2.43 43.25 65.90
C GLU Q 58 -2.04 43.46 64.43
N LEU Q 59 -0.81 43.86 64.14
CA LEU Q 59 -0.34 44.03 62.75
C LEU Q 59 -0.37 42.66 62.08
N TYR Q 60 0.05 41.61 62.82
CA TYR Q 60 0.16 40.24 62.29
C TYR Q 60 -1.23 39.78 61.84
N ARG Q 61 -2.22 40.05 62.69
CA ARG Q 61 -3.61 39.57 62.55
C ARG Q 61 -4.36 40.39 61.50
N LEU Q 62 -3.95 41.61 61.16
CA LEU Q 62 -4.50 42.32 59.96
C LEU Q 62 -4.04 41.59 58.69
N LYS Q 63 -2.81 41.11 58.70
CA LYS Q 63 -2.16 40.58 57.47
C LYS Q 63 -2.54 39.12 57.26
N PHE Q 64 -2.58 38.33 58.34
CA PHE Q 64 -2.75 36.86 58.28
C PHE Q 64 -3.94 36.42 59.14
N LYS Q 65 -4.61 35.33 58.76
CA LYS Q 65 -5.71 34.72 59.55
C LYS Q 65 -5.06 33.85 60.62
N GLU Q 66 -4.47 32.71 60.26
CA GLU Q 66 -3.85 31.79 61.25
C GLU Q 66 -2.32 31.94 61.19
N SER Q 67 -1.65 31.80 62.34
CA SER Q 67 -0.19 31.59 62.40
C SER Q 67 0.15 30.18 61.87
N PHE Q 68 1.45 29.92 61.70
CA PHE Q 68 1.95 28.57 61.31
C PHE Q 68 1.50 27.54 62.34
N ALA Q 69 1.65 27.83 63.63
CA ALA Q 69 1.27 26.86 64.68
C ALA Q 69 -0.23 26.52 64.57
N GLU Q 70 -1.08 27.53 64.35
CA GLU Q 70 -2.55 27.35 64.27
C GLU Q 70 -2.88 26.51 63.03
N MET Q 71 -2.37 26.89 61.87
CA MET Q 71 -2.80 26.23 60.62
C MET Q 71 -2.28 24.80 60.62
N ASN Q 72 -1.23 24.50 61.37
CA ASN Q 72 -0.58 23.17 61.39
C ASN Q 72 -1.13 22.28 62.52
N ARG Q 73 -2.15 22.70 63.25
CA ARG Q 73 -2.59 21.93 64.45
C ARG Q 73 -3.25 20.61 64.03
N SER Q 74 -3.05 19.55 64.80
CA SER Q 74 -3.71 18.24 64.58
C SER Q 74 -5.10 18.28 65.24
N THR Q 75 -5.97 17.34 64.90
CA THR Q 75 -7.39 17.36 65.32
C THR Q 75 -7.73 15.96 65.84
N ASN Q 76 -8.92 15.84 66.41
CA ASN Q 76 -9.48 14.56 66.94
C ASN Q 76 -10.36 13.90 65.87
N GLU Q 77 -10.34 14.39 64.63
CA GLU Q 77 -11.24 13.91 63.55
C GLU Q 77 -11.08 12.38 63.39
N TRP Q 78 -9.85 11.87 63.52
CA TRP Q 78 -9.55 10.43 63.33
C TRP Q 78 -10.46 9.60 64.22
N LYS Q 79 -10.80 10.11 65.41
CA LYS Q 79 -11.61 9.36 66.37
C LYS Q 79 -13.02 9.17 65.82
N THR Q 80 -13.59 10.26 65.32
CA THR Q 80 -14.93 10.25 64.70
C THR Q 80 -14.93 9.32 63.48
N VAL Q 81 -13.89 9.38 62.64
CA VAL Q 81 -13.86 8.62 61.36
C VAL Q 81 -13.77 7.13 61.69
N VAL Q 82 -12.80 6.76 62.53
CA VAL Q 82 -12.56 5.33 62.86
C VAL Q 82 -13.77 4.78 63.64
N GLY Q 83 -14.29 5.53 64.60
CA GLY Q 83 -15.46 5.08 65.38
C GLY Q 83 -16.70 4.91 64.50
N ALA Q 84 -17.01 5.90 63.66
CA ALA Q 84 -18.19 5.87 62.75
C ALA Q 84 -18.03 4.70 61.76
N ALA Q 85 -16.81 4.48 61.24
CA ALA Q 85 -16.56 3.37 60.29
C ALA Q 85 -16.86 2.03 61.00
N MET Q 86 -16.38 1.89 62.24
CA MET Q 86 -16.64 0.68 63.04
C MET Q 86 -18.15 0.58 63.33
N PHE Q 87 -18.85 1.67 63.57
CA PHE Q 87 -20.32 1.58 63.77
C PHE Q 87 -20.99 0.99 62.52
N PHE Q 88 -20.61 1.47 61.33
CA PHE Q 88 -21.28 1.06 60.07
C PHE Q 88 -20.88 -0.38 59.70
N ILE Q 89 -19.65 -0.78 59.99
CA ILE Q 89 -19.20 -2.19 59.82
C ILE Q 89 -19.97 -3.08 60.81
N GLY Q 90 -20.17 -2.61 62.03
CA GLY Q 90 -21.07 -3.31 62.99
C GLY Q 90 -22.47 -3.44 62.44
N PHE Q 91 -23.02 -2.38 61.89
CA PHE Q 91 -24.39 -2.37 61.31
C PHE Q 91 -24.45 -3.46 60.24
N THR Q 92 -23.37 -3.65 59.49
CA THR Q 92 -23.35 -4.65 58.37
C THR Q 92 -23.60 -6.06 58.93
N ALA Q 93 -22.98 -6.40 60.06
CA ALA Q 93 -23.16 -7.70 60.72
C ALA Q 93 -24.64 -7.85 61.07
N LEU Q 94 -25.38 -6.78 61.39
CA LEU Q 94 -26.86 -6.91 61.61
C LEU Q 94 -27.52 -7.40 60.33
N LEU Q 95 -27.11 -6.90 59.17
CA LEU Q 95 -27.67 -7.36 57.88
C LEU Q 95 -27.33 -8.84 57.67
N LEU Q 96 -26.14 -9.29 58.04
CA LEU Q 96 -25.71 -10.69 57.83
C LEU Q 96 -26.48 -11.63 58.77
N ILE Q 97 -26.77 -11.16 59.98
CA ILE Q 97 -27.57 -11.92 60.97
C ILE Q 97 -28.97 -12.08 60.37
N TRP Q 98 -29.57 -11.00 59.84
CA TRP Q 98 -30.90 -11.04 59.17
C TRP Q 98 -30.89 -12.04 58.00
N GLU Q 99 -29.84 -12.00 57.19
CA GLU Q 99 -29.77 -12.90 56.02
C GLU Q 99 -29.73 -14.36 56.51
N LYS Q 100 -28.91 -14.65 57.51
CA LYS Q 100 -28.73 -16.03 58.00
C LYS Q 100 -30.08 -16.52 58.53
N HIS Q 101 -30.81 -15.67 59.25
CA HIS Q 101 -32.11 -16.00 59.92
C HIS Q 101 -33.20 -16.18 58.85
N TYR Q 102 -33.33 -15.25 57.90
CA TYR Q 102 -34.54 -15.20 57.04
C TYR Q 102 -34.29 -15.64 55.59
N VAL Q 103 -33.06 -15.77 55.13
CA VAL Q 103 -32.83 -16.04 53.69
C VAL Q 103 -32.24 -17.43 53.54
N TYR Q 104 -31.19 -17.71 54.28
CA TYR Q 104 -30.48 -18.99 54.14
C TYR Q 104 -31.26 -20.11 54.82
N GLY Q 105 -31.47 -21.21 54.08
CA GLY Q 105 -32.00 -22.46 54.65
C GLY Q 105 -30.87 -23.32 55.15
N PRO Q 106 -31.12 -24.60 55.49
CA PRO Q 106 -30.06 -25.46 55.99
C PRO Q 106 -28.96 -25.67 54.95
N ILE Q 107 -27.74 -25.84 55.44
CA ILE Q 107 -26.61 -26.24 54.56
C ILE Q 107 -26.68 -27.75 54.36
N PRO Q 108 -25.91 -28.27 53.38
CA PRO Q 108 -25.95 -29.69 53.06
C PRO Q 108 -25.54 -30.60 54.23
N HIS Q 109 -26.06 -31.82 54.22
CA HIS Q 109 -25.81 -32.82 55.28
C HIS Q 109 -24.32 -33.18 55.37
N THR Q 110 -23.52 -32.89 54.34
CA THR Q 110 -22.07 -33.25 54.32
C THR Q 110 -21.27 -32.44 55.35
N PHE Q 111 -21.87 -31.42 55.97
CA PHE Q 111 -21.22 -30.60 57.04
C PHE Q 111 -21.54 -31.16 58.43
N GLU Q 112 -22.39 -32.17 58.52
CA GLU Q 112 -22.66 -32.81 59.84
C GLU Q 112 -21.36 -33.44 60.38
N GLU Q 113 -21.22 -33.39 61.69
CA GLU Q 113 -19.98 -33.81 62.40
C GLU Q 113 -19.58 -35.24 62.00
N GLU Q 114 -20.54 -36.15 61.95
CA GLU Q 114 -20.27 -37.58 61.63
C GLU Q 114 -19.82 -37.71 60.17
N TRP Q 115 -20.49 -37.03 59.23
CA TRP Q 115 -20.07 -37.04 57.81
C TRP Q 115 -18.63 -36.52 57.69
N VAL Q 116 -18.31 -35.41 58.37
CA VAL Q 116 -16.95 -34.80 58.30
C VAL Q 116 -15.93 -35.78 58.89
N ALA Q 117 -16.25 -36.51 59.98
CA ALA Q 117 -15.32 -37.48 60.59
C ALA Q 117 -14.96 -38.57 59.55
N LYS Q 118 -15.98 -39.07 58.84
CA LYS Q 118 -15.83 -40.15 57.84
C LYS Q 118 -15.09 -39.63 56.60
N GLN Q 119 -15.45 -38.42 56.16
CA GLN Q 119 -14.84 -37.78 54.97
C GLN Q 119 -13.36 -37.50 55.26
N THR Q 120 -13.03 -37.02 56.45
CA THR Q 120 -11.62 -36.84 56.90
C THR Q 120 -10.85 -38.15 56.81
N LYS Q 121 -11.37 -39.24 57.36
CA LYS Q 121 -10.66 -40.54 57.27
C LYS Q 121 -10.42 -40.94 55.81
N ARG Q 122 -11.45 -40.87 54.97
CA ARG Q 122 -11.34 -41.25 53.52
C ARG Q 122 -10.29 -40.35 52.83
N MET Q 123 -10.24 -39.07 53.17
CA MET Q 123 -9.20 -38.17 52.62
C MET Q 123 -7.80 -38.66 53.07
N LEU Q 124 -7.67 -39.09 54.33
CA LEU Q 124 -6.37 -39.57 54.85
C LEU Q 124 -6.04 -40.89 54.19
N ASP Q 125 -7.06 -41.70 53.89
CA ASP Q 125 -6.90 -43.05 53.26
C ASP Q 125 -6.46 -42.88 51.80
N MET Q 126 -6.94 -41.85 51.12
CA MET Q 126 -6.50 -41.59 49.72
C MET Q 126 -5.30 -40.64 49.72
N LYS Q 127 -4.76 -40.31 50.89
CA LYS Q 127 -3.52 -39.51 51.08
C LYS Q 127 -3.66 -38.18 50.30
N VAL Q 128 -4.76 -37.48 50.53
CA VAL Q 128 -4.96 -36.09 50.04
C VAL Q 128 -3.80 -35.22 50.52
N ALA Q 129 -3.14 -34.52 49.62
CA ALA Q 129 -2.07 -33.54 49.94
C ALA Q 129 -1.07 -34.15 50.94
N PRO Q 130 -0.32 -35.20 50.53
CA PRO Q 130 0.53 -35.95 51.46
C PRO Q 130 1.93 -35.34 51.62
N ILE Q 131 2.28 -34.35 50.77
CA ILE Q 131 3.63 -33.75 50.88
C ILE Q 131 3.56 -32.60 51.88
N GLN Q 132 2.52 -31.75 51.88
CA GLN Q 132 2.45 -30.57 52.80
C GLN Q 132 1.03 -30.31 53.31
N GLY Q 133 0.02 -30.43 52.44
CA GLY Q 133 -1.27 -29.73 52.64
C GLY Q 133 -2.12 -30.34 53.73
N PHE Q 134 -2.24 -31.67 53.83
CA PHE Q 134 -3.32 -32.30 54.63
C PHE Q 134 -2.83 -33.61 55.26
N SER Q 135 -2.64 -34.67 54.45
CA SER Q 135 -2.23 -36.00 54.93
C SER Q 135 -0.83 -35.90 55.53
N ALA Q 136 -0.05 -34.95 55.05
CA ALA Q 136 1.29 -34.61 55.59
C ALA Q 136 1.17 -34.31 57.09
N LYS Q 137 0.01 -33.88 57.57
CA LYS Q 137 -0.14 -33.38 58.96
C LYS Q 137 -0.69 -34.49 59.84
N TRP Q 138 -0.89 -35.68 59.25
CA TRP Q 138 -1.41 -36.89 59.93
C TRP Q 138 -0.25 -37.85 60.19
N ASP Q 139 -0.16 -38.37 61.40
CA ASP Q 139 0.88 -39.37 61.74
C ASP Q 139 0.30 -40.76 61.49
N TYR Q 140 0.67 -41.42 60.39
CA TYR Q 140 0.12 -42.74 59.95
C TYR Q 140 0.62 -43.89 60.84
N ASP Q 141 1.76 -43.72 61.53
CA ASP Q 141 2.32 -44.73 62.49
C ASP Q 141 1.55 -44.67 63.82
N LYS Q 142 1.24 -43.47 64.34
CA LYS Q 142 0.57 -43.28 65.66
C LYS Q 142 -0.94 -43.05 65.52
N ASN Q 143 -1.49 -42.98 64.29
CA ASN Q 143 -2.96 -42.90 64.13
C ASN Q 143 -3.49 -41.64 64.84
N GLU Q 144 -2.82 -40.49 64.67
CA GLU Q 144 -3.23 -39.18 65.28
C GLU Q 144 -2.64 -38.01 64.48
N TRP Q 145 -3.12 -36.79 64.68
CA TRP Q 145 -2.56 -35.56 64.07
C TRP Q 145 -1.18 -35.27 64.67
N LYS Q 146 -0.19 -34.91 63.87
CA LYS Q 146 1.17 -34.55 64.36
C LYS Q 146 1.10 -33.41 65.39
N THR R 7 26.54 26.62 42.10
CA THR R 7 27.14 26.44 43.49
C THR R 7 26.26 27.09 44.56
N ASP R 8 26.35 26.58 45.79
CA ASP R 8 25.61 27.09 46.97
C ASP R 8 25.85 28.59 47.11
N GLU R 9 27.10 29.01 46.97
CA GLU R 9 27.51 30.43 47.19
C GLU R 9 26.83 31.32 46.16
N GLU R 10 26.72 30.85 44.90
CA GLU R 10 26.15 31.64 43.77
C GLU R 10 24.64 31.75 43.96
N PHE R 11 24.00 30.66 44.38
CA PHE R 11 22.55 30.61 44.70
C PHE R 11 22.29 31.63 45.80
N ASP R 12 23.07 31.61 46.87
CA ASP R 12 22.82 32.49 48.03
C ASP R 12 23.00 33.92 47.54
N ALA R 13 24.08 34.20 46.80
CA ALA R 13 24.41 35.58 46.38
C ALA R 13 23.24 36.14 45.55
N ARG R 14 22.67 35.34 44.63
CA ARG R 14 21.56 35.76 43.73
C ARG R 14 20.34 36.16 44.59
N TRP R 15 20.03 35.37 45.64
CA TRP R 15 18.87 35.63 46.52
C TRP R 15 19.13 36.83 47.43
N VAL R 16 20.36 37.00 47.94
CA VAL R 16 20.73 38.22 48.72
C VAL R 16 20.50 39.46 47.83
N THR R 17 21.01 39.44 46.60
CA THR R 17 20.86 40.56 45.63
C THR R 17 19.36 40.81 45.40
N TYR R 18 18.59 39.75 45.24
CA TYR R 18 17.13 39.85 44.97
C TYR R 18 16.48 40.70 46.07
N PHE R 19 16.69 40.34 47.33
CA PHE R 19 15.97 40.99 48.45
C PHE R 19 16.60 42.37 48.75
N ASN R 20 17.85 42.60 48.32
CA ASN R 20 18.56 43.86 48.67
C ASN R 20 18.16 44.98 47.71
N LYS R 21 17.43 44.70 46.63
CA LYS R 21 17.08 45.80 45.68
C LYS R 21 16.35 46.90 46.47
N PRO R 22 16.88 48.15 46.53
CA PRO R 22 16.29 49.17 47.40
C PRO R 22 14.77 49.34 47.20
N ASP R 23 14.35 49.40 45.94
CA ASP R 23 12.95 49.69 45.55
C ASP R 23 12.23 48.37 45.26
N ILE R 24 12.66 47.23 45.80
CA ILE R 24 11.83 45.98 45.74
C ILE R 24 10.39 46.32 46.12
N ASP R 25 9.40 45.81 45.39
CA ASP R 25 7.98 46.11 45.72
C ASP R 25 7.38 44.92 46.47
N ALA R 26 6.17 45.11 46.98
CA ALA R 26 5.42 44.12 47.80
C ALA R 26 5.28 42.81 47.01
N TRP R 27 4.90 42.90 45.75
CA TRP R 27 4.71 41.72 44.87
C TRP R 27 6.03 40.93 44.81
N GLU R 28 7.15 41.61 44.60
CA GLU R 28 8.49 40.96 44.48
C GLU R 28 8.91 40.29 45.79
N LEU R 29 8.59 40.90 46.94
CA LEU R 29 8.89 40.32 48.27
C LEU R 29 8.16 38.98 48.38
N ARG R 30 6.88 38.97 48.03
CA ARG R 30 6.00 37.78 48.17
C ARG R 30 6.48 36.73 47.19
N LYS R 31 6.67 37.12 45.93
CA LYS R 31 7.15 36.20 44.86
C LYS R 31 8.46 35.55 45.32
N GLY R 32 9.39 36.37 45.84
CA GLY R 32 10.69 35.85 46.32
C GLY R 32 10.51 34.80 47.40
N MET R 33 9.79 35.12 48.47
CA MET R 33 9.67 34.18 49.61
C MET R 33 8.87 32.96 49.15
N ASN R 34 7.82 33.15 48.33
CA ASN R 34 6.94 32.02 48.00
C ASN R 34 7.71 31.07 47.07
N THR R 35 8.59 31.57 46.24
CA THR R 35 9.46 30.74 45.37
C THR R 35 10.51 30.04 46.24
N LEU R 36 11.18 30.80 47.10
CA LEU R 36 12.33 30.24 47.84
C LEU R 36 11.90 29.03 48.68
N VAL R 37 10.71 29.06 49.30
CA VAL R 37 10.28 27.97 50.23
C VAL R 37 9.84 26.74 49.43
N GLY R 38 9.83 26.81 48.09
CA GLY R 38 9.63 25.63 47.24
C GLY R 38 10.84 24.73 47.19
N TYR R 39 12.02 25.23 47.53
CA TYR R 39 13.28 24.49 47.32
C TYR R 39 13.54 23.54 48.49
N ASP R 40 14.38 22.53 48.25
CA ASP R 40 14.78 21.58 49.30
C ASP R 40 15.94 22.22 50.09
N LEU R 41 15.62 23.24 50.86
CA LEU R 41 16.59 23.88 51.77
C LEU R 41 15.85 24.81 52.72
N VAL R 42 16.50 25.11 53.82
CA VAL R 42 16.18 26.27 54.69
C VAL R 42 17.11 27.39 54.26
N PRO R 43 16.59 28.57 53.91
CA PRO R 43 17.41 29.66 53.42
C PRO R 43 18.49 30.02 54.45
N GLU R 44 19.69 30.30 53.96
CA GLU R 44 20.83 30.82 54.77
C GLU R 44 20.41 32.11 55.49
N PRO R 45 20.91 32.32 56.72
CA PRO R 45 20.68 33.59 57.41
C PRO R 45 20.89 34.85 56.54
N LYS R 46 21.93 34.87 55.69
CA LYS R 46 22.25 36.08 54.89
C LYS R 46 21.06 36.35 53.95
N ILE R 47 20.39 35.31 53.46
CA ILE R 47 19.19 35.50 52.59
C ILE R 47 18.05 36.06 53.44
N ILE R 48 17.81 35.47 54.59
CA ILE R 48 16.69 35.89 55.48
C ILE R 48 16.91 37.33 55.93
N ASP R 49 18.16 37.67 56.24
CA ASP R 49 18.57 39.03 56.67
C ASP R 49 18.12 40.02 55.61
N ALA R 50 18.52 39.79 54.35
CA ALA R 50 18.13 40.64 53.20
C ALA R 50 16.59 40.69 53.07
N ALA R 51 15.89 39.58 53.24
CA ALA R 51 14.41 39.59 53.11
C ALA R 51 13.76 40.41 54.24
N LEU R 52 14.27 40.31 55.47
CA LEU R 52 13.73 41.06 56.63
C LEU R 52 13.95 42.57 56.39
N ARG R 53 15.10 42.97 55.83
CA ARG R 53 15.39 44.40 55.57
C ARG R 53 14.47 44.89 54.44
N ALA R 54 14.12 44.04 53.48
CA ALA R 54 13.11 44.37 52.45
C ALA R 54 11.79 44.69 53.14
N CYS R 55 11.40 43.86 54.12
CA CYS R 55 10.13 44.02 54.88
C CYS R 55 10.16 45.41 55.50
N ARG R 56 11.30 45.79 56.06
CA ARG R 56 11.47 47.11 56.73
C ARG R 56 11.27 48.24 55.69
N ARG R 57 11.94 48.16 54.53
CA ARG R 57 11.78 49.20 53.49
C ARG R 57 10.32 49.23 53.01
N LEU R 58 9.63 48.10 53.07
CA LEU R 58 8.21 47.99 52.64
C LEU R 58 7.26 48.26 53.81
N ASN R 59 7.76 48.67 54.99
CA ASN R 59 6.91 49.01 56.16
C ASN R 59 5.96 47.85 56.46
N ASP R 60 6.46 46.61 56.41
CA ASP R 60 5.64 45.39 56.58
C ASP R 60 6.23 44.51 57.72
N PHE R 61 5.83 44.81 58.94
CA PHE R 61 6.27 44.07 60.15
C PHE R 61 5.73 42.63 60.11
N ALA R 62 4.47 42.44 59.71
CA ALA R 62 3.81 41.12 59.76
C ALA R 62 4.55 40.14 58.85
N SER R 63 4.91 40.56 57.64
CA SER R 63 5.65 39.67 56.71
C SER R 63 6.99 39.28 57.34
N ALA R 64 7.64 40.17 58.10
CA ALA R 64 8.90 39.84 58.77
C ALA R 64 8.70 38.64 59.70
N VAL R 65 7.64 38.68 60.50
CA VAL R 65 7.34 37.60 61.46
C VAL R 65 7.07 36.30 60.67
N ARG R 66 6.22 36.40 59.64
CA ARG R 66 5.80 35.26 58.77
C ARG R 66 7.05 34.58 58.20
N ILE R 67 8.05 35.37 57.78
CA ILE R 67 9.33 34.84 57.20
C ILE R 67 10.04 34.01 58.28
N LEU R 68 10.07 34.48 59.51
CA LEU R 68 10.69 33.68 60.59
C LEU R 68 9.89 32.37 60.76
N GLU R 69 8.56 32.44 60.73
CA GLU R 69 7.75 31.21 60.87
C GLU R 69 8.09 30.20 59.77
N VAL R 70 8.25 30.65 58.52
CA VAL R 70 8.42 29.68 57.41
C VAL R 70 9.85 29.15 57.43
N VAL R 71 10.82 29.88 57.99
CA VAL R 71 12.20 29.31 58.20
C VAL R 71 12.09 28.13 59.16
N LYS R 72 11.39 28.32 60.29
CA LYS R 72 11.19 27.24 61.28
C LYS R 72 10.48 26.08 60.56
N ASP R 73 9.40 26.37 59.84
CA ASP R 73 8.58 25.32 59.20
C ASP R 73 9.42 24.51 58.21
N LYS R 74 10.27 25.16 57.41
CA LYS R 74 11.08 24.47 56.37
C LYS R 74 12.08 23.48 56.99
N ALA R 75 12.46 23.65 58.26
CA ALA R 75 13.42 22.76 58.92
C ALA R 75 12.76 21.42 59.28
N GLY R 76 11.43 21.36 59.26
CA GLY R 76 10.71 20.15 59.69
C GLY R 76 11.21 19.65 61.04
N PRO R 77 11.65 18.38 61.16
CA PRO R 77 12.02 17.84 62.48
C PRO R 77 13.45 18.25 62.91
N HIS R 78 14.17 19.00 62.08
CA HIS R 78 15.59 19.37 62.33
C HIS R 78 15.57 20.60 63.24
N LYS R 79 15.29 20.34 64.52
CA LYS R 79 15.06 21.28 65.66
C LYS R 79 16.20 22.28 65.83
N GLU R 80 17.43 21.91 65.46
CA GLU R 80 18.66 22.71 65.71
C GLU R 80 18.73 23.89 64.69
N ILE R 81 18.00 23.83 63.57
CA ILE R 81 18.20 24.84 62.49
C ILE R 81 17.68 26.21 62.94
N TYR R 82 16.47 26.29 63.48
CA TYR R 82 15.80 27.57 63.79
C TYR R 82 16.57 28.32 64.88
N PRO R 83 16.93 27.71 66.03
CA PRO R 83 17.73 28.41 67.03
C PRO R 83 19.05 28.95 66.45
N TYR R 84 19.72 28.20 65.55
CA TYR R 84 20.95 28.68 64.87
C TYR R 84 20.63 29.90 64.01
N VAL R 85 19.57 29.82 63.20
CA VAL R 85 19.21 30.98 62.36
C VAL R 85 18.93 32.20 63.26
N ILE R 86 18.15 32.02 64.32
CA ILE R 86 17.75 33.15 65.20
C ILE R 86 19.03 33.71 65.84
N GLN R 87 19.95 32.83 66.20
CA GLN R 87 21.27 33.29 66.72
C GLN R 87 21.93 34.20 65.69
N GLU R 88 22.01 33.76 64.44
CA GLU R 88 22.72 34.51 63.37
C GLU R 88 21.97 35.81 63.05
N LEU R 89 20.65 35.87 63.28
CA LEU R 89 19.82 37.05 62.88
C LEU R 89 19.72 38.05 64.03
N ARG R 90 20.16 37.66 65.23
CA ARG R 90 19.94 38.45 66.46
C ARG R 90 20.26 39.94 66.24
N PRO R 91 21.45 40.31 65.69
CA PRO R 91 21.80 41.72 65.48
C PRO R 91 20.78 42.46 64.60
N THR R 92 20.36 41.85 63.50
CA THR R 92 19.30 42.40 62.62
C THR R 92 17.97 42.54 63.38
N LEU R 93 17.55 41.51 64.10
CA LEU R 93 16.25 41.54 64.84
C LEU R 93 16.26 42.70 65.83
N ASN R 94 17.37 42.89 66.55
CA ASN R 94 17.51 43.97 67.57
C ASN R 94 17.47 45.32 66.85
N GLU R 95 18.27 45.44 65.80
CA GLU R 95 18.41 46.68 64.99
C GLU R 95 17.04 47.10 64.45
N LEU R 96 16.22 46.18 63.93
CA LEU R 96 14.93 46.55 63.23
C LEU R 96 13.74 46.46 64.20
N GLY R 97 13.95 46.00 65.43
CA GLY R 97 12.85 45.77 66.39
C GLY R 97 11.90 44.69 65.89
N ILE R 98 12.42 43.61 65.30
CA ILE R 98 11.58 42.46 64.88
C ILE R 98 11.44 41.49 66.06
N SER R 99 10.23 41.30 66.57
CA SER R 99 9.91 40.26 67.57
C SER R 99 9.79 38.92 66.86
N THR R 100 10.30 37.86 67.48
CA THR R 100 10.15 36.50 66.92
C THR R 100 8.72 36.02 67.16
N PRO R 101 8.24 35.04 66.39
CA PRO R 101 6.91 34.45 66.61
C PRO R 101 6.71 33.98 68.06
N GLU R 102 7.76 33.39 68.64
CA GLU R 102 7.79 32.92 70.05
C GLU R 102 7.60 34.15 70.97
N GLU R 103 8.31 35.26 70.73
CA GLU R 103 8.22 36.50 71.56
C GLU R 103 6.78 37.02 71.45
N LEU R 104 6.07 36.79 70.34
CA LEU R 104 4.68 37.29 70.13
C LEU R 104 3.65 36.25 70.57
N GLY R 105 4.06 35.06 71.03
CA GLY R 105 3.13 33.96 71.38
C GLY R 105 2.44 33.35 70.16
N LEU R 106 2.95 33.57 68.95
CA LEU R 106 2.30 33.07 67.71
C LEU R 106 2.71 31.62 67.42
N ASP R 107 3.53 31.01 68.28
CA ASP R 107 3.92 29.56 68.23
C ASP R 107 2.90 28.71 69.00
N LYS R 108 1.83 29.33 69.53
CA LYS R 108 0.79 28.73 70.42
C LYS R 108 1.43 27.72 71.38
N GLY S 3 -16.05 27.80 -18.82
CA GLY S 3 -17.11 27.23 -18.04
C GLY S 3 -16.94 27.67 -16.59
N GLY S 4 -17.89 28.53 -16.12
CA GLY S 4 -18.11 29.09 -14.74
C GLY S 4 -19.37 28.58 -14.02
N GLY S 5 -20.03 29.38 -13.20
CA GLY S 5 -21.33 29.07 -12.53
C GLY S 5 -21.18 28.57 -11.09
N VAL S 6 -19.97 28.49 -10.54
CA VAL S 6 -19.79 28.12 -9.12
C VAL S 6 -19.54 29.42 -8.36
N PRO S 7 -20.32 29.70 -7.30
CA PRO S 7 -20.06 30.87 -6.48
C PRO S 7 -18.70 30.78 -5.77
N THR S 8 -18.17 31.95 -5.47
CA THR S 8 -16.93 32.09 -4.67
C THR S 8 -17.32 32.38 -3.21
N ASP S 9 -16.39 32.19 -2.29
CA ASP S 9 -16.58 32.60 -0.88
C ASP S 9 -16.90 34.11 -0.83
N GLU S 10 -16.16 34.92 -1.59
CA GLU S 10 -16.37 36.38 -1.63
C GLU S 10 -17.83 36.67 -2.00
N GLU S 11 -18.44 35.88 -2.89
CA GLU S 11 -19.83 36.14 -3.34
C GLU S 11 -20.81 35.62 -2.31
N GLN S 12 -20.51 34.51 -1.65
CA GLN S 12 -21.62 33.74 -1.01
C GLN S 12 -21.35 33.40 0.46
N ALA S 13 -20.14 33.52 0.99
CA ALA S 13 -19.91 33.24 2.43
C ALA S 13 -20.75 34.22 3.23
N THR S 14 -21.27 33.79 4.37
CA THR S 14 -22.17 34.63 5.18
C THR S 14 -21.83 34.45 6.68
N GLY S 15 -22.54 35.15 7.54
CA GLY S 15 -22.45 34.96 9.00
C GLY S 15 -21.00 35.01 9.47
N LEU S 16 -20.65 34.15 10.41
CA LEU S 16 -19.33 34.25 11.08
C LEU S 16 -18.22 33.88 10.09
N GLU S 17 -18.47 32.90 9.22
CA GLU S 17 -17.50 32.53 8.16
C GLU S 17 -17.08 33.80 7.40
N ARG S 18 -18.05 34.61 6.99
CA ARG S 18 -17.74 35.83 6.24
C ARG S 18 -16.98 36.82 7.13
N GLU S 19 -17.37 37.02 8.40
CA GLU S 19 -16.69 37.99 9.29
C GLU S 19 -15.22 37.56 9.42
N VAL S 20 -14.96 36.26 9.58
CA VAL S 20 -13.57 35.76 9.75
C VAL S 20 -12.77 36.06 8.46
N MET S 21 -13.41 35.85 7.30
N MET S 21 -13.35 35.83 7.28
CA MET S 21 -12.83 36.01 5.93
CA MET S 21 -12.66 36.05 6.00
C MET S 21 -12.44 37.48 5.73
C MET S 21 -12.33 37.55 5.88
N LEU S 22 -13.32 38.41 6.11
CA LEU S 22 -13.13 39.88 5.96
C LEU S 22 -12.07 40.36 6.96
N ALA S 23 -12.11 39.88 8.20
CA ALA S 23 -11.10 40.28 9.20
C ALA S 23 -9.71 39.79 8.77
N ALA S 24 -9.57 38.57 8.23
CA ALA S 24 -8.24 38.05 7.78
C ALA S 24 -7.68 38.92 6.64
N ARG S 25 -8.54 39.40 5.75
CA ARG S 25 -8.16 40.28 4.60
C ARG S 25 -7.50 41.55 5.16
N LYS S 26 -7.95 42.05 6.32
CA LYS S 26 -7.42 43.26 6.99
C LYS S 26 -6.29 42.92 7.98
N GLY S 27 -5.84 41.66 8.12
CA GLY S 27 -4.82 41.27 9.11
C GLY S 27 -5.29 41.47 10.56
N GLN S 28 -6.59 41.35 10.84
CA GLN S 28 -7.12 41.43 12.21
C GLN S 28 -7.55 40.04 12.63
N ASP S 29 -7.57 39.77 13.92
CA ASP S 29 -7.91 38.44 14.48
C ASP S 29 -8.94 38.60 15.61
N PRO S 30 -10.13 39.12 15.31
CA PRO S 30 -11.15 39.29 16.35
C PRO S 30 -11.66 37.96 16.92
N TYR S 31 -11.54 36.84 16.19
CA TYR S 31 -12.06 35.54 16.66
C TYR S 31 -10.91 34.64 17.14
N ASN S 32 -9.75 35.22 17.45
CA ASN S 32 -8.72 34.52 18.27
C ASN S 32 -8.28 33.22 17.59
N ILE S 33 -8.09 33.24 16.27
CA ILE S 33 -7.62 32.06 15.49
C ILE S 33 -6.10 31.92 15.62
N LEU S 34 -5.38 33.01 15.85
CA LEU S 34 -3.91 33.02 15.87
C LEU S 34 -3.38 33.14 17.28
N ALA S 35 -2.19 32.60 17.51
CA ALA S 35 -1.49 32.73 18.81
C ALA S 35 -0.82 34.09 18.77
N PRO S 36 -1.07 34.97 19.76
CA PRO S 36 -0.36 36.25 19.83
C PRO S 36 1.11 36.04 20.17
N LYS S 37 1.97 36.89 19.64
CA LYS S 37 3.43 36.87 19.86
C LYS S 37 3.72 37.75 21.09
N ALA S 38 4.50 37.24 22.02
CA ALA S 38 4.87 37.88 23.30
C ALA S 38 5.69 39.14 22.99
N THR S 39 5.55 40.18 23.81
CA THR S 39 6.53 41.29 23.88
C THR S 39 7.66 40.79 24.78
N SER S 40 8.55 41.66 25.18
CA SER S 40 9.59 41.39 26.19
C SER S 40 8.93 41.20 27.58
N GLY S 41 7.69 41.65 27.78
CA GLY S 41 6.93 41.42 29.02
C GLY S 41 7.43 42.19 30.24
N THR S 42 8.19 43.28 30.04
CA THR S 42 8.68 44.15 31.13
C THR S 42 7.54 45.05 31.59
N LYS S 43 7.69 45.77 32.70
CA LYS S 43 6.65 46.76 33.10
C LYS S 43 6.54 47.86 32.05
N GLU S 44 7.61 48.16 31.28
CA GLU S 44 7.61 49.21 30.23
C GLU S 44 7.00 48.65 28.94
N ASP S 45 7.04 47.33 28.74
CA ASP S 45 6.61 46.70 27.48
C ASP S 45 5.76 45.47 27.81
N PRO S 46 4.62 45.65 28.48
CA PRO S 46 3.81 44.51 28.91
C PRO S 46 3.18 43.85 27.68
N ASN S 47 2.78 42.59 27.84
CA ASN S 47 1.99 41.88 26.81
C ASN S 47 0.62 42.53 26.85
N LEU S 48 0.09 42.89 25.69
CA LEU S 48 -1.20 43.60 25.57
C LEU S 48 -2.25 42.56 25.24
N VAL S 49 -3.17 42.36 26.18
CA VAL S 49 -4.25 41.32 26.13
C VAL S 49 -5.57 42.01 25.79
N PRO S 50 -6.07 41.85 24.56
CA PRO S 50 -7.36 42.42 24.20
C PRO S 50 -8.50 41.69 24.94
N SER S 51 -9.54 42.43 25.25
CA SER S 51 -10.78 41.84 25.81
C SER S 51 -11.98 42.66 25.34
N ILE S 52 -13.11 42.00 25.18
CA ILE S 52 -14.42 42.71 24.98
C ILE S 52 -14.96 43.17 26.34
N THR S 53 -14.36 42.73 27.44
CA THR S 53 -14.87 42.98 28.82
C THR S 53 -13.69 43.45 29.69
N ASN S 54 -13.88 43.41 31.00
CA ASN S 54 -13.00 44.02 32.00
C ASN S 54 -12.06 42.96 32.63
N LYS S 55 -12.13 41.72 32.16
CA LYS S 55 -11.17 40.69 32.65
C LYS S 55 -11.13 39.56 31.65
N ARG S 56 -10.00 38.85 31.59
CA ARG S 56 -9.81 37.74 30.64
C ARG S 56 -8.81 36.78 31.24
N ILE S 57 -9.04 35.49 31.06
CA ILE S 57 -8.08 34.48 31.57
C ILE S 57 -6.85 34.50 30.67
N VAL S 58 -5.68 34.61 31.31
CA VAL S 58 -4.35 34.44 30.66
C VAL S 58 -3.82 33.07 31.07
N GLY S 59 -3.27 32.34 30.10
CA GLY S 59 -2.37 31.20 30.33
C GLY S 59 -0.96 31.60 29.96
N CYS S 60 -0.03 31.45 30.91
CA CYS S 60 1.39 31.80 30.71
C CYS S 60 2.22 30.52 30.59
N ILE S 61 2.79 30.30 29.42
CA ILE S 61 3.83 29.27 29.17
C ILE S 61 5.16 29.97 29.46
N CYS S 62 5.63 29.88 30.68
CA CYS S 62 6.71 30.80 31.19
C CYS S 62 8.00 30.64 30.40
N GLU S 63 8.33 29.40 30.08
CA GLU S 63 9.49 29.05 29.23
C GLU S 63 9.00 28.11 28.15
N GLU S 64 9.71 28.19 27.04
CA GLU S 64 9.41 27.43 25.85
C GLU S 64 9.50 25.96 26.23
N ASP S 65 8.51 25.25 25.83
CA ASP S 65 8.45 23.79 26.08
C ASP S 65 8.11 23.43 27.54
N ASN S 66 7.86 24.39 28.44
CA ASN S 66 7.14 24.06 29.71
C ASN S 66 5.84 23.30 29.33
N SER S 67 5.56 22.19 30.00
CA SER S 67 4.26 21.49 29.86
C SER S 67 3.20 22.15 30.75
N THR S 68 3.62 22.81 31.82
CA THR S 68 2.71 23.43 32.81
C THR S 68 2.33 24.84 32.34
N VAL S 69 1.04 25.08 32.14
CA VAL S 69 0.54 26.44 31.84
C VAL S 69 0.03 27.07 33.15
N ILE S 70 0.35 28.34 33.35
CA ILE S 70 -0.07 29.08 34.57
C ILE S 70 -1.25 29.96 34.19
N TRP S 71 -2.39 29.72 34.83
CA TRP S 71 -3.67 30.40 34.46
C TRP S 71 -4.06 31.42 35.51
N PHE S 72 -4.54 32.57 35.08
CA PHE S 72 -5.08 33.58 36.03
C PHE S 72 -5.96 34.56 35.28
N TRP S 73 -6.89 35.14 36.02
CA TRP S 73 -7.69 36.28 35.53
C TRP S 73 -6.83 37.56 35.48
N LEU S 74 -6.75 38.17 34.31
CA LEU S 74 -6.15 39.52 34.11
C LEU S 74 -7.27 40.56 34.15
N HIS S 75 -7.18 41.52 35.08
CA HIS S 75 -8.22 42.59 35.28
C HIS S 75 -7.80 43.88 34.61
N LYS S 76 -8.78 44.65 34.14
CA LYS S 76 -8.59 46.03 33.67
C LYS S 76 -7.78 46.78 34.73
N GLY S 77 -6.87 47.66 34.34
CA GLY S 77 -6.17 48.57 35.25
C GLY S 77 -4.68 48.34 35.16
N GLU S 78 -4.00 48.49 36.28
CA GLU S 78 -2.54 48.30 36.34
C GLU S 78 -2.22 46.88 35.85
N ALA S 79 -1.14 46.79 35.05
CA ALA S 79 -0.52 45.53 34.58
C ALA S 79 -0.39 44.56 35.75
N GLN S 80 -0.62 43.28 35.49
CA GLN S 80 -0.46 42.18 36.46
C GLN S 80 0.67 41.29 35.97
N ARG S 81 1.24 40.51 36.87
CA ARG S 81 2.41 39.66 36.59
C ARG S 81 2.04 38.19 36.75
N CYS S 82 2.57 37.36 35.87
CA CYS S 82 2.46 35.89 36.00
C CYS S 82 3.00 35.50 37.37
N PRO S 83 2.24 34.79 38.20
CA PRO S 83 2.72 34.44 39.52
C PRO S 83 3.86 33.41 39.49
N SER S 84 4.19 32.81 38.34
CA SER S 84 5.34 31.90 38.23
C SER S 84 6.57 32.63 37.71
N CYS S 85 6.50 33.40 36.62
CA CYS S 85 7.73 33.97 35.98
C CYS S 85 7.80 35.51 36.12
N GLY S 86 6.73 36.17 36.54
CA GLY S 86 6.66 37.63 36.71
C GLY S 86 6.50 38.44 35.42
N THR S 87 6.30 37.77 34.28
N THR S 87 6.37 37.80 34.26
CA THR S 87 5.97 38.41 32.98
CA THR S 87 6.18 38.58 33.01
C THR S 87 4.77 39.35 33.15
C THR S 87 4.85 39.34 33.13
N HIS S 88 4.83 40.56 32.58
CA HIS S 88 3.77 41.57 32.72
C HIS S 88 2.70 41.39 31.63
N TYR S 89 1.45 41.54 32.02
CA TYR S 89 0.27 41.51 31.12
C TYR S 89 -0.60 42.72 31.45
N LYS S 90 -1.11 43.40 30.42
CA LYS S 90 -1.99 44.57 30.56
C LYS S 90 -3.22 44.34 29.70
N LEU S 91 -4.40 44.46 30.31
CA LEU S 91 -5.70 44.33 29.57
C LEU S 91 -5.96 45.62 28.76
N VAL S 92 -6.33 45.42 27.49
CA VAL S 92 -6.72 46.53 26.59
C VAL S 92 -8.13 46.20 26.13
N PRO S 93 -9.18 46.67 26.84
CA PRO S 93 -10.57 46.53 26.36
C PRO S 93 -10.58 47.13 24.93
N GLY T 12 -5.37 19.09 -13.13
CA GLY T 12 -6.41 19.90 -13.47
C GLY T 12 -7.63 19.02 -13.82
N ALA T 13 -8.74 19.67 -13.93
CA ALA T 13 -10.03 19.10 -14.34
C ALA T 13 -9.88 18.52 -15.75
N ARG T 14 -9.13 19.21 -16.62
CA ARG T 14 -8.96 18.75 -18.01
C ARG T 14 -8.28 17.38 -18.04
N THR T 15 -7.25 17.19 -17.22
CA THR T 15 -6.52 15.92 -17.15
C THR T 15 -7.45 14.83 -16.62
N TRP T 16 -8.19 15.12 -15.55
CA TRP T 16 -9.03 14.06 -14.93
C TRP T 16 -10.21 13.73 -15.86
N ARG T 17 -10.69 14.69 -16.62
CA ARG T 17 -11.72 14.36 -17.63
C ARG T 17 -11.10 13.47 -18.73
N PHE T 18 -9.90 13.80 -19.17
CA PHE T 18 -9.15 13.02 -20.17
C PHE T 18 -9.02 11.58 -19.67
N LEU T 19 -8.65 11.38 -18.40
CA LEU T 19 -8.53 10.00 -17.84
C LEU T 19 -9.92 9.33 -17.79
N THR T 20 -10.95 10.09 -17.42
CA THR T 20 -12.31 9.52 -17.27
C THR T 20 -12.76 8.95 -18.64
N PHE T 21 -12.66 9.75 -19.70
CA PHE T 21 -13.18 9.33 -21.03
C PHE T 21 -12.15 8.52 -21.85
N GLY T 22 -10.86 8.70 -21.62
CA GLY T 22 -9.78 8.11 -22.45
C GLY T 22 -9.28 6.79 -21.87
N LEU T 23 -9.48 6.55 -20.57
CA LEU T 23 -8.97 5.32 -19.91
C LEU T 23 -10.07 4.60 -19.12
N ALA T 24 -10.72 5.28 -18.18
CA ALA T 24 -11.64 4.66 -17.21
C ALA T 24 -12.88 4.13 -17.92
N LEU T 25 -13.59 4.95 -18.67
CA LEU T 25 -14.84 4.43 -19.30
C LEU T 25 -14.51 3.42 -20.41
N PRO T 26 -13.46 3.61 -21.24
CA PRO T 26 -13.08 2.54 -22.15
C PRO T 26 -12.85 1.21 -21.40
N SER T 27 -12.22 1.21 -20.22
CA SER T 27 -11.99 -0.02 -19.42
C SER T 27 -13.32 -0.65 -19.10
N VAL T 28 -14.24 0.16 -18.60
CA VAL T 28 -15.59 -0.33 -18.26
C VAL T 28 -16.25 -0.93 -19.51
N ALA T 29 -16.16 -0.27 -20.65
CA ALA T 29 -16.78 -0.77 -21.91
C ALA T 29 -16.19 -2.13 -22.27
N LEU T 30 -14.86 -2.28 -22.18
CA LEU T 30 -14.18 -3.56 -22.51
C LEU T 30 -14.61 -4.64 -21.50
N CYS T 31 -14.66 -4.34 -20.20
CA CYS T 31 -15.08 -5.36 -19.20
C CYS T 31 -16.56 -5.70 -19.40
N THR T 32 -17.37 -4.75 -19.86
CA THR T 32 -18.81 -4.97 -20.15
C THR T 32 -18.91 -5.96 -21.32
N LEU T 33 -18.11 -5.73 -22.38
CA LEU T 33 -18.07 -6.62 -23.57
C LEU T 33 -17.61 -8.03 -23.11
N ASN T 34 -16.50 -8.13 -22.36
CA ASN T 34 -15.98 -9.39 -21.79
C ASN T 34 -17.10 -10.13 -21.04
N SER T 35 -17.81 -9.43 -20.17
CA SER T 35 -18.87 -10.06 -19.34
C SER T 35 -20.02 -10.51 -20.23
N TRP T 36 -20.44 -9.69 -21.20
CA TRP T 36 -21.66 -9.93 -22.04
C TRP T 36 -21.34 -11.00 -23.08
N LEU T 37 -20.14 -11.57 -23.05
CA LEU T 37 -19.69 -12.69 -23.93
C LEU T 37 -19.60 -13.99 -23.12
N HIS T 38 -19.51 -13.92 -21.80
CA HIS T 38 -19.43 -15.10 -20.90
C HIS T 38 -20.69 -15.14 -20.01
N SER T 39 -21.83 -14.63 -20.48
CA SER T 39 -23.06 -14.36 -19.69
C SER T 39 -24.08 -15.51 -19.78
N GLY T 40 -23.87 -16.51 -20.64
CA GLY T 40 -24.79 -17.67 -20.80
C GLY T 40 -24.81 -18.55 -19.56
N HIS T 41 -25.94 -19.17 -19.21
CA HIS T 41 -26.15 -19.98 -17.97
C HIS T 41 -25.21 -21.20 -17.97
N ARG T 42 -24.43 -21.39 -16.88
CA ARG T 42 -23.59 -22.60 -16.58
C ARG T 42 -24.53 -23.79 -16.33
N GLU T 43 -24.08 -25.02 -16.64
CA GLU T 43 -24.80 -26.31 -16.42
C GLU T 43 -24.83 -26.63 -14.93
N ARG T 44 -25.99 -26.71 -14.27
CA ARG T 44 -26.02 -26.89 -12.79
C ARG T 44 -25.52 -28.28 -12.42
N PRO T 45 -24.77 -28.37 -11.29
CA PRO T 45 -24.12 -29.60 -10.87
C PRO T 45 -25.13 -30.51 -10.15
N ALA T 46 -24.93 -31.82 -10.25
CA ALA T 46 -25.67 -32.83 -9.49
C ALA T 46 -25.79 -32.31 -8.04
N PHE T 47 -26.98 -32.43 -7.48
CA PHE T 47 -27.26 -32.19 -6.04
C PHE T 47 -26.61 -33.28 -5.19
N ILE T 48 -25.83 -32.91 -4.19
CA ILE T 48 -25.30 -33.83 -3.14
C ILE T 48 -25.64 -33.17 -1.81
N PRO T 49 -26.38 -33.87 -0.91
CA PRO T 49 -26.83 -33.25 0.36
C PRO T 49 -25.71 -33.12 1.42
N TYR T 50 -24.62 -32.46 1.07
CA TYR T 50 -23.48 -32.15 1.97
C TYR T 50 -23.99 -31.45 3.24
N HIS T 51 -23.47 -31.89 4.40
CA HIS T 51 -23.91 -31.46 5.73
C HIS T 51 -23.33 -30.09 6.04
N HIS T 52 -22.30 -29.64 5.31
CA HIS T 52 -21.67 -28.31 5.55
C HIS T 52 -22.33 -27.24 4.70
N LEU T 53 -23.33 -27.58 3.90
CA LEU T 53 -24.01 -26.62 2.99
C LEU T 53 -25.52 -26.65 3.28
N ARG T 54 -26.28 -25.70 2.75
CA ARG T 54 -27.74 -25.63 3.00
C ARG T 54 -28.03 -25.72 4.52
N ILE T 55 -27.29 -24.95 5.30
CA ILE T 55 -27.38 -24.98 6.78
C ILE T 55 -28.76 -24.47 7.20
N ARG T 56 -29.38 -25.17 8.14
CA ARG T 56 -30.67 -24.78 8.75
C ARG T 56 -30.57 -25.04 10.25
N THR T 57 -30.13 -24.05 11.02
CA THR T 57 -30.16 -24.12 12.50
C THR T 57 -31.40 -23.39 13.04
N LYS T 58 -31.95 -22.46 12.28
CA LYS T 58 -33.19 -21.75 12.67
C LYS T 58 -33.91 -21.39 11.38
N PRO T 59 -35.26 -21.46 11.30
CA PRO T 59 -35.93 -21.09 10.06
C PRO T 59 -35.67 -19.61 9.76
N PHE T 60 -35.52 -19.25 8.49
CA PHE T 60 -35.40 -17.83 8.08
C PHE T 60 -36.68 -17.11 8.47
N SER T 61 -36.63 -15.78 8.69
CA SER T 61 -37.78 -14.99 9.18
C SER T 61 -38.67 -14.51 8.04
N TRP T 62 -38.71 -15.18 6.89
CA TRP T 62 -39.55 -14.80 5.72
C TRP T 62 -39.93 -16.09 4.99
N GLY T 63 -40.88 -15.99 4.05
CA GLY T 63 -41.39 -17.12 3.25
C GLY T 63 -41.76 -18.31 4.14
N ASP T 64 -41.36 -19.51 3.76
CA ASP T 64 -41.67 -20.76 4.50
C ASP T 64 -40.52 -21.08 5.49
N GLY T 65 -39.56 -20.18 5.67
CA GLY T 65 -38.44 -20.44 6.60
C GLY T 65 -37.29 -21.23 6.00
N ASN T 66 -37.42 -21.71 4.76
CA ASN T 66 -36.48 -22.72 4.19
C ASN T 66 -35.81 -22.20 2.91
N HIS T 67 -36.17 -20.98 2.46
CA HIS T 67 -35.65 -20.34 1.22
C HIS T 67 -34.77 -19.15 1.62
N THR T 68 -33.56 -19.10 1.08
CA THR T 68 -32.64 -17.95 1.26
C THR T 68 -33.22 -16.71 0.59
N PHE T 69 -32.72 -15.56 1.02
CA PHE T 69 -33.34 -14.25 0.71
C PHE T 69 -33.39 -14.00 -0.82
N PHE T 70 -32.36 -14.39 -1.55
N PHE T 70 -32.32 -14.36 -1.55
CA PHE T 70 -32.27 -14.20 -3.02
CA PHE T 70 -32.18 -14.19 -3.03
C PHE T 70 -32.15 -15.60 -3.63
C PHE T 70 -32.26 -15.55 -3.72
N HIS T 71 -33.00 -16.50 -3.13
CA HIS T 71 -33.17 -17.86 -3.67
C HIS T 71 -33.44 -17.82 -5.19
N ASN T 72 -32.66 -18.58 -5.95
CA ASN T 72 -32.86 -18.75 -7.39
C ASN T 72 -33.19 -20.22 -7.63
N PRO T 73 -34.44 -20.57 -7.99
CA PRO T 73 -34.82 -21.97 -8.19
C PRO T 73 -33.88 -22.74 -9.13
N ARG T 74 -33.32 -22.06 -10.13
CA ARG T 74 -32.50 -22.73 -11.16
C ARG T 74 -31.20 -23.24 -10.54
N VAL T 75 -30.61 -22.54 -9.57
CA VAL T 75 -29.21 -22.86 -9.16
C VAL T 75 -29.06 -23.06 -7.65
N ASN T 76 -30.08 -22.77 -6.85
CA ASN T 76 -30.03 -22.92 -5.38
C ASN T 76 -30.95 -24.05 -4.94
N PRO T 77 -30.41 -25.25 -4.68
CA PRO T 77 -31.22 -26.32 -4.13
C PRO T 77 -31.55 -26.06 -2.66
N LEU T 78 -32.66 -26.64 -2.23
CA LEU T 78 -33.07 -26.71 -0.81
C LEU T 78 -32.25 -27.82 -0.14
N PRO T 79 -32.28 -27.94 1.21
CA PRO T 79 -31.72 -29.10 1.90
C PRO T 79 -32.09 -30.45 1.25
N THR T 80 -33.30 -30.55 0.68
CA THR T 80 -33.83 -31.81 0.09
C THR T 80 -33.57 -31.88 -1.41
N GLY T 81 -32.99 -30.85 -2.02
CA GLY T 81 -32.61 -30.90 -3.44
C GLY T 81 -33.20 -29.76 -4.24
N TYR T 82 -33.06 -29.79 -5.57
CA TYR T 82 -33.60 -28.73 -6.47
C TYR T 82 -35.12 -28.81 -6.46
N GLU T 83 -35.78 -27.66 -6.49
CA GLU T 83 -37.26 -27.57 -6.56
C GLU T 83 -37.82 -28.18 -7.87
N TYR U 11 2.58 -52.35 18.84
CA TYR U 11 1.73 -51.08 18.83
C TYR U 11 1.09 -50.94 20.20
N GLN U 12 1.42 -49.84 20.88
CA GLN U 12 0.74 -49.40 22.12
C GLN U 12 -0.21 -48.25 21.76
N THR U 13 0.29 -47.14 21.25
CA THR U 13 -0.58 -46.02 20.82
C THR U 13 0.09 -45.29 19.67
N ALA U 14 -0.62 -44.36 19.07
CA ALA U 14 -0.08 -43.54 17.97
C ALA U 14 1.18 -42.84 18.46
N PRO U 15 2.31 -42.95 17.75
CA PRO U 15 3.52 -42.22 18.15
C PRO U 15 3.43 -40.72 17.80
N PHE U 16 4.30 -39.92 18.41
CA PHE U 16 4.56 -38.51 18.01
C PHE U 16 4.72 -38.48 16.48
N ASP U 17 4.12 -37.49 15.83
CA ASP U 17 4.17 -37.29 14.37
C ASP U 17 4.59 -35.85 14.14
N SER U 18 5.77 -35.63 13.58
CA SER U 18 6.35 -34.27 13.44
C SER U 18 5.47 -33.42 12.53
N ARG U 19 4.56 -34.02 11.73
CA ARG U 19 3.60 -33.23 10.92
C ARG U 19 2.59 -32.54 11.84
N PHE U 20 2.34 -33.05 13.02
CA PHE U 20 1.28 -32.53 13.92
C PHE U 20 1.88 -32.39 15.32
N PRO U 21 2.75 -31.39 15.55
CA PRO U 21 3.47 -31.31 16.81
C PRO U 21 2.80 -30.46 17.90
N ASN U 22 1.60 -29.93 17.65
CA ASN U 22 0.99 -28.89 18.51
C ASN U 22 -0.22 -29.46 19.26
N GLN U 23 -0.81 -28.67 20.14
CA GLN U 23 -1.94 -29.11 21.00
C GLN U 23 -3.15 -29.45 20.11
N ASN U 24 -3.32 -28.80 18.96
CA ASN U 24 -4.45 -29.10 18.05
C ASN U 24 -4.11 -30.33 17.22
N GLN U 25 -4.73 -31.47 17.55
CA GLN U 25 -4.49 -32.78 16.87
C GLN U 25 -5.61 -33.11 15.87
N THR U 26 -6.52 -32.18 15.58
CA THR U 26 -7.66 -32.41 14.68
C THR U 26 -7.19 -33.05 13.36
N ARG U 27 -6.19 -32.42 12.74
CA ARG U 27 -5.75 -32.81 11.37
C ARG U 27 -5.02 -34.18 11.41
N ASN U 28 -4.39 -34.53 12.52
CA ASN U 28 -3.77 -35.87 12.74
C ASN U 28 -4.84 -36.96 12.61
N CYS U 29 -5.93 -36.85 13.36
CA CYS U 29 -7.08 -37.77 13.28
C CYS U 29 -7.59 -37.80 11.83
N TRP U 30 -7.87 -36.63 11.24
CA TRP U 30 -8.43 -36.51 9.87
C TRP U 30 -7.51 -37.19 8.85
N GLN U 31 -6.21 -36.88 8.89
CA GLN U 31 -5.25 -37.36 7.88
C GLN U 31 -5.20 -38.89 7.92
N ASN U 32 -5.12 -39.47 9.12
CA ASN U 32 -5.00 -40.95 9.28
C ASN U 32 -6.32 -41.61 8.87
N TYR U 33 -7.46 -40.98 9.10
CA TYR U 33 -8.77 -41.50 8.66
C TYR U 33 -8.79 -41.54 7.12
N LEU U 34 -8.40 -40.44 6.48
CA LEU U 34 -8.34 -40.38 4.99
C LEU U 34 -7.39 -41.46 4.47
N ASP U 35 -6.20 -41.54 5.10
CA ASP U 35 -5.08 -42.40 4.65
C ASP U 35 -5.56 -43.85 4.72
N PHE U 36 -6.19 -44.24 5.82
CA PHE U 36 -6.78 -45.58 5.94
C PHE U 36 -7.74 -45.84 4.79
N HIS U 37 -8.72 -44.96 4.56
CA HIS U 37 -9.83 -45.24 3.61
C HIS U 37 -9.30 -45.15 2.17
N ARG U 38 -8.32 -44.28 1.90
CA ARG U 38 -7.70 -44.23 0.54
C ARG U 38 -6.97 -45.55 0.30
N CYS U 39 -6.19 -45.95 1.29
CA CYS U 39 -5.41 -47.22 1.19
C CYS U 39 -6.39 -48.40 0.99
N GLU U 40 -7.47 -48.46 1.76
CA GLU U 40 -8.42 -49.60 1.70
C GLU U 40 -9.08 -49.59 0.32
N LYS U 41 -9.43 -48.42 -0.23
CA LYS U 41 -10.01 -48.36 -1.61
C LYS U 41 -8.99 -48.86 -2.65
N ALA U 42 -7.71 -48.48 -2.56
CA ALA U 42 -6.64 -48.91 -3.50
C ALA U 42 -6.48 -50.44 -3.44
N MET U 43 -6.43 -51.01 -2.24
CA MET U 43 -6.23 -52.47 -2.03
C MET U 43 -7.45 -53.26 -2.52
N THR U 44 -8.67 -52.72 -2.41
CA THR U 44 -9.92 -53.39 -2.88
C THR U 44 -9.99 -53.27 -4.41
N ALA U 45 -9.51 -52.12 -4.94
CA ALA U 45 -9.56 -51.73 -6.37
C ALA U 45 -8.79 -52.73 -7.23
N LYS U 46 -7.51 -53.02 -6.93
CA LYS U 46 -6.75 -54.06 -7.68
C LYS U 46 -7.10 -55.45 -7.14
N GLY U 47 -7.79 -55.53 -6.00
CA GLY U 47 -8.14 -56.79 -5.33
C GLY U 47 -7.04 -57.21 -4.37
N GLY U 48 -6.07 -56.30 -4.11
CA GLY U 48 -4.93 -56.42 -3.18
C GLY U 48 -5.41 -56.72 -1.76
N ASP U 49 -4.59 -56.48 -0.73
CA ASP U 49 -4.92 -56.88 0.69
C ASP U 49 -4.90 -55.69 1.68
N VAL U 50 -5.99 -55.53 2.44
CA VAL U 50 -6.24 -54.38 3.35
C VAL U 50 -5.31 -54.43 4.58
N SER U 51 -4.65 -55.55 4.92
CA SER U 51 -3.67 -55.58 6.06
C SER U 51 -2.54 -54.56 5.84
N VAL U 52 -2.29 -54.19 4.58
CA VAL U 52 -1.33 -53.13 4.18
C VAL U 52 -1.74 -51.79 4.81
N CYS U 53 -3.03 -51.59 5.04
CA CYS U 53 -3.59 -50.31 5.52
C CYS U 53 -3.59 -50.24 7.07
N GLU U 54 -3.10 -51.28 7.77
CA GLU U 54 -3.33 -51.51 9.23
C GLU U 54 -2.80 -50.34 10.06
N TRP U 55 -1.63 -49.80 9.74
CA TRP U 55 -1.01 -48.73 10.53
C TRP U 55 -1.97 -47.54 10.65
N TYR U 56 -2.49 -47.08 9.50
CA TYR U 56 -3.45 -45.95 9.43
C TYR U 56 -4.69 -46.26 10.28
N ARG U 57 -5.15 -47.50 10.25
CA ARG U 57 -6.37 -47.90 10.98
C ARG U 57 -6.12 -47.76 12.48
N ARG U 58 -4.99 -48.28 12.97
CA ARG U 58 -4.68 -48.23 14.42
C ARG U 58 -4.54 -46.78 14.86
N VAL U 59 -3.83 -45.95 14.07
CA VAL U 59 -3.56 -44.54 14.45
C VAL U 59 -4.89 -43.80 14.51
N TYR U 60 -5.77 -43.89 13.51
CA TYR U 60 -7.02 -43.07 13.54
C TYR U 60 -7.95 -43.62 14.64
N LYS U 61 -7.99 -44.94 14.83
CA LYS U 61 -8.88 -45.55 15.85
C LYS U 61 -8.45 -45.01 17.24
N SER U 62 -7.11 -44.91 17.46
CA SER U 62 -6.45 -44.40 18.70
C SER U 62 -6.78 -42.91 18.95
N LEU U 63 -6.70 -42.06 17.93
CA LEU U 63 -6.77 -40.58 18.10
C LEU U 63 -8.21 -40.04 17.95
N CYS U 64 -9.03 -40.60 17.05
CA CYS U 64 -10.29 -39.96 16.59
C CYS U 64 -11.42 -40.29 17.58
N PRO U 65 -12.21 -39.28 17.97
CA PRO U 65 -13.45 -39.51 18.72
C PRO U 65 -14.34 -40.48 17.97
N ILE U 66 -14.93 -41.43 18.71
CA ILE U 66 -15.89 -42.43 18.17
C ILE U 66 -16.97 -41.69 17.36
N SER U 67 -17.50 -40.56 17.84
CA SER U 67 -18.62 -39.89 17.14
C SER U 67 -18.14 -39.29 15.79
N TRP U 68 -16.87 -38.89 15.71
CA TRP U 68 -16.28 -38.37 14.45
C TRP U 68 -16.18 -39.52 13.44
N VAL U 69 -15.64 -40.65 13.87
CA VAL U 69 -15.47 -41.84 12.99
C VAL U 69 -16.86 -42.25 12.51
N SER U 70 -17.81 -42.36 13.44
CA SER U 70 -19.19 -42.84 13.13
C SER U 70 -19.90 -41.87 12.14
N THR U 71 -19.80 -40.56 12.36
CA THR U 71 -20.34 -39.52 11.44
C THR U 71 -19.67 -39.62 10.05
N TRP U 72 -18.34 -39.73 10.00
CA TRP U 72 -17.60 -39.81 8.72
C TRP U 72 -18.03 -41.09 7.98
N ASP U 73 -18.14 -42.20 8.73
CA ASP U 73 -18.52 -43.51 8.16
C ASP U 73 -19.90 -43.37 7.51
N ASP U 74 -20.85 -42.76 8.23
CA ASP U 74 -22.25 -42.57 7.76
C ASP U 74 -22.23 -41.75 6.48
N ARG U 75 -21.40 -40.69 6.44
CA ARG U 75 -21.39 -39.76 5.30
C ARG U 75 -20.79 -40.45 4.08
N ARG U 76 -19.73 -41.24 4.27
CA ARG U 76 -19.14 -42.05 3.16
C ARG U 76 -20.24 -42.94 2.58
N ALA U 77 -21.07 -43.56 3.42
CA ALA U 77 -22.14 -44.49 2.93
C ALA U 77 -23.23 -43.67 2.24
N GLU U 78 -23.48 -42.45 2.70
CA GLU U 78 -24.53 -41.55 2.15
C GLU U 78 -24.07 -40.94 0.82
N GLY U 79 -22.76 -40.89 0.53
CA GLY U 79 -22.19 -40.13 -0.60
C GLY U 79 -22.00 -38.63 -0.28
N THR U 80 -21.93 -38.23 0.99
CA THR U 80 -21.79 -36.81 1.41
C THR U 80 -20.47 -36.58 2.15
N PHE U 81 -19.54 -37.53 2.11
CA PHE U 81 -18.23 -37.33 2.78
C PHE U 81 -17.47 -36.29 1.97
N PRO U 82 -17.01 -35.15 2.55
CA PRO U 82 -16.43 -34.06 1.74
C PRO U 82 -14.93 -34.16 1.43
N GLY U 83 -14.25 -35.11 2.06
CA GLY U 83 -12.84 -35.40 1.75
C GLY U 83 -12.73 -36.30 0.51
N LYS U 84 -11.59 -36.25 -0.15
CA LYS U 84 -11.32 -37.05 -1.36
C LYS U 84 -10.78 -38.41 -0.91
N ILE U 85 -11.46 -39.48 -1.30
CA ILE U 85 -11.00 -40.88 -1.05
C ILE U 85 -10.81 -41.55 -2.41
N ALA V 3 27.66 29.09 71.67
CA ALA V 3 27.34 29.47 70.28
C ALA V 3 27.02 28.18 69.54
N LEU V 4 25.96 28.25 68.77
CA LEU V 4 25.45 27.10 68.02
C LEU V 4 26.25 27.03 66.71
N ALA V 5 26.74 25.87 66.35
CA ALA V 5 27.32 25.62 65.02
C ALA V 5 26.20 25.45 63.99
N LYS V 6 26.57 25.68 62.74
CA LYS V 6 25.68 25.67 61.58
C LYS V 6 25.26 24.23 61.29
N PRO V 7 23.96 23.90 61.38
CA PRO V 7 23.48 22.57 61.02
C PRO V 7 23.39 22.50 59.49
N GLN V 8 23.32 21.29 58.94
CA GLN V 8 22.98 21.11 57.49
C GLN V 8 21.62 21.75 57.26
N MET V 9 21.55 22.63 56.27
CA MET V 9 20.31 23.35 55.94
C MET V 9 19.83 23.05 54.52
N ARG V 10 20.62 22.35 53.69
CA ARG V 10 20.32 22.08 52.27
C ARG V 10 20.11 20.57 52.07
N GLY V 11 19.19 20.22 51.18
CA GLY V 11 18.99 18.84 50.73
C GLY V 11 18.43 17.94 51.84
N LEU V 12 17.70 18.47 52.84
CA LEU V 12 17.20 17.63 53.96
C LEU V 12 16.19 16.59 53.43
N LEU V 13 15.37 16.94 52.47
CA LEU V 13 14.40 15.95 51.93
C LEU V 13 15.15 14.86 51.17
N ALA V 14 16.09 15.24 50.29
CA ALA V 14 16.91 14.32 49.47
C ALA V 14 17.71 13.41 50.43
N ARG V 15 18.28 13.98 51.47
CA ARG V 15 19.11 13.19 52.43
C ARG V 15 18.20 12.14 53.11
N ARG V 16 16.99 12.51 53.50
CA ARG V 16 16.03 11.56 54.11
C ARG V 16 15.66 10.48 53.09
N LEU V 17 15.37 10.86 51.85
CA LEU V 17 14.98 9.84 50.82
C LEU V 17 16.10 8.83 50.63
N ARG V 18 17.32 9.33 50.47
CA ARG V 18 18.54 8.50 50.21
C ARG V 18 18.66 7.43 51.30
N PHE V 19 18.67 7.87 52.54
CA PHE V 19 18.78 7.00 53.74
C PHE V 19 17.69 5.92 53.72
N HIS V 20 16.42 6.28 53.51
CA HIS V 20 15.31 5.29 53.59
C HIS V 20 15.25 4.39 52.34
N ILE V 21 15.64 4.85 51.16
CA ILE V 21 15.62 3.97 49.96
C ILE V 21 16.69 2.89 50.16
N VAL V 22 17.85 3.25 50.72
CA VAL V 22 18.93 2.27 51.07
C VAL V 22 18.38 1.32 52.12
N GLY V 23 17.75 1.85 53.17
CA GLY V 23 17.05 1.03 54.18
C GLY V 23 16.14 0.03 53.50
N ALA V 24 15.30 0.49 52.59
CA ALA V 24 14.31 -0.39 51.93
C ALA V 24 15.02 -1.47 51.10
N PHE V 25 16.07 -1.10 50.39
CA PHE V 25 16.88 -2.09 49.63
C PHE V 25 17.41 -3.17 50.59
N MET V 26 17.99 -2.78 51.73
CA MET V 26 18.59 -3.73 52.71
C MET V 26 17.48 -4.66 53.22
N VAL V 27 16.34 -4.09 53.57
CA VAL V 27 15.18 -4.88 54.10
C VAL V 27 14.70 -5.88 53.04
N SER V 28 14.63 -5.46 51.78
CA SER V 28 14.19 -6.33 50.64
C SER V 28 15.11 -7.56 50.54
N LEU V 29 16.42 -7.31 50.62
CA LEU V 29 17.47 -8.36 50.57
C LEU V 29 17.23 -9.35 51.71
N GLY V 30 16.92 -8.85 52.90
CA GLY V 30 16.64 -9.67 54.10
C GLY V 30 15.35 -10.46 53.92
N PHE V 31 14.30 -9.83 53.42
CA PHE V 31 13.05 -10.56 53.13
C PHE V 31 13.34 -11.65 52.08
N ALA V 32 14.05 -11.34 51.00
CA ALA V 32 14.31 -12.35 49.94
C ALA V 32 15.02 -13.56 50.57
N THR V 33 15.99 -13.31 51.44
CA THR V 33 16.79 -14.37 52.13
C THR V 33 15.85 -15.20 53.03
N PHE V 34 15.02 -14.55 53.87
CA PHE V 34 13.99 -15.18 54.74
C PHE V 34 13.05 -16.04 53.89
N TYR V 35 12.63 -15.50 52.75
CA TYR V 35 11.57 -16.15 51.94
C TYR V 35 12.11 -17.41 51.24
N LYS V 36 13.32 -17.31 50.69
CA LYS V 36 14.03 -18.42 50.00
C LYS V 36 14.15 -19.59 50.99
N PHE V 37 14.52 -19.28 52.25
CA PHE V 37 14.69 -20.24 53.38
C PHE V 37 13.32 -20.83 53.79
N ALA V 38 12.35 -20.01 54.21
CA ALA V 38 11.09 -20.41 54.89
C ALA V 38 10.00 -20.89 53.92
N VAL V 39 10.12 -20.62 52.62
CA VAL V 39 9.05 -20.94 51.63
C VAL V 39 9.66 -21.75 50.52
N ALA V 40 10.53 -21.15 49.69
CA ALA V 40 11.01 -21.80 48.44
C ALA V 40 11.85 -23.05 48.77
N GLU V 41 12.88 -22.96 49.61
CA GLU V 41 13.76 -24.13 49.88
C GLU V 41 13.00 -25.16 50.72
N LYS V 42 12.21 -24.70 51.68
CA LYS V 42 11.33 -25.57 52.49
C LYS V 42 10.49 -26.42 51.54
N ARG V 43 9.91 -25.77 50.53
CA ARG V 43 9.05 -26.46 49.57
C ARG V 43 9.90 -27.49 48.81
N LYS V 44 11.07 -27.09 48.28
CA LYS V 44 11.93 -28.00 47.47
C LYS V 44 12.30 -29.20 48.35
N LYS V 45 12.57 -28.93 49.62
CA LYS V 45 13.05 -29.97 50.57
C LYS V 45 11.89 -30.89 50.94
N ALA V 46 10.66 -30.37 51.10
CA ALA V 46 9.48 -31.21 51.40
C ALA V 46 9.27 -32.22 50.26
N TYR V 47 9.33 -31.80 49.01
CA TYR V 47 9.08 -32.69 47.84
C TYR V 47 10.23 -33.71 47.71
N ALA V 48 11.47 -33.25 47.84
CA ALA V 48 12.68 -34.11 47.70
C ALA V 48 12.67 -35.17 48.82
N ASP V 49 12.35 -34.76 50.05
CA ASP V 49 12.32 -35.68 51.21
C ASP V 49 11.17 -36.67 51.01
N PHE V 50 10.01 -36.18 50.58
CA PHE V 50 8.87 -37.08 50.38
C PHE V 50 9.25 -38.19 49.40
N TYR V 51 9.89 -37.86 48.27
CA TYR V 51 10.12 -38.82 47.16
C TYR V 51 11.42 -39.61 47.39
N ARG V 52 12.35 -39.18 48.24
CA ARG V 52 13.69 -39.83 48.30
C ARG V 52 13.51 -41.35 48.51
N ASN V 53 12.68 -41.79 49.47
CA ASN V 53 12.49 -43.24 49.73
C ASN V 53 11.04 -43.64 49.46
N TYR V 54 10.31 -42.92 48.62
CA TYR V 54 8.88 -43.18 48.36
C TYR V 54 8.71 -44.51 47.61
N ASP V 55 7.76 -45.31 48.06
CA ASP V 55 7.44 -46.65 47.50
C ASP V 55 6.02 -46.56 46.95
N SER V 56 5.85 -46.30 45.65
CA SER V 56 4.51 -46.09 45.02
C SER V 56 3.64 -47.36 45.14
N MET V 57 4.21 -48.57 45.04
CA MET V 57 3.44 -49.84 45.18
C MET V 57 2.88 -49.96 46.60
N LYS V 58 3.73 -49.69 47.60
CA LYS V 58 3.30 -49.73 49.02
C LYS V 58 2.19 -48.70 49.24
N ASP V 59 2.36 -47.48 48.72
CA ASP V 59 1.33 -46.42 48.81
C ASP V 59 0.01 -46.97 48.25
N PHE V 60 0.04 -47.55 47.06
CA PHE V 60 -1.18 -48.06 46.37
C PHE V 60 -1.86 -49.17 47.18
N GLU V 61 -1.03 -50.05 47.71
CA GLU V 61 -1.47 -51.25 48.48
C GLU V 61 -2.20 -50.75 49.74
N GLU V 62 -1.66 -49.74 50.43
CA GLU V 62 -2.34 -49.10 51.58
C GLU V 62 -3.69 -48.53 51.11
N MET V 63 -3.73 -47.75 50.05
CA MET V 63 -5.02 -47.20 49.55
C MET V 63 -6.00 -48.33 49.20
N ARG V 64 -5.50 -49.36 48.49
CA ARG V 64 -6.37 -50.48 48.04
C ARG V 64 -6.95 -51.16 49.29
N LYS V 65 -6.11 -51.43 50.30
CA LYS V 65 -6.56 -52.13 51.56
C LYS V 65 -7.63 -51.27 52.24
N ALA V 66 -7.54 -49.93 52.16
CA ALA V 66 -8.53 -49.03 52.80
C ALA V 66 -9.83 -48.95 51.98
N GLY V 67 -9.91 -49.55 50.78
CA GLY V 67 -11.13 -49.59 49.96
C GLY V 67 -11.32 -48.35 49.04
N ILE V 68 -10.30 -47.55 48.76
CA ILE V 68 -10.62 -46.26 48.05
C ILE V 68 -10.93 -46.47 46.57
N PHE V 69 -10.46 -47.55 45.93
CA PHE V 69 -10.52 -47.71 44.44
C PHE V 69 -11.79 -48.44 43.96
N GLN V 70 -12.32 -47.95 42.85
CA GLN V 70 -13.34 -48.63 42.03
C GLN V 70 -12.77 -49.87 41.33
N SER V 71 -11.55 -49.81 40.80
CA SER V 71 -11.01 -50.81 39.85
C SER V 71 -10.19 -51.90 40.55
N ALA V 72 -9.90 -51.77 41.84
CA ALA V 72 -9.13 -52.78 42.60
C ALA V 72 -9.94 -53.29 43.80
N PHE W 1 -31.04 26.06 -13.61
CA PHE W 1 -31.50 26.58 -12.30
C PHE W 1 -30.77 27.91 -12.03
N GLU W 2 -31.32 28.71 -11.12
CA GLU W 2 -30.81 30.04 -10.69
C GLU W 2 -30.29 29.90 -9.25
N ASN W 3 -29.33 30.74 -8.91
CA ASN W 3 -28.68 30.70 -7.58
C ASN W 3 -29.56 31.47 -6.59
N ARG W 4 -30.33 30.77 -5.76
CA ARG W 4 -31.25 31.36 -4.74
C ARG W 4 -30.69 31.19 -3.32
N VAL W 5 -29.38 31.00 -3.17
CA VAL W 5 -28.79 30.83 -1.82
C VAL W 5 -29.01 32.10 -0.98
N ALA W 6 -28.89 33.31 -1.54
CA ALA W 6 -29.02 34.59 -0.79
C ALA W 6 -30.40 34.64 -0.13
N GLU W 7 -31.42 34.16 -0.83
CA GLU W 7 -32.79 34.23 -0.27
C GLU W 7 -32.94 33.21 0.89
N LYS W 8 -32.29 32.04 0.83
CA LYS W 8 -32.28 31.08 1.97
C LYS W 8 -31.43 31.62 3.13
N GLN W 9 -30.37 32.34 2.82
CA GLN W 9 -29.52 32.97 3.87
C GLN W 9 -30.40 33.98 4.62
N LYS W 10 -31.17 34.77 3.90
CA LYS W 10 -32.07 35.76 4.54
C LYS W 10 -33.10 35.03 5.44
N LEU W 11 -33.77 33.98 4.94
CA LEU W 11 -34.77 33.23 5.75
C LEU W 11 -34.11 32.68 7.02
N PHE W 12 -32.99 31.98 6.89
CA PHE W 12 -32.41 31.23 8.02
C PHE W 12 -31.66 32.19 8.95
N GLN W 13 -31.47 33.45 8.58
CA GLN W 13 -30.84 34.44 9.50
C GLN W 13 -31.89 35.40 10.05
N GLU W 14 -33.17 35.24 9.72
CA GLU W 14 -34.21 36.14 10.29
C GLU W 14 -34.19 36.04 11.83
N ASP W 15 -34.19 37.18 12.49
CA ASP W 15 -34.16 37.28 13.97
C ASP W 15 -35.56 36.97 14.52
N ASN W 16 -35.97 35.71 14.55
CA ASN W 16 -37.33 35.34 15.00
C ASN W 16 -37.24 34.39 16.20
N GLY W 17 -36.04 34.13 16.73
CA GLY W 17 -35.85 33.30 17.93
C GLY W 17 -36.08 31.82 17.65
N LEU W 18 -36.40 31.38 16.43
CA LEU W 18 -36.64 29.93 16.21
C LEU W 18 -35.32 29.18 16.21
N PRO W 19 -35.29 27.95 16.77
CA PRO W 19 -34.13 27.08 16.58
C PRO W 19 -34.03 26.59 15.12
N VAL W 20 -32.83 26.22 14.68
CA VAL W 20 -32.57 25.94 13.25
C VAL W 20 -33.50 24.83 12.74
N HIS W 21 -33.91 23.87 13.58
CA HIS W 21 -34.75 22.73 13.13
C HIS W 21 -36.20 23.19 12.81
N LEU W 22 -36.57 24.41 13.19
CA LEU W 22 -37.95 24.93 12.97
C LEU W 22 -37.93 26.19 12.11
N LYS W 23 -36.77 26.65 11.69
CA LYS W 23 -36.65 28.00 11.10
C LYS W 23 -37.14 28.03 9.65
N GLY W 24 -37.34 26.88 9.01
CA GLY W 24 -37.87 26.86 7.64
C GLY W 24 -39.35 27.17 7.59
N GLY W 25 -40.10 27.02 8.68
CA GLY W 25 -41.54 27.32 8.68
C GLY W 25 -42.39 26.14 9.09
N ALA W 26 -43.71 26.25 8.87
CA ALA W 26 -44.74 25.34 9.40
C ALA W 26 -44.41 23.89 9.01
N THR W 27 -43.85 23.66 7.82
CA THR W 27 -43.52 22.29 7.36
C THR W 27 -42.49 21.65 8.33
N ASP W 28 -41.56 22.44 8.84
CA ASP W 28 -40.60 21.91 9.83
C ASP W 28 -41.37 21.38 11.06
N ASN W 29 -42.38 22.12 11.51
CA ASN W 29 -43.18 21.75 12.70
C ASN W 29 -43.87 20.43 12.42
N ILE W 30 -44.44 20.28 11.22
CA ILE W 30 -45.20 19.05 10.87
C ILE W 30 -44.22 17.89 10.90
N LEU W 31 -43.07 18.02 10.24
CA LEU W 31 -42.12 16.89 10.12
C LEU W 31 -41.59 16.54 11.52
N TYR W 32 -41.31 17.54 12.34
CA TYR W 32 -40.88 17.33 13.76
C TYR W 32 -41.96 16.53 14.51
N ARG W 33 -43.24 16.97 14.44
CA ARG W 33 -44.30 16.27 15.20
C ARG W 33 -44.46 14.84 14.68
N VAL W 34 -44.33 14.63 13.39
CA VAL W 34 -44.44 13.26 12.81
C VAL W 34 -43.33 12.41 13.42
N THR W 35 -42.11 12.93 13.36
CA THR W 35 -40.93 12.17 13.83
C THR W 35 -41.08 11.83 15.31
N MET W 36 -41.31 12.85 16.13
CA MET W 36 -41.39 12.63 17.59
C MET W 36 -42.59 11.72 17.93
N THR W 37 -43.76 11.87 17.27
CA THR W 37 -44.92 11.00 17.52
C THR W 37 -44.51 9.55 17.21
N LEU W 38 -43.88 9.30 16.06
CA LEU W 38 -43.47 7.93 15.71
C LEU W 38 -42.44 7.43 16.71
N CYS W 39 -41.49 8.26 17.12
CA CYS W 39 -40.45 7.78 18.10
C CYS W 39 -41.08 7.43 19.44
N LEU W 40 -41.90 8.33 19.98
CA LEU W 40 -42.49 8.16 21.35
C LEU W 40 -43.52 7.03 21.33
N GLY W 41 -44.40 7.02 20.32
CA GLY W 41 -45.37 5.95 20.10
C GLY W 41 -44.68 4.61 19.92
N GLY W 42 -43.65 4.57 19.08
CA GLY W 42 -42.92 3.32 18.83
C GLY W 42 -42.24 2.82 20.08
N THR W 43 -41.70 3.75 20.89
CA THR W 43 -41.04 3.37 22.16
C THR W 43 -42.09 2.79 23.10
N LEU W 44 -43.27 3.41 23.19
CA LEU W 44 -44.37 2.84 24.03
C LEU W 44 -44.71 1.45 23.48
N TYR W 45 -44.79 1.29 22.16
CA TYR W 45 -45.08 -0.03 21.54
C TYR W 45 -43.98 -1.04 21.90
N SER W 46 -42.72 -0.65 21.85
CA SER W 46 -41.59 -1.56 22.20
C SER W 46 -41.72 -2.03 23.66
N LEU W 47 -42.15 -1.16 24.57
CA LEU W 47 -42.32 -1.53 26.00
C LEU W 47 -43.45 -2.56 26.14
N TYR W 48 -44.57 -2.34 25.46
CA TYR W 48 -45.70 -3.31 25.38
C TYR W 48 -45.16 -4.69 24.92
N CYS W 49 -44.38 -4.69 23.83
CA CYS W 49 -43.83 -5.91 23.22
C CYS W 49 -42.94 -6.62 24.26
N LEU W 50 -42.17 -5.87 25.05
CA LEU W 50 -41.32 -6.40 26.16
C LEU W 50 -42.22 -7.10 27.20
N GLY W 51 -43.24 -6.40 27.68
CA GLY W 51 -44.24 -6.96 28.63
C GLY W 51 -44.82 -8.29 28.12
N TRP W 52 -45.28 -8.31 26.87
CA TRP W 52 -45.75 -9.55 26.20
C TRP W 52 -44.64 -10.62 26.20
N ALA W 53 -43.44 -10.29 25.75
CA ALA W 53 -42.37 -11.29 25.53
C ALA W 53 -41.78 -11.78 26.87
N SER W 54 -42.07 -11.11 27.99
CA SER W 54 -41.47 -11.40 29.31
C SER W 54 -42.19 -12.58 29.97
N PHE W 55 -43.31 -13.01 29.41
CA PHE W 55 -44.12 -14.15 29.92
C PHE W 55 -44.40 -15.16 28.81
N PRO W 56 -44.55 -16.46 29.14
CA PRO W 56 -44.95 -17.47 28.14
C PRO W 56 -46.12 -17.10 27.22
N ALA X 6 -11.92 26.94 70.80
CA ALA X 6 -13.28 26.67 70.20
C ALA X 6 -13.47 25.17 69.91
N PRO X 7 -13.85 24.33 70.91
CA PRO X 7 -14.04 22.89 70.71
C PRO X 7 -15.06 22.48 69.61
N ASP X 8 -14.61 21.62 68.70
CA ASP X 8 -15.40 21.16 67.53
C ASP X 8 -16.12 19.86 67.89
N PHE X 9 -16.89 19.30 66.96
CA PHE X 9 -17.65 18.04 67.16
C PHE X 9 -16.72 16.92 67.62
N HIS X 10 -15.48 16.88 67.10
CA HIS X 10 -14.51 15.77 67.35
C HIS X 10 -13.95 15.90 68.77
N ASP X 11 -13.71 17.14 69.20
CA ASP X 11 -13.25 17.43 70.58
C ASP X 11 -14.32 16.97 71.58
N LYS X 12 -15.60 17.22 71.30
CA LYS X 12 -16.74 16.91 72.22
C LYS X 12 -17.09 15.42 72.17
N TYR X 13 -17.17 14.79 70.99
CA TYR X 13 -17.80 13.46 70.84
C TYR X 13 -16.82 12.40 70.36
N GLY X 14 -15.65 12.77 69.86
CA GLY X 14 -14.72 11.82 69.23
C GLY X 14 -14.48 10.59 70.09
N ASN X 15 -14.25 10.79 71.38
CA ASN X 15 -13.84 9.71 72.32
C ASN X 15 -14.99 8.72 72.45
N ALA X 16 -16.22 9.24 72.54
CA ALA X 16 -17.47 8.46 72.68
C ALA X 16 -17.78 7.70 71.39
N VAL X 17 -17.67 8.37 70.25
CA VAL X 17 -17.88 7.71 68.92
C VAL X 17 -16.87 6.56 68.75
N LEU X 18 -15.58 6.80 69.05
CA LEU X 18 -14.53 5.74 68.92
C LEU X 18 -14.83 4.56 69.85
N ALA X 19 -15.06 4.81 71.14
CA ALA X 19 -15.26 3.72 72.13
C ALA X 19 -16.54 2.96 71.78
N SER X 20 -17.64 3.66 71.53
CA SER X 20 -18.96 3.02 71.26
C SER X 20 -18.92 2.28 69.93
N GLY X 21 -18.35 2.89 68.93
CA GLY X 21 -18.22 2.27 67.61
C GLY X 21 -17.48 0.95 67.71
N ALA X 22 -16.32 0.94 68.36
CA ALA X 22 -15.46 -0.26 68.48
C ALA X 22 -16.21 -1.33 69.27
N THR X 23 -16.84 -0.93 70.37
CA THR X 23 -17.54 -1.88 71.27
C THR X 23 -18.66 -2.56 70.47
N PHE X 24 -19.51 -1.77 69.82
CA PHE X 24 -20.66 -2.28 69.04
C PHE X 24 -20.17 -3.22 67.94
N CYS X 25 -19.18 -2.78 67.16
CA CYS X 25 -18.63 -3.57 66.03
C CYS X 25 -18.14 -4.94 66.53
N VAL X 26 -17.31 -4.96 67.57
CA VAL X 26 -16.74 -6.25 68.05
C VAL X 26 -17.90 -7.12 68.52
N ALA X 27 -18.81 -6.57 69.33
CA ALA X 27 -19.89 -7.35 69.96
C ALA X 27 -20.77 -7.97 68.87
N VAL X 28 -21.15 -7.19 67.86
CA VAL X 28 -22.13 -7.73 66.85
C VAL X 28 -21.43 -8.75 65.92
N TRP X 29 -20.17 -8.54 65.55
CA TRP X 29 -19.41 -9.49 64.70
C TRP X 29 -19.12 -10.79 65.48
N VAL X 30 -18.82 -10.69 66.77
CA VAL X 30 -18.57 -11.91 67.59
C VAL X 30 -19.88 -12.70 67.66
N TYR X 31 -21.00 -12.01 67.89
CA TYR X 31 -22.33 -12.64 67.93
C TYR X 31 -22.60 -13.35 66.59
N MET X 32 -22.52 -12.62 65.50
CA MET X 32 -22.78 -13.17 64.15
C MET X 32 -21.88 -14.40 63.92
N ALA X 33 -20.61 -14.34 64.32
CA ALA X 33 -19.60 -15.38 63.99
C ALA X 33 -19.86 -16.67 64.80
N THR X 34 -20.38 -16.57 66.03
CA THR X 34 -20.36 -17.69 67.01
C THR X 34 -21.75 -18.16 67.47
N GLN X 35 -22.84 -17.45 67.21
CA GLN X 35 -24.12 -17.66 67.92
C GLN X 35 -25.28 -17.95 66.98
N ILE X 36 -25.12 -17.94 65.66
CA ILE X 36 -26.31 -18.06 64.76
C ILE X 36 -26.20 -19.24 63.78
N GLY X 37 -25.24 -20.15 64.00
CA GLY X 37 -25.13 -21.42 63.24
C GLY X 37 -24.40 -21.28 61.91
N ILE X 38 -23.67 -20.20 61.67
CA ILE X 38 -22.85 -20.09 60.43
C ILE X 38 -21.85 -21.24 60.44
N GLU X 39 -21.71 -21.92 59.31
CA GLU X 39 -20.70 -23.00 59.14
C GLU X 39 -19.43 -22.39 58.53
N TRP X 40 -18.39 -22.25 59.34
CA TRP X 40 -17.09 -21.72 58.88
C TRP X 40 -16.30 -22.80 58.14
N ASN X 41 -16.55 -24.07 58.45
CA ASN X 41 -15.83 -25.22 57.84
C ASN X 41 -14.33 -25.07 58.06
N PRO X 42 -13.86 -25.01 59.32
CA PRO X 42 -12.43 -24.93 59.59
C PRO X 42 -11.70 -26.24 59.24
N SER X 43 -10.38 -26.22 59.20
CA SER X 43 -9.57 -27.43 58.93
C SER X 43 -9.91 -28.52 59.94
N PRO X 44 -10.04 -29.80 59.53
CA PRO X 44 -10.11 -30.89 60.50
C PRO X 44 -8.79 -31.19 61.24
N VAL X 45 -7.67 -30.62 60.76
CA VAL X 45 -6.33 -30.88 61.32
C VAL X 45 -6.28 -30.45 62.79
N GLY X 46 -6.00 -31.39 63.69
CA GLY X 46 -5.88 -31.17 65.15
C GLY X 46 -7.23 -31.01 65.83
N ARG X 47 -8.33 -31.34 65.15
CA ARG X 47 -9.73 -31.07 65.61
C ARG X 47 -10.65 -32.30 65.43
N VAL X 48 -10.64 -32.94 64.27
CA VAL X 48 -11.59 -34.03 63.94
C VAL X 48 -10.91 -35.37 64.21
N THR X 49 -11.64 -36.28 64.83
CA THR X 49 -11.28 -37.71 64.98
C THR X 49 -11.83 -38.46 63.77
N PRO X 50 -10.94 -38.99 62.89
CA PRO X 50 -11.37 -39.68 61.69
C PRO X 50 -12.17 -40.92 62.11
N LYS X 51 -13.23 -41.23 61.39
CA LYS X 51 -14.15 -42.35 61.69
C LYS X 51 -14.28 -43.25 60.45
N GLU X 52 -14.25 -44.57 60.66
CA GLU X 52 -14.44 -45.62 59.63
C GLU X 52 -15.64 -45.21 58.73
N TRP X 53 -15.49 -45.32 57.41
CA TRP X 53 -16.52 -44.92 56.40
C TRP X 53 -16.85 -46.14 55.54
N ARG X 54 -15.88 -47.06 55.34
CA ARG X 54 -15.99 -48.11 54.29
C ARG X 54 -17.03 -49.17 54.72
N TYR Y 3 -31.66 30.07 30.35
CA TYR Y 3 -31.56 28.97 31.43
C TYR Y 3 -31.04 29.55 32.76
N GLU Y 4 -31.47 28.95 33.85
CA GLU Y 4 -31.08 29.36 35.23
C GLU Y 4 -29.66 28.84 35.49
N GLU Y 5 -28.92 29.57 36.28
CA GLU Y 5 -27.46 29.35 36.44
C GLU Y 5 -27.22 29.30 37.94
N GLY Y 6 -26.21 28.57 38.35
CA GLY Y 6 -25.74 28.65 39.73
C GLY Y 6 -26.07 27.39 40.52
N PRO Y 7 -25.59 27.34 41.77
CA PRO Y 7 -25.78 26.16 42.60
C PRO Y 7 -27.26 25.79 42.70
N GLY Y 8 -27.54 24.50 42.49
CA GLY Y 8 -28.90 23.91 42.57
C GLY Y 8 -29.75 24.25 41.33
N LYS Y 9 -29.19 24.96 40.35
CA LYS Y 9 -29.92 25.40 39.14
C LYS Y 9 -29.39 24.70 37.87
N ASN Y 10 -28.29 23.95 37.95
CA ASN Y 10 -27.64 23.36 36.73
C ASN Y 10 -27.87 21.82 36.73
N ILE Y 11 -29.02 21.41 37.26
CA ILE Y 11 -29.37 19.98 37.49
C ILE Y 11 -30.82 19.76 37.04
N PRO Y 12 -31.16 18.55 36.55
CA PRO Y 12 -32.53 18.24 36.13
C PRO Y 12 -33.46 17.86 37.30
N PHE Y 13 -33.00 18.02 38.54
CA PHE Y 13 -33.83 17.76 39.73
C PHE Y 13 -33.74 18.97 40.64
N SER Y 14 -34.77 19.19 41.44
CA SER Y 14 -34.87 20.32 42.40
C SER Y 14 -34.15 19.96 43.71
N VAL Y 15 -33.45 20.93 44.25
CA VAL Y 15 -32.90 20.85 45.65
C VAL Y 15 -33.52 21.97 46.49
N GLU Y 16 -34.69 22.48 46.10
CA GLU Y 16 -35.37 23.62 46.79
C GLU Y 16 -35.78 23.17 48.20
N ASN Y 17 -36.24 21.93 48.31
CA ASN Y 17 -36.73 21.30 49.57
C ASN Y 17 -35.95 20.00 49.82
N LYS Y 18 -35.21 19.91 50.92
CA LYS Y 18 -34.33 18.75 51.16
C LYS Y 18 -35.15 17.46 51.37
N TRP Y 19 -36.42 17.54 51.75
CA TRP Y 19 -37.22 16.31 52.04
C TRP Y 19 -37.83 15.81 50.73
N ARG Y 20 -38.30 16.71 49.87
CA ARG Y 20 -38.69 16.33 48.49
C ARG Y 20 -37.44 15.72 47.82
N LEU Y 21 -36.29 16.34 48.00
CA LEU Y 21 -35.07 15.79 47.39
C LEU Y 21 -34.85 14.36 47.90
N LEU Y 22 -34.98 14.14 49.19
CA LEU Y 22 -34.73 12.82 49.80
C LEU Y 22 -35.66 11.79 49.16
N ALA Y 23 -36.93 12.15 48.95
CA ALA Y 23 -37.93 11.30 48.27
C ALA Y 23 -37.43 10.96 46.86
N MET Y 24 -37.03 11.98 46.07
CA MET Y 24 -36.61 11.78 44.65
C MET Y 24 -35.36 10.89 44.65
N MET Y 25 -34.41 11.11 45.57
CA MET Y 25 -33.12 10.39 45.53
C MET Y 25 -33.35 8.93 45.90
N THR Y 26 -34.20 8.72 46.90
CA THR Y 26 -34.69 7.41 47.39
C THR Y 26 -35.31 6.64 46.21
N LEU Y 27 -36.22 7.26 45.46
CA LEU Y 27 -36.90 6.60 44.31
C LEU Y 27 -35.84 6.33 43.23
N PHE Y 28 -34.94 7.28 42.99
CA PHE Y 28 -33.91 7.14 41.92
C PHE Y 28 -32.95 5.97 42.23
N PHE Y 29 -32.14 6.07 43.28
CA PHE Y 29 -31.17 5.00 43.63
C PHE Y 29 -31.87 3.72 44.04
N GLY Y 30 -32.99 3.83 44.76
CA GLY Y 30 -33.76 2.65 45.21
C GLY Y 30 -34.30 1.85 44.04
N SER Y 31 -34.80 2.52 43.01
CA SER Y 31 -35.35 1.83 41.80
C SER Y 31 -34.24 0.99 41.17
N GLY Y 32 -33.06 1.58 41.02
CA GLY Y 32 -31.91 0.91 40.40
C GLY Y 32 -31.48 -0.28 41.24
N PHE Y 33 -31.34 -0.09 42.54
CA PHE Y 33 -30.93 -1.19 43.42
C PHE Y 33 -32.00 -2.30 43.43
N ALA Y 34 -33.29 -1.94 43.40
CA ALA Y 34 -34.37 -2.95 43.50
C ALA Y 34 -34.47 -3.80 42.23
N ALA Y 35 -34.23 -3.20 41.06
CA ALA Y 35 -34.56 -3.82 39.76
C ALA Y 35 -34.01 -5.25 39.69
N PRO Y 36 -32.73 -5.54 39.97
CA PRO Y 36 -32.26 -6.93 39.84
C PRO Y 36 -32.98 -7.93 40.77
N PHE Y 37 -33.38 -7.52 41.97
CA PHE Y 37 -34.10 -8.42 42.88
C PHE Y 37 -35.44 -8.79 42.23
N PHE Y 38 -36.10 -7.84 41.58
CA PHE Y 38 -37.44 -8.06 40.98
C PHE Y 38 -37.31 -8.87 39.69
N ILE Y 39 -36.18 -8.74 38.99
CA ILE Y 39 -35.93 -9.54 37.76
C ILE Y 39 -35.72 -10.99 38.17
N VAL Y 40 -34.91 -11.22 39.20
CA VAL Y 40 -34.69 -12.57 39.75
C VAL Y 40 -36.04 -13.16 40.19
N ARG Y 41 -36.87 -12.40 40.90
CA ARG Y 41 -38.22 -12.86 41.30
C ARG Y 41 -39.00 -13.27 40.05
N HIS Y 42 -39.00 -12.42 39.04
CA HIS Y 42 -39.66 -12.66 37.73
C HIS Y 42 -39.20 -14.00 37.13
N GLN Y 43 -37.89 -14.27 37.06
CA GLN Y 43 -37.34 -15.52 36.45
C GLN Y 43 -37.74 -16.73 37.31
N LEU Y 44 -37.66 -16.62 38.63
CA LEU Y 44 -38.02 -17.74 39.55
C LEU Y 44 -39.52 -18.06 39.44
N LEU Y 45 -40.39 -17.07 39.24
CA LEU Y 45 -41.85 -17.28 39.18
C LEU Y 45 -42.25 -17.92 37.85
N LYS Y 46 -41.39 -17.93 36.83
CA LYS Y 46 -41.55 -18.81 35.66
C LYS Y 46 -41.26 -20.25 36.13
N ILE Z 1 -10.43 24.04 50.16
CA ILE Z 1 -11.65 24.71 49.63
C ILE Z 1 -12.28 25.50 50.78
N THR Z 2 -12.84 26.69 50.49
CA THR Z 2 -13.62 27.48 51.47
C THR Z 2 -15.02 27.70 50.92
N ALA Z 3 -15.97 27.80 51.83
CA ALA Z 3 -17.41 27.73 51.50
C ALA Z 3 -18.14 28.68 52.42
N LYS Z 4 -19.27 29.20 51.97
CA LYS Z 4 -20.20 29.92 52.86
C LYS Z 4 -20.75 28.93 53.89
N PRO Z 5 -21.20 29.44 55.07
CA PRO Z 5 -22.03 28.66 55.97
C PRO Z 5 -23.24 28.10 55.18
N ALA Z 6 -23.66 26.89 55.55
CA ALA Z 6 -24.86 26.21 54.98
C ALA Z 6 -26.04 27.17 54.91
N LYS Z 7 -26.65 27.30 53.74
CA LYS Z 7 -27.90 28.09 53.61
C LYS Z 7 -28.97 27.39 54.44
N THR Z 8 -29.00 26.06 54.48
CA THR Z 8 -30.09 25.27 55.10
C THR Z 8 -29.45 24.15 55.91
N PRO Z 9 -28.84 24.47 57.07
CA PRO Z 9 -28.03 23.50 57.80
C PRO Z 9 -28.84 22.23 58.12
N THR Z 10 -28.19 21.07 58.07
CA THR Z 10 -28.85 19.78 58.32
C THR Z 10 -28.35 19.31 59.69
N SER Z 11 -29.20 19.44 60.70
CA SER Z 11 -28.96 19.05 62.11
C SER Z 11 -28.68 17.55 62.22
N PRO Z 12 -28.00 17.11 63.31
CA PRO Z 12 -27.84 15.68 63.62
C PRO Z 12 -29.12 14.85 63.49
N LYS Z 13 -30.25 15.40 63.95
CA LYS Z 13 -31.56 14.72 63.86
C LYS Z 13 -31.94 14.56 62.37
N GLU Z 14 -31.81 15.62 61.58
CA GLU Z 14 -32.17 15.63 60.14
C GLU Z 14 -31.27 14.60 59.43
N GLN Z 15 -29.99 14.52 59.80
CA GLN Z 15 -29.05 13.53 59.22
C GLN Z 15 -29.50 12.10 59.58
N ALA Z 16 -29.93 11.84 60.82
CA ALA Z 16 -30.41 10.49 61.24
C ALA Z 16 -31.63 10.13 60.36
N ILE Z 17 -32.49 11.09 60.04
CA ILE Z 17 -33.68 10.81 59.19
C ILE Z 17 -33.22 10.47 57.77
N GLY Z 18 -32.40 11.32 57.18
CA GLY Z 18 -31.92 11.10 55.80
C GLY Z 18 -31.18 9.78 55.66
N LEU Z 19 -30.35 9.44 56.62
CA LEU Z 19 -29.55 8.18 56.61
C LEU Z 19 -30.47 6.97 56.70
N SER Z 20 -31.42 7.03 57.64
CA SER Z 20 -32.40 5.94 57.92
C SER Z 20 -33.24 5.73 56.65
N VAL Z 21 -33.74 6.82 56.07
CA VAL Z 21 -34.62 6.70 54.86
C VAL Z 21 -33.77 6.12 53.73
N THR Z 22 -32.54 6.59 53.60
CA THR Z 22 -31.66 6.13 52.48
C THR Z 22 -31.48 4.61 52.65
N PHE Z 23 -31.06 4.17 53.84
CA PHE Z 23 -30.74 2.74 54.08
C PHE Z 23 -32.00 1.91 53.84
N LEU Z 24 -33.15 2.37 54.34
CA LEU Z 24 -34.42 1.61 54.18
C LEU Z 24 -34.78 1.46 52.68
N SER Z 25 -34.49 2.46 51.83
CA SER Z 25 -34.91 2.46 50.41
C SER Z 25 -34.16 1.36 49.65
N PHE Z 26 -32.94 1.05 50.09
CA PHE Z 26 -32.12 -0.08 49.60
C PHE Z 26 -32.58 -1.40 50.24
N LEU Z 27 -32.80 -1.44 51.55
CA LEU Z 27 -32.88 -2.72 52.29
C LEU Z 27 -34.29 -3.31 52.18
N LEU Z 28 -35.34 -2.50 52.18
CA LEU Z 28 -36.73 -3.04 52.33
C LEU Z 28 -37.12 -3.81 51.06
N PRO Z 29 -36.96 -3.27 49.85
CA PRO Z 29 -37.40 -3.99 48.65
C PRO Z 29 -36.61 -5.29 48.43
N ALA Z 30 -35.28 -5.23 48.52
CA ALA Z 30 -34.39 -6.40 48.41
C ALA Z 30 -34.75 -7.39 49.54
N GLY Z 31 -34.90 -6.91 50.77
CA GLY Z 31 -35.30 -7.79 51.88
C GLY Z 31 -36.61 -8.53 51.57
N TRP Z 32 -37.61 -7.82 51.04
CA TRP Z 32 -38.91 -8.44 50.72
C TRP Z 32 -38.69 -9.59 49.72
N VAL Z 33 -37.93 -9.36 48.67
CA VAL Z 33 -37.70 -10.41 47.63
C VAL Z 33 -36.96 -11.58 48.27
N LEU Z 34 -35.89 -11.31 49.03
CA LEU Z 34 -35.05 -12.41 49.57
C LEU Z 34 -35.83 -13.20 50.62
N TYR Z 35 -36.66 -12.53 51.41
CA TYR Z 35 -37.48 -13.20 52.45
C TYR Z 35 -38.44 -14.19 51.77
N HIS Z 36 -38.94 -13.83 50.59
CA HIS Z 36 -40.00 -14.59 49.87
C HIS Z 36 -39.42 -15.57 48.83
N LEU Z 37 -38.10 -15.82 48.79
CA LEU Z 37 -37.49 -16.71 47.75
C LEU Z 37 -38.21 -18.05 47.75
N ASP Z 38 -38.36 -18.63 48.95
CA ASP Z 38 -39.19 -19.81 49.28
C ASP Z 38 -40.45 -19.83 48.39
N ASN Z 39 -41.30 -18.80 48.53
CA ASN Z 39 -42.63 -18.64 47.86
C ASN Z 39 -42.46 -18.69 46.35
N TYR Z 40 -41.38 -18.08 45.81
CA TYR Z 40 -40.98 -18.27 44.39
C TYR Z 40 -40.39 -19.69 44.28
#